data_2N7D
#
_entry.id   2N7D
#
_entity_poly.entity_id   1
_entity_poly.type   'polypeptide(L)'
_entity_poly.pdbx_seq_one_letter_code
;MGHHHHHHHHHHSSGHIEGRHMLLTVYCVRRDLSEVTFSLQVDADFELHNFRALCELESGIPAAESQIVYAERPLTDNHR
SLASYGLKDGDVVILRQ
;
_entity_poly.pdbx_strand_id   A
#
# COMPACT_ATOMS: atom_id res chain seq x y z
N MET A 1 -26.11 -43.51 40.91
CA MET A 1 -25.81 -43.77 39.48
C MET A 1 -25.43 -42.51 38.70
N GLY A 2 -24.93 -42.73 37.48
CA GLY A 2 -24.56 -41.65 36.59
C GLY A 2 -23.42 -42.05 35.67
N HIS A 3 -23.38 -41.48 34.49
CA HIS A 3 -22.32 -41.76 33.52
C HIS A 3 -21.91 -40.45 32.89
N HIS A 4 -20.74 -39.96 33.27
CA HIS A 4 -20.24 -38.68 32.78
C HIS A 4 -18.87 -38.92 32.17
N HIS A 5 -18.44 -38.01 31.31
CA HIS A 5 -17.13 -38.09 30.68
C HIS A 5 -16.56 -36.69 30.66
N HIS A 6 -15.32 -36.57 30.23
CA HIS A 6 -14.68 -35.27 30.06
C HIS A 6 -14.32 -35.17 28.59
N HIS A 7 -14.24 -33.96 28.07
CA HIS A 7 -13.88 -33.74 26.67
C HIS A 7 -13.26 -32.36 26.60
N HIS A 8 -12.52 -32.10 25.53
CA HIS A 8 -11.87 -30.81 25.34
C HIS A 8 -11.64 -30.62 23.85
N HIS A 9 -11.17 -29.46 23.46
CA HIS A 9 -10.81 -29.18 22.07
C HIS A 9 -9.60 -28.25 22.17
N HIS A 10 -8.77 -28.24 21.14
CA HIS A 10 -7.57 -27.40 21.13
C HIS A 10 -7.19 -27.13 19.68
N HIS A 11 -6.38 -26.11 19.47
CA HIS A 11 -5.91 -25.76 18.13
C HIS A 11 -4.46 -25.34 18.28
N HIS A 12 -3.66 -25.57 17.26
CA HIS A 12 -2.23 -25.24 17.28
C HIS A 12 -1.87 -24.67 15.92
N SER A 13 -0.68 -24.09 15.80
CA SER A 13 -0.19 -23.58 14.53
C SER A 13 1.29 -23.93 14.45
N SER A 14 1.82 -23.98 13.25
CA SER A 14 3.23 -24.32 13.03
C SER A 14 3.60 -23.82 11.64
N GLY A 15 4.87 -23.54 11.42
CA GLY A 15 5.33 -23.05 10.12
C GLY A 15 5.22 -21.54 10.02
N HIS A 16 5.85 -20.96 9.01
CA HIS A 16 5.81 -19.52 8.78
C HIS A 16 5.96 -19.28 7.29
N ILE A 17 5.14 -18.40 6.72
CA ILE A 17 5.22 -18.05 5.31
C ILE A 17 4.88 -16.56 5.21
N GLU A 18 5.51 -15.88 4.25
CA GLU A 18 5.30 -14.44 4.06
C GLU A 18 4.83 -14.13 2.64
N GLY A 19 4.95 -15.11 1.75
CA GLY A 19 4.56 -14.90 0.36
C GLY A 19 5.53 -13.96 -0.33
N ARG A 20 5.00 -13.08 -1.17
CA ARG A 20 5.80 -12.07 -1.88
C ARG A 20 4.97 -10.81 -1.87
N HIS A 21 5.50 -9.74 -1.30
CA HIS A 21 4.81 -8.47 -1.17
C HIS A 21 5.91 -7.46 -0.93
N MET A 22 5.56 -6.18 -0.87
CA MET A 22 6.51 -5.12 -0.56
C MET A 22 5.77 -3.96 0.09
N LEU A 23 6.49 -3.17 0.88
CA LEU A 23 5.92 -2.04 1.59
C LEU A 23 6.33 -0.73 0.93
N LEU A 24 5.38 0.16 0.66
CA LEU A 24 5.67 1.49 0.12
C LEU A 24 5.18 2.54 1.07
N THR A 25 5.90 3.65 1.15
CA THR A 25 5.53 4.75 2.04
C THR A 25 4.83 5.84 1.23
N VAL A 26 3.78 6.42 1.79
CA VAL A 26 3.00 7.45 1.13
C VAL A 26 2.97 8.66 2.04
N TYR A 27 3.23 9.84 1.49
CA TYR A 27 3.13 11.08 2.26
C TYR A 27 2.10 11.98 1.58
N CYS A 28 0.98 12.20 2.23
CA CYS A 28 -0.10 13.00 1.67
C CYS A 28 -0.05 14.40 2.27
N VAL A 29 -0.01 15.41 1.41
CA VAL A 29 0.11 16.80 1.84
C VAL A 29 -1.13 17.61 1.50
N ARG A 30 -1.66 18.29 2.51
CA ARG A 30 -2.72 19.28 2.32
C ARG A 30 -2.11 20.57 2.79
N ARG A 31 -2.42 21.68 2.11
CA ARG A 31 -1.91 23.00 2.49
C ARG A 31 -2.50 23.46 3.83
N ASP A 32 -3.48 22.70 4.28
CA ASP A 32 -4.23 22.96 5.52
C ASP A 32 -3.52 22.35 6.75
N LEU A 33 -2.27 21.93 6.55
CA LEU A 33 -1.43 21.29 7.60
C LEU A 33 -2.06 20.03 8.17
N SER A 34 -2.91 19.40 7.37
CA SER A 34 -3.57 18.14 7.72
C SER A 34 -2.80 16.98 7.09
N GLU A 35 -1.52 17.22 6.85
CA GLU A 35 -0.69 16.27 6.13
C GLU A 35 -0.39 15.06 7.00
N VAL A 36 -0.24 13.91 6.37
CA VAL A 36 -0.12 12.64 7.06
C VAL A 36 0.76 11.72 6.23
N THR A 37 1.41 10.77 6.86
CA THR A 37 2.21 9.79 6.14
C THR A 37 1.91 8.42 6.74
N PHE A 38 1.94 7.40 5.90
CA PHE A 38 1.61 6.04 6.29
C PHE A 38 2.30 5.14 5.29
N SER A 39 2.18 3.83 5.47
CA SER A 39 2.79 2.88 4.54
C SER A 39 1.74 1.84 4.17
N LEU A 40 1.91 1.23 3.01
CA LEU A 40 0.96 0.27 2.47
C LEU A 40 1.64 -0.97 1.97
N GLN A 41 0.98 -2.11 2.14
CA GLN A 41 1.47 -3.39 1.64
C GLN A 41 0.86 -3.61 0.26
N VAL A 42 1.70 -3.87 -0.71
CA VAL A 42 1.26 -4.03 -2.10
C VAL A 42 2.05 -5.16 -2.77
N ASP A 43 1.56 -5.61 -3.92
CA ASP A 43 2.29 -6.59 -4.72
C ASP A 43 3.29 -5.81 -5.57
N ALA A 44 4.31 -6.48 -6.09
CA ALA A 44 5.26 -5.84 -6.98
C ALA A 44 4.55 -5.41 -8.28
N ASP A 45 3.63 -6.23 -8.75
CA ASP A 45 2.95 -5.98 -10.03
C ASP A 45 1.59 -5.30 -9.83
N PHE A 46 1.39 -4.73 -8.65
CA PHE A 46 0.16 -4.00 -8.32
C PHE A 46 0.03 -2.80 -9.27
N GLU A 47 -1.16 -2.54 -9.79
CA GLU A 47 -1.36 -1.39 -10.66
C GLU A 47 -1.18 -0.10 -9.89
N LEU A 48 -0.68 0.93 -10.56
CA LEU A 48 -0.66 2.28 -9.99
C LEU A 48 -2.11 2.71 -9.78
N HIS A 49 -2.98 2.25 -10.66
CA HIS A 49 -4.41 2.50 -10.57
C HIS A 49 -5.00 2.01 -9.25
N ASN A 50 -4.57 0.85 -8.80
CA ASN A 50 -5.07 0.28 -7.56
C ASN A 50 -4.34 0.92 -6.37
N PHE A 51 -3.05 1.19 -6.54
CA PHE A 51 -2.24 1.80 -5.48
C PHE A 51 -2.77 3.19 -5.10
N ARG A 52 -3.12 4.00 -6.08
CA ARG A 52 -3.67 5.34 -5.78
C ARG A 52 -5.04 5.21 -5.10
N ALA A 53 -5.76 4.13 -5.36
CA ALA A 53 -7.05 3.90 -4.71
C ALA A 53 -6.83 3.54 -3.24
N LEU A 54 -5.78 2.77 -2.95
CA LEU A 54 -5.44 2.47 -1.56
C LEU A 54 -4.99 3.75 -0.84
N CYS A 55 -4.26 4.61 -1.55
CA CYS A 55 -3.81 5.88 -0.97
C CYS A 55 -5.03 6.76 -0.63
N GLU A 56 -6.01 6.76 -1.51
CA GLU A 56 -7.26 7.51 -1.30
C GLU A 56 -7.99 6.98 -0.07
N LEU A 57 -8.05 5.67 0.06
CA LEU A 57 -8.73 5.01 1.18
C LEU A 57 -8.10 5.35 2.53
N GLU A 58 -6.79 5.19 2.65
CA GLU A 58 -6.12 5.43 3.92
C GLU A 58 -6.04 6.92 4.26
N SER A 59 -5.89 7.76 3.25
CA SER A 59 -5.72 9.19 3.49
C SER A 59 -7.06 9.91 3.68
N GLY A 60 -8.14 9.35 3.16
CA GLY A 60 -9.46 9.93 3.37
C GLY A 60 -9.73 11.15 2.50
N ILE A 61 -8.95 11.34 1.45
CA ILE A 61 -9.11 12.46 0.53
C ILE A 61 -9.09 11.92 -0.90
N PRO A 62 -9.98 12.44 -1.77
CA PRO A 62 -10.05 11.82 -3.10
C PRO A 62 -8.80 11.93 -3.96
N ALA A 63 -8.50 10.85 -4.66
CA ALA A 63 -7.44 10.81 -5.66
C ALA A 63 -7.83 11.75 -6.81
N ALA A 64 -9.13 11.93 -7.00
CA ALA A 64 -9.65 12.80 -8.05
C ALA A 64 -9.32 14.29 -7.81
N GLU A 65 -9.08 14.64 -6.56
CA GLU A 65 -8.80 16.03 -6.17
C GLU A 65 -7.32 16.23 -5.91
N SER A 66 -6.53 15.25 -6.29
CA SER A 66 -5.11 15.27 -5.99
C SER A 66 -4.27 14.69 -7.11
N GLN A 67 -2.96 14.85 -6.98
CA GLN A 67 -2.02 14.23 -7.91
C GLN A 67 -0.97 13.55 -7.06
N ILE A 68 -0.35 12.51 -7.60
CA ILE A 68 0.64 11.74 -6.87
C ILE A 68 1.95 11.78 -7.64
N VAL A 69 3.04 12.03 -6.91
CA VAL A 69 4.35 12.31 -7.48
C VAL A 69 5.39 11.34 -6.91
N TYR A 70 6.27 10.85 -7.76
CA TYR A 70 7.34 9.95 -7.38
C TYR A 70 8.59 10.33 -8.17
N ALA A 71 9.76 10.29 -7.54
CA ALA A 71 11.02 10.66 -8.20
C ALA A 71 10.90 12.02 -8.91
N GLU A 72 10.30 12.97 -8.21
CA GLU A 72 10.05 14.35 -8.69
C GLU A 72 9.12 14.46 -9.92
N ARG A 73 8.50 13.37 -10.35
CA ARG A 73 7.61 13.40 -11.52
C ARG A 73 6.22 12.81 -11.22
N PRO A 74 5.16 13.41 -11.76
CA PRO A 74 3.85 12.81 -11.48
C PRO A 74 3.71 11.41 -12.06
N LEU A 75 3.00 10.54 -11.38
CA LEU A 75 2.73 9.19 -11.87
C LEU A 75 1.46 9.26 -12.72
N THR A 76 1.62 9.47 -14.01
CA THR A 76 0.48 9.70 -14.90
C THR A 76 -0.16 8.41 -15.42
N ASP A 77 0.61 7.34 -15.48
CA ASP A 77 0.12 6.11 -16.09
C ASP A 77 -0.44 5.17 -15.06
N ASN A 78 -1.77 5.10 -15.00
CA ASN A 78 -2.46 4.18 -14.11
C ASN A 78 -2.17 2.73 -14.48
N HIS A 79 -1.88 2.49 -15.75
CA HIS A 79 -1.62 1.14 -16.27
C HIS A 79 -0.16 0.71 -16.21
N ARG A 80 0.63 1.32 -15.34
CA ARG A 80 1.98 0.85 -15.07
C ARG A 80 1.90 0.19 -13.71
N SER A 81 2.66 -0.88 -13.53
CA SER A 81 2.71 -1.53 -12.22
C SER A 81 3.79 -0.82 -11.42
N LEU A 82 3.75 -0.96 -10.11
CA LEU A 82 4.70 -0.27 -9.25
C LEU A 82 6.14 -0.68 -9.55
N ALA A 83 6.37 -1.97 -9.76
CA ALA A 83 7.70 -2.47 -10.10
C ALA A 83 8.22 -1.85 -11.40
N SER A 84 7.33 -1.51 -12.33
CA SER A 84 7.77 -0.90 -13.59
C SER A 84 8.17 0.56 -13.41
N TYR A 85 7.76 1.19 -12.31
CA TYR A 85 8.24 2.54 -11.99
C TYR A 85 9.52 2.43 -11.18
N GLY A 86 9.81 1.23 -10.69
CA GLY A 86 10.94 1.02 -9.80
C GLY A 86 10.54 1.27 -8.35
N LEU A 87 9.24 1.36 -8.11
CA LEU A 87 8.71 1.61 -6.77
C LEU A 87 8.82 0.34 -5.95
N LYS A 88 10.00 0.13 -5.40
CA LYS A 88 10.28 -1.07 -4.59
C LYS A 88 10.18 -0.79 -3.09
N ASP A 89 10.34 -1.84 -2.31
CA ASP A 89 10.19 -1.77 -0.87
C ASP A 89 11.01 -0.65 -0.25
N GLY A 90 10.33 0.19 0.53
CA GLY A 90 10.98 1.28 1.23
C GLY A 90 10.90 2.60 0.50
N ASP A 91 10.47 2.60 -0.76
CA ASP A 91 10.39 3.84 -1.52
C ASP A 91 9.18 4.69 -1.09
N VAL A 92 9.22 5.98 -1.41
CA VAL A 92 8.23 6.95 -0.92
C VAL A 92 7.55 7.72 -2.06
N VAL A 93 6.23 7.90 -1.97
CA VAL A 93 5.50 8.73 -2.94
C VAL A 93 4.85 9.90 -2.22
N ILE A 94 4.59 10.98 -2.94
CA ILE A 94 4.01 12.18 -2.34
C ILE A 94 2.69 12.52 -3.04
N LEU A 95 1.61 12.57 -2.27
CA LEU A 95 0.29 12.91 -2.80
C LEU A 95 -0.03 14.35 -2.43
N ARG A 96 -0.53 15.11 -3.39
CA ARG A 96 -0.79 16.55 -3.20
C ARG A 96 -2.24 16.88 -3.51
N GLN A 97 -3.03 17.21 -2.48
CA GLN A 97 -4.47 17.55 -2.66
C GLN A 97 -4.68 19.07 -2.68
N MET A 1 -3.53 -41.56 41.32
CA MET A 1 -3.94 -40.20 41.73
C MET A 1 -3.55 -39.12 40.73
N GLY A 2 -4.22 -37.97 40.83
CA GLY A 2 -3.96 -36.81 40.00
C GLY A 2 -4.76 -35.66 40.56
N HIS A 3 -4.32 -34.43 40.31
CA HIS A 3 -4.97 -33.26 40.91
C HIS A 3 -6.12 -32.72 40.04
N HIS A 4 -5.90 -32.67 38.74
CA HIS A 4 -6.91 -32.17 37.80
C HIS A 4 -6.56 -32.76 36.43
N HIS A 5 -7.46 -32.58 35.47
CA HIS A 5 -7.26 -33.06 34.11
C HIS A 5 -7.75 -31.99 33.15
N HIS A 6 -7.40 -32.11 31.87
CA HIS A 6 -7.85 -31.17 30.85
C HIS A 6 -7.84 -31.92 29.53
N HIS A 7 -8.74 -31.57 28.62
CA HIS A 7 -8.81 -32.21 27.31
C HIS A 7 -8.97 -31.08 26.30
N HIS A 8 -8.79 -31.39 25.02
CA HIS A 8 -8.88 -30.40 23.93
C HIS A 8 -7.95 -29.20 24.19
N HIS A 9 -6.81 -29.46 24.80
CA HIS A 9 -5.87 -28.41 25.18
C HIS A 9 -4.76 -28.24 24.14
N HIS A 10 -4.93 -28.88 22.99
CA HIS A 10 -3.96 -28.79 21.92
C HIS A 10 -4.28 -27.52 21.13
N HIS A 11 -3.26 -26.73 20.85
CA HIS A 11 -3.43 -25.46 20.15
C HIS A 11 -2.16 -25.13 19.39
N HIS A 12 -2.30 -24.50 18.23
CA HIS A 12 -1.17 -24.06 17.44
C HIS A 12 -1.61 -22.81 16.70
N SER A 13 -0.71 -21.84 16.58
CA SER A 13 -1.01 -20.57 15.93
C SER A 13 0.28 -19.97 15.37
N SER A 14 0.45 -20.02 14.06
CA SER A 14 1.63 -19.46 13.41
C SER A 14 1.24 -19.12 11.97
N GLY A 15 2.09 -18.35 11.30
CA GLY A 15 1.84 -17.98 9.91
C GLY A 15 1.03 -16.69 9.81
N HIS A 16 1.14 -16.02 8.66
CA HIS A 16 0.39 -14.78 8.42
C HIS A 16 0.42 -14.43 6.92
N ILE A 17 1.61 -14.46 6.34
CA ILE A 17 1.80 -14.07 4.94
C ILE A 17 2.71 -15.08 4.23
N GLU A 18 2.69 -15.07 2.91
CA GLU A 18 3.56 -15.91 2.09
C GLU A 18 4.63 -15.03 1.44
N GLY A 19 4.70 -13.78 1.88
CA GLY A 19 5.65 -12.84 1.31
C GLY A 19 5.16 -12.31 -0.03
N ARG A 20 6.09 -12.16 -0.97
CA ARG A 20 5.82 -11.71 -2.35
C ARG A 20 5.09 -10.35 -2.49
N HIS A 21 5.20 -9.51 -1.46
CA HIS A 21 4.64 -8.16 -1.52
C HIS A 21 5.66 -7.27 -0.84
N MET A 22 5.52 -5.96 -1.00
CA MET A 22 6.50 -4.99 -0.52
C MET A 22 5.80 -3.83 0.15
N LEU A 23 6.54 -3.07 0.96
CA LEU A 23 5.99 -1.93 1.70
C LEU A 23 6.45 -0.62 1.05
N LEU A 24 5.54 0.32 0.88
CA LEU A 24 5.85 1.64 0.34
C LEU A 24 5.35 2.68 1.32
N THR A 25 6.00 3.83 1.36
CA THR A 25 5.59 4.92 2.24
C THR A 25 4.90 5.97 1.39
N VAL A 26 3.79 6.51 1.87
CA VAL A 26 3.03 7.52 1.14
C VAL A 26 2.86 8.74 2.04
N TYR A 27 3.24 9.90 1.54
CA TYR A 27 3.15 11.16 2.27
C TYR A 27 2.13 12.04 1.58
N CYS A 28 0.99 12.25 2.23
CA CYS A 28 -0.11 13.04 1.68
C CYS A 28 -0.02 14.44 2.25
N VAL A 29 -0.07 15.43 1.37
CA VAL A 29 0.09 16.83 1.77
C VAL A 29 -1.12 17.67 1.37
N ARG A 30 -1.62 18.46 2.31
CA ARG A 30 -2.67 19.43 2.05
C ARG A 30 -2.18 20.77 2.56
N ARG A 31 -2.59 21.85 1.90
CA ARG A 31 -2.22 23.21 2.32
C ARG A 31 -2.66 23.49 3.76
N ASP A 32 -3.73 22.83 4.16
CA ASP A 32 -4.34 23.04 5.48
C ASP A 32 -3.56 22.42 6.65
N LEU A 33 -2.33 21.95 6.37
CA LEU A 33 -1.48 21.25 7.35
C LEU A 33 -2.18 20.00 7.88
N SER A 34 -3.06 19.49 7.05
CA SER A 34 -3.83 18.27 7.29
C SER A 34 -3.03 17.09 6.73
N GLU A 35 -1.74 17.31 6.57
CA GLU A 35 -0.83 16.35 5.97
C GLU A 35 -0.57 15.17 6.89
N VAL A 36 -0.28 14.02 6.29
CA VAL A 36 -0.07 12.78 7.05
C VAL A 36 0.85 11.89 6.22
N THR A 37 1.67 11.08 6.88
CA THR A 37 2.51 10.12 6.19
C THR A 37 2.25 8.76 6.82
N PHE A 38 2.15 7.74 5.98
CA PHE A 38 1.77 6.40 6.41
C PHE A 38 2.43 5.43 5.44
N SER A 39 2.29 4.13 5.68
CA SER A 39 2.88 3.13 4.80
C SER A 39 1.83 2.11 4.42
N LEU A 40 1.96 1.58 3.21
CA LEU A 40 1.00 0.61 2.66
C LEU A 40 1.76 -0.56 2.08
N GLN A 41 1.14 -1.72 2.09
CA GLN A 41 1.76 -2.91 1.49
C GLN A 41 1.06 -3.18 0.16
N VAL A 42 1.85 -3.48 -0.85
CA VAL A 42 1.34 -3.72 -2.20
C VAL A 42 2.10 -4.87 -2.83
N ASP A 43 1.51 -5.49 -3.83
CA ASP A 43 2.15 -6.57 -4.57
C ASP A 43 3.07 -5.95 -5.64
N ALA A 44 3.95 -6.73 -6.22
CA ALA A 44 4.87 -6.20 -7.23
C ALA A 44 4.09 -5.77 -8.49
N ASP A 45 3.10 -6.57 -8.84
CA ASP A 45 2.29 -6.36 -10.05
C ASP A 45 1.09 -5.45 -9.80
N PHE A 46 0.99 -4.93 -8.57
CA PHE A 46 -0.10 -4.02 -8.21
C PHE A 46 -0.06 -2.78 -9.12
N GLU A 47 -1.18 -2.47 -9.75
CA GLU A 47 -1.21 -1.37 -10.72
C GLU A 47 -1.29 -0.02 -10.03
N LEU A 48 -0.80 1.01 -10.70
CA LEU A 48 -0.86 2.37 -10.17
C LEU A 48 -2.30 2.81 -9.97
N HIS A 49 -3.19 2.39 -10.85
CA HIS A 49 -4.61 2.73 -10.73
C HIS A 49 -5.13 2.22 -9.39
N ASN A 50 -4.79 0.99 -9.06
CA ASN A 50 -5.20 0.37 -7.81
C ASN A 50 -4.51 1.05 -6.63
N PHE A 51 -3.26 1.45 -6.82
CA PHE A 51 -2.50 2.13 -5.77
C PHE A 51 -3.12 3.47 -5.37
N ARG A 52 -3.67 4.21 -6.33
CA ARG A 52 -4.33 5.48 -6.01
C ARG A 52 -5.56 5.19 -5.18
N ALA A 53 -6.28 4.18 -5.59
CA ALA A 53 -7.49 3.76 -4.85
C ALA A 53 -7.11 3.32 -3.42
N LEU A 54 -6.02 2.60 -3.28
CA LEU A 54 -5.56 2.13 -1.98
C LEU A 54 -5.14 3.30 -1.07
N CYS A 55 -4.43 4.27 -1.60
CA CYS A 55 -4.01 5.42 -0.80
C CYS A 55 -5.20 6.34 -0.50
N GLU A 56 -6.21 6.32 -1.35
CA GLU A 56 -7.44 7.08 -1.12
C GLU A 56 -8.18 6.48 0.07
N LEU A 57 -8.23 5.15 0.11
CA LEU A 57 -8.89 4.43 1.19
C LEU A 57 -8.20 4.71 2.52
N GLU A 58 -6.88 4.64 2.54
CA GLU A 58 -6.11 4.83 3.77
C GLU A 58 -6.17 6.28 4.25
N SER A 59 -6.05 7.23 3.32
CA SER A 59 -6.04 8.64 3.68
C SER A 59 -7.44 9.15 4.02
N GLY A 60 -8.46 8.53 3.45
CA GLY A 60 -9.84 8.97 3.65
C GLY A 60 -10.15 10.23 2.86
N ILE A 61 -9.28 10.54 1.90
CA ILE A 61 -9.38 11.77 1.12
C ILE A 61 -9.24 11.37 -0.35
N PRO A 62 -10.16 11.82 -1.23
CA PRO A 62 -10.07 11.37 -2.63
C PRO A 62 -8.73 11.62 -3.32
N ALA A 63 -8.22 10.58 -3.96
CA ALA A 63 -7.03 10.66 -4.79
C ALA A 63 -7.35 11.49 -6.03
N ALA A 64 -8.62 11.55 -6.39
CA ALA A 64 -9.06 12.32 -7.55
C ALA A 64 -8.72 13.81 -7.38
N GLU A 65 -8.70 14.27 -6.13
CA GLU A 65 -8.37 15.66 -5.80
C GLU A 65 -6.86 15.89 -5.71
N SER A 66 -6.07 14.97 -6.22
CA SER A 66 -4.61 15.03 -6.04
C SER A 66 -3.76 14.67 -7.25
N GLN A 67 -2.48 14.95 -7.11
CA GLN A 67 -1.45 14.47 -8.03
C GLN A 67 -0.54 13.59 -7.20
N ILE A 68 0.05 12.59 -7.84
CA ILE A 68 0.92 11.64 -7.19
C ILE A 68 2.31 11.79 -7.82
N VAL A 69 3.31 11.90 -6.97
CA VAL A 69 4.68 12.27 -7.37
C VAL A 69 5.70 11.30 -6.76
N TYR A 70 6.65 10.87 -7.56
CA TYR A 70 7.73 9.98 -7.12
C TYR A 70 8.99 10.45 -7.82
N ALA A 71 10.13 10.42 -7.12
CA ALA A 71 11.40 10.92 -7.66
C ALA A 71 11.22 12.34 -8.22
N GLU A 72 10.53 13.15 -7.45
CA GLU A 72 10.22 14.56 -7.76
C GLU A 72 9.43 14.81 -9.05
N ARG A 73 8.91 13.76 -9.67
CA ARG A 73 8.15 13.91 -10.93
C ARG A 73 6.80 13.21 -10.84
N PRO A 74 5.76 13.76 -11.50
CA PRO A 74 4.47 13.08 -11.37
C PRO A 74 4.43 11.77 -12.13
N LEU A 75 3.63 10.85 -11.63
CA LEU A 75 3.42 9.55 -12.27
C LEU A 75 2.23 9.71 -13.22
N THR A 76 2.30 9.12 -14.40
CA THR A 76 1.28 9.33 -15.44
C THR A 76 0.62 8.06 -16.00
N ASP A 77 1.41 7.05 -16.30
CA ASP A 77 0.88 5.79 -16.85
C ASP A 77 0.30 4.96 -15.71
N ASN A 78 -1.01 5.03 -15.54
CA ASN A 78 -1.69 4.38 -14.42
C ASN A 78 -1.88 2.87 -14.59
N HIS A 79 -1.63 2.35 -15.79
CA HIS A 79 -1.82 0.92 -16.02
C HIS A 79 -0.57 0.14 -15.64
N ARG A 80 0.56 0.83 -15.54
CA ARG A 80 1.80 0.17 -15.13
C ARG A 80 1.69 -0.31 -13.71
N SER A 81 2.41 -1.38 -13.41
CA SER A 81 2.54 -1.85 -12.05
C SER A 81 3.54 -0.94 -11.35
N LEU A 82 3.56 -0.96 -10.04
CA LEU A 82 4.48 -0.13 -9.26
C LEU A 82 5.93 -0.61 -9.49
N ALA A 83 6.09 -1.92 -9.67
CA ALA A 83 7.40 -2.48 -10.01
C ALA A 83 7.91 -1.94 -11.36
N SER A 84 7.00 -1.59 -12.26
CA SER A 84 7.38 -1.04 -13.57
C SER A 84 7.97 0.37 -13.44
N TYR A 85 7.76 1.03 -12.30
CA TYR A 85 8.37 2.33 -12.05
C TYR A 85 9.60 2.14 -11.17
N GLY A 86 9.80 0.93 -10.70
CA GLY A 86 10.91 0.63 -9.82
C GLY A 86 10.60 1.00 -8.39
N LEU A 87 9.30 1.03 -8.05
CA LEU A 87 8.90 1.38 -6.69
C LEU A 87 9.22 0.23 -5.75
N LYS A 88 10.46 0.18 -5.30
CA LYS A 88 10.93 -0.90 -4.44
C LYS A 88 10.54 -0.68 -2.98
N ASP A 89 10.66 -1.74 -2.19
CA ASP A 89 10.33 -1.69 -0.78
C ASP A 89 11.12 -0.57 -0.09
N GLY A 90 10.40 0.28 0.63
CA GLY A 90 11.02 1.40 1.32
C GLY A 90 10.92 2.73 0.58
N ASP A 91 10.52 2.71 -0.69
CA ASP A 91 10.39 3.96 -1.45
C ASP A 91 9.28 4.84 -0.88
N VAL A 92 9.45 6.15 -1.05
CA VAL A 92 8.49 7.13 -0.55
C VAL A 92 7.80 7.81 -1.74
N VAL A 93 6.47 7.87 -1.70
CA VAL A 93 5.68 8.47 -2.75
C VAL A 93 4.95 9.67 -2.14
N ILE A 94 4.86 10.77 -2.85
CA ILE A 94 4.23 11.98 -2.33
C ILE A 94 2.89 12.19 -3.04
N LEU A 95 1.85 12.45 -2.28
CA LEU A 95 0.52 12.69 -2.80
C LEU A 95 0.16 14.13 -2.42
N ARG A 96 -0.26 14.94 -3.38
CA ARG A 96 -0.57 16.35 -3.11
C ARG A 96 -1.98 16.69 -3.51
N GLN A 97 -2.84 16.89 -2.51
CA GLN A 97 -4.24 17.24 -2.72
C GLN A 97 -4.40 18.74 -2.97
N MET A 1 -23.02 -52.43 34.74
CA MET A 1 -21.59 -52.04 34.82
C MET A 1 -20.97 -51.72 33.47
N GLY A 2 -20.04 -50.77 33.47
CA GLY A 2 -19.32 -50.38 32.27
C GLY A 2 -18.19 -49.45 32.63
N HIS A 3 -17.36 -49.10 31.65
CA HIS A 3 -16.23 -48.20 31.85
C HIS A 3 -16.09 -47.39 30.57
N HIS A 4 -15.77 -46.11 30.70
CA HIS A 4 -15.65 -45.23 29.55
C HIS A 4 -14.78 -44.05 29.91
N HIS A 5 -14.42 -43.26 28.91
CA HIS A 5 -13.60 -42.06 29.10
C HIS A 5 -14.15 -40.92 28.24
N HIS A 6 -13.78 -39.70 28.56
CA HIS A 6 -14.14 -38.54 27.74
C HIS A 6 -12.92 -38.20 26.90
N HIS A 7 -12.88 -38.71 25.67
CA HIS A 7 -11.71 -38.55 24.83
C HIS A 7 -11.70 -37.18 24.16
N HIS A 8 -10.69 -36.39 24.45
CA HIS A 8 -10.50 -35.11 23.79
C HIS A 8 -9.75 -35.38 22.49
N HIS A 9 -9.91 -34.51 21.50
CA HIS A 9 -9.28 -34.69 20.20
C HIS A 9 -8.68 -33.36 19.76
N HIS A 10 -7.81 -33.41 18.75
CA HIS A 10 -7.17 -32.22 18.21
C HIS A 10 -7.59 -32.07 16.75
N HIS A 11 -7.41 -30.88 16.21
CA HIS A 11 -7.68 -30.58 14.81
C HIS A 11 -6.68 -29.50 14.46
N HIS A 12 -6.50 -29.22 13.18
CA HIS A 12 -5.56 -28.19 12.78
C HIS A 12 -6.34 -26.89 12.60
N SER A 13 -5.65 -25.76 12.72
CA SER A 13 -6.25 -24.46 12.50
C SER A 13 -5.11 -23.60 11.99
N SER A 14 -5.44 -22.49 11.35
CA SER A 14 -4.44 -21.59 10.76
C SER A 14 -3.47 -22.34 9.83
N GLY A 15 -2.29 -21.77 9.63
CA GLY A 15 -1.30 -22.37 8.75
C GLY A 15 -0.19 -21.37 8.58
N HIS A 16 0.80 -21.69 7.77
CA HIS A 16 1.90 -20.76 7.49
C HIS A 16 1.84 -20.39 6.01
N ILE A 17 1.30 -19.22 5.71
CA ILE A 17 1.22 -18.75 4.33
C ILE A 17 2.35 -17.72 4.17
N GLU A 18 3.05 -17.80 3.05
CA GLU A 18 4.19 -16.93 2.80
C GLU A 18 4.14 -16.55 1.32
N GLY A 19 4.55 -15.33 1.00
CA GLY A 19 4.57 -14.89 -0.39
C GLY A 19 5.30 -13.57 -0.45
N ARG A 20 5.79 -13.20 -1.62
CA ARG A 20 6.52 -11.94 -1.77
C ARG A 20 5.50 -10.81 -1.84
N HIS A 21 5.81 -9.73 -1.14
CA HIS A 21 4.99 -8.53 -1.12
C HIS A 21 6.00 -7.46 -0.78
N MET A 22 5.64 -6.19 -0.86
CA MET A 22 6.56 -5.10 -0.54
C MET A 22 5.81 -3.98 0.16
N LEU A 23 6.55 -3.10 0.84
CA LEU A 23 5.94 -2.01 1.61
C LEU A 23 6.43 -0.69 1.02
N LEU A 24 5.51 0.25 0.84
CA LEU A 24 5.84 1.59 0.33
C LEU A 24 5.27 2.61 1.29
N THR A 25 5.82 3.82 1.27
CA THR A 25 5.36 4.89 2.16
C THR A 25 4.68 5.97 1.32
N VAL A 26 3.64 6.57 1.86
CA VAL A 26 2.90 7.62 1.18
C VAL A 26 2.86 8.84 2.09
N TYR A 27 3.44 9.94 1.62
CA TYR A 27 3.39 11.20 2.36
C TYR A 27 2.31 12.05 1.72
N CYS A 28 1.19 12.23 2.42
CA CYS A 28 0.09 13.01 1.89
C CYS A 28 0.22 14.44 2.38
N VAL A 29 0.23 15.38 1.45
CA VAL A 29 0.43 16.80 1.75
C VAL A 29 -0.80 17.61 1.38
N ARG A 30 -1.28 18.38 2.35
CA ARG A 30 -2.36 19.33 2.12
C ARG A 30 -1.76 20.71 2.21
N ARG A 31 -2.22 21.64 1.39
CA ARG A 31 -1.78 23.04 1.49
C ARG A 31 -2.34 23.69 2.75
N ASP A 32 -3.22 22.97 3.41
CA ASP A 32 -3.90 23.42 4.62
C ASP A 32 -3.20 22.81 5.86
N LEU A 33 -1.99 22.31 5.64
CA LEU A 33 -1.13 21.68 6.68
C LEU A 33 -1.79 20.49 7.41
N SER A 34 -2.74 19.86 6.73
CA SER A 34 -3.41 18.66 7.23
C SER A 34 -2.65 17.40 6.81
N GLU A 35 -1.36 17.58 6.60
CA GLU A 35 -0.51 16.53 6.04
C GLU A 35 -0.23 15.40 7.01
N VAL A 36 -0.01 14.21 6.46
CA VAL A 36 0.19 12.98 7.24
C VAL A 36 1.03 12.04 6.40
N THR A 37 1.77 11.13 7.01
CA THR A 37 2.53 10.13 6.26
C THR A 37 2.21 8.77 6.86
N PHE A 38 2.10 7.77 6.01
CA PHE A 38 1.70 6.42 6.42
C PHE A 38 2.29 5.44 5.43
N SER A 39 2.22 4.15 5.70
CA SER A 39 2.79 3.13 4.80
C SER A 39 1.74 2.09 4.43
N LEU A 40 1.90 1.51 3.25
CA LEU A 40 0.96 0.53 2.73
C LEU A 40 1.73 -0.64 2.13
N GLN A 41 1.17 -1.84 2.20
CA GLN A 41 1.79 -3.01 1.57
C GLN A 41 1.07 -3.30 0.26
N VAL A 42 1.84 -3.66 -0.74
CA VAL A 42 1.34 -3.89 -2.09
C VAL A 42 2.09 -5.05 -2.72
N ASP A 43 1.59 -5.55 -3.83
CA ASP A 43 2.28 -6.57 -4.61
C ASP A 43 3.29 -5.87 -5.52
N ALA A 44 4.25 -6.61 -6.05
CA ALA A 44 5.22 -6.02 -6.97
C ALA A 44 4.54 -5.53 -8.27
N ASP A 45 3.60 -6.31 -8.78
CA ASP A 45 2.94 -5.96 -10.05
C ASP A 45 1.61 -5.23 -9.82
N PHE A 46 1.44 -4.70 -8.61
CA PHE A 46 0.23 -3.96 -8.27
C PHE A 46 0.11 -2.73 -9.18
N GLU A 47 -1.03 -2.59 -9.84
CA GLU A 47 -1.23 -1.49 -10.78
C GLU A 47 -1.31 -0.16 -10.05
N LEU A 48 -0.85 0.89 -10.71
CA LEU A 48 -1.00 2.24 -10.14
C LEU A 48 -2.47 2.58 -9.98
N HIS A 49 -3.32 2.02 -10.84
CA HIS A 49 -4.76 2.24 -10.75
C HIS A 49 -5.29 1.78 -9.39
N ASN A 50 -4.84 0.62 -8.95
CA ASN A 50 -5.27 0.10 -7.67
C ASN A 50 -4.52 0.79 -6.53
N PHE A 51 -3.27 1.16 -6.76
CA PHE A 51 -2.49 1.84 -5.72
C PHE A 51 -3.05 3.22 -5.38
N ARG A 52 -3.47 3.98 -6.38
CA ARG A 52 -4.07 5.29 -6.11
C ARG A 52 -5.41 5.15 -5.42
N ALA A 53 -6.10 4.03 -5.64
CA ALA A 53 -7.37 3.78 -4.95
C ALA A 53 -7.07 3.41 -3.50
N LEU A 54 -5.99 2.66 -3.30
CA LEU A 54 -5.61 2.20 -1.97
C LEU A 54 -5.18 3.36 -1.08
N CYS A 55 -4.37 4.29 -1.61
CA CYS A 55 -3.94 5.44 -0.81
C CYS A 55 -5.08 6.45 -0.63
N GLU A 56 -6.01 6.46 -1.57
CA GLU A 56 -7.20 7.31 -1.47
C GLU A 56 -8.05 6.84 -0.29
N LEU A 57 -8.17 5.53 -0.13
CA LEU A 57 -8.93 4.95 0.98
C LEU A 57 -8.30 5.30 2.33
N GLU A 58 -6.98 5.11 2.45
CA GLU A 58 -6.30 5.36 3.71
C GLU A 58 -6.26 6.85 4.07
N SER A 59 -6.07 7.70 3.06
CA SER A 59 -5.96 9.13 3.32
C SER A 59 -7.33 9.80 3.44
N GLY A 60 -8.37 9.17 2.91
CA GLY A 60 -9.72 9.69 3.03
C GLY A 60 -9.96 10.97 2.24
N ILE A 61 -9.22 11.15 1.15
CA ILE A 61 -9.37 12.34 0.31
C ILE A 61 -9.60 11.90 -1.14
N PRO A 62 -10.40 12.67 -1.91
CA PRO A 62 -10.60 12.20 -3.28
C PRO A 62 -9.32 12.21 -4.11
N ALA A 63 -9.06 11.11 -4.82
CA ALA A 63 -7.91 11.01 -5.70
C ALA A 63 -8.03 12.01 -6.85
N ALA A 64 -9.27 12.35 -7.20
CA ALA A 64 -9.55 13.29 -8.29
C ALA A 64 -9.07 14.72 -7.96
N GLU A 65 -9.01 15.01 -6.66
CA GLU A 65 -8.63 16.36 -6.19
C GLU A 65 -7.15 16.41 -5.83
N SER A 66 -6.40 15.39 -6.21
CA SER A 66 -5.01 15.28 -5.83
C SER A 66 -4.14 14.61 -6.90
N GLN A 67 -2.84 14.60 -6.67
CA GLN A 67 -1.89 13.99 -7.61
C GLN A 67 -0.81 13.21 -6.86
N ILE A 68 -0.38 12.11 -7.45
CA ILE A 68 0.68 11.27 -6.88
C ILE A 68 2.00 11.60 -7.59
N VAL A 69 3.05 11.79 -6.79
CA VAL A 69 4.36 12.18 -7.26
C VAL A 69 5.40 11.18 -6.73
N TYR A 70 6.30 10.73 -7.60
CA TYR A 70 7.36 9.79 -7.24
C TYR A 70 8.63 10.26 -7.93
N ALA A 71 9.76 10.15 -7.25
CA ALA A 71 11.05 10.66 -7.76
C ALA A 71 10.89 12.14 -8.20
N GLU A 72 10.17 12.88 -7.37
CA GLU A 72 9.86 14.31 -7.59
C GLU A 72 9.09 14.64 -8.89
N ARG A 73 8.58 13.63 -9.58
CA ARG A 73 7.78 13.85 -10.80
C ARG A 73 6.41 13.18 -10.69
N PRO A 74 5.37 13.80 -11.31
CA PRO A 74 4.09 13.11 -11.20
C PRO A 74 4.04 11.84 -12.05
N LEU A 75 3.25 10.88 -11.58
CA LEU A 75 3.05 9.61 -12.31
C LEU A 75 1.83 9.80 -13.20
N THR A 76 1.91 9.33 -14.44
CA THR A 76 0.88 9.62 -15.45
C THR A 76 0.25 8.42 -16.16
N ASP A 77 0.75 7.21 -15.93
CA ASP A 77 0.20 6.01 -16.60
C ASP A 77 -0.24 5.02 -15.53
N ASN A 78 -1.54 5.01 -15.27
CA ASN A 78 -2.09 4.21 -14.18
C ASN A 78 -2.17 2.70 -14.46
N HIS A 79 -1.99 2.30 -15.72
CA HIS A 79 -2.08 0.87 -16.06
C HIS A 79 -0.73 0.17 -15.86
N ARG A 80 0.31 0.93 -15.54
CA ARG A 80 1.61 0.34 -15.25
C ARG A 80 1.67 -0.04 -13.80
N SER A 81 2.42 -1.09 -13.52
CA SER A 81 2.61 -1.55 -12.16
C SER A 81 3.70 -0.73 -11.49
N LEU A 82 3.73 -0.78 -10.17
CA LEU A 82 4.70 -0.01 -9.38
C LEU A 82 6.15 -0.47 -9.67
N ALA A 83 6.32 -1.76 -9.92
CA ALA A 83 7.64 -2.30 -10.29
C ALA A 83 8.13 -1.70 -11.61
N SER A 84 7.21 -1.32 -12.49
CA SER A 84 7.59 -0.71 -13.78
C SER A 84 8.19 0.67 -13.59
N TYR A 85 7.96 1.28 -12.43
CA TYR A 85 8.55 2.59 -12.11
C TYR A 85 9.73 2.42 -11.16
N GLY A 86 9.99 1.19 -10.76
CA GLY A 86 11.08 0.91 -9.85
C GLY A 86 10.73 1.18 -8.40
N LEU A 87 9.44 1.16 -8.04
CA LEU A 87 9.06 1.37 -6.65
C LEU A 87 9.47 0.16 -5.80
N LYS A 88 10.70 0.18 -5.33
CA LYS A 88 11.22 -0.90 -4.50
C LYS A 88 10.76 -0.73 -3.06
N ASP A 89 10.89 -1.80 -2.29
CA ASP A 89 10.48 -1.81 -0.88
C ASP A 89 11.17 -0.71 -0.07
N GLY A 90 10.36 0.14 0.54
CA GLY A 90 10.87 1.25 1.33
C GLY A 90 10.84 2.58 0.61
N ASP A 91 10.50 2.59 -0.68
CA ASP A 91 10.38 3.85 -1.40
C ASP A 91 9.16 4.62 -0.90
N VAL A 92 9.17 5.93 -1.11
CA VAL A 92 8.11 6.81 -0.65
C VAL A 92 7.56 7.64 -1.83
N VAL A 93 6.25 7.86 -1.84
CA VAL A 93 5.62 8.70 -2.86
C VAL A 93 4.99 9.87 -2.12
N ILE A 94 4.74 10.96 -2.84
CA ILE A 94 4.13 12.15 -2.25
C ILE A 94 2.78 12.35 -2.89
N LEU A 95 1.74 12.36 -2.08
CA LEU A 95 0.38 12.58 -2.55
C LEU A 95 0.11 14.06 -2.26
N ARG A 96 -0.25 14.84 -3.26
CA ARG A 96 -0.45 16.28 -3.06
C ARG A 96 -1.88 16.68 -3.37
N GLN A 97 -2.59 17.18 -2.36
CA GLN A 97 -3.97 17.67 -2.51
C GLN A 97 -4.01 19.22 -2.56
N MET A 1 -27.47 -30.25 34.42
CA MET A 1 -28.19 -29.45 33.40
C MET A 1 -27.27 -28.83 32.36
N GLY A 2 -26.05 -29.38 32.36
CA GLY A 2 -25.01 -28.96 31.44
C GLY A 2 -25.17 -29.65 30.10
N HIS A 3 -24.59 -29.07 29.05
CA HIS A 3 -24.65 -29.66 27.72
C HIS A 3 -23.32 -29.42 27.03
N HIS A 4 -22.84 -30.46 26.34
CA HIS A 4 -21.52 -30.48 25.67
C HIS A 4 -20.38 -30.39 26.71
N HIS A 5 -19.14 -30.61 26.28
CA HIS A 5 -18.01 -30.61 27.20
C HIS A 5 -16.71 -30.21 26.51
N HIS A 6 -15.96 -29.33 27.16
CA HIS A 6 -14.62 -28.89 26.71
C HIS A 6 -14.48 -28.54 25.22
N HIS A 7 -15.40 -27.75 24.69
CA HIS A 7 -15.25 -27.26 23.32
C HIS A 7 -14.13 -26.22 23.35
N HIS A 8 -13.03 -26.52 22.67
CA HIS A 8 -11.85 -25.65 22.72
C HIS A 8 -11.36 -25.30 21.32
N HIS A 9 -10.83 -24.11 21.15
CA HIS A 9 -10.30 -23.67 19.86
C HIS A 9 -9.01 -24.42 19.57
N HIS A 10 -8.82 -24.81 18.32
CA HIS A 10 -7.61 -25.54 17.91
C HIS A 10 -6.75 -24.67 16.99
N HIS A 11 -6.62 -23.41 17.35
CA HIS A 11 -5.85 -22.46 16.56
C HIS A 11 -5.36 -21.36 17.51
N HIS A 12 -4.15 -20.86 17.28
CA HIS A 12 -3.55 -19.86 18.16
C HIS A 12 -2.61 -18.96 17.37
N SER A 13 -2.72 -17.65 17.59
CA SER A 13 -1.88 -16.63 16.93
C SER A 13 -1.87 -16.71 15.40
N SER A 14 -2.98 -17.18 14.84
CA SER A 14 -3.16 -17.35 13.38
C SER A 14 -2.14 -18.34 12.77
N GLY A 15 -2.25 -18.56 11.47
CA GLY A 15 -1.33 -19.45 10.78
C GLY A 15 -0.44 -18.63 9.88
N HIS A 16 0.77 -19.12 9.63
CA HIS A 16 1.69 -18.42 8.74
C HIS A 16 1.23 -18.63 7.30
N ILE A 17 1.58 -17.70 6.44
CA ILE A 17 1.25 -17.79 5.01
C ILE A 17 2.41 -17.13 4.30
N GLU A 18 2.63 -17.47 3.04
CA GLU A 18 3.69 -16.89 2.25
C GLU A 18 3.31 -15.44 1.93
N GLY A 19 4.29 -14.54 1.98
CA GLY A 19 4.05 -13.13 1.73
C GLY A 19 4.61 -12.66 0.39
N ARG A 20 5.91 -12.37 0.38
CA ARG A 20 6.63 -11.89 -0.82
C ARG A 20 5.97 -10.66 -1.46
N HIS A 21 5.62 -9.69 -0.63
CA HIS A 21 5.04 -8.43 -1.09
C HIS A 21 5.94 -7.33 -0.56
N MET A 22 5.83 -6.14 -1.12
CA MET A 22 6.69 -5.02 -0.74
C MET A 22 5.87 -3.97 0.00
N LEU A 23 6.54 -3.08 0.71
CA LEU A 23 5.87 -2.04 1.48
C LEU A 23 6.40 -0.70 1.03
N LEU A 24 5.51 0.26 0.82
CA LEU A 24 5.89 1.60 0.35
C LEU A 24 5.37 2.61 1.34
N THR A 25 6.03 3.74 1.44
CA THR A 25 5.59 4.82 2.32
C THR A 25 4.92 5.88 1.46
N VAL A 26 3.83 6.45 1.94
CA VAL A 26 3.11 7.49 1.22
C VAL A 26 2.99 8.71 2.12
N TYR A 27 3.34 9.87 1.59
CA TYR A 27 3.26 11.13 2.33
C TYR A 27 2.24 12.03 1.65
N CYS A 28 1.13 12.28 2.31
CA CYS A 28 0.08 13.13 1.79
C CYS A 28 0.24 14.52 2.38
N VAL A 29 0.38 15.53 1.53
CA VAL A 29 0.56 16.90 2.01
C VAL A 29 -0.64 17.77 1.63
N ARG A 30 -1.20 18.43 2.63
CA ARG A 30 -2.26 19.41 2.42
C ARG A 30 -1.68 20.77 2.77
N ARG A 31 -2.08 21.81 2.04
CA ARG A 31 -1.60 23.17 2.33
C ARG A 31 -2.04 23.60 3.73
N ASP A 32 -3.14 23.02 4.16
CA ASP A 32 -3.76 23.31 5.46
C ASP A 32 -3.03 22.69 6.66
N LEU A 33 -1.83 22.18 6.44
CA LEU A 33 -1.00 21.48 7.46
C LEU A 33 -1.73 20.27 8.06
N SER A 34 -2.68 19.76 7.28
CA SER A 34 -3.47 18.58 7.62
C SER A 34 -2.78 17.35 7.02
N GLU A 35 -1.48 17.47 6.83
CA GLU A 35 -0.68 16.45 6.18
C GLU A 35 -0.50 15.22 7.06
N VAL A 36 -0.28 14.07 6.43
CA VAL A 36 -0.19 12.80 7.14
C VAL A 36 0.71 11.88 6.30
N THR A 37 1.33 10.90 6.93
CA THR A 37 2.11 9.91 6.20
C THR A 37 1.74 8.55 6.77
N PHE A 38 1.74 7.55 5.92
CA PHE A 38 1.31 6.20 6.27
C PHE A 38 2.06 5.28 5.32
N SER A 39 1.91 3.98 5.49
CA SER A 39 2.57 3.02 4.61
C SER A 39 1.57 1.98 4.14
N LEU A 40 1.82 1.40 2.99
CA LEU A 40 0.95 0.40 2.38
C LEU A 40 1.76 -0.80 1.98
N GLN A 41 1.16 -1.98 2.06
CA GLN A 41 1.80 -3.18 1.55
C GLN A 41 1.11 -3.50 0.24
N VAL A 42 1.91 -3.66 -0.80
CA VAL A 42 1.40 -3.88 -2.14
C VAL A 42 2.24 -4.97 -2.78
N ASP A 43 1.73 -5.57 -3.84
CA ASP A 43 2.51 -6.59 -4.53
C ASP A 43 3.44 -5.91 -5.52
N ALA A 44 4.43 -6.63 -6.03
CA ALA A 44 5.35 -6.06 -7.01
C ALA A 44 4.56 -5.68 -8.27
N ASP A 45 3.59 -6.50 -8.62
CA ASP A 45 2.79 -6.30 -9.83
C ASP A 45 1.52 -5.47 -9.60
N PHE A 46 1.46 -4.75 -8.49
CA PHE A 46 0.29 -3.96 -8.17
C PHE A 46 0.14 -2.79 -9.16
N GLU A 47 -1.04 -2.66 -9.75
CA GLU A 47 -1.29 -1.59 -10.72
C GLU A 47 -1.31 -0.23 -10.06
N LEU A 48 -0.96 0.79 -10.82
CA LEU A 48 -1.10 2.17 -10.34
C LEU A 48 -2.56 2.50 -10.05
N HIS A 49 -3.48 1.97 -10.85
CA HIS A 49 -4.90 2.25 -10.67
C HIS A 49 -5.40 1.69 -9.34
N ASN A 50 -4.89 0.54 -8.95
CA ASN A 50 -5.27 -0.06 -7.68
C ASN A 50 -4.54 0.66 -6.53
N PHE A 51 -3.30 1.07 -6.80
CA PHE A 51 -2.51 1.77 -5.79
C PHE A 51 -3.13 3.09 -5.39
N ARG A 52 -3.61 3.87 -6.35
CA ARG A 52 -4.25 5.14 -6.01
C ARG A 52 -5.54 4.91 -5.23
N ALA A 53 -6.20 3.78 -5.43
CA ALA A 53 -7.41 3.46 -4.67
C ALA A 53 -7.05 3.14 -3.22
N LEU A 54 -5.98 2.38 -3.01
CA LEU A 54 -5.52 2.07 -1.65
C LEU A 54 -5.04 3.36 -0.95
N CYS A 55 -4.37 4.21 -1.70
CA CYS A 55 -3.89 5.49 -1.19
C CYS A 55 -5.07 6.38 -0.77
N GLU A 56 -6.09 6.40 -1.61
CA GLU A 56 -7.30 7.19 -1.36
C GLU A 56 -8.00 6.73 -0.08
N LEU A 57 -8.03 5.42 0.12
CA LEU A 57 -8.65 4.83 1.31
C LEU A 57 -7.98 5.29 2.60
N GLU A 58 -6.67 5.22 2.65
CA GLU A 58 -5.92 5.57 3.87
C GLU A 58 -5.85 7.08 4.08
N SER A 59 -5.75 7.84 2.99
CA SER A 59 -5.64 9.30 3.09
C SER A 59 -6.98 9.94 3.40
N GLY A 60 -8.08 9.28 3.01
CA GLY A 60 -9.40 9.77 3.34
C GLY A 60 -9.82 11.00 2.54
N ILE A 61 -9.09 11.29 1.47
CA ILE A 61 -9.40 12.44 0.61
C ILE A 61 -9.51 11.94 -0.83
N PRO A 62 -10.37 12.59 -1.66
CA PRO A 62 -10.48 12.06 -3.02
C PRO A 62 -9.19 12.16 -3.82
N ALA A 63 -8.85 11.08 -4.52
CA ALA A 63 -7.69 11.04 -5.39
C ALA A 63 -7.89 12.01 -6.55
N ALA A 64 -9.14 12.25 -6.92
CA ALA A 64 -9.48 13.16 -8.02
C ALA A 64 -9.10 14.61 -7.72
N GLU A 65 -8.95 14.93 -6.45
CA GLU A 65 -8.61 16.29 -6.01
C GLU A 65 -7.10 16.39 -5.77
N SER A 66 -6.37 15.37 -6.17
CA SER A 66 -4.96 15.26 -5.83
C SER A 66 -4.04 14.87 -6.98
N GLN A 67 -2.78 15.26 -6.85
CA GLN A 67 -1.74 14.86 -7.79
C GLN A 67 -0.79 13.97 -7.02
N ILE A 68 -0.27 12.95 -7.69
CA ILE A 68 0.60 11.96 -7.06
C ILE A 68 1.92 11.91 -7.82
N VAL A 69 3.03 11.95 -7.09
CA VAL A 69 4.37 11.96 -7.68
C VAL A 69 5.32 11.01 -6.95
N TYR A 70 6.31 10.53 -7.68
CA TYR A 70 7.36 9.67 -7.15
C TYR A 70 8.63 10.13 -7.84
N ALA A 71 9.72 10.25 -7.08
CA ALA A 71 11.01 10.73 -7.61
C ALA A 71 10.83 12.05 -8.41
N GLU A 72 10.03 12.94 -7.85
CA GLU A 72 9.73 14.28 -8.44
C GLU A 72 9.12 14.21 -9.86
N ARG A 73 8.50 13.09 -10.19
CA ARG A 73 7.85 12.90 -11.50
C ARG A 73 6.46 12.34 -11.28
N PRO A 74 5.49 12.68 -12.15
CA PRO A 74 4.14 12.18 -11.86
C PRO A 74 3.97 10.69 -12.11
N LEU A 75 3.04 10.10 -11.39
CA LEU A 75 2.68 8.69 -11.57
C LEU A 75 1.35 8.69 -12.33
N THR A 76 1.35 8.15 -13.54
CA THR A 76 0.18 8.24 -14.44
C THR A 76 -0.32 6.95 -15.07
N ASP A 77 0.59 6.07 -15.46
CA ASP A 77 0.23 4.93 -16.31
C ASP A 77 -0.32 3.76 -15.50
N ASN A 78 -1.61 3.49 -15.62
CA ASN A 78 -2.19 2.30 -14.99
C ASN A 78 -1.68 1.05 -15.68
N HIS A 79 -1.14 1.23 -16.87
CA HIS A 79 -0.56 0.16 -17.68
C HIS A 79 0.81 -0.27 -17.13
N ARG A 80 1.20 0.28 -15.98
CA ARG A 80 2.45 -0.07 -15.34
C ARG A 80 2.18 -0.46 -13.90
N SER A 81 2.90 -1.48 -13.46
CA SER A 81 2.88 -1.86 -12.06
C SER A 81 3.85 -0.92 -11.34
N LEU A 82 3.78 -0.87 -10.02
CA LEU A 82 4.66 0.02 -9.26
C LEU A 82 6.13 -0.40 -9.41
N ALA A 83 6.37 -1.70 -9.54
CA ALA A 83 7.73 -2.20 -9.76
C ALA A 83 8.26 -1.70 -11.10
N SER A 84 7.37 -1.51 -12.07
CA SER A 84 7.74 -0.97 -13.38
C SER A 84 8.14 0.50 -13.29
N TYR A 85 7.78 1.16 -12.21
CA TYR A 85 8.18 2.54 -11.96
C TYR A 85 9.40 2.58 -11.04
N GLY A 86 9.82 1.41 -10.58
CA GLY A 86 10.98 1.33 -9.71
C GLY A 86 10.66 1.50 -8.24
N LEU A 87 9.40 1.37 -7.85
CA LEU A 87 9.04 1.54 -6.43
C LEU A 87 9.54 0.38 -5.59
N LYS A 88 10.77 0.49 -5.14
CA LYS A 88 11.37 -0.50 -4.23
C LYS A 88 10.74 -0.43 -2.85
N ASP A 89 10.84 -1.53 -2.13
CA ASP A 89 10.36 -1.58 -0.76
C ASP A 89 11.08 -0.53 0.07
N GLY A 90 10.30 0.26 0.80
CA GLY A 90 10.82 1.32 1.63
C GLY A 90 10.84 2.68 0.94
N ASP A 91 10.60 2.73 -0.36
CA ASP A 91 10.63 4.00 -1.08
C ASP A 91 9.38 4.84 -0.77
N VAL A 92 9.45 6.14 -1.05
CA VAL A 92 8.42 7.10 -0.64
C VAL A 92 7.68 7.75 -1.82
N VAL A 93 6.36 7.72 -1.76
CA VAL A 93 5.49 8.37 -2.74
C VAL A 93 4.93 9.64 -2.09
N ILE A 94 4.81 10.70 -2.85
CA ILE A 94 4.29 11.98 -2.33
C ILE A 94 2.99 12.32 -3.06
N LEU A 95 1.96 12.66 -2.29
CA LEU A 95 0.67 13.04 -2.85
C LEU A 95 0.31 14.43 -2.34
N ARG A 96 -0.28 15.26 -3.18
CA ARG A 96 -0.69 16.61 -2.80
C ARG A 96 -2.10 16.90 -3.26
N GLN A 97 -2.97 17.28 -2.32
CA GLN A 97 -4.35 17.68 -2.65
C GLN A 97 -4.37 19.14 -3.14
N MET A 1 -20.71 -29.12 36.78
CA MET A 1 -19.49 -28.83 35.97
C MET A 1 -18.28 -29.63 36.40
N GLY A 2 -18.43 -30.20 37.60
CA GLY A 2 -17.42 -31.05 38.22
C GLY A 2 -16.30 -30.27 38.84
N HIS A 3 -15.24 -30.98 39.21
CA HIS A 3 -14.07 -30.37 39.86
C HIS A 3 -12.84 -30.67 39.01
N HIS A 4 -12.97 -30.46 37.72
CA HIS A 4 -11.92 -30.79 36.77
C HIS A 4 -10.71 -29.87 36.93
N HIS A 5 -9.52 -30.46 36.86
CA HIS A 5 -8.27 -29.72 36.98
C HIS A 5 -7.36 -30.03 35.79
N HIS A 6 -7.76 -29.56 34.62
CA HIS A 6 -6.97 -29.73 33.40
C HIS A 6 -7.37 -28.57 32.50
N HIS A 7 -6.61 -28.35 31.43
CA HIS A 7 -6.90 -27.27 30.48
C HIS A 7 -6.71 -27.85 29.09
N HIS A 8 -7.33 -27.24 28.09
CA HIS A 8 -7.24 -27.72 26.71
C HIS A 8 -7.17 -26.55 25.74
N HIS A 9 -6.23 -26.61 24.81
CA HIS A 9 -6.06 -25.56 23.79
C HIS A 9 -5.32 -26.16 22.58
N HIS A 10 -6.01 -27.01 21.82
CA HIS A 10 -5.39 -27.69 20.68
C HIS A 10 -5.35 -26.80 19.43
N HIS A 11 -4.61 -25.70 19.51
CA HIS A 11 -4.47 -24.77 18.40
C HIS A 11 -3.00 -24.44 18.20
N HIS A 12 -2.54 -24.44 16.96
CA HIS A 12 -1.18 -23.99 16.67
C HIS A 12 -1.20 -22.47 16.74
N SER A 13 -0.15 -21.87 17.29
CA SER A 13 -0.11 -20.42 17.44
C SER A 13 0.25 -19.71 16.14
N SER A 14 0.98 -20.41 15.27
CA SER A 14 1.45 -19.85 14.01
C SER A 14 1.89 -21.01 13.13
N GLY A 15 2.31 -20.70 11.91
CA GLY A 15 2.86 -21.69 11.01
C GLY A 15 3.60 -20.91 9.94
N HIS A 16 4.58 -21.53 9.29
CA HIS A 16 5.36 -20.84 8.26
C HIS A 16 4.58 -20.87 6.95
N ILE A 17 4.60 -19.77 6.23
CA ILE A 17 3.93 -19.66 4.92
C ILE A 17 4.95 -19.05 3.99
N GLU A 18 4.68 -19.10 2.68
CA GLU A 18 5.59 -18.53 1.69
C GLU A 18 4.82 -17.55 0.80
N GLY A 19 5.52 -16.54 0.32
CA GLY A 19 4.90 -15.53 -0.52
C GLY A 19 5.78 -14.30 -0.52
N ARG A 20 5.34 -13.22 -1.15
CA ARG A 20 6.10 -11.98 -1.19
C ARG A 20 5.14 -10.83 -1.36
N HIS A 21 5.59 -9.64 -0.97
CA HIS A 21 4.87 -8.38 -1.17
C HIS A 21 5.95 -7.36 -0.86
N MET A 22 5.65 -6.08 -0.99
CA MET A 22 6.59 -5.02 -0.65
C MET A 22 5.83 -3.95 0.11
N LEU A 23 6.56 -3.13 0.85
CA LEU A 23 5.96 -2.07 1.67
C LEU A 23 6.45 -0.72 1.14
N LEU A 24 5.53 0.21 0.92
CA LEU A 24 5.87 1.54 0.42
C LEU A 24 5.39 2.57 1.41
N THR A 25 5.97 3.75 1.38
CA THR A 25 5.54 4.84 2.26
C THR A 25 4.84 5.89 1.42
N VAL A 26 3.76 6.44 1.94
CA VAL A 26 2.99 7.44 1.23
C VAL A 26 2.91 8.67 2.11
N TYR A 27 3.31 9.81 1.58
CA TYR A 27 3.21 11.08 2.30
C TYR A 27 2.15 11.90 1.58
N CYS A 28 1.12 12.35 2.29
CA CYS A 28 0.04 13.12 1.68
C CYS A 28 0.10 14.56 2.17
N VAL A 29 0.35 15.48 1.25
CA VAL A 29 0.47 16.90 1.57
C VAL A 29 -0.82 17.63 1.22
N ARG A 30 -1.34 18.40 2.17
CA ARG A 30 -2.49 19.26 1.92
C ARG A 30 -2.03 20.69 2.05
N ARG A 31 -2.68 21.59 1.31
CA ARG A 31 -2.31 23.02 1.31
C ARG A 31 -2.45 23.65 2.70
N ASP A 32 -3.35 23.10 3.50
CA ASP A 32 -3.65 23.64 4.83
C ASP A 32 -2.76 23.01 5.91
N LEU A 33 -1.62 22.44 5.48
CA LEU A 33 -0.62 21.80 6.37
C LEU A 33 -1.18 20.67 7.25
N SER A 34 -2.28 20.11 6.79
CA SER A 34 -2.96 18.97 7.43
C SER A 34 -2.33 17.64 7.01
N GLU A 35 -1.07 17.72 6.64
CA GLU A 35 -0.36 16.64 5.97
C GLU A 35 -0.05 15.47 6.92
N VAL A 36 0.05 14.28 6.35
CA VAL A 36 0.18 13.04 7.12
C VAL A 36 0.98 12.04 6.28
N THR A 37 1.56 11.04 6.91
CA THR A 37 2.25 9.98 6.19
C THR A 37 1.89 8.64 6.82
N PHE A 38 1.91 7.60 6.02
CA PHE A 38 1.55 6.25 6.45
C PHE A 38 2.22 5.29 5.46
N SER A 39 2.13 3.99 5.71
CA SER A 39 2.74 3.01 4.82
C SER A 39 1.69 2.02 4.34
N LEU A 40 1.90 1.47 3.15
CA LEU A 40 0.97 0.54 2.53
C LEU A 40 1.69 -0.67 1.98
N GLN A 41 1.02 -1.82 2.04
CA GLN A 41 1.57 -3.08 1.54
C GLN A 41 0.92 -3.39 0.19
N VAL A 42 1.76 -3.72 -0.79
CA VAL A 42 1.31 -3.97 -2.16
C VAL A 42 2.19 -5.07 -2.76
N ASP A 43 1.80 -5.65 -3.88
CA ASP A 43 2.67 -6.59 -4.60
C ASP A 43 3.55 -5.75 -5.54
N ALA A 44 4.60 -6.34 -6.08
CA ALA A 44 5.45 -5.63 -7.03
C ALA A 44 4.64 -5.27 -8.29
N ASP A 45 3.79 -6.18 -8.73
CA ASP A 45 3.03 -5.99 -9.98
C ASP A 45 1.67 -5.31 -9.73
N PHE A 46 1.52 -4.71 -8.56
CA PHE A 46 0.29 -4.00 -8.22
C PHE A 46 0.16 -2.78 -9.13
N GLU A 47 -1.02 -2.60 -9.73
CA GLU A 47 -1.25 -1.49 -10.66
C GLU A 47 -1.17 -0.15 -9.95
N LEU A 48 -0.77 0.89 -10.68
CA LEU A 48 -0.82 2.24 -10.16
C LEU A 48 -2.26 2.63 -9.86
N HIS A 49 -3.18 2.20 -10.72
CA HIS A 49 -4.60 2.54 -10.53
C HIS A 49 -5.14 1.91 -9.25
N ASN A 50 -4.64 0.74 -8.91
CA ASN A 50 -5.05 0.07 -7.69
C ASN A 50 -4.38 0.75 -6.48
N PHE A 51 -3.11 1.10 -6.64
CA PHE A 51 -2.36 1.77 -5.58
C PHE A 51 -2.94 3.13 -5.19
N ARG A 52 -3.31 3.93 -6.19
CA ARG A 52 -3.91 5.24 -5.89
C ARG A 52 -5.26 5.08 -5.21
N ALA A 53 -5.97 3.98 -5.48
CA ALA A 53 -7.25 3.73 -4.82
C ALA A 53 -6.99 3.32 -3.36
N LEU A 54 -5.93 2.56 -3.15
CA LEU A 54 -5.55 2.14 -1.79
C LEU A 54 -5.18 3.35 -0.94
N CYS A 55 -4.39 4.27 -1.46
CA CYS A 55 -4.02 5.45 -0.67
C CYS A 55 -5.21 6.40 -0.52
N GLU A 56 -6.15 6.37 -1.46
CA GLU A 56 -7.37 7.19 -1.36
C GLU A 56 -8.17 6.73 -0.15
N LEU A 57 -8.26 5.41 0.03
CA LEU A 57 -8.98 4.83 1.16
C LEU A 57 -8.35 5.20 2.49
N GLU A 58 -7.04 5.11 2.58
CA GLU A 58 -6.32 5.42 3.83
C GLU A 58 -6.38 6.90 4.19
N SER A 59 -6.35 7.77 3.18
CA SER A 59 -6.29 9.21 3.43
C SER A 59 -7.67 9.88 3.48
N GLY A 60 -8.69 9.22 2.94
CA GLY A 60 -10.05 9.74 3.02
C GLY A 60 -10.28 11.00 2.21
N ILE A 61 -9.60 11.14 1.08
CA ILE A 61 -9.73 12.33 0.24
C ILE A 61 -10.35 11.97 -1.11
N PRO A 62 -10.95 12.94 -1.81
CA PRO A 62 -11.22 12.61 -3.21
C PRO A 62 -9.90 12.59 -3.99
N ALA A 63 -9.49 11.43 -4.47
CA ALA A 63 -8.22 11.35 -5.21
C ALA A 63 -8.29 12.16 -6.50
N ALA A 64 -9.49 12.38 -6.99
CA ALA A 64 -9.72 13.19 -8.19
C ALA A 64 -9.19 14.63 -8.01
N GLU A 65 -9.10 15.08 -6.76
CA GLU A 65 -8.60 16.43 -6.46
C GLU A 65 -7.12 16.40 -6.07
N SER A 66 -6.45 15.30 -6.35
CA SER A 66 -5.05 15.15 -5.97
C SER A 66 -4.20 14.58 -7.09
N GLN A 67 -2.88 14.67 -6.90
CA GLN A 67 -1.92 14.08 -7.82
C GLN A 67 -0.91 13.35 -6.96
N ILE A 68 -0.29 12.31 -7.49
CA ILE A 68 0.67 11.51 -6.72
C ILE A 68 1.99 11.49 -7.50
N VAL A 69 3.08 11.73 -6.77
CA VAL A 69 4.39 11.99 -7.37
C VAL A 69 5.45 11.03 -6.83
N TYR A 70 6.30 10.52 -7.70
CA TYR A 70 7.43 9.66 -7.33
C TYR A 70 8.63 10.10 -8.15
N ALA A 71 9.81 10.11 -7.52
CA ALA A 71 11.05 10.56 -8.17
C ALA A 71 10.85 11.94 -8.84
N GLU A 72 10.17 12.82 -8.11
CA GLU A 72 9.82 14.20 -8.54
C GLU A 72 8.93 14.31 -9.78
N ARG A 73 8.44 13.19 -10.30
CA ARG A 73 7.60 13.18 -11.51
C ARG A 73 6.20 12.64 -11.21
N PRO A 74 5.16 13.19 -11.85
CA PRO A 74 3.84 12.66 -11.51
C PRO A 74 3.62 11.25 -12.05
N LEU A 75 2.87 10.47 -11.30
CA LEU A 75 2.57 9.08 -11.62
C LEU A 75 1.25 9.03 -12.40
N THR A 76 1.31 9.26 -13.70
CA THR A 76 0.10 9.38 -14.53
C THR A 76 -0.23 8.18 -15.41
N ASP A 77 0.73 7.30 -15.65
CA ASP A 77 0.48 6.13 -16.51
C ASP A 77 -0.06 5.00 -15.62
N ASN A 78 -1.35 5.07 -15.33
CA ASN A 78 -1.97 4.19 -14.35
C ASN A 78 -2.03 2.72 -14.76
N HIS A 79 -1.78 2.42 -16.02
CA HIS A 79 -1.78 1.05 -16.53
C HIS A 79 -0.55 0.29 -16.00
N ARG A 80 0.50 1.03 -15.67
CA ARG A 80 1.74 0.41 -15.23
C ARG A 80 1.64 -0.09 -13.81
N SER A 81 2.37 -1.16 -13.54
CA SER A 81 2.52 -1.63 -12.19
C SER A 81 3.60 -0.80 -11.52
N LEU A 82 3.66 -0.83 -10.20
CA LEU A 82 4.62 -0.03 -9.45
C LEU A 82 6.06 -0.48 -9.72
N ALA A 83 6.24 -1.76 -10.02
CA ALA A 83 7.55 -2.29 -10.40
C ALA A 83 8.06 -1.63 -11.70
N SER A 84 7.14 -1.23 -12.58
CA SER A 84 7.53 -0.56 -13.82
C SER A 84 8.09 0.84 -13.56
N TYR A 85 7.83 1.38 -12.38
CA TYR A 85 8.39 2.69 -12.00
C TYR A 85 9.59 2.47 -11.09
N GLY A 86 9.82 1.23 -10.70
CA GLY A 86 10.92 0.91 -9.81
C GLY A 86 10.59 1.18 -8.35
N LEU A 87 9.32 1.10 -7.96
CA LEU A 87 8.96 1.30 -6.56
C LEU A 87 9.47 0.14 -5.71
N LYS A 88 10.70 0.26 -5.27
CA LYS A 88 11.33 -0.71 -4.37
C LYS A 88 10.72 -0.58 -2.99
N ASP A 89 10.83 -1.62 -2.19
CA ASP A 89 10.36 -1.56 -0.82
C ASP A 89 11.09 -0.45 -0.08
N GLY A 90 10.32 0.38 0.62
CA GLY A 90 10.88 1.51 1.33
C GLY A 90 10.80 2.81 0.56
N ASP A 91 10.52 2.76 -0.74
CA ASP A 91 10.39 3.99 -1.52
C ASP A 91 9.19 4.80 -1.02
N VAL A 92 9.29 6.11 -1.15
CA VAL A 92 8.26 7.03 -0.65
C VAL A 92 7.59 7.74 -1.83
N VAL A 93 6.28 7.85 -1.81
CA VAL A 93 5.56 8.64 -2.83
C VAL A 93 4.95 9.85 -2.15
N ILE A 94 4.81 10.93 -2.88
CA ILE A 94 4.29 12.18 -2.33
C ILE A 94 3.00 12.54 -3.04
N LEU A 95 1.90 12.34 -2.34
CA LEU A 95 0.59 12.70 -2.84
C LEU A 95 0.40 14.16 -2.47
N ARG A 96 -0.11 14.95 -3.41
CA ARG A 96 -0.29 16.38 -3.22
C ARG A 96 -1.73 16.74 -3.56
N GLN A 97 -2.45 17.25 -2.57
CA GLN A 97 -3.85 17.69 -2.72
C GLN A 97 -3.93 19.22 -2.77
N MET A 1 -35.54 -38.88 20.12
CA MET A 1 -35.33 -37.42 20.06
C MET A 1 -35.13 -36.90 18.64
N GLY A 2 -35.71 -35.72 18.37
CA GLY A 2 -35.56 -35.03 17.10
C GLY A 2 -35.50 -33.55 17.41
N HIS A 3 -35.09 -32.73 16.46
CA HIS A 3 -34.94 -31.30 16.68
C HIS A 3 -35.65 -30.51 15.60
N HIS A 4 -36.43 -29.52 16.01
CA HIS A 4 -37.16 -28.66 15.07
C HIS A 4 -36.95 -27.21 15.48
N HIS A 5 -36.01 -27.00 16.38
CA HIS A 5 -35.70 -25.69 16.93
C HIS A 5 -34.20 -25.54 16.78
N HIS A 6 -33.73 -24.33 16.53
CA HIS A 6 -32.31 -24.09 16.24
C HIS A 6 -31.78 -22.89 16.99
N HIS A 7 -30.47 -22.82 17.15
CA HIS A 7 -29.83 -21.70 17.83
C HIS A 7 -29.57 -20.59 16.82
N HIS A 8 -29.59 -19.35 17.28
CA HIS A 8 -29.41 -18.19 16.41
C HIS A 8 -28.38 -17.27 17.04
N HIS A 9 -28.04 -16.18 16.36
CA HIS A 9 -27.07 -15.18 16.85
C HIS A 9 -25.68 -15.79 17.10
N HIS A 10 -25.27 -16.70 16.23
CA HIS A 10 -23.95 -17.33 16.33
C HIS A 10 -23.29 -17.24 14.96
N HIS A 11 -22.02 -16.85 14.95
CA HIS A 11 -21.27 -16.69 13.70
C HIS A 11 -19.79 -16.94 13.97
N HIS A 12 -19.11 -17.56 13.02
CA HIS A 12 -17.67 -17.81 13.13
C HIS A 12 -17.09 -17.85 11.71
N SER A 13 -16.02 -17.10 11.49
CA SER A 13 -15.34 -17.07 10.19
C SER A 13 -13.85 -16.89 10.47
N SER A 14 -13.00 -17.24 9.51
CA SER A 14 -11.55 -17.07 9.62
C SER A 14 -11.02 -16.95 8.20
N GLY A 15 -9.88 -16.31 8.03
CA GLY A 15 -9.30 -16.12 6.71
C GLY A 15 -7.96 -15.42 6.79
N HIS A 16 -6.91 -16.18 7.05
CA HIS A 16 -5.57 -15.60 7.18
C HIS A 16 -4.95 -15.47 5.79
N ILE A 17 -4.17 -14.42 5.59
CA ILE A 17 -3.48 -14.17 4.33
C ILE A 17 -2.04 -13.84 4.72
N GLU A 18 -1.08 -14.51 4.11
CA GLU A 18 0.33 -14.29 4.41
C GLU A 18 1.13 -14.50 3.12
N GLY A 19 2.35 -13.98 3.09
CA GLY A 19 3.19 -14.10 1.91
C GLY A 19 4.16 -12.94 1.83
N ARG A 20 4.91 -12.84 0.74
CA ARG A 20 5.84 -11.73 0.55
C ARG A 20 5.10 -10.62 -0.17
N HIS A 21 5.31 -9.39 0.27
CA HIS A 21 4.72 -8.21 -0.36
C HIS A 21 5.78 -7.12 -0.21
N MET A 22 5.57 -6.00 -0.88
CA MET A 22 6.44 -4.84 -0.73
C MET A 22 5.76 -3.88 0.24
N LEU A 23 6.52 -2.99 0.82
CA LEU A 23 5.98 -1.96 1.71
C LEU A 23 6.47 -0.62 1.20
N LEU A 24 5.55 0.30 0.94
CA LEU A 24 5.89 1.61 0.41
C LEU A 24 5.39 2.66 1.38
N THR A 25 6.02 3.82 1.39
CA THR A 25 5.58 4.92 2.26
C THR A 25 4.90 5.96 1.40
N VAL A 26 3.77 6.48 1.85
CA VAL A 26 3.06 7.53 1.13
C VAL A 26 2.95 8.73 2.05
N TYR A 27 3.37 9.88 1.56
CA TYR A 27 3.33 11.12 2.34
C TYR A 27 2.27 12.03 1.70
N CYS A 28 1.16 12.23 2.40
CA CYS A 28 0.06 13.03 1.88
C CYS A 28 0.14 14.45 2.43
N VAL A 29 0.28 15.42 1.54
CA VAL A 29 0.43 16.81 1.93
C VAL A 29 -0.86 17.59 1.65
N ARG A 30 -1.39 18.23 2.69
CA ARG A 30 -2.52 19.15 2.55
C ARG A 30 -1.98 20.54 2.76
N ARG A 31 -2.51 21.52 2.03
CA ARG A 31 -2.03 22.91 2.14
C ARG A 31 -2.27 23.51 3.52
N ASP A 32 -3.18 22.90 4.26
CA ASP A 32 -3.59 23.37 5.58
C ASP A 32 -2.75 22.71 6.70
N LEU A 33 -1.56 22.25 6.32
CA LEU A 33 -0.59 21.57 7.24
C LEU A 33 -1.19 20.36 7.96
N SER A 34 -2.22 19.80 7.35
CA SER A 34 -2.91 18.61 7.86
C SER A 34 -2.27 17.36 7.28
N GLU A 35 -1.01 17.49 6.93
CA GLU A 35 -0.28 16.46 6.22
C GLU A 35 0.02 15.28 7.13
N VAL A 36 0.08 14.09 6.54
CA VAL A 36 0.23 12.84 7.28
C VAL A 36 1.00 11.90 6.37
N THR A 37 1.65 10.90 6.96
CA THR A 37 2.33 9.88 6.17
C THR A 37 1.95 8.54 6.76
N PHE A 38 1.88 7.53 5.91
CA PHE A 38 1.45 6.20 6.29
C PHE A 38 2.13 5.24 5.33
N SER A 39 2.07 3.95 5.63
CA SER A 39 2.70 2.95 4.78
C SER A 39 1.63 2.05 4.18
N LEU A 40 1.86 1.59 2.97
CA LEU A 40 0.93 0.70 2.29
C LEU A 40 1.65 -0.56 1.89
N GLN A 41 0.93 -1.67 1.99
CA GLN A 41 1.46 -2.99 1.61
C GLN A 41 0.88 -3.32 0.25
N VAL A 42 1.75 -3.66 -0.69
CA VAL A 42 1.35 -3.91 -2.08
C VAL A 42 2.11 -5.09 -2.64
N ASP A 43 1.62 -5.69 -3.70
CA ASP A 43 2.36 -6.74 -4.39
C ASP A 43 3.42 -6.08 -5.26
N ALA A 44 4.38 -6.86 -5.75
CA ALA A 44 5.40 -6.33 -6.64
C ALA A 44 4.78 -5.82 -7.95
N ASP A 45 3.84 -6.58 -8.48
CA ASP A 45 3.24 -6.24 -9.77
C ASP A 45 1.90 -5.52 -9.60
N PHE A 46 1.69 -4.97 -8.42
CA PHE A 46 0.45 -4.26 -8.11
C PHE A 46 0.27 -3.05 -9.04
N GLU A 47 -0.93 -2.90 -9.58
CA GLU A 47 -1.23 -1.85 -10.56
C GLU A 47 -1.17 -0.47 -9.93
N LEU A 48 -0.74 0.52 -10.72
CA LEU A 48 -0.78 1.90 -10.26
C LEU A 48 -2.22 2.31 -10.01
N HIS A 49 -3.15 1.83 -10.83
CA HIS A 49 -4.56 2.20 -10.65
C HIS A 49 -5.05 1.82 -9.27
N ASN A 50 -4.75 0.59 -8.85
CA ASN A 50 -5.17 0.11 -7.55
C ASN A 50 -4.36 0.77 -6.44
N PHE A 51 -3.13 1.14 -6.70
CA PHE A 51 -2.32 1.85 -5.71
C PHE A 51 -2.93 3.22 -5.38
N ARG A 52 -3.44 3.92 -6.39
CA ARG A 52 -4.08 5.21 -6.14
C ARG A 52 -5.32 5.00 -5.33
N ALA A 53 -6.05 3.96 -5.67
CA ALA A 53 -7.27 3.62 -4.92
C ALA A 53 -6.95 3.33 -3.44
N LEU A 54 -5.87 2.61 -3.17
CA LEU A 54 -5.47 2.33 -1.79
C LEU A 54 -5.10 3.61 -1.05
N CYS A 55 -4.31 4.48 -1.67
CA CYS A 55 -3.88 5.70 -0.99
C CYS A 55 -5.03 6.68 -0.81
N GLU A 56 -6.04 6.61 -1.68
CA GLU A 56 -7.23 7.44 -1.54
C GLU A 56 -7.98 7.01 -0.29
N LEU A 57 -8.16 5.69 -0.16
CA LEU A 57 -8.88 5.12 0.97
C LEU A 57 -8.16 5.35 2.30
N GLU A 58 -6.85 5.13 2.32
CA GLU A 58 -6.06 5.25 3.55
C GLU A 58 -5.96 6.70 4.02
N SER A 59 -5.95 7.63 3.08
CA SER A 59 -5.83 9.05 3.40
C SER A 59 -7.20 9.70 3.65
N GLY A 60 -8.26 9.15 3.08
CA GLY A 60 -9.60 9.66 3.32
C GLY A 60 -9.91 10.97 2.61
N ILE A 61 -9.32 11.17 1.44
CA ILE A 61 -9.49 12.41 0.67
C ILE A 61 -9.91 12.08 -0.77
N PRO A 62 -10.65 12.97 -1.44
CA PRO A 62 -11.01 12.62 -2.82
C PRO A 62 -9.82 12.60 -3.78
N ALA A 63 -9.72 11.57 -4.60
CA ALA A 63 -8.65 11.49 -5.61
C ALA A 63 -8.81 12.61 -6.65
N ALA A 64 -10.03 13.10 -6.82
CA ALA A 64 -10.32 14.16 -7.78
C ALA A 64 -9.60 15.47 -7.40
N GLU A 65 -9.32 15.64 -6.12
CA GLU A 65 -8.67 16.85 -5.61
C GLU A 65 -7.19 16.59 -5.35
N SER A 66 -6.71 15.45 -5.82
CA SER A 66 -5.38 14.99 -5.48
C SER A 66 -4.51 14.60 -6.68
N GLN A 67 -3.21 14.82 -6.51
CA GLN A 67 -2.23 14.41 -7.51
C GLN A 67 -1.16 13.61 -6.79
N ILE A 68 -0.61 12.63 -7.48
CA ILE A 68 0.34 11.69 -6.89
C ILE A 68 1.67 11.77 -7.68
N VAL A 69 2.76 11.86 -6.94
CA VAL A 69 4.09 12.16 -7.47
C VAL A 69 5.15 11.22 -6.88
N TYR A 70 6.03 10.71 -7.72
CA TYR A 70 7.12 9.84 -7.30
C TYR A 70 8.35 10.26 -8.08
N ALA A 71 9.51 10.30 -7.42
CA ALA A 71 10.76 10.79 -8.03
C ALA A 71 10.55 12.18 -8.65
N GLU A 72 9.80 13.02 -7.94
CA GLU A 72 9.42 14.39 -8.36
C GLU A 72 8.63 14.47 -9.67
N ARG A 73 8.14 13.34 -10.19
CA ARG A 73 7.35 13.33 -11.43
C ARG A 73 5.97 12.72 -11.17
N PRO A 74 4.92 13.28 -11.82
CA PRO A 74 3.60 12.67 -11.55
C PRO A 74 3.49 11.23 -12.03
N LEU A 75 2.72 10.43 -11.31
CA LEU A 75 2.45 9.04 -11.68
C LEU A 75 1.17 9.03 -12.51
N THR A 76 1.26 8.60 -13.77
CA THR A 76 0.14 8.72 -14.70
C THR A 76 -0.32 7.46 -15.45
N ASP A 77 0.56 6.48 -15.62
CA ASP A 77 0.21 5.28 -16.39
C ASP A 77 -0.47 4.25 -15.48
N ASN A 78 -1.79 4.24 -15.49
CA ASN A 78 -2.56 3.38 -14.61
C ASN A 78 -2.35 1.88 -14.87
N HIS A 79 -1.89 1.52 -16.06
CA HIS A 79 -1.72 0.12 -16.44
C HIS A 79 -0.39 -0.44 -15.93
N ARG A 80 0.54 0.44 -15.63
CA ARG A 80 1.86 0.00 -15.19
C ARG A 80 1.80 -0.47 -13.77
N SER A 81 2.59 -1.47 -13.45
CA SER A 81 2.73 -1.92 -12.08
C SER A 81 3.74 -1.00 -11.40
N LEU A 82 3.74 -1.03 -10.08
CA LEU A 82 4.65 -0.18 -9.31
C LEU A 82 6.12 -0.58 -9.53
N ALA A 83 6.35 -1.88 -9.71
CA ALA A 83 7.70 -2.37 -10.01
C ALA A 83 8.19 -1.82 -11.35
N SER A 84 7.27 -1.56 -12.27
CA SER A 84 7.62 -0.98 -13.57
C SER A 84 8.09 0.46 -13.46
N TYR A 85 7.81 1.11 -12.32
CA TYR A 85 8.30 2.46 -12.05
C TYR A 85 9.52 2.39 -11.14
N GLY A 86 9.81 1.21 -10.64
CA GLY A 86 10.92 1.02 -9.73
C GLY A 86 10.58 1.29 -8.28
N LEU A 87 9.29 1.26 -7.92
CA LEU A 87 8.89 1.46 -6.52
C LEU A 87 9.26 0.22 -5.70
N LYS A 88 10.50 0.16 -5.28
CA LYS A 88 10.99 -0.94 -4.45
C LYS A 88 10.52 -0.73 -3.01
N ASP A 89 10.55 -1.80 -2.23
CA ASP A 89 10.20 -1.72 -0.83
C ASP A 89 11.08 -0.68 -0.14
N GLY A 90 10.44 0.23 0.59
CA GLY A 90 11.15 1.32 1.25
C GLY A 90 11.08 2.65 0.51
N ASP A 91 10.62 2.66 -0.74
CA ASP A 91 10.51 3.93 -1.49
C ASP A 91 9.35 4.79 -0.97
N VAL A 92 9.39 6.08 -1.30
CA VAL A 92 8.42 7.05 -0.79
C VAL A 92 7.69 7.77 -1.93
N VAL A 93 6.37 7.82 -1.83
CA VAL A 93 5.52 8.50 -2.81
C VAL A 93 4.91 9.73 -2.16
N ILE A 94 4.87 10.84 -2.88
CA ILE A 94 4.31 12.08 -2.34
C ILE A 94 2.94 12.31 -2.99
N LEU A 95 1.94 12.52 -2.16
CA LEU A 95 0.58 12.78 -2.63
C LEU A 95 0.27 14.21 -2.21
N ARG A 96 -0.30 15.01 -3.09
CA ARG A 96 -0.62 16.41 -2.77
C ARG A 96 -2.08 16.68 -3.10
N GLN A 97 -2.82 17.08 -2.08
CA GLN A 97 -4.26 17.41 -2.19
C GLN A 97 -4.46 18.93 -2.26
N MET A 1 -17.78 -49.73 19.91
CA MET A 1 -18.57 -48.85 19.02
C MET A 1 -19.87 -48.38 19.66
N GLY A 2 -20.55 -47.43 19.00
CA GLY A 2 -21.82 -46.90 19.50
C GLY A 2 -21.64 -45.87 20.59
N HIS A 3 -20.45 -45.30 20.70
CA HIS A 3 -20.15 -44.30 21.72
C HIS A 3 -19.86 -42.97 21.05
N HIS A 4 -20.37 -41.89 21.63
CA HIS A 4 -20.27 -40.55 21.03
C HIS A 4 -19.45 -39.60 21.90
N HIS A 5 -18.15 -39.87 22.00
CA HIS A 5 -17.24 -38.99 22.72
C HIS A 5 -16.43 -38.22 21.69
N HIS A 6 -16.31 -36.93 21.86
CA HIS A 6 -15.62 -36.07 20.90
C HIS A 6 -14.55 -35.25 21.62
N HIS A 7 -13.35 -35.22 21.06
CA HIS A 7 -12.21 -34.58 21.71
C HIS A 7 -11.35 -33.83 20.68
N HIS A 8 -11.81 -32.65 20.29
CA HIS A 8 -11.08 -31.86 19.29
C HIS A 8 -9.79 -31.28 19.85
N HIS A 9 -9.86 -30.69 21.04
CA HIS A 9 -8.69 -30.11 21.73
C HIS A 9 -7.91 -29.12 20.84
N HIS A 10 -8.64 -28.17 20.25
CA HIS A 10 -8.08 -27.16 19.33
C HIS A 10 -7.51 -27.82 18.07
N HIS A 11 -6.54 -27.17 17.43
CA HIS A 11 -5.95 -27.67 16.20
C HIS A 11 -4.59 -27.00 16.04
N HIS A 12 -3.88 -27.35 14.98
CA HIS A 12 -2.64 -26.69 14.62
C HIS A 12 -2.76 -26.45 13.12
N SER A 13 -1.92 -25.57 12.58
CA SER A 13 -1.96 -25.26 11.16
C SER A 13 -0.56 -24.96 10.63
N SER A 14 0.05 -23.92 11.20
CA SER A 14 1.39 -23.45 10.80
C SER A 14 1.43 -23.03 9.33
N GLY A 15 2.60 -22.66 8.83
CA GLY A 15 2.72 -22.22 7.45
C GLY A 15 2.14 -20.83 7.19
N HIS A 16 1.85 -20.11 8.27
CA HIS A 16 1.29 -18.77 8.19
C HIS A 16 2.39 -17.75 7.91
N ILE A 17 2.84 -17.70 6.65
CA ILE A 17 3.91 -16.80 6.22
C ILE A 17 3.50 -16.22 4.86
N GLU A 18 4.19 -15.17 4.45
CA GLU A 18 4.00 -14.56 3.14
C GLU A 18 5.30 -13.79 2.89
N GLY A 19 5.56 -13.43 1.64
CA GLY A 19 6.76 -12.69 1.32
C GLY A 19 6.81 -12.21 -0.12
N ARG A 20 5.66 -12.07 -0.77
CA ARG A 20 5.61 -11.61 -2.17
C ARG A 20 4.99 -10.23 -2.27
N HIS A 21 4.91 -9.55 -1.15
CA HIS A 21 4.36 -8.21 -1.09
C HIS A 21 5.48 -7.32 -0.55
N MET A 22 5.35 -6.02 -0.76
CA MET A 22 6.38 -5.05 -0.39
C MET A 22 5.73 -3.88 0.33
N LEU A 23 6.54 -3.08 1.02
CA LEU A 23 6.05 -1.95 1.81
C LEU A 23 6.46 -0.63 1.17
N LEU A 24 5.48 0.20 0.83
CA LEU A 24 5.74 1.53 0.27
C LEU A 24 5.28 2.59 1.24
N THR A 25 6.01 3.69 1.32
CA THR A 25 5.63 4.81 2.18
C THR A 25 4.87 5.83 1.34
N VAL A 26 3.79 6.37 1.89
CA VAL A 26 2.99 7.36 1.18
C VAL A 26 2.87 8.60 2.08
N TYR A 27 3.19 9.75 1.51
CA TYR A 27 3.16 11.02 2.22
C TYR A 27 2.19 11.96 1.52
N CYS A 28 1.05 12.19 2.14
CA CYS A 28 0.01 13.03 1.56
C CYS A 28 0.08 14.42 2.15
N VAL A 29 0.03 15.43 1.31
CA VAL A 29 0.18 16.82 1.73
C VAL A 29 -0.99 17.67 1.27
N ARG A 30 -1.51 18.51 2.16
CA ARG A 30 -2.51 19.51 1.79
C ARG A 30 -1.86 20.85 2.00
N ARG A 31 -2.33 21.86 1.28
CA ARG A 31 -1.76 23.21 1.43
C ARG A 31 -1.99 23.72 2.85
N ASP A 32 -3.10 23.29 3.43
CA ASP A 32 -3.55 23.69 4.75
C ASP A 32 -2.88 22.92 5.89
N LEU A 33 -1.74 22.29 5.60
CA LEU A 33 -0.93 21.51 6.57
C LEU A 33 -1.68 20.35 7.22
N SER A 34 -2.68 19.84 6.50
CA SER A 34 -3.44 18.66 6.93
C SER A 34 -2.72 17.37 6.53
N GLU A 35 -1.42 17.48 6.39
CA GLU A 35 -0.58 16.42 5.84
C GLU A 35 -0.40 15.23 6.80
N VAL A 36 -0.17 14.06 6.22
CA VAL A 36 -0.05 12.82 6.98
C VAL A 36 0.86 11.88 6.18
N THR A 37 1.55 10.97 6.86
CA THR A 37 2.40 10.00 6.19
C THR A 37 2.13 8.64 6.83
N PHE A 38 2.13 7.60 6.01
CA PHE A 38 1.77 6.25 6.43
C PHE A 38 2.44 5.28 5.44
N SER A 39 2.22 3.99 5.61
CA SER A 39 2.80 3.00 4.70
C SER A 39 1.75 1.97 4.30
N LEU A 40 1.91 1.41 3.11
CA LEU A 40 0.97 0.43 2.57
C LEU A 40 1.70 -0.82 2.12
N GLN A 41 1.05 -1.96 2.26
CA GLN A 41 1.60 -3.23 1.82
C GLN A 41 0.88 -3.64 0.53
N VAL A 42 1.63 -3.82 -0.54
CA VAL A 42 1.08 -4.06 -1.87
C VAL A 42 1.95 -5.05 -2.63
N ASP A 43 1.42 -5.61 -3.71
CA ASP A 43 2.17 -6.53 -4.58
C ASP A 43 3.12 -5.68 -5.44
N ALA A 44 4.19 -6.28 -5.95
CA ALA A 44 5.09 -5.57 -6.85
C ALA A 44 4.37 -5.28 -8.17
N ASP A 45 3.46 -6.17 -8.54
CA ASP A 45 2.72 -6.07 -9.80
C ASP A 45 1.44 -5.22 -9.68
N PHE A 46 1.24 -4.65 -8.50
CA PHE A 46 0.04 -3.84 -8.24
C PHE A 46 0.02 -2.62 -9.17
N GLU A 47 -1.10 -2.38 -9.82
CA GLU A 47 -1.22 -1.26 -10.76
C GLU A 47 -1.19 0.06 -10.00
N LEU A 48 -0.69 1.11 -10.63
CA LEU A 48 -0.72 2.43 -10.01
C LEU A 48 -2.15 2.91 -9.83
N HIS A 49 -3.05 2.48 -10.70
CA HIS A 49 -4.46 2.83 -10.58
C HIS A 49 -5.06 2.22 -9.32
N ASN A 50 -4.67 1.00 -9.01
CA ASN A 50 -5.15 0.33 -7.82
C ASN A 50 -4.42 0.90 -6.58
N PHE A 51 -3.15 1.21 -6.76
CA PHE A 51 -2.35 1.79 -5.68
C PHE A 51 -2.90 3.12 -5.21
N ARG A 52 -3.26 4.00 -6.13
CA ARG A 52 -3.83 5.29 -5.74
C ARG A 52 -5.19 5.11 -5.07
N ALA A 53 -5.91 4.06 -5.41
CA ALA A 53 -7.19 3.77 -4.78
C ALA A 53 -6.96 3.33 -3.33
N LEU A 54 -5.93 2.54 -3.09
CA LEU A 54 -5.58 2.14 -1.73
C LEU A 54 -5.12 3.36 -0.93
N CYS A 55 -4.39 4.27 -1.58
CA CYS A 55 -3.97 5.51 -0.93
C CYS A 55 -5.19 6.36 -0.57
N GLU A 56 -6.17 6.41 -1.46
CA GLU A 56 -7.39 7.17 -1.23
C GLU A 56 -8.13 6.63 -0.02
N LEU A 57 -8.15 5.31 0.11
CA LEU A 57 -8.83 4.63 1.22
C LEU A 57 -8.22 5.03 2.57
N GLU A 58 -6.91 5.02 2.65
CA GLU A 58 -6.21 5.36 3.89
C GLU A 58 -6.26 6.85 4.20
N SER A 59 -6.21 7.68 3.16
CA SER A 59 -6.10 9.12 3.34
C SER A 59 -7.43 9.86 3.45
N GLY A 60 -8.50 9.30 2.90
CA GLY A 60 -9.80 9.96 2.93
C GLY A 60 -9.83 11.26 2.14
N ILE A 61 -9.06 11.32 1.06
CA ILE A 61 -8.97 12.54 0.25
C ILE A 61 -9.59 12.35 -1.14
N PRO A 62 -10.20 13.39 -1.72
CA PRO A 62 -10.70 13.20 -3.09
C PRO A 62 -9.58 13.08 -4.11
N ALA A 63 -9.55 11.96 -4.84
CA ALA A 63 -8.51 11.76 -5.85
C ALA A 63 -8.58 12.82 -6.94
N ALA A 64 -9.77 13.30 -7.23
CA ALA A 64 -9.99 14.31 -8.27
C ALA A 64 -9.28 15.64 -7.96
N GLU A 65 -9.03 15.89 -6.68
CA GLU A 65 -8.42 17.15 -6.25
C GLU A 65 -6.94 16.94 -5.89
N SER A 66 -6.39 15.81 -6.34
CA SER A 66 -5.02 15.46 -6.00
C SER A 66 -4.17 14.99 -7.16
N GLN A 67 -2.86 14.99 -6.94
CA GLN A 67 -1.89 14.45 -7.89
C GLN A 67 -0.94 13.58 -7.10
N ILE A 68 -0.34 12.59 -7.75
CA ILE A 68 0.57 11.65 -7.08
C ILE A 68 1.93 11.67 -7.82
N VAL A 69 2.99 11.77 -7.04
CA VAL A 69 4.35 12.05 -7.53
C VAL A 69 5.37 11.11 -6.87
N TYR A 70 6.29 10.59 -7.67
CA TYR A 70 7.36 9.73 -7.17
C TYR A 70 8.62 10.10 -7.95
N ALA A 71 9.78 10.08 -7.28
CA ALA A 71 11.05 10.47 -7.89
C ALA A 71 10.94 11.87 -8.53
N GLU A 72 10.22 12.75 -7.83
CA GLU A 72 9.94 14.14 -8.25
C GLU A 72 9.22 14.26 -9.61
N ARG A 73 8.61 13.19 -10.09
CA ARG A 73 7.86 13.23 -11.35
C ARG A 73 6.44 12.66 -11.16
N PRO A 74 5.45 13.23 -11.86
CA PRO A 74 4.11 12.67 -11.64
C PRO A 74 3.95 11.29 -12.27
N LEU A 75 3.16 10.45 -11.60
CA LEU A 75 2.91 9.10 -12.09
C LEU A 75 1.68 9.15 -13.02
N THR A 76 1.91 9.61 -14.25
CA THR A 76 0.81 9.86 -15.18
C THR A 76 0.21 8.59 -15.79
N ASP A 77 1.01 7.55 -15.94
CA ASP A 77 0.52 6.30 -16.50
C ASP A 77 0.12 5.38 -15.36
N ASN A 78 -1.18 5.29 -15.12
CA ASN A 78 -1.68 4.52 -13.98
C ASN A 78 -1.85 3.04 -14.30
N HIS A 79 -1.72 2.67 -15.56
CA HIS A 79 -1.89 1.26 -15.98
C HIS A 79 -0.62 0.47 -15.67
N ARG A 80 0.47 1.19 -15.45
CA ARG A 80 1.74 0.56 -15.13
C ARG A 80 1.71 0.04 -13.71
N SER A 81 2.42 -1.04 -13.47
CA SER A 81 2.58 -1.57 -12.13
C SER A 81 3.66 -0.76 -11.41
N LEU A 82 3.71 -0.89 -10.10
CA LEU A 82 4.70 -0.19 -9.28
C LEU A 82 6.12 -0.59 -9.69
N ALA A 83 6.29 -1.88 -10.00
CA ALA A 83 7.57 -2.40 -10.46
C ALA A 83 8.06 -1.70 -11.73
N SER A 84 7.14 -1.23 -12.57
CA SER A 84 7.52 -0.56 -13.82
C SER A 84 8.13 0.82 -13.56
N TYR A 85 7.90 1.38 -12.39
CA TYR A 85 8.52 2.66 -12.02
C TYR A 85 9.72 2.41 -11.10
N GLY A 86 9.91 1.15 -10.73
CA GLY A 86 10.98 0.80 -9.80
C GLY A 86 10.59 1.12 -8.37
N LEU A 87 9.29 1.23 -8.12
CA LEU A 87 8.79 1.53 -6.77
C LEU A 87 8.95 0.32 -5.89
N LYS A 88 10.14 0.17 -5.34
CA LYS A 88 10.50 -0.96 -4.47
C LYS A 88 10.18 -0.70 -3.02
N ASP A 89 10.32 -1.73 -2.20
CA ASP A 89 10.14 -1.63 -0.76
C ASP A 89 11.05 -0.54 -0.20
N GLY A 90 10.45 0.37 0.55
CA GLY A 90 11.19 1.49 1.13
C GLY A 90 11.03 2.80 0.38
N ASP A 91 10.55 2.77 -0.86
CA ASP A 91 10.36 4.01 -1.61
C ASP A 91 9.24 4.86 -1.00
N VAL A 92 9.30 6.15 -1.25
CA VAL A 92 8.33 7.11 -0.71
C VAL A 92 7.59 7.78 -1.86
N VAL A 93 6.26 7.76 -1.81
CA VAL A 93 5.43 8.38 -2.82
C VAL A 93 4.79 9.61 -2.19
N ILE A 94 4.82 10.74 -2.89
CA ILE A 94 4.28 11.98 -2.37
C ILE A 94 2.99 12.32 -3.10
N LEU A 95 1.93 12.54 -2.35
CA LEU A 95 0.63 12.90 -2.91
C LEU A 95 0.32 14.32 -2.47
N ARG A 96 -0.19 15.14 -3.37
CA ARG A 96 -0.57 16.52 -3.03
C ARG A 96 -2.02 16.74 -3.38
N GLN A 97 -2.81 17.14 -2.39
CA GLN A 97 -4.25 17.41 -2.56
C GLN A 97 -4.55 18.90 -2.32
N MET A 1 -37.34 -37.49 36.24
CA MET A 1 -37.96 -38.41 35.25
C MET A 1 -37.45 -38.15 33.83
N GLY A 2 -36.37 -37.38 33.80
CA GLY A 2 -35.67 -37.02 32.58
C GLY A 2 -34.92 -35.71 32.74
N HIS A 3 -34.03 -35.43 31.81
CA HIS A 3 -33.21 -34.23 31.84
C HIS A 3 -32.66 -34.06 30.41
N HIS A 4 -32.17 -32.88 30.08
CA HIS A 4 -31.61 -32.64 28.75
C HIS A 4 -30.55 -31.54 28.83
N HIS A 5 -29.46 -31.73 28.11
CA HIS A 5 -28.36 -30.76 28.05
C HIS A 5 -27.60 -30.99 26.76
N HIS A 6 -27.20 -29.91 26.09
CA HIS A 6 -26.39 -30.00 24.88
C HIS A 6 -25.55 -28.74 24.77
N HIS A 7 -24.39 -28.84 24.12
CA HIS A 7 -23.55 -27.68 23.87
C HIS A 7 -22.66 -27.99 22.67
N HIS A 8 -22.57 -27.08 21.72
CA HIS A 8 -21.77 -27.30 20.51
C HIS A 8 -21.10 -25.99 20.11
N HIS A 9 -20.01 -26.08 19.36
CA HIS A 9 -19.32 -24.91 18.83
C HIS A 9 -18.62 -25.33 17.54
N HIS A 10 -18.67 -24.50 16.51
CA HIS A 10 -18.13 -24.86 15.20
C HIS A 10 -16.61 -24.66 15.09
N HIS A 11 -16.09 -23.66 15.81
CA HIS A 11 -14.66 -23.34 15.82
C HIS A 11 -14.05 -23.12 14.41
N HIS A 12 -14.57 -22.14 13.69
CA HIS A 12 -14.00 -21.77 12.40
C HIS A 12 -12.59 -21.22 12.62
N SER A 13 -11.71 -21.39 11.66
CA SER A 13 -10.35 -20.87 11.75
C SER A 13 -9.86 -20.55 10.34
N SER A 14 -9.11 -19.47 10.20
CA SER A 14 -8.59 -19.03 8.91
C SER A 14 -7.24 -18.38 9.15
N GLY A 15 -6.44 -18.22 8.10
CA GLY A 15 -5.12 -17.60 8.22
C GLY A 15 -4.05 -18.63 7.95
N HIS A 16 -2.84 -18.37 8.44
CA HIS A 16 -1.70 -19.29 8.30
C HIS A 16 -1.38 -19.64 6.83
N ILE A 17 -1.13 -18.61 6.04
CA ILE A 17 -0.73 -18.77 4.65
C ILE A 17 0.49 -17.89 4.42
N GLU A 18 1.24 -18.16 3.36
CA GLU A 18 2.43 -17.39 3.02
C GLU A 18 2.15 -16.56 1.77
N GLY A 19 2.97 -15.55 1.54
CA GLY A 19 2.82 -14.70 0.37
C GLY A 19 4.05 -13.84 0.22
N ARG A 20 4.10 -13.01 -0.82
CA ARG A 20 5.25 -12.12 -1.04
C ARG A 20 4.72 -10.79 -1.53
N HIS A 21 4.95 -9.74 -0.76
CA HIS A 21 4.51 -8.39 -1.11
C HIS A 21 5.63 -7.46 -0.68
N MET A 22 5.49 -6.18 -0.96
CA MET A 22 6.47 -5.18 -0.53
C MET A 22 5.73 -4.09 0.23
N LEU A 23 6.48 -3.16 0.82
CA LEU A 23 5.91 -2.08 1.61
C LEU A 23 6.41 -0.76 1.06
N LEU A 24 5.50 0.18 0.82
CA LEU A 24 5.84 1.52 0.34
C LEU A 24 5.36 2.51 1.37
N THR A 25 5.94 3.70 1.36
CA THR A 25 5.51 4.77 2.26
C THR A 25 4.84 5.85 1.41
N VAL A 26 3.79 6.44 1.94
CA VAL A 26 3.02 7.46 1.24
C VAL A 26 3.01 8.70 2.12
N TYR A 27 3.30 9.85 1.51
CA TYR A 27 3.24 11.12 2.23
C TYR A 27 2.22 12.02 1.53
N CYS A 28 1.11 12.28 2.20
CA CYS A 28 0.04 13.08 1.64
C CYS A 28 0.19 14.51 2.15
N VAL A 29 0.31 15.46 1.24
CA VAL A 29 0.56 16.86 1.60
C VAL A 29 -0.65 17.73 1.32
N ARG A 30 -1.10 18.43 2.35
CA ARG A 30 -2.16 19.42 2.22
C ARG A 30 -1.47 20.78 2.32
N ARG A 31 -1.98 21.78 1.62
CA ARG A 31 -1.39 23.11 1.68
C ARG A 31 -1.65 23.76 3.03
N ASP A 32 -2.65 23.26 3.74
CA ASP A 32 -3.09 23.81 5.02
C ASP A 32 -2.38 23.13 6.22
N LEU A 33 -1.17 22.62 5.97
CA LEU A 33 -0.33 21.96 6.99
C LEU A 33 -1.04 20.80 7.69
N SER A 34 -1.86 20.11 6.91
CA SER A 34 -2.69 19.00 7.39
C SER A 34 -2.13 17.66 6.90
N GLU A 35 -0.84 17.63 6.65
CA GLU A 35 -0.22 16.46 6.01
C GLU A 35 -0.13 15.26 6.94
N VAL A 36 -0.10 14.09 6.33
CA VAL A 36 -0.08 12.82 7.04
C VAL A 36 0.79 11.87 6.22
N THR A 37 1.40 10.90 6.87
CA THR A 37 2.19 9.91 6.16
C THR A 37 1.86 8.56 6.77
N PHE A 38 1.88 7.53 5.95
CA PHE A 38 1.50 6.18 6.36
C PHE A 38 2.18 5.23 5.40
N SER A 39 2.10 3.92 5.65
CA SER A 39 2.71 2.94 4.77
C SER A 39 1.64 1.99 4.25
N LEU A 40 1.87 1.46 3.06
CA LEU A 40 0.93 0.54 2.42
C LEU A 40 1.65 -0.71 1.96
N GLN A 41 0.97 -1.84 2.10
CA GLN A 41 1.51 -3.12 1.66
C GLN A 41 0.85 -3.44 0.32
N VAL A 42 1.68 -3.73 -0.67
CA VAL A 42 1.20 -3.94 -2.05
C VAL A 42 2.13 -4.91 -2.75
N ASP A 43 1.66 -5.50 -3.82
CA ASP A 43 2.50 -6.41 -4.62
C ASP A 43 3.45 -5.59 -5.48
N ALA A 44 4.51 -6.21 -5.97
CA ALA A 44 5.44 -5.51 -6.87
C ALA A 44 4.73 -5.15 -8.19
N ASP A 45 3.87 -6.05 -8.63
CA ASP A 45 3.18 -5.90 -9.92
C ASP A 45 1.80 -5.24 -9.75
N PHE A 46 1.60 -4.63 -8.59
CA PHE A 46 0.33 -3.97 -8.28
C PHE A 46 0.19 -2.73 -9.17
N GLU A 47 -0.96 -2.57 -9.80
CA GLU A 47 -1.19 -1.44 -10.71
C GLU A 47 -1.22 -0.12 -9.95
N LEU A 48 -0.77 0.94 -10.58
CA LEU A 48 -0.82 2.27 -9.99
C LEU A 48 -2.27 2.70 -9.78
N HIS A 49 -3.17 2.24 -10.63
CA HIS A 49 -4.58 2.55 -10.51
C HIS A 49 -5.14 2.02 -9.19
N ASN A 50 -4.76 0.81 -8.83
CA ASN A 50 -5.20 0.21 -7.57
C ASN A 50 -4.42 0.79 -6.40
N PHE A 51 -3.15 1.13 -6.62
CA PHE A 51 -2.32 1.73 -5.57
C PHE A 51 -2.91 3.05 -5.10
N ARG A 52 -3.28 3.93 -6.04
CA ARG A 52 -3.89 5.20 -5.67
C ARG A 52 -5.26 5.00 -5.01
N ALA A 53 -5.97 3.92 -5.34
CA ALA A 53 -7.26 3.64 -4.72
C ALA A 53 -7.05 3.23 -3.25
N LEU A 54 -6.01 2.45 -2.99
CA LEU A 54 -5.67 2.07 -1.61
C LEU A 54 -5.23 3.32 -0.85
N CYS A 55 -4.50 4.20 -1.53
CA CYS A 55 -4.08 5.46 -0.92
C CYS A 55 -5.28 6.35 -0.59
N GLU A 56 -6.28 6.33 -1.46
CA GLU A 56 -7.50 7.12 -1.26
C GLU A 56 -8.23 6.66 0.01
N LEU A 57 -8.28 5.34 0.20
CA LEU A 57 -8.91 4.75 1.38
C LEU A 57 -8.22 5.18 2.66
N GLU A 58 -6.90 5.02 2.71
CA GLU A 58 -6.14 5.34 3.92
C GLU A 58 -6.06 6.84 4.20
N SER A 59 -6.01 7.65 3.14
CA SER A 59 -5.86 9.10 3.32
C SER A 59 -7.20 9.84 3.45
N GLY A 60 -8.29 9.21 3.05
CA GLY A 60 -9.62 9.79 3.24
C GLY A 60 -9.89 11.06 2.45
N ILE A 61 -9.32 11.17 1.26
CA ILE A 61 -9.49 12.35 0.40
C ILE A 61 -9.80 11.94 -1.03
N PRO A 62 -10.60 12.73 -1.76
CA PRO A 62 -10.85 12.35 -3.16
C PRO A 62 -9.57 12.36 -4.00
N ALA A 63 -9.21 11.20 -4.54
CA ALA A 63 -8.00 11.06 -5.36
C ALA A 63 -8.12 11.91 -6.63
N ALA A 64 -9.36 12.14 -7.06
CA ALA A 64 -9.63 12.94 -8.25
C ALA A 64 -9.17 14.40 -8.10
N GLU A 65 -9.07 14.86 -6.86
CA GLU A 65 -8.66 16.24 -6.57
C GLU A 65 -7.17 16.31 -6.23
N SER A 66 -6.43 15.25 -6.53
CA SER A 66 -5.02 15.18 -6.15
C SER A 66 -4.13 14.68 -7.28
N GLN A 67 -2.83 14.88 -7.09
CA GLN A 67 -1.83 14.34 -8.01
C GLN A 67 -0.77 13.64 -7.20
N ILE A 68 -0.17 12.61 -7.78
CA ILE A 68 0.82 11.78 -7.09
C ILE A 68 2.15 11.80 -7.87
N VAL A 69 3.24 11.95 -7.13
CA VAL A 69 4.57 12.10 -7.69
C VAL A 69 5.57 11.28 -6.85
N TYR A 70 6.56 10.69 -7.49
CA TYR A 70 7.57 9.89 -6.80
C TYR A 70 8.90 10.18 -7.46
N ALA A 71 9.93 10.40 -6.65
CA ALA A 71 11.27 10.75 -7.16
C ALA A 71 11.16 11.90 -8.18
N GLU A 72 10.37 12.92 -7.81
CA GLU A 72 10.10 14.12 -8.62
C GLU A 72 9.44 13.87 -9.99
N ARG A 73 9.03 12.63 -10.27
CA ARG A 73 8.42 12.27 -11.55
C ARG A 73 6.97 11.83 -11.30
N PRO A 74 6.01 12.33 -12.09
CA PRO A 74 4.62 11.96 -11.76
C PRO A 74 4.26 10.52 -12.10
N LEU A 75 3.36 9.96 -11.31
CA LEU A 75 2.88 8.60 -11.51
C LEU A 75 1.53 8.65 -12.23
N THR A 76 1.50 9.35 -13.35
CA THR A 76 0.26 9.61 -14.07
C THR A 76 -0.22 8.43 -14.92
N ASP A 77 0.69 7.56 -15.32
CA ASP A 77 0.33 6.40 -16.12
C ASP A 77 -0.13 5.28 -15.19
N ASN A 78 -1.41 5.29 -14.91
CA ASN A 78 -2.01 4.44 -13.91
C ASN A 78 -2.08 2.95 -14.28
N HIS A 79 -1.85 2.62 -15.53
CA HIS A 79 -1.91 1.21 -15.96
C HIS A 79 -0.62 0.49 -15.65
N ARG A 80 0.43 1.24 -15.34
CA ARG A 80 1.72 0.65 -15.04
C ARG A 80 1.73 0.07 -13.65
N SER A 81 2.57 -0.94 -13.45
CA SER A 81 2.77 -1.51 -12.13
C SER A 81 3.75 -0.63 -11.37
N LEU A 82 3.79 -0.78 -10.05
CA LEU A 82 4.75 -0.05 -9.23
C LEU A 82 6.18 -0.42 -9.63
N ALA A 83 6.38 -1.70 -9.93
CA ALA A 83 7.68 -2.20 -10.40
C ALA A 83 8.12 -1.50 -11.69
N SER A 84 7.18 -1.08 -12.52
CA SER A 84 7.51 -0.39 -13.78
C SER A 84 8.10 1.00 -13.53
N TYR A 85 7.91 1.53 -12.34
CA TYR A 85 8.50 2.81 -11.96
C TYR A 85 9.74 2.59 -11.08
N GLY A 86 10.00 1.32 -10.76
CA GLY A 86 11.09 0.99 -9.87
C GLY A 86 10.73 1.27 -8.42
N LEU A 87 9.43 1.31 -8.12
CA LEU A 87 8.97 1.58 -6.76
C LEU A 87 9.18 0.34 -5.90
N LYS A 88 10.40 0.20 -5.42
CA LYS A 88 10.80 -0.93 -4.58
C LYS A 88 10.42 -0.69 -3.11
N ASP A 89 10.58 -1.73 -2.32
CA ASP A 89 10.32 -1.65 -0.90
C ASP A 89 11.12 -0.52 -0.25
N GLY A 90 10.40 0.31 0.50
CA GLY A 90 11.02 1.42 1.20
C GLY A 90 10.92 2.74 0.47
N ASP A 91 10.53 2.72 -0.80
CA ASP A 91 10.37 3.98 -1.53
C ASP A 91 9.19 4.77 -0.99
N VAL A 92 9.28 6.09 -1.10
CA VAL A 92 8.26 7.00 -0.58
C VAL A 92 7.61 7.75 -1.73
N VAL A 93 6.28 7.76 -1.78
CA VAL A 93 5.58 8.52 -2.81
C VAL A 93 4.98 9.73 -2.14
N ILE A 94 4.75 10.79 -2.91
CA ILE A 94 4.21 12.03 -2.39
C ILE A 94 2.93 12.33 -3.15
N LEU A 95 1.85 12.57 -2.42
CA LEU A 95 0.57 12.89 -3.03
C LEU A 95 0.22 14.29 -2.55
N ARG A 96 -0.25 15.13 -3.46
CA ARG A 96 -0.58 16.52 -3.14
C ARG A 96 -2.04 16.80 -3.43
N GLN A 97 -2.77 17.19 -2.38
CA GLN A 97 -4.21 17.52 -2.47
C GLN A 97 -4.48 18.95 -2.01
N MET A 1 -26.25 -57.14 -4.21
CA MET A 1 -24.99 -56.36 -3.92
C MET A 1 -24.89 -55.01 -4.63
N GLY A 2 -24.18 -54.05 -4.04
CA GLY A 2 -23.99 -52.72 -4.63
C GLY A 2 -22.99 -51.87 -3.83
N HIS A 3 -22.38 -50.83 -4.43
CA HIS A 3 -21.42 -49.95 -3.73
C HIS A 3 -21.46 -48.56 -4.32
N HIS A 4 -21.38 -47.53 -3.46
CA HIS A 4 -21.29 -46.13 -3.92
C HIS A 4 -20.44 -45.39 -2.93
N HIS A 5 -19.66 -44.42 -3.38
CA HIS A 5 -18.79 -43.69 -2.45
C HIS A 5 -18.55 -42.29 -2.99
N HIS A 6 -18.58 -41.30 -2.10
CA HIS A 6 -18.33 -39.90 -2.42
C HIS A 6 -17.99 -39.21 -1.04
N HIS A 7 -16.90 -39.63 -0.36
CA HIS A 7 -16.63 -39.11 0.98
C HIS A 7 -16.28 -37.60 0.98
N HIS A 8 -16.54 -36.95 2.10
CA HIS A 8 -16.29 -35.52 2.24
C HIS A 8 -14.89 -35.35 2.79
N HIS A 9 -14.19 -34.30 2.37
CA HIS A 9 -12.84 -34.01 2.87
C HIS A 9 -12.85 -32.58 3.44
N HIS A 10 -12.15 -32.30 4.56
CA HIS A 10 -12.17 -30.94 5.13
C HIS A 10 -10.81 -30.53 5.71
N HIS A 11 -9.98 -29.95 4.87
CA HIS A 11 -8.69 -29.38 5.29
C HIS A 11 -8.70 -28.00 4.69
N HIS A 12 -8.08 -27.08 5.39
CA HIS A 12 -7.95 -25.71 4.93
C HIS A 12 -6.94 -25.52 3.84
N SER A 13 -5.81 -26.20 4.04
CA SER A 13 -4.76 -26.32 3.05
C SER A 13 -4.09 -25.01 2.62
N SER A 14 -3.04 -25.19 1.81
CA SER A 14 -2.20 -24.09 1.35
C SER A 14 -1.70 -23.20 2.47
N GLY A 15 -1.18 -22.02 2.09
CA GLY A 15 -0.69 -21.03 3.05
C GLY A 15 -1.66 -19.89 3.12
N HIS A 16 -1.23 -18.82 3.74
CA HIS A 16 -2.11 -17.65 3.96
C HIS A 16 -1.33 -16.37 3.79
N ILE A 17 -1.60 -15.67 2.69
CA ILE A 17 -1.03 -14.34 2.33
C ILE A 17 0.54 -14.32 2.24
N GLU A 18 1.11 -15.12 1.33
CA GLU A 18 2.60 -15.14 1.12
C GLU A 18 2.84 -15.03 -0.38
N GLY A 19 3.95 -14.37 -0.73
CA GLY A 19 4.19 -14.06 -2.11
C GLY A 19 5.26 -12.96 -2.22
N ARG A 20 5.33 -12.26 -3.35
CA ARG A 20 6.26 -11.11 -3.47
C ARG A 20 5.49 -9.83 -3.30
N HIS A 21 5.75 -9.22 -2.15
CA HIS A 21 5.12 -7.99 -1.73
C HIS A 21 6.17 -7.06 -1.12
N MET A 22 5.87 -5.77 -1.08
CA MET A 22 6.79 -4.77 -0.60
C MET A 22 6.02 -3.71 0.16
N LEU A 23 6.73 -3.01 1.03
CA LEU A 23 6.11 -2.03 1.87
C LEU A 23 6.60 -0.69 1.39
N LEU A 24 5.66 0.19 1.09
CA LEU A 24 5.96 1.55 0.56
C LEU A 24 5.43 2.55 1.57
N THR A 25 5.98 3.75 1.52
CA THR A 25 5.50 4.88 2.31
C THR A 25 4.81 5.88 1.40
N VAL A 26 3.65 6.37 1.81
CA VAL A 26 2.94 7.42 1.06
C VAL A 26 2.73 8.56 1.96
N TYR A 27 3.24 9.70 1.54
CA TYR A 27 3.21 10.94 2.28
C TYR A 27 2.16 11.87 1.61
N CYS A 28 1.12 12.27 2.30
CA CYS A 28 0.07 13.10 1.73
C CYS A 28 0.26 14.49 2.29
N VAL A 29 0.34 15.47 1.41
CA VAL A 29 0.65 16.86 1.83
C VAL A 29 -0.51 17.82 1.53
N ARG A 30 -0.79 18.72 2.48
CA ARG A 30 -1.71 19.80 2.28
C ARG A 30 -0.97 21.11 2.56
N ARG A 31 -1.40 22.22 1.93
CA ARG A 31 -0.67 23.51 2.08
C ARG A 31 -0.64 24.03 3.51
N ASP A 32 -1.68 23.73 4.30
CA ASP A 32 -1.81 24.19 5.69
C ASP A 32 -1.14 23.19 6.61
N LEU A 33 -0.17 22.45 6.13
CA LEU A 33 0.60 21.46 6.97
C LEU A 33 -0.31 20.39 7.63
N SER A 34 -1.45 20.14 7.04
CA SER A 34 -2.41 19.11 7.49
C SER A 34 -1.92 17.75 7.00
N GLU A 35 -0.63 17.64 6.75
CA GLU A 35 0.03 16.52 6.13
C GLU A 35 0.11 15.29 7.04
N VAL A 36 0.20 14.13 6.41
CA VAL A 36 0.22 12.84 7.14
C VAL A 36 1.00 11.88 6.27
N THR A 37 1.82 11.03 6.87
CA THR A 37 2.51 10.00 6.06
C THR A 37 2.16 8.67 6.70
N PHE A 38 2.06 7.61 5.90
CA PHE A 38 1.69 6.30 6.40
C PHE A 38 2.25 5.27 5.42
N SER A 39 2.13 3.98 5.72
CA SER A 39 2.66 2.96 4.82
C SER A 39 1.61 1.95 4.27
N LEU A 40 1.83 1.48 3.04
CA LEU A 40 0.96 0.49 2.42
C LEU A 40 1.76 -0.67 2.01
N GLN A 41 1.11 -1.81 2.05
CA GLN A 41 1.68 -3.06 1.53
C GLN A 41 1.12 -3.26 0.17
N VAL A 42 1.96 -3.53 -0.81
CA VAL A 42 1.48 -3.85 -2.16
C VAL A 42 2.23 -5.03 -2.78
N ASP A 43 1.64 -5.61 -3.81
CA ASP A 43 2.26 -6.73 -4.54
C ASP A 43 3.23 -6.14 -5.57
N ALA A 44 4.16 -6.94 -6.09
CA ALA A 44 5.06 -6.46 -7.12
C ALA A 44 4.31 -6.13 -8.40
N ASP A 45 3.22 -6.89 -8.65
CA ASP A 45 2.40 -6.75 -9.84
C ASP A 45 1.19 -5.81 -9.62
N PHE A 46 1.23 -4.99 -8.59
CA PHE A 46 0.09 -4.12 -8.29
C PHE A 46 0.05 -2.95 -9.27
N GLU A 47 -1.13 -2.64 -9.81
CA GLU A 47 -1.29 -1.52 -10.72
C GLU A 47 -1.28 -0.19 -9.98
N LEU A 48 -0.92 0.84 -10.71
CA LEU A 48 -0.92 2.18 -10.19
C LEU A 48 -2.39 2.59 -9.96
N HIS A 49 -3.26 2.00 -10.76
CA HIS A 49 -4.71 2.24 -10.68
C HIS A 49 -5.29 1.77 -9.36
N ASN A 50 -4.91 0.54 -9.00
CA ASN A 50 -5.37 -0.02 -7.76
C ASN A 50 -4.65 0.75 -6.60
N PHE A 51 -3.41 1.10 -6.80
CA PHE A 51 -2.64 1.82 -5.78
C PHE A 51 -3.23 3.18 -5.40
N ARG A 52 -3.56 4.02 -6.39
CA ARG A 52 -4.13 5.32 -6.12
C ARG A 52 -5.49 5.21 -5.43
N ALA A 53 -6.22 4.14 -5.67
CA ALA A 53 -7.46 3.90 -4.99
C ALA A 53 -7.12 3.58 -3.53
N LEU A 54 -6.06 2.78 -3.35
CA LEU A 54 -5.72 2.32 -2.03
C LEU A 54 -5.24 3.47 -1.12
N CYS A 55 -4.43 4.41 -1.63
CA CYS A 55 -3.97 5.51 -0.79
C CYS A 55 -5.11 6.55 -0.54
N GLU A 56 -6.06 6.64 -1.46
CA GLU A 56 -7.21 7.48 -1.27
C GLU A 56 -8.06 6.91 -0.10
N LEU A 57 -8.25 5.61 -0.07
CA LEU A 57 -8.97 4.92 0.99
C LEU A 57 -8.31 5.10 2.30
N GLU A 58 -6.99 4.91 2.32
CA GLU A 58 -6.25 4.96 3.55
C GLU A 58 -6.23 6.36 4.16
N SER A 59 -6.09 7.37 3.31
CA SER A 59 -6.00 8.75 3.77
C SER A 59 -7.38 9.43 3.91
N GLY A 60 -8.42 8.87 3.28
CA GLY A 60 -9.75 9.43 3.37
C GLY A 60 -10.01 10.70 2.60
N ILE A 61 -9.34 10.83 1.48
CA ILE A 61 -9.30 12.10 0.69
C ILE A 61 -10.16 12.14 -0.60
N PRO A 62 -10.60 13.36 -1.04
CA PRO A 62 -11.24 13.37 -2.37
C PRO A 62 -10.21 13.07 -3.44
N ALA A 63 -10.44 12.03 -4.23
CA ALA A 63 -9.54 11.67 -5.31
C ALA A 63 -9.44 12.78 -6.38
N ALA A 64 -10.47 13.59 -6.52
CA ALA A 64 -10.50 14.61 -7.55
C ALA A 64 -9.69 15.86 -7.20
N GLU A 65 -9.40 15.99 -5.93
CA GLU A 65 -8.69 17.18 -5.41
C GLU A 65 -7.20 16.88 -5.16
N SER A 66 -6.66 15.85 -5.74
CA SER A 66 -5.28 15.44 -5.44
C SER A 66 -4.50 15.03 -6.69
N GLN A 67 -3.19 15.06 -6.54
CA GLN A 67 -2.18 14.68 -7.57
C GLN A 67 -1.16 13.75 -6.86
N ILE A 68 -0.52 12.88 -7.60
CA ILE A 68 0.44 11.94 -7.03
C ILE A 68 1.75 11.99 -7.78
N VAL A 69 2.84 12.06 -7.04
CA VAL A 69 4.19 12.22 -7.57
C VAL A 69 5.18 11.25 -6.85
N TYR A 70 6.12 10.64 -7.58
CA TYR A 70 7.21 9.81 -7.01
C TYR A 70 8.50 10.16 -7.74
N ALA A 71 9.62 10.19 -7.00
CA ALA A 71 10.94 10.58 -7.55
C ALA A 71 10.86 11.93 -8.30
N GLU A 72 10.04 12.84 -7.73
CA GLU A 72 9.74 14.19 -8.27
C GLU A 72 8.98 14.20 -9.62
N ARG A 73 8.57 13.03 -10.13
CA ARG A 73 7.87 12.91 -11.40
C ARG A 73 6.44 12.48 -11.16
N PRO A 74 5.49 12.98 -11.92
CA PRO A 74 4.09 12.56 -11.74
C PRO A 74 3.86 11.11 -12.18
N LEU A 75 2.97 10.43 -11.45
CA LEU A 75 2.59 9.05 -11.75
C LEU A 75 1.28 9.02 -12.56
N THR A 76 1.34 8.95 -13.88
CA THR A 76 0.13 9.09 -14.70
C THR A 76 -0.36 7.83 -15.44
N ASP A 77 0.56 6.96 -15.81
CA ASP A 77 0.21 5.75 -16.56
C ASP A 77 -0.30 4.74 -15.60
N ASN A 78 -1.58 4.75 -15.35
CA ASN A 78 -2.22 3.94 -14.30
C ASN A 78 -2.20 2.40 -14.53
N HIS A 79 -1.94 1.96 -15.77
CA HIS A 79 -1.95 0.52 -16.11
C HIS A 79 -0.68 -0.21 -15.79
N ARG A 80 0.38 0.58 -15.63
CA ARG A 80 1.69 0.01 -15.33
C ARG A 80 1.75 -0.47 -13.87
N SER A 81 2.52 -1.52 -13.69
CA SER A 81 2.78 -2.08 -12.36
C SER A 81 3.78 -1.21 -11.64
N LEU A 82 3.70 -1.18 -10.32
CA LEU A 82 4.52 -0.31 -9.53
C LEU A 82 6.00 -0.69 -9.62
N ALA A 83 6.23 -1.97 -9.72
CA ALA A 83 7.58 -2.48 -9.88
C ALA A 83 8.21 -1.91 -11.17
N SER A 84 7.39 -1.54 -12.17
CA SER A 84 7.87 -1.01 -13.44
C SER A 84 8.33 0.46 -13.29
N TYR A 85 7.96 1.12 -12.23
CA TYR A 85 8.48 2.44 -11.90
C TYR A 85 9.72 2.31 -11.00
N GLY A 86 10.07 1.07 -10.67
CA GLY A 86 11.16 0.84 -9.74
C GLY A 86 10.75 1.25 -8.32
N LEU A 87 9.43 1.28 -8.09
CA LEU A 87 8.95 1.53 -6.75
C LEU A 87 9.25 0.32 -5.89
N LYS A 88 10.40 0.32 -5.22
CA LYS A 88 10.80 -0.78 -4.36
C LYS A 88 10.52 -0.48 -2.91
N ASP A 89 10.63 -1.51 -2.06
CA ASP A 89 10.42 -1.40 -0.63
C ASP A 89 11.24 -0.30 -0.01
N GLY A 90 10.55 0.68 0.59
CA GLY A 90 11.21 1.77 1.28
C GLY A 90 11.17 3.07 0.53
N ASP A 91 10.64 3.03 -0.70
CA ASP A 91 10.41 4.22 -1.47
C ASP A 91 9.20 4.99 -0.96
N VAL A 92 9.28 6.28 -1.17
CA VAL A 92 8.33 7.24 -0.68
C VAL A 92 7.64 7.88 -1.86
N VAL A 93 6.33 7.86 -1.82
CA VAL A 93 5.50 8.44 -2.84
C VAL A 93 4.83 9.68 -2.20
N ILE A 94 4.88 10.81 -2.85
CA ILE A 94 4.34 12.05 -2.32
C ILE A 94 3.00 12.35 -3.02
N LEU A 95 1.97 12.62 -2.27
CA LEU A 95 0.66 12.92 -2.81
C LEU A 95 0.37 14.35 -2.37
N ARG A 96 -0.15 15.16 -3.26
CA ARG A 96 -0.47 16.56 -2.96
C ARG A 96 -1.96 16.78 -3.14
N GLN A 97 -2.65 16.97 -2.01
CA GLN A 97 -4.12 17.27 -2.02
C GLN A 97 -4.33 18.75 -2.07
N MET A 1 -6.83 -26.45 51.61
CA MET A 1 -8.02 -27.30 51.36
C MET A 1 -7.98 -28.01 50.01
N GLY A 2 -7.15 -27.44 49.15
CA GLY A 2 -6.91 -27.95 47.82
C GLY A 2 -5.73 -27.26 47.17
N HIS A 3 -5.25 -27.79 46.06
CA HIS A 3 -4.10 -27.20 45.38
C HIS A 3 -4.56 -26.16 44.35
N HIS A 4 -3.85 -25.05 44.30
CA HIS A 4 -4.17 -23.99 43.34
C HIS A 4 -3.83 -24.45 41.93
N HIS A 5 -4.67 -24.12 40.97
CA HIS A 5 -4.47 -24.52 39.58
C HIS A 5 -3.47 -23.59 38.88
N HIS A 6 -3.07 -23.93 37.66
CA HIS A 6 -2.17 -23.10 36.89
C HIS A 6 -2.66 -23.07 35.44
N HIS A 7 -2.45 -21.95 34.77
CA HIS A 7 -2.87 -21.78 33.37
C HIS A 7 -1.94 -22.56 32.43
N HIS A 8 -2.30 -22.59 31.16
CA HIS A 8 -1.47 -23.18 30.12
C HIS A 8 -1.13 -22.06 29.15
N HIS A 9 0.10 -22.06 28.62
CA HIS A 9 0.54 -21.00 27.72
C HIS A 9 -0.10 -21.17 26.34
N HIS A 10 -0.09 -20.11 25.54
CA HIS A 10 -0.78 -20.12 24.26
C HIS A 10 -0.15 -21.04 23.20
N HIS A 11 1.18 -21.00 23.10
CA HIS A 11 1.96 -21.75 22.08
C HIS A 11 1.48 -21.51 20.63
N HIS A 12 0.82 -20.39 20.38
CA HIS A 12 0.25 -20.08 19.07
C HIS A 12 1.31 -19.88 17.98
N SER A 13 2.49 -19.45 18.39
CA SER A 13 3.63 -19.20 17.48
C SER A 13 3.34 -18.13 16.43
N SER A 14 4.30 -17.88 15.55
CA SER A 14 4.21 -16.86 14.50
C SER A 14 5.17 -17.27 13.39
N GLY A 15 5.08 -16.65 12.23
CA GLY A 15 5.98 -16.94 11.13
C GLY A 15 5.75 -15.96 10.00
N HIS A 16 6.38 -16.18 8.86
CA HIS A 16 6.22 -15.32 7.67
C HIS A 16 6.35 -16.21 6.45
N ILE A 17 5.83 -15.76 5.32
CA ILE A 17 5.83 -16.55 4.08
C ILE A 17 6.56 -15.86 2.93
N GLU A 18 7.05 -14.65 3.17
CA GLU A 18 7.76 -13.85 2.16
C GLU A 18 6.93 -13.70 0.87
N GLY A 19 7.58 -13.67 -0.29
CA GLY A 19 6.89 -13.52 -1.56
C GLY A 19 7.19 -12.20 -2.23
N ARG A 20 6.55 -11.94 -3.37
CA ARG A 20 6.81 -10.72 -4.15
C ARG A 20 5.99 -9.50 -3.67
N HIS A 21 5.91 -9.32 -2.36
CA HIS A 21 5.17 -8.21 -1.79
C HIS A 21 6.20 -7.28 -1.20
N MET A 22 5.82 -6.03 -0.98
CA MET A 22 6.74 -5.02 -0.52
C MET A 22 5.99 -3.93 0.24
N LEU A 23 6.73 -3.08 0.93
CA LEU A 23 6.18 -1.94 1.66
C LEU A 23 6.56 -0.63 0.95
N LEU A 24 5.59 0.24 0.76
CA LEU A 24 5.85 1.59 0.22
C LEU A 24 5.35 2.60 1.22
N THR A 25 6.02 3.73 1.31
CA THR A 25 5.61 4.79 2.23
C THR A 25 4.96 5.90 1.42
N VAL A 26 3.84 6.42 1.89
CA VAL A 26 3.13 7.46 1.18
C VAL A 26 2.91 8.65 2.11
N TYR A 27 3.27 9.83 1.64
CA TYR A 27 3.09 11.06 2.38
C TYR A 27 2.07 11.89 1.61
N CYS A 28 0.97 12.25 2.24
CA CYS A 28 -0.06 13.05 1.59
C CYS A 28 -0.06 14.44 2.17
N VAL A 29 0.24 15.42 1.32
CA VAL A 29 0.34 16.80 1.74
C VAL A 29 -0.90 17.58 1.37
N ARG A 30 -1.61 18.06 2.36
CA ARG A 30 -2.75 18.95 2.12
C ARG A 30 -2.21 20.37 2.18
N ARG A 31 -2.77 21.26 1.38
CA ARG A 31 -2.33 22.66 1.34
C ARG A 31 -2.53 23.32 2.70
N ASP A 32 -3.54 22.83 3.41
CA ASP A 32 -3.96 23.35 4.70
C ASP A 32 -3.13 22.79 5.87
N LEU A 33 -2.00 22.16 5.55
CA LEU A 33 -1.08 21.54 6.52
C LEU A 33 -1.78 20.47 7.38
N SER A 34 -2.79 19.88 6.78
CA SER A 34 -3.56 18.77 7.36
C SER A 34 -2.93 17.43 6.97
N GLU A 35 -1.64 17.49 6.68
CA GLU A 35 -0.92 16.41 6.01
C GLU A 35 -0.71 15.19 6.91
N VAL A 36 -0.54 14.03 6.28
CA VAL A 36 -0.47 12.75 6.99
C VAL A 36 0.46 11.84 6.20
N THR A 37 1.02 10.83 6.85
CA THR A 37 1.84 9.85 6.15
C THR A 37 1.52 8.49 6.73
N PHE A 38 1.66 7.46 5.90
CA PHE A 38 1.32 6.09 6.26
C PHE A 38 2.12 5.20 5.31
N SER A 39 2.07 3.90 5.50
CA SER A 39 2.76 2.97 4.61
C SER A 39 1.77 1.89 4.21
N LEU A 40 1.94 1.36 3.01
CA LEU A 40 1.03 0.36 2.47
C LEU A 40 1.80 -0.87 2.03
N GLN A 41 1.18 -2.03 2.17
CA GLN A 41 1.79 -3.29 1.72
C GLN A 41 1.09 -3.70 0.44
N VAL A 42 1.89 -3.90 -0.60
CA VAL A 42 1.37 -4.15 -1.95
C VAL A 42 2.24 -5.16 -2.66
N ASP A 43 1.74 -5.71 -3.75
CA ASP A 43 2.52 -6.62 -4.59
C ASP A 43 3.44 -5.75 -5.46
N ALA A 44 4.59 -6.27 -5.87
CA ALA A 44 5.47 -5.53 -6.77
C ALA A 44 4.74 -5.24 -8.09
N ASP A 45 3.88 -6.17 -8.50
CA ASP A 45 3.16 -6.09 -9.76
C ASP A 45 1.77 -5.42 -9.60
N PHE A 46 1.53 -4.86 -8.43
CA PHE A 46 0.25 -4.20 -8.14
C PHE A 46 0.08 -2.99 -9.06
N GLU A 47 -1.12 -2.79 -9.59
CA GLU A 47 -1.36 -1.68 -10.51
C GLU A 47 -1.26 -0.34 -9.80
N LEU A 48 -0.76 0.68 -10.50
CA LEU A 48 -0.77 2.04 -9.97
C LEU A 48 -2.22 2.48 -9.83
N HIS A 49 -3.07 1.98 -10.72
CA HIS A 49 -4.51 2.24 -10.66
C HIS A 49 -5.10 1.84 -9.30
N ASN A 50 -4.77 0.65 -8.83
CA ASN A 50 -5.26 0.18 -7.54
C ASN A 50 -4.48 0.82 -6.39
N PHE A 51 -3.21 1.12 -6.61
CA PHE A 51 -2.39 1.74 -5.58
C PHE A 51 -2.91 3.11 -5.19
N ARG A 52 -3.28 3.92 -6.18
CA ARG A 52 -3.83 5.25 -5.88
C ARG A 52 -5.17 5.11 -5.17
N ALA A 53 -5.90 4.03 -5.41
CA ALA A 53 -7.18 3.79 -4.74
C ALA A 53 -6.94 3.43 -3.26
N LEU A 54 -5.91 2.64 -2.99
CA LEU A 54 -5.56 2.32 -1.60
C LEU A 54 -5.13 3.59 -0.89
N CYS A 55 -4.37 4.43 -1.58
CA CYS A 55 -3.91 5.70 -1.03
C CYS A 55 -5.10 6.60 -0.73
N GLU A 56 -6.07 6.63 -1.63
CA GLU A 56 -7.27 7.45 -1.49
C GLU A 56 -8.04 7.02 -0.24
N LEU A 57 -8.19 5.71 -0.07
CA LEU A 57 -8.90 5.14 1.07
C LEU A 57 -8.20 5.43 2.40
N GLU A 58 -6.89 5.19 2.45
CA GLU A 58 -6.13 5.33 3.68
C GLU A 58 -5.96 6.80 4.08
N SER A 59 -5.83 7.68 3.10
CA SER A 59 -5.63 9.10 3.36
C SER A 59 -6.95 9.82 3.63
N GLY A 60 -8.04 9.34 3.03
CA GLY A 60 -9.35 9.93 3.27
C GLY A 60 -9.60 11.17 2.44
N ILE A 61 -8.74 11.43 1.46
CA ILE A 61 -8.91 12.58 0.57
C ILE A 61 -8.93 12.06 -0.87
N PRO A 62 -9.80 12.64 -1.74
CA PRO A 62 -9.87 12.07 -3.08
C PRO A 62 -8.60 12.17 -3.90
N ALA A 63 -8.24 11.07 -4.54
CA ALA A 63 -7.14 11.02 -5.50
C ALA A 63 -7.51 11.90 -6.70
N ALA A 64 -8.81 12.04 -6.94
CA ALA A 64 -9.32 12.85 -8.04
C ALA A 64 -9.03 14.34 -7.86
N GLU A 65 -8.85 14.77 -6.62
CA GLU A 65 -8.63 16.18 -6.30
C GLU A 65 -7.15 16.45 -6.01
N SER A 66 -6.29 15.48 -6.30
CA SER A 66 -4.88 15.58 -5.94
C SER A 66 -3.99 14.97 -7.01
N GLN A 67 -2.69 15.13 -6.85
CA GLN A 67 -1.72 14.52 -7.78
C GLN A 67 -0.70 13.73 -7.01
N ILE A 68 -0.40 12.55 -7.51
CA ILE A 68 0.53 11.61 -6.87
C ILE A 68 1.87 11.69 -7.62
N VAL A 69 2.96 11.81 -6.87
CA VAL A 69 4.30 12.05 -7.42
C VAL A 69 5.35 11.16 -6.74
N TYR A 70 6.24 10.57 -7.53
CA TYR A 70 7.35 9.79 -7.00
C TYR A 70 8.54 10.04 -7.92
N ALA A 71 9.75 10.10 -7.35
CA ALA A 71 10.97 10.38 -8.10
C ALA A 71 10.82 11.65 -8.97
N GLU A 72 10.21 12.67 -8.36
CA GLU A 72 9.94 13.98 -8.99
C GLU A 72 9.07 13.91 -10.27
N ARG A 73 8.38 12.79 -10.48
CA ARG A 73 7.52 12.62 -11.66
C ARG A 73 6.11 12.22 -11.25
N PRO A 74 5.08 12.81 -11.87
CA PRO A 74 3.75 12.35 -11.47
C PRO A 74 3.46 10.95 -11.99
N LEU A 75 2.72 10.18 -11.21
CA LEU A 75 2.38 8.80 -11.59
C LEU A 75 1.04 8.81 -12.32
N THR A 76 1.07 9.12 -13.61
CA THR A 76 -0.16 9.29 -14.39
C THR A 76 -0.55 8.06 -15.19
N ASP A 77 0.40 7.17 -15.44
CA ASP A 77 0.15 5.95 -16.20
C ASP A 77 -0.40 4.89 -15.24
N ASN A 78 -1.70 4.77 -15.20
CA ASN A 78 -2.39 3.88 -14.26
C ASN A 78 -2.25 2.40 -14.61
N HIS A 79 -1.89 2.11 -15.86
CA HIS A 79 -1.80 0.72 -16.32
C HIS A 79 -0.48 0.09 -15.91
N ARG A 80 0.46 0.90 -15.48
CA ARG A 80 1.74 0.38 -15.02
C ARG A 80 1.61 -0.23 -13.65
N SER A 81 2.40 -1.27 -13.42
CA SER A 81 2.54 -1.82 -12.09
C SER A 81 3.56 -0.94 -11.36
N LEU A 82 3.63 -1.06 -10.05
CA LEU A 82 4.56 -0.26 -9.25
C LEU A 82 6.01 -0.61 -9.61
N ALA A 83 6.27 -1.88 -9.90
CA ALA A 83 7.58 -2.31 -10.36
C ALA A 83 7.97 -1.63 -11.68
N SER A 84 6.98 -1.29 -12.50
CA SER A 84 7.23 -0.61 -13.77
C SER A 84 7.66 0.84 -13.59
N TYR A 85 7.44 1.38 -12.39
CA TYR A 85 7.93 2.72 -12.06
C TYR A 85 9.24 2.62 -11.27
N GLY A 86 9.59 1.42 -10.86
CA GLY A 86 10.76 1.23 -10.02
C GLY A 86 10.45 1.48 -8.56
N LEU A 87 9.17 1.41 -8.21
CA LEU A 87 8.77 1.63 -6.82
C LEU A 87 9.11 0.39 -6.00
N LYS A 88 10.36 0.35 -5.57
CA LYS A 88 10.88 -0.75 -4.75
C LYS A 88 10.52 -0.58 -3.27
N ASP A 89 10.73 -1.64 -2.51
CA ASP A 89 10.48 -1.62 -1.08
C ASP A 89 11.24 -0.47 -0.41
N GLY A 90 10.51 0.32 0.36
CA GLY A 90 11.10 1.45 1.06
C GLY A 90 10.98 2.78 0.33
N ASP A 91 10.58 2.77 -0.93
CA ASP A 91 10.42 4.03 -1.67
C ASP A 91 9.30 4.88 -1.08
N VAL A 92 9.46 6.19 -1.20
CA VAL A 92 8.52 7.16 -0.63
C VAL A 92 7.79 7.91 -1.76
N VAL A 93 6.47 7.90 -1.69
CA VAL A 93 5.62 8.55 -2.68
C VAL A 93 4.98 9.76 -2.02
N ILE A 94 4.89 10.87 -2.73
CA ILE A 94 4.29 12.09 -2.19
C ILE A 94 3.05 12.47 -2.99
N LEU A 95 1.92 12.50 -2.34
CA LEU A 95 0.66 12.92 -2.94
C LEU A 95 0.39 14.33 -2.46
N ARG A 96 -0.06 15.21 -3.36
CA ARG A 96 -0.31 16.60 -3.00
C ARG A 96 -1.72 17.02 -3.39
N GLN A 97 -2.49 17.49 -2.39
CA GLN A 97 -3.85 17.99 -2.59
C GLN A 97 -3.87 19.54 -2.51
N MET A 1 16.26 -23.74 53.90
CA MET A 1 16.28 -25.15 53.44
C MET A 1 15.16 -25.48 52.46
N GLY A 2 15.53 -26.05 51.31
CA GLY A 2 14.58 -26.42 50.27
C GLY A 2 15.24 -26.36 48.91
N HIS A 3 14.54 -26.82 47.88
CA HIS A 3 15.03 -26.80 46.52
C HIS A 3 13.80 -26.78 45.62
N HIS A 4 13.94 -26.31 44.39
CA HIS A 4 12.82 -26.27 43.44
C HIS A 4 13.41 -26.43 42.04
N HIS A 5 12.55 -26.60 41.06
CA HIS A 5 12.98 -26.73 39.67
C HIS A 5 12.00 -25.98 38.78
N HIS A 6 12.44 -24.88 38.20
CA HIS A 6 11.61 -24.07 37.32
C HIS A 6 12.30 -23.95 35.96
N HIS A 7 11.75 -24.62 34.96
CA HIS A 7 12.29 -24.58 33.61
C HIS A 7 11.14 -24.52 32.63
N HIS A 8 11.05 -23.44 31.87
CA HIS A 8 9.99 -23.26 30.90
C HIS A 8 10.53 -22.38 29.79
N HIS A 9 10.13 -22.64 28.55
CA HIS A 9 10.51 -21.82 27.42
C HIS A 9 9.29 -21.64 26.51
N HIS A 10 8.88 -22.73 25.86
CA HIS A 10 7.73 -22.76 24.94
C HIS A 10 7.96 -21.86 23.72
N HIS A 11 7.06 -21.91 22.74
CA HIS A 11 7.22 -21.13 21.51
C HIS A 11 5.91 -20.47 21.08
N HIS A 12 4.98 -21.28 20.58
CA HIS A 12 3.71 -20.79 20.02
C HIS A 12 3.99 -19.81 18.87
N SER A 13 2.98 -19.05 18.45
CA SER A 13 3.09 -18.02 17.41
C SER A 13 3.79 -18.53 16.14
N SER A 14 3.52 -19.77 15.78
CA SER A 14 4.22 -20.43 14.68
C SER A 14 3.74 -19.97 13.31
N GLY A 15 4.67 -19.47 12.51
CA GLY A 15 4.38 -19.05 11.16
C GLY A 15 5.67 -18.51 10.58
N HIS A 16 5.70 -18.25 9.28
CA HIS A 16 6.91 -17.71 8.64
C HIS A 16 6.59 -16.53 7.72
N ILE A 17 5.30 -16.25 7.56
CA ILE A 17 4.82 -15.12 6.72
C ILE A 17 5.42 -15.27 5.30
N GLU A 18 5.26 -16.46 4.75
CA GLU A 18 5.79 -16.77 3.43
C GLU A 18 5.04 -16.00 2.35
N GLY A 19 5.76 -15.54 1.35
CA GLY A 19 5.18 -14.79 0.25
C GLY A 19 6.18 -13.78 -0.25
N ARG A 20 5.74 -12.87 -1.10
CA ARG A 20 6.61 -11.81 -1.61
C ARG A 20 5.79 -10.55 -1.82
N HIS A 21 5.97 -9.58 -0.94
CA HIS A 21 5.24 -8.33 -1.00
C HIS A 21 6.22 -7.22 -0.72
N MET A 22 5.81 -5.99 -0.97
CA MET A 22 6.65 -4.82 -0.74
C MET A 22 5.90 -3.89 0.19
N LEU A 23 6.61 -2.95 0.78
CA LEU A 23 6.00 -1.94 1.63
C LEU A 23 6.41 -0.59 1.06
N LEU A 24 5.44 0.27 0.79
CA LEU A 24 5.70 1.61 0.25
C LEU A 24 5.17 2.63 1.22
N THR A 25 5.87 3.73 1.35
CA THR A 25 5.45 4.81 2.23
C THR A 25 4.74 5.85 1.38
N VAL A 26 3.70 6.46 1.92
CA VAL A 26 2.93 7.47 1.21
C VAL A 26 2.91 8.72 2.09
N TYR A 27 3.33 9.84 1.54
CA TYR A 27 3.34 11.10 2.26
C TYR A 27 2.29 12.02 1.62
N CYS A 28 1.19 12.23 2.32
CA CYS A 28 0.09 13.02 1.81
C CYS A 28 0.13 14.43 2.37
N VAL A 29 0.30 15.41 1.51
CA VAL A 29 0.40 16.80 1.92
C VAL A 29 -0.88 17.55 1.58
N ARG A 30 -1.40 18.28 2.55
CA ARG A 30 -2.55 19.15 2.35
C ARG A 30 -2.09 20.55 2.69
N ARG A 31 -2.63 21.55 2.00
CA ARG A 31 -2.17 22.93 2.19
C ARG A 31 -2.40 23.49 3.59
N ASP A 32 -3.35 22.94 4.32
CA ASP A 32 -3.71 23.44 5.65
C ASP A 32 -2.94 22.75 6.77
N LEU A 33 -1.71 22.31 6.45
CA LEU A 33 -0.82 21.56 7.37
C LEU A 33 -1.50 20.32 7.95
N SER A 34 -2.48 19.82 7.21
CA SER A 34 -3.24 18.63 7.59
C SER A 34 -2.59 17.38 7.00
N GLU A 35 -1.30 17.48 6.76
CA GLU A 35 -0.54 16.43 6.11
C GLU A 35 -0.34 15.22 7.04
N VAL A 36 -0.14 14.05 6.43
CA VAL A 36 -0.02 12.80 7.17
C VAL A 36 0.84 11.86 6.32
N THR A 37 1.49 10.89 6.94
CA THR A 37 2.24 9.90 6.18
C THR A 37 1.96 8.55 6.80
N PHE A 38 1.95 7.51 5.97
CA PHE A 38 1.62 6.15 6.40
C PHE A 38 2.28 5.21 5.41
N SER A 39 2.20 3.91 5.64
CA SER A 39 2.79 2.93 4.73
C SER A 39 1.77 1.87 4.36
N LEU A 40 1.87 1.34 3.16
CA LEU A 40 0.94 0.34 2.64
C LEU A 40 1.69 -0.88 2.17
N GLN A 41 1.06 -2.04 2.28
CA GLN A 41 1.65 -3.29 1.81
C GLN A 41 1.03 -3.60 0.45
N VAL A 42 1.89 -3.87 -0.52
CA VAL A 42 1.47 -4.05 -1.91
C VAL A 42 2.22 -5.22 -2.54
N ASP A 43 1.75 -5.68 -3.69
CA ASP A 43 2.45 -6.72 -4.45
C ASP A 43 3.48 -6.06 -5.38
N ALA A 44 4.39 -6.85 -5.94
CA ALA A 44 5.36 -6.34 -6.90
C ALA A 44 4.67 -5.84 -8.18
N ASP A 45 3.66 -6.57 -8.63
CA ASP A 45 2.99 -6.26 -9.90
C ASP A 45 1.65 -5.54 -9.67
N PHE A 46 1.51 -4.98 -8.48
CA PHE A 46 0.30 -4.23 -8.11
C PHE A 46 0.10 -3.06 -9.07
N GLU A 47 -1.08 -2.94 -9.65
CA GLU A 47 -1.38 -1.88 -10.60
C GLU A 47 -1.34 -0.51 -9.93
N LEU A 48 -0.84 0.50 -10.62
CA LEU A 48 -0.81 1.85 -10.06
C LEU A 48 -2.22 2.37 -9.86
N HIS A 49 -3.13 1.92 -10.70
CA HIS A 49 -4.55 2.26 -10.57
C HIS A 49 -5.07 1.81 -9.21
N ASN A 50 -4.68 0.62 -8.79
CA ASN A 50 -5.12 0.07 -7.52
C ASN A 50 -4.36 0.75 -6.37
N PHE A 51 -3.07 1.00 -6.57
CA PHE A 51 -2.26 1.63 -5.54
C PHE A 51 -2.75 3.03 -5.18
N ARG A 52 -3.03 3.84 -6.19
CA ARG A 52 -3.51 5.21 -5.92
C ARG A 52 -4.89 5.19 -5.27
N ALA A 53 -5.68 4.16 -5.54
CA ALA A 53 -7.00 4.03 -4.91
C ALA A 53 -6.82 3.67 -3.43
N LEU A 54 -5.87 2.81 -3.14
CA LEU A 54 -5.56 2.45 -1.75
C LEU A 54 -5.08 3.67 -1.00
N CYS A 55 -4.28 4.51 -1.66
CA CYS A 55 -3.81 5.74 -1.04
C CYS A 55 -4.98 6.67 -0.72
N GLU A 56 -5.93 6.77 -1.65
CA GLU A 56 -7.11 7.64 -1.45
C GLU A 56 -7.94 7.13 -0.27
N LEU A 57 -8.10 5.81 -0.19
CA LEU A 57 -8.89 5.18 0.87
C LEU A 57 -8.30 5.46 2.24
N GLU A 58 -6.99 5.30 2.37
CA GLU A 58 -6.32 5.48 3.66
C GLU A 58 -6.28 6.96 4.04
N SER A 59 -6.16 7.84 3.05
CA SER A 59 -6.04 9.27 3.30
C SER A 59 -7.38 9.97 3.55
N GLY A 60 -8.46 9.43 3.00
CA GLY A 60 -9.77 10.03 3.17
C GLY A 60 -9.90 11.39 2.49
N ILE A 61 -9.20 11.57 1.38
CA ILE A 61 -9.21 12.84 0.64
C ILE A 61 -9.79 12.62 -0.76
N PRO A 62 -10.47 13.64 -1.33
CA PRO A 62 -10.94 13.42 -2.70
C PRO A 62 -9.80 13.42 -3.73
N ALA A 63 -9.70 12.38 -4.53
CA ALA A 63 -8.69 12.32 -5.60
C ALA A 63 -8.90 13.44 -6.63
N ALA A 64 -10.13 13.92 -6.73
CA ALA A 64 -10.47 15.00 -7.66
C ALA A 64 -9.67 16.28 -7.36
N GLU A 65 -9.26 16.44 -6.11
CA GLU A 65 -8.52 17.62 -5.66
C GLU A 65 -7.05 17.30 -5.45
N SER A 66 -6.60 16.16 -5.94
CA SER A 66 -5.26 15.66 -5.62
C SER A 66 -4.48 15.07 -6.77
N GLN A 67 -3.15 15.13 -6.64
CA GLN A 67 -2.24 14.51 -7.60
C GLN A 67 -1.21 13.71 -6.83
N ILE A 68 -0.64 12.70 -7.45
CA ILE A 68 0.35 11.85 -6.81
C ILE A 68 1.61 11.76 -7.69
N VAL A 69 2.77 11.84 -7.07
CA VAL A 69 4.05 11.96 -7.76
C VAL A 69 5.10 11.10 -7.05
N TYR A 70 6.03 10.53 -7.81
CA TYR A 70 7.12 9.72 -7.26
C TYR A 70 8.38 10.04 -8.03
N ALA A 71 9.49 10.26 -7.33
CA ALA A 71 10.77 10.62 -7.95
C ALA A 71 10.59 11.79 -8.94
N GLU A 72 9.80 12.77 -8.51
CA GLU A 72 9.45 13.98 -9.29
C GLU A 72 8.71 13.70 -10.62
N ARG A 73 8.28 12.47 -10.83
CA ARG A 73 7.53 12.09 -12.03
C ARG A 73 6.10 11.71 -11.64
N PRO A 74 5.09 12.21 -12.37
CA PRO A 74 3.76 11.83 -11.92
C PRO A 74 3.44 10.37 -12.21
N LEU A 75 2.60 9.78 -11.38
CA LEU A 75 2.18 8.38 -11.56
C LEU A 75 0.93 8.36 -12.44
N THR A 76 1.04 8.98 -13.61
CA THR A 76 -0.09 9.13 -14.52
C THR A 76 -0.35 7.89 -15.34
N ASP A 77 0.65 7.03 -15.48
CA ASP A 77 0.49 5.78 -16.23
C ASP A 77 -0.08 4.75 -15.27
N ASN A 78 -1.37 4.86 -15.00
CA ASN A 78 -2.03 4.00 -14.01
C ASN A 78 -2.16 2.56 -14.46
N HIS A 79 -1.85 2.30 -15.74
CA HIS A 79 -1.93 0.97 -16.32
C HIS A 79 -0.56 0.30 -16.33
N ARG A 80 0.24 0.63 -15.33
CA ARG A 80 1.55 0.03 -15.14
C ARG A 80 1.59 -0.42 -13.70
N SER A 81 2.38 -1.45 -13.44
CA SER A 81 2.57 -1.89 -12.07
C SER A 81 3.67 -1.07 -11.40
N LEU A 82 3.77 -1.19 -10.09
CA LEU A 82 4.77 -0.47 -9.31
C LEU A 82 6.19 -0.84 -9.74
N ALA A 83 6.39 -2.09 -10.11
CA ALA A 83 7.68 -2.56 -10.58
C ALA A 83 8.14 -1.78 -11.81
N SER A 84 7.21 -1.31 -12.63
CA SER A 84 7.54 -0.54 -13.83
C SER A 84 8.07 0.87 -13.50
N TYR A 85 7.84 1.33 -12.28
CA TYR A 85 8.36 2.63 -11.84
C TYR A 85 9.62 2.41 -10.99
N GLY A 86 9.91 1.16 -10.70
CA GLY A 86 11.01 0.86 -9.80
C GLY A 86 10.62 1.16 -8.37
N LEU A 87 9.31 1.13 -8.08
CA LEU A 87 8.82 1.42 -6.74
C LEU A 87 9.09 0.23 -5.83
N LYS A 88 10.33 0.17 -5.36
CA LYS A 88 10.82 -0.90 -4.52
C LYS A 88 10.33 -0.78 -3.08
N ASP A 89 10.38 -1.90 -2.38
CA ASP A 89 10.13 -1.93 -0.95
C ASP A 89 11.04 -0.91 -0.26
N GLY A 90 10.43 0.03 0.46
CA GLY A 90 11.17 1.09 1.13
C GLY A 90 11.00 2.46 0.51
N ASP A 91 10.58 2.52 -0.75
CA ASP A 91 10.40 3.81 -1.43
C ASP A 91 9.17 4.56 -0.90
N VAL A 92 9.15 5.86 -1.14
CA VAL A 92 8.08 6.73 -0.67
C VAL A 92 7.51 7.55 -1.83
N VAL A 93 6.18 7.68 -1.85
CA VAL A 93 5.52 8.50 -2.88
C VAL A 93 4.92 9.72 -2.19
N ILE A 94 4.66 10.76 -2.96
CA ILE A 94 4.13 12.01 -2.42
C ILE A 94 2.80 12.29 -3.07
N LEU A 95 1.79 12.56 -2.26
CA LEU A 95 0.46 12.89 -2.73
C LEU A 95 0.19 14.32 -2.28
N ARG A 96 -0.33 15.15 -3.15
CA ARG A 96 -0.62 16.55 -2.81
C ARG A 96 -2.06 16.89 -3.14
N GLN A 97 -2.83 17.24 -2.10
CA GLN A 97 -4.24 17.61 -2.20
C GLN A 97 -4.43 19.13 -2.00
N MET A 1 13.09 -62.78 32.19
CA MET A 1 12.46 -61.85 31.22
C MET A 1 11.73 -60.68 31.88
N GLY A 2 11.87 -59.50 31.27
CA GLY A 2 11.21 -58.30 31.77
C GLY A 2 11.39 -57.22 30.73
N HIS A 3 10.74 -56.08 30.92
CA HIS A 3 10.82 -54.96 29.99
C HIS A 3 10.57 -53.69 30.77
N HIS A 4 10.91 -52.55 30.19
CA HIS A 4 10.73 -51.26 30.84
C HIS A 4 10.23 -50.26 29.81
N HIS A 5 9.89 -49.06 30.25
CA HIS A 5 9.49 -47.98 29.37
C HIS A 5 9.95 -46.70 30.08
N HIS A 6 10.19 -45.65 29.32
CA HIS A 6 10.74 -44.42 29.88
C HIS A 6 10.01 -43.23 29.28
N HIS A 7 10.26 -42.04 29.80
CA HIS A 7 9.63 -40.82 29.31
C HIS A 7 10.73 -39.84 28.94
N HIS A 8 10.44 -38.97 27.98
CA HIS A 8 11.41 -37.99 27.51
C HIS A 8 10.63 -36.79 26.99
N HIS A 9 11.25 -35.61 27.04
CA HIS A 9 10.61 -34.41 26.52
C HIS A 9 10.45 -34.52 25.01
N HIS A 10 9.36 -33.97 24.49
CA HIS A 10 9.09 -34.04 23.05
C HIS A 10 10.00 -33.09 22.28
N HIS A 11 10.92 -33.65 21.52
CA HIS A 11 11.83 -32.85 20.69
C HIS A 11 11.02 -32.30 19.53
N HIS A 12 11.17 -31.02 19.25
CA HIS A 12 10.42 -30.34 18.20
C HIS A 12 11.27 -29.17 17.72
N SER A 13 10.79 -28.46 16.72
CA SER A 13 11.50 -27.30 16.18
C SER A 13 10.45 -26.28 15.76
N SER A 14 10.85 -25.03 15.66
CA SER A 14 9.95 -23.97 15.21
C SER A 14 9.67 -24.14 13.72
N GLY A 15 8.53 -23.63 13.28
CA GLY A 15 8.19 -23.63 11.86
C GLY A 15 8.39 -22.23 11.32
N HIS A 16 8.38 -22.08 10.00
CA HIS A 16 8.58 -20.78 9.36
C HIS A 16 7.81 -20.78 8.05
N ILE A 17 7.28 -19.63 7.67
CA ILE A 17 6.59 -19.46 6.38
C ILE A 17 7.16 -18.19 5.79
N GLU A 18 7.02 -18.02 4.48
CA GLU A 18 7.59 -16.86 3.78
C GLU A 18 6.61 -16.45 2.69
N GLY A 19 6.73 -15.20 2.23
CA GLY A 19 5.87 -14.70 1.18
C GLY A 19 6.46 -13.36 0.77
N ARG A 20 5.91 -12.71 -0.25
CA ARG A 20 6.45 -11.43 -0.71
C ARG A 20 5.34 -10.41 -0.87
N HIS A 21 5.66 -9.17 -0.50
CA HIS A 21 4.83 -8.01 -0.76
C HIS A 21 5.88 -6.93 -0.80
N MET A 22 5.51 -5.71 -1.13
CA MET A 22 6.42 -4.57 -1.03
C MET A 22 5.77 -3.57 -0.09
N LEU A 23 6.57 -2.95 0.76
CA LEU A 23 6.05 -1.97 1.72
C LEU A 23 6.49 -0.60 1.26
N LEU A 24 5.55 0.30 1.02
CA LEU A 24 5.86 1.64 0.52
C LEU A 24 5.28 2.67 1.43
N THR A 25 5.93 3.82 1.51
CA THR A 25 5.44 4.92 2.34
C THR A 25 4.75 5.94 1.44
N VAL A 26 3.67 6.53 1.93
CA VAL A 26 2.94 7.54 1.19
C VAL A 26 2.85 8.78 2.06
N TYR A 27 3.37 9.89 1.57
CA TYR A 27 3.28 11.16 2.27
C TYR A 27 2.14 11.96 1.64
N CYS A 28 1.07 12.17 2.39
CA CYS A 28 -0.08 12.89 1.87
C CYS A 28 -0.04 14.34 2.33
N VAL A 29 0.07 15.27 1.39
CA VAL A 29 0.09 16.69 1.69
C VAL A 29 -1.31 17.26 1.59
N ARG A 30 -1.86 17.66 2.73
CA ARG A 30 -3.16 18.32 2.77
C ARG A 30 -2.90 19.82 2.73
N ARG A 31 -3.73 20.54 1.99
CA ARG A 31 -3.53 21.99 1.81
C ARG A 31 -3.62 22.74 3.13
N ASP A 32 -4.41 22.20 4.04
CA ASP A 32 -4.63 22.80 5.35
C ASP A 32 -3.53 22.46 6.36
N LEU A 33 -2.38 22.03 5.85
CA LEU A 33 -1.20 21.61 6.66
C LEU A 33 -1.55 20.47 7.62
N SER A 34 -2.54 19.70 7.21
CA SER A 34 -3.01 18.51 7.94
C SER A 34 -2.28 17.29 7.40
N GLU A 35 -1.09 17.54 6.88
CA GLU A 35 -0.35 16.54 6.12
C GLU A 35 0.21 15.45 7.04
N VAL A 36 0.32 14.25 6.47
CA VAL A 36 0.54 13.03 7.25
C VAL A 36 1.31 12.06 6.38
N THR A 37 1.94 11.07 6.99
CA THR A 37 2.61 10.01 6.25
C THR A 37 2.12 8.69 6.82
N PHE A 38 2.00 7.69 5.97
CA PHE A 38 1.53 6.37 6.37
C PHE A 38 2.16 5.37 5.40
N SER A 39 2.01 4.08 5.64
CA SER A 39 2.63 3.07 4.78
C SER A 39 1.62 2.03 4.35
N LEU A 40 1.84 1.47 3.17
CA LEU A 40 0.94 0.49 2.57
C LEU A 40 1.68 -0.71 2.03
N GLN A 41 1.02 -1.85 2.05
CA GLN A 41 1.59 -3.08 1.50
C GLN A 41 0.94 -3.32 0.14
N VAL A 42 1.76 -3.55 -0.87
CA VAL A 42 1.29 -3.78 -2.23
C VAL A 42 1.97 -5.01 -2.81
N ASP A 43 1.43 -5.54 -3.88
CA ASP A 43 2.06 -6.64 -4.60
C ASP A 43 3.11 -6.08 -5.56
N ALA A 44 3.98 -6.92 -6.09
CA ALA A 44 4.99 -6.48 -7.04
C ALA A 44 4.33 -6.00 -8.35
N ASP A 45 3.31 -6.71 -8.80
CA ASP A 45 2.65 -6.42 -10.07
C ASP A 45 1.40 -5.57 -9.86
N PHE A 46 1.27 -5.02 -8.67
CA PHE A 46 0.15 -4.15 -8.32
C PHE A 46 0.16 -2.93 -9.25
N GLU A 47 -1.00 -2.59 -9.81
CA GLU A 47 -1.10 -1.44 -10.71
C GLU A 47 -1.09 -0.13 -9.93
N LEU A 48 -0.62 0.94 -10.56
CA LEU A 48 -0.75 2.26 -9.97
C LEU A 48 -2.23 2.65 -9.92
N HIS A 49 -3.00 2.10 -10.85
CA HIS A 49 -4.44 2.34 -10.90
C HIS A 49 -5.10 1.91 -9.60
N ASN A 50 -4.68 0.77 -9.07
CA ASN A 50 -5.20 0.28 -7.80
C ASN A 50 -4.52 0.96 -6.61
N PHE A 51 -3.24 1.28 -6.76
CA PHE A 51 -2.47 1.92 -5.67
C PHE A 51 -3.02 3.28 -5.28
N ARG A 52 -3.39 4.10 -6.26
CA ARG A 52 -3.98 5.40 -5.96
C ARG A 52 -5.29 5.25 -5.18
N ALA A 53 -6.05 4.19 -5.46
CA ALA A 53 -7.31 3.95 -4.75
C ALA A 53 -7.01 3.45 -3.33
N LEU A 54 -5.96 2.65 -3.20
CA LEU A 54 -5.55 2.11 -1.92
C LEU A 54 -5.12 3.23 -0.96
N CYS A 55 -4.40 4.22 -1.48
CA CYS A 55 -4.00 5.36 -0.63
C CYS A 55 -5.16 6.33 -0.41
N GLU A 56 -6.11 6.36 -1.34
CA GLU A 56 -7.31 7.20 -1.21
C GLU A 56 -8.12 6.70 -0.02
N LEU A 57 -8.20 5.38 0.14
CA LEU A 57 -8.92 4.76 1.24
C LEU A 57 -8.29 5.13 2.59
N GLU A 58 -6.98 5.06 2.67
CA GLU A 58 -6.27 5.38 3.92
C GLU A 58 -6.36 6.85 4.27
N SER A 59 -6.20 7.70 3.26
CA SER A 59 -6.14 9.15 3.51
C SER A 59 -7.52 9.81 3.58
N GLY A 60 -8.55 9.13 3.10
CA GLY A 60 -9.91 9.65 3.18
C GLY A 60 -10.20 10.79 2.22
N ILE A 61 -9.47 10.83 1.11
CA ILE A 61 -9.65 11.88 0.10
C ILE A 61 -9.60 11.24 -1.29
N PRO A 62 -10.43 11.72 -2.23
CA PRO A 62 -10.38 11.07 -3.54
C PRO A 62 -9.05 11.23 -4.27
N ALA A 63 -8.61 10.17 -4.92
CA ALA A 63 -7.41 10.20 -5.75
C ALA A 63 -7.63 11.13 -6.94
N ALA A 64 -8.89 11.30 -7.33
CA ALA A 64 -9.24 12.17 -8.45
C ALA A 64 -9.06 13.66 -8.10
N GLU A 65 -9.15 13.98 -6.83
CA GLU A 65 -9.06 15.38 -6.35
C GLU A 65 -7.64 15.68 -5.88
N SER A 66 -6.69 14.85 -6.28
CA SER A 66 -5.30 15.01 -5.88
C SER A 66 -4.38 14.57 -7.01
N GLN A 67 -3.08 14.71 -6.80
CA GLN A 67 -2.09 14.24 -7.77
C GLN A 67 -1.01 13.49 -7.01
N ILE A 68 -0.28 12.63 -7.70
CA ILE A 68 0.75 11.81 -7.09
C ILE A 68 2.07 12.02 -7.85
N VAL A 69 3.16 12.13 -7.09
CA VAL A 69 4.47 12.39 -7.64
C VAL A 69 5.48 11.46 -6.94
N TYR A 70 6.42 10.92 -7.69
CA TYR A 70 7.42 9.99 -7.17
C TYR A 70 8.73 10.31 -7.86
N ALA A 71 9.82 10.38 -7.10
CA ALA A 71 11.14 10.78 -7.61
C ALA A 71 11.03 12.10 -8.39
N GLU A 72 10.23 13.00 -7.84
CA GLU A 72 9.91 14.32 -8.42
C GLU A 72 9.24 14.29 -9.81
N ARG A 73 8.88 13.11 -10.29
CA ARG A 73 8.20 12.95 -11.57
C ARG A 73 6.72 12.63 -11.33
N PRO A 74 5.79 13.31 -12.03
CA PRO A 74 4.41 12.91 -11.83
C PRO A 74 4.14 11.54 -12.45
N LEU A 75 3.22 10.81 -11.87
CA LEU A 75 2.89 9.47 -12.36
C LEU A 75 1.59 9.53 -13.17
N THR A 76 1.69 9.26 -14.46
CA THR A 76 0.53 9.35 -15.34
C THR A 76 0.10 8.01 -15.93
N ASP A 77 1.05 7.13 -16.20
CA ASP A 77 0.77 5.84 -16.82
C ASP A 77 0.33 4.85 -15.73
N ASN A 78 -0.88 5.06 -15.23
CA ASN A 78 -1.43 4.29 -14.12
C ASN A 78 -1.68 2.81 -14.46
N HIS A 79 -1.64 2.49 -15.74
CA HIS A 79 -1.80 1.12 -16.23
C HIS A 79 -0.56 0.27 -15.90
N ARG A 80 0.54 0.93 -15.56
CA ARG A 80 1.78 0.21 -15.29
C ARG A 80 1.86 -0.20 -13.84
N SER A 81 2.51 -1.32 -13.58
CA SER A 81 2.68 -1.81 -12.23
C SER A 81 3.75 -0.99 -11.52
N LEU A 82 3.76 -1.03 -10.20
CA LEU A 82 4.73 -0.27 -9.41
C LEU A 82 6.17 -0.78 -9.65
N ALA A 83 6.30 -2.06 -9.95
CA ALA A 83 7.59 -2.63 -10.32
C ALA A 83 8.15 -1.97 -11.59
N SER A 84 7.27 -1.51 -12.48
CA SER A 84 7.69 -0.84 -13.71
C SER A 84 8.29 0.54 -13.43
N TYR A 85 8.06 1.07 -12.24
CA TYR A 85 8.63 2.36 -11.86
C TYR A 85 9.81 2.15 -10.95
N GLY A 86 10.06 0.89 -10.59
CA GLY A 86 11.12 0.58 -9.66
C GLY A 86 10.73 0.95 -8.25
N LEU A 87 9.44 0.96 -7.95
CA LEU A 87 8.96 1.33 -6.61
C LEU A 87 9.21 0.18 -5.63
N LYS A 88 10.45 0.09 -5.19
CA LYS A 88 10.89 -0.97 -4.28
C LYS A 88 10.37 -0.78 -2.87
N ASP A 89 10.33 -1.87 -2.14
CA ASP A 89 10.03 -1.84 -0.73
C ASP A 89 11.01 -0.90 -0.03
N GLY A 90 10.46 0.00 0.77
CA GLY A 90 11.26 1.01 1.46
C GLY A 90 11.16 2.39 0.84
N ASP A 91 10.70 2.47 -0.40
CA ASP A 91 10.60 3.77 -1.07
C ASP A 91 9.34 4.54 -0.65
N VAL A 92 9.26 5.81 -1.04
CA VAL A 92 8.17 6.69 -0.62
C VAL A 92 7.61 7.50 -1.81
N VAL A 93 6.30 7.70 -1.82
CA VAL A 93 5.66 8.53 -2.85
C VAL A 93 5.01 9.71 -2.15
N ILE A 94 4.72 10.77 -2.89
CA ILE A 94 4.11 11.96 -2.31
C ILE A 94 2.80 12.22 -3.05
N LEU A 95 1.72 12.31 -2.29
CA LEU A 95 0.41 12.63 -2.84
C LEU A 95 0.12 14.06 -2.42
N ARG A 96 -0.33 14.88 -3.35
CA ARG A 96 -0.58 16.30 -3.09
C ARG A 96 -2.04 16.62 -3.31
N GLN A 97 -2.72 16.95 -2.22
CA GLN A 97 -4.15 17.32 -2.21
C GLN A 97 -4.37 18.73 -1.67
N MET A 1 -29.72 -9.83 4.60
CA MET A 1 -29.70 -11.12 5.32
C MET A 1 -28.35 -11.48 5.96
N GLY A 2 -28.40 -12.29 7.04
CA GLY A 2 -27.20 -12.71 7.73
C GLY A 2 -26.64 -11.67 8.70
N HIS A 3 -27.50 -10.76 9.14
CA HIS A 3 -27.08 -9.62 9.99
C HIS A 3 -26.68 -9.97 11.44
N HIS A 4 -26.65 -11.25 11.80
CA HIS A 4 -26.33 -11.65 13.16
C HIS A 4 -25.09 -12.54 13.19
N HIS A 5 -24.19 -12.22 14.10
CA HIS A 5 -22.89 -12.89 14.19
C HIS A 5 -22.86 -13.94 15.30
N HIS A 6 -23.36 -15.13 14.97
CA HIS A 6 -23.40 -16.30 15.87
C HIS A 6 -24.28 -16.10 17.10
N HIS A 7 -24.35 -17.13 17.94
CA HIS A 7 -25.09 -17.07 19.20
C HIS A 7 -24.17 -17.42 20.38
N HIS A 8 -22.89 -17.61 20.08
CA HIS A 8 -21.91 -17.98 21.10
C HIS A 8 -20.64 -17.19 20.85
N HIS A 9 -19.80 -17.08 21.87
CA HIS A 9 -18.52 -16.41 21.74
C HIS A 9 -17.62 -17.25 20.84
N HIS A 10 -16.93 -16.61 19.91
CA HIS A 10 -16.04 -17.31 18.99
C HIS A 10 -14.79 -16.47 18.82
N HIS A 11 -13.63 -17.11 18.72
CA HIS A 11 -12.37 -16.39 18.58
C HIS A 11 -12.18 -15.99 17.12
N HIS A 12 -11.54 -14.86 16.89
CA HIS A 12 -11.31 -14.38 15.53
C HIS A 12 -10.28 -15.27 14.83
N SER A 13 -10.46 -15.46 13.54
CA SER A 13 -9.52 -16.24 12.72
C SER A 13 -8.15 -15.59 12.67
N SER A 14 -7.13 -16.39 12.38
CA SER A 14 -5.76 -15.89 12.23
C SER A 14 -5.08 -16.85 11.26
N GLY A 15 -3.94 -16.45 10.72
CA GLY A 15 -3.21 -17.26 9.76
C GLY A 15 -3.32 -16.72 8.35
N HIS A 16 -2.88 -15.49 8.18
CA HIS A 16 -2.99 -14.80 6.90
C HIS A 16 -1.68 -14.96 6.13
N ILE A 17 -1.76 -15.51 4.92
CA ILE A 17 -0.58 -15.71 4.07
C ILE A 17 -0.94 -15.18 2.68
N GLU A 18 0.08 -14.86 1.90
CA GLU A 18 -0.13 -14.27 0.58
C GLU A 18 0.98 -14.68 -0.39
N GLY A 19 2.21 -14.26 -0.09
CA GLY A 19 3.34 -14.52 -0.96
C GLY A 19 4.40 -13.50 -0.64
N ARG A 20 5.19 -13.11 -1.62
CA ARG A 20 6.16 -12.02 -1.44
C ARG A 20 5.41 -10.77 -1.82
N HIS A 21 5.62 -9.70 -1.07
CA HIS A 21 5.05 -8.39 -1.37
C HIS A 21 5.93 -7.38 -0.66
N MET A 22 5.79 -6.12 -0.99
CA MET A 22 6.67 -5.05 -0.51
C MET A 22 5.90 -3.99 0.27
N LEU A 23 6.64 -3.14 0.98
CA LEU A 23 6.05 -2.05 1.76
C LEU A 23 6.54 -0.73 1.19
N LEU A 24 5.62 0.20 0.97
CA LEU A 24 5.95 1.52 0.44
C LEU A 24 5.41 2.56 1.42
N THR A 25 5.98 3.74 1.39
CA THR A 25 5.53 4.83 2.28
C THR A 25 4.87 5.91 1.43
N VAL A 26 3.76 6.46 1.90
CA VAL A 26 3.06 7.51 1.19
C VAL A 26 2.92 8.70 2.12
N TYR A 27 3.33 9.88 1.66
CA TYR A 27 3.20 11.11 2.43
C TYR A 27 2.14 11.96 1.73
N CYS A 28 1.01 12.19 2.38
CA CYS A 28 -0.08 12.96 1.79
C CYS A 28 -0.05 14.38 2.32
N VAL A 29 0.07 15.35 1.43
CA VAL A 29 0.13 16.76 1.79
C VAL A 29 -1.18 17.46 1.46
N ARG A 30 -1.69 18.22 2.42
CA ARG A 30 -2.89 19.04 2.24
C ARG A 30 -2.55 20.48 2.56
N ARG A 31 -3.13 21.41 1.82
CA ARG A 31 -2.89 22.85 2.06
C ARG A 31 -3.43 23.29 3.41
N ASP A 32 -4.40 22.55 3.93
CA ASP A 32 -5.03 22.86 5.22
C ASP A 32 -4.27 22.20 6.38
N LEU A 33 -2.98 21.95 6.16
CA LEU A 33 -2.06 21.34 7.14
C LEU A 33 -2.59 20.02 7.73
N SER A 34 -3.38 19.32 6.92
CA SER A 34 -3.96 18.03 7.30
C SER A 34 -3.04 16.90 6.87
N GLU A 35 -1.78 17.22 6.66
CA GLU A 35 -0.85 16.29 6.06
C GLU A 35 -0.49 15.15 7.02
N VAL A 36 -0.24 13.99 6.45
CA VAL A 36 -0.06 12.75 7.21
C VAL A 36 0.80 11.82 6.36
N THR A 37 1.41 10.82 6.97
CA THR A 37 2.14 9.81 6.22
C THR A 37 1.73 8.46 6.78
N PHE A 38 1.71 7.46 5.90
CA PHE A 38 1.27 6.12 6.24
C PHE A 38 2.00 5.19 5.30
N SER A 39 1.91 3.89 5.54
CA SER A 39 2.59 2.90 4.69
C SER A 39 1.59 1.93 4.13
N LEU A 40 1.84 1.47 2.91
CA LEU A 40 0.95 0.52 2.24
C LEU A 40 1.75 -0.70 1.88
N GLN A 41 1.11 -1.86 1.95
CA GLN A 41 1.76 -3.13 1.62
C GLN A 41 1.08 -3.68 0.38
N VAL A 42 1.86 -3.83 -0.68
CA VAL A 42 1.35 -4.18 -2.00
C VAL A 42 2.35 -5.09 -2.69
N ASP A 43 1.95 -5.79 -3.73
CA ASP A 43 2.89 -6.60 -4.50
C ASP A 43 3.69 -5.71 -5.45
N ALA A 44 4.76 -6.25 -6.01
CA ALA A 44 5.57 -5.55 -6.99
C ALA A 44 4.73 -5.25 -8.25
N ASP A 45 3.90 -6.21 -8.67
CA ASP A 45 3.14 -6.07 -9.91
C ASP A 45 1.76 -5.41 -9.69
N PHE A 46 1.57 -4.86 -8.50
CA PHE A 46 0.33 -4.15 -8.17
C PHE A 46 0.18 -2.96 -9.11
N GLU A 47 -0.98 -2.80 -9.74
CA GLU A 47 -1.18 -1.72 -10.69
C GLU A 47 -1.26 -0.37 -10.00
N LEU A 48 -0.81 0.68 -10.68
CA LEU A 48 -0.91 2.03 -10.16
C LEU A 48 -2.37 2.40 -9.93
N HIS A 49 -3.26 1.92 -10.81
CA HIS A 49 -4.68 2.23 -10.68
C HIS A 49 -5.22 1.73 -9.34
N ASN A 50 -4.72 0.59 -8.90
CA ASN A 50 -5.16 0.00 -7.64
C ASN A 50 -4.41 0.66 -6.47
N PHE A 51 -3.14 0.95 -6.67
CA PHE A 51 -2.32 1.58 -5.64
C PHE A 51 -2.87 2.94 -5.24
N ARG A 52 -3.22 3.76 -6.23
CA ARG A 52 -3.77 5.07 -5.93
C ARG A 52 -5.12 4.96 -5.24
N ALA A 53 -5.85 3.88 -5.49
CA ALA A 53 -7.13 3.66 -4.80
C ALA A 53 -6.86 3.29 -3.33
N LEU A 54 -5.83 2.50 -3.08
CA LEU A 54 -5.48 2.13 -1.71
C LEU A 54 -5.04 3.36 -0.92
N CYS A 55 -4.26 4.22 -1.55
CA CYS A 55 -3.81 5.43 -0.86
C CYS A 55 -4.95 6.44 -0.70
N GLU A 56 -5.94 6.38 -1.58
CA GLU A 56 -7.10 7.28 -1.49
C GLU A 56 -7.88 6.95 -0.21
N LEU A 57 -8.00 5.66 0.08
CA LEU A 57 -8.72 5.21 1.28
C LEU A 57 -8.04 5.69 2.55
N GLU A 58 -6.72 5.56 2.61
CA GLU A 58 -5.96 5.98 3.79
C GLU A 58 -5.94 7.50 3.93
N SER A 59 -5.90 8.20 2.81
CA SER A 59 -5.83 9.67 2.83
C SER A 59 -7.20 10.31 3.07
N GLY A 60 -8.26 9.58 2.75
CA GLY A 60 -9.62 10.06 2.98
C GLY A 60 -10.02 11.25 2.13
N ILE A 61 -9.36 11.42 1.00
CA ILE A 61 -9.63 12.57 0.11
C ILE A 61 -9.70 12.12 -1.34
N PRO A 62 -10.49 12.80 -2.20
CA PRO A 62 -10.52 12.34 -3.60
C PRO A 62 -9.18 12.54 -4.31
N ALA A 63 -8.67 11.47 -4.91
CA ALA A 63 -7.44 11.54 -5.70
C ALA A 63 -7.62 12.39 -6.96
N ALA A 64 -8.86 12.49 -7.43
CA ALA A 64 -9.18 13.18 -8.68
C ALA A 64 -8.82 14.67 -8.67
N GLU A 65 -8.87 15.28 -7.49
CA GLU A 65 -8.58 16.71 -7.34
C GLU A 65 -7.20 16.88 -6.69
N SER A 66 -6.43 15.81 -6.73
CA SER A 66 -5.12 15.76 -6.12
C SER A 66 -4.10 15.30 -7.16
N GLN A 67 -2.83 15.24 -6.77
CA GLN A 67 -1.77 14.77 -7.65
C GLN A 67 -0.92 13.81 -6.85
N ILE A 68 -0.37 12.81 -7.52
CA ILE A 68 0.48 11.82 -6.88
C ILE A 68 1.81 11.81 -7.64
N VAL A 69 2.91 11.82 -6.89
CA VAL A 69 4.26 12.01 -7.43
C VAL A 69 5.25 11.02 -6.80
N TYR A 70 6.12 10.47 -7.62
CA TYR A 70 7.20 9.58 -7.15
C TYR A 70 8.44 9.90 -7.98
N ALA A 71 9.60 9.90 -7.34
CA ALA A 71 10.88 10.21 -8.01
C ALA A 71 10.79 11.51 -8.82
N GLU A 72 10.18 12.52 -8.20
CA GLU A 72 9.98 13.87 -8.80
C GLU A 72 9.19 13.88 -10.12
N ARG A 73 8.49 12.79 -10.42
CA ARG A 73 7.68 12.71 -11.63
C ARG A 73 6.24 12.37 -11.25
N PRO A 74 5.25 12.97 -11.94
CA PRO A 74 3.90 12.58 -11.55
C PRO A 74 3.59 11.15 -11.99
N LEU A 75 2.82 10.45 -11.17
CA LEU A 75 2.43 9.07 -11.45
C LEU A 75 1.11 9.08 -12.22
N THR A 76 1.19 9.10 -13.55
CA THR A 76 0.02 9.27 -14.40
C THR A 76 -0.42 8.05 -15.20
N ASP A 77 0.53 7.24 -15.67
CA ASP A 77 0.19 6.09 -16.53
C ASP A 77 -0.29 4.96 -15.63
N ASN A 78 -1.59 4.92 -15.37
CA ASN A 78 -2.13 3.98 -14.38
C ASN A 78 -2.05 2.53 -14.80
N HIS A 79 -1.75 2.30 -16.07
CA HIS A 79 -1.68 0.96 -16.64
C HIS A 79 -0.39 0.24 -16.26
N ARG A 80 0.52 0.95 -15.62
CA ARG A 80 1.79 0.35 -15.22
C ARG A 80 1.67 -0.24 -13.84
N SER A 81 2.45 -1.28 -13.58
CA SER A 81 2.59 -1.79 -12.23
C SER A 81 3.62 -0.93 -11.51
N LEU A 82 3.68 -1.03 -10.20
CA LEU A 82 4.60 -0.22 -9.41
C LEU A 82 6.06 -0.58 -9.70
N ALA A 83 6.31 -1.86 -9.97
CA ALA A 83 7.65 -2.31 -10.36
C ALA A 83 8.09 -1.66 -11.67
N SER A 84 7.13 -1.35 -12.53
CA SER A 84 7.42 -0.69 -13.82
C SER A 84 7.88 0.75 -13.62
N TYR A 85 7.64 1.32 -12.45
CA TYR A 85 8.13 2.66 -12.12
C TYR A 85 9.39 2.56 -11.25
N GLY A 86 9.68 1.35 -10.78
CA GLY A 86 10.82 1.12 -9.91
C GLY A 86 10.51 1.30 -8.44
N LEU A 87 9.24 1.20 -8.05
CA LEU A 87 8.88 1.34 -6.64
C LEU A 87 9.39 0.14 -5.84
N LYS A 88 10.63 0.24 -5.37
CA LYS A 88 11.21 -0.79 -4.51
C LYS A 88 10.72 -0.63 -3.07
N ASP A 89 10.86 -1.67 -2.28
CA ASP A 89 10.46 -1.62 -0.88
C ASP A 89 11.22 -0.50 -0.18
N GLY A 90 10.47 0.32 0.56
CA GLY A 90 11.03 1.46 1.25
C GLY A 90 10.91 2.77 0.49
N ASP A 91 10.52 2.73 -0.78
CA ASP A 91 10.36 3.98 -1.55
C ASP A 91 9.23 4.85 -0.99
N VAL A 92 9.34 6.15 -1.22
CA VAL A 92 8.38 7.13 -0.71
C VAL A 92 7.64 7.82 -1.86
N VAL A 93 6.32 7.82 -1.77
CA VAL A 93 5.45 8.47 -2.76
C VAL A 93 4.84 9.70 -2.08
N ILE A 94 4.67 10.79 -2.81
CA ILE A 94 4.13 12.02 -2.26
C ILE A 94 2.81 12.35 -2.94
N LEU A 95 1.77 12.49 -2.14
CA LEU A 95 0.43 12.82 -2.61
C LEU A 95 0.22 14.29 -2.27
N ARG A 96 -0.32 15.08 -3.18
CA ARG A 96 -0.44 16.54 -2.99
C ARG A 96 -1.81 17.06 -3.40
N GLN A 97 -2.64 17.41 -2.43
CA GLN A 97 -3.97 17.97 -2.72
C GLN A 97 -3.90 19.49 -2.87
N MET A 1 -31.76 -33.72 17.59
CA MET A 1 -30.66 -32.76 17.34
C MET A 1 -29.43 -33.38 16.66
N GLY A 2 -28.84 -32.62 15.74
CA GLY A 2 -27.63 -33.08 15.06
C GLY A 2 -26.43 -32.87 15.96
N HIS A 3 -25.41 -33.72 15.82
CA HIS A 3 -24.21 -33.59 16.63
C HIS A 3 -23.12 -32.89 15.82
N HIS A 4 -22.27 -32.13 16.50
CA HIS A 4 -21.19 -31.41 15.81
C HIS A 4 -20.16 -32.37 15.22
N HIS A 5 -19.78 -32.12 13.97
CA HIS A 5 -18.79 -32.93 13.28
C HIS A 5 -17.39 -32.34 13.48
N HIS A 6 -16.49 -33.08 14.13
CA HIS A 6 -15.16 -32.56 14.42
C HIS A 6 -14.12 -33.66 14.58
N HIS A 7 -12.85 -33.28 14.55
CA HIS A 7 -11.71 -34.18 14.82
C HIS A 7 -11.70 -35.46 13.95
N HIS A 8 -12.09 -35.33 12.69
CA HIS A 8 -12.13 -36.49 11.80
C HIS A 8 -10.74 -37.05 11.48
N HIS A 9 -9.80 -36.17 11.21
CA HIS A 9 -8.44 -36.59 10.89
C HIS A 9 -7.50 -35.41 11.14
N HIS A 10 -6.21 -35.69 11.31
CA HIS A 10 -5.23 -34.63 11.61
C HIS A 10 -3.88 -34.82 10.90
N HIS A 11 -3.83 -35.66 9.87
CA HIS A 11 -2.55 -35.98 9.20
C HIS A 11 -1.89 -34.78 8.52
N HIS A 12 -2.62 -34.07 7.69
CA HIS A 12 -2.07 -32.93 6.95
C HIS A 12 -3.20 -31.98 6.59
N SER A 13 -2.92 -30.69 6.51
CA SER A 13 -3.90 -29.69 6.10
C SER A 13 -3.17 -28.52 5.48
N SER A 14 -3.82 -27.81 4.56
CA SER A 14 -3.25 -26.63 3.89
C SER A 14 -1.88 -26.92 3.26
N GLY A 15 -0.96 -25.97 3.36
CA GLY A 15 0.36 -26.09 2.76
C GLY A 15 0.72 -24.85 1.95
N HIS A 16 -0.21 -23.91 1.86
CA HIS A 16 0.02 -22.65 1.14
C HIS A 16 0.96 -21.74 1.93
N ILE A 17 2.13 -21.46 1.37
CA ILE A 17 3.13 -20.59 2.02
C ILE A 17 3.54 -19.40 1.12
N GLU A 18 2.83 -19.21 0.02
CA GLU A 18 3.11 -18.08 -0.87
C GLU A 18 2.62 -16.78 -0.23
N GLY A 19 3.19 -15.67 -0.66
CA GLY A 19 2.79 -14.37 -0.12
C GLY A 19 3.77 -13.23 -0.36
N ARG A 20 4.26 -13.08 -1.57
CA ARG A 20 5.20 -11.98 -1.87
C ARG A 20 4.47 -10.66 -1.85
N HIS A 21 5.10 -9.65 -1.27
CA HIS A 21 4.57 -8.30 -1.19
C HIS A 21 5.75 -7.42 -0.82
N MET A 22 5.54 -6.11 -0.80
CA MET A 22 6.57 -5.15 -0.40
C MET A 22 5.86 -4.01 0.31
N LEU A 23 6.64 -3.20 1.03
CA LEU A 23 6.09 -2.06 1.78
C LEU A 23 6.56 -0.75 1.17
N LEU A 24 5.64 0.20 0.98
CA LEU A 24 5.98 1.52 0.46
C LEU A 24 5.48 2.56 1.44
N THR A 25 6.08 3.74 1.43
CA THR A 25 5.63 4.84 2.29
C THR A 25 4.97 5.91 1.43
N VAL A 26 3.82 6.42 1.87
CA VAL A 26 3.10 7.44 1.12
C VAL A 26 2.86 8.65 2.02
N TYR A 27 3.24 9.82 1.53
CA TYR A 27 3.06 11.07 2.25
C TYR A 27 2.05 11.96 1.52
N CYS A 28 0.90 12.16 2.13
CA CYS A 28 -0.15 12.99 1.57
C CYS A 28 -0.03 14.38 2.18
N VAL A 29 -0.05 15.41 1.34
CA VAL A 29 0.11 16.79 1.80
C VAL A 29 -1.06 17.66 1.35
N ARG A 30 -1.63 18.41 2.29
CA ARG A 30 -2.66 19.40 1.97
C ARG A 30 -2.17 20.76 2.44
N ARG A 31 -2.55 21.81 1.73
CA ARG A 31 -2.19 23.17 2.12
C ARG A 31 -2.84 23.55 3.44
N ASP A 32 -3.85 22.78 3.81
CA ASP A 32 -4.65 22.99 5.01
C ASP A 32 -4.05 22.25 6.22
N LEU A 33 -2.78 21.84 6.09
CA LEU A 33 -2.02 21.13 7.14
C LEU A 33 -2.67 19.82 7.61
N SER A 34 -3.47 19.23 6.75
CA SER A 34 -4.13 17.94 7.01
C SER A 34 -3.23 16.82 6.49
N GLU A 35 -1.95 17.12 6.43
CA GLU A 35 -0.97 16.22 5.85
C GLU A 35 -0.74 15.03 6.77
N VAL A 36 -0.49 13.87 6.16
CA VAL A 36 -0.38 12.62 6.90
C VAL A 36 0.54 11.67 6.10
N THR A 37 1.32 10.87 6.79
CA THR A 37 2.20 9.89 6.15
C THR A 37 1.84 8.54 6.73
N PHE A 38 1.85 7.53 5.88
CA PHE A 38 1.44 6.17 6.25
C PHE A 38 2.19 5.23 5.32
N SER A 39 2.09 3.93 5.55
CA SER A 39 2.73 2.96 4.69
C SER A 39 1.68 2.00 4.15
N LEU A 40 1.97 1.39 3.01
CA LEU A 40 1.05 0.47 2.36
C LEU A 40 1.76 -0.81 1.99
N GLN A 41 1.07 -1.92 2.17
CA GLN A 41 1.60 -3.25 1.82
C GLN A 41 0.95 -3.64 0.50
N VAL A 42 1.77 -3.74 -0.54
CA VAL A 42 1.28 -3.97 -1.89
C VAL A 42 2.16 -4.97 -2.64
N ASP A 43 1.65 -5.47 -3.76
CA ASP A 43 2.43 -6.38 -4.61
C ASP A 43 3.41 -5.53 -5.44
N ALA A 44 4.44 -6.15 -5.96
CA ALA A 44 5.37 -5.48 -6.85
C ALA A 44 4.64 -5.16 -8.16
N ASP A 45 3.76 -6.06 -8.58
CA ASP A 45 3.02 -5.92 -9.84
C ASP A 45 1.68 -5.20 -9.65
N PHE A 46 1.53 -4.54 -8.51
CA PHE A 46 0.29 -3.84 -8.20
C PHE A 46 0.12 -2.64 -9.14
N GLU A 47 -1.04 -2.55 -9.76
CA GLU A 47 -1.34 -1.48 -10.71
C GLU A 47 -1.39 -0.14 -10.01
N LEU A 48 -0.91 0.92 -10.67
CA LEU A 48 -0.99 2.27 -10.09
C LEU A 48 -2.46 2.68 -9.94
N HIS A 49 -3.31 2.16 -10.81
CA HIS A 49 -4.74 2.38 -10.72
C HIS A 49 -5.29 1.88 -9.38
N ASN A 50 -4.86 0.71 -8.95
CA ASN A 50 -5.31 0.18 -7.68
C ASN A 50 -4.58 0.87 -6.54
N PHE A 51 -3.34 1.25 -6.77
CA PHE A 51 -2.53 1.91 -5.74
C PHE A 51 -3.13 3.24 -5.31
N ARG A 52 -3.59 4.04 -6.26
CA ARG A 52 -4.21 5.33 -5.92
C ARG A 52 -5.53 5.11 -5.17
N ALA A 53 -6.20 3.99 -5.41
CA ALA A 53 -7.44 3.68 -4.68
C ALA A 53 -7.11 3.30 -3.23
N LEU A 54 -6.05 2.53 -3.04
CA LEU A 54 -5.64 2.15 -1.68
C LEU A 54 -5.19 3.42 -0.93
N CYS A 55 -4.51 4.30 -1.64
CA CYS A 55 -4.07 5.56 -1.07
C CYS A 55 -5.26 6.41 -0.65
N GLU A 56 -6.29 6.45 -1.47
CA GLU A 56 -7.52 7.20 -1.18
C GLU A 56 -8.16 6.68 0.11
N LEU A 57 -8.19 5.36 0.27
CA LEU A 57 -8.78 4.74 1.45
C LEU A 57 -8.01 5.12 2.72
N GLU A 58 -6.69 5.03 2.68
CA GLU A 58 -5.87 5.32 3.87
C GLU A 58 -5.85 6.81 4.22
N SER A 59 -5.78 7.66 3.20
CA SER A 59 -5.66 9.11 3.42
C SER A 59 -7.00 9.79 3.68
N GLY A 60 -8.09 9.19 3.21
CA GLY A 60 -9.41 9.74 3.45
C GLY A 60 -9.70 11.03 2.71
N ILE A 61 -8.97 11.28 1.63
CA ILE A 61 -9.14 12.50 0.84
C ILE A 61 -9.42 12.12 -0.62
N PRO A 62 -10.24 12.91 -1.34
CA PRO A 62 -10.49 12.53 -2.74
C PRO A 62 -9.24 12.54 -3.61
N ALA A 63 -8.90 11.39 -4.15
CA ALA A 63 -7.74 11.25 -5.04
C ALA A 63 -7.97 12.05 -6.32
N ALA A 64 -9.24 12.27 -6.66
CA ALA A 64 -9.62 13.05 -7.84
C ALA A 64 -9.12 14.51 -7.77
N GLU A 65 -8.90 15.01 -6.57
CA GLU A 65 -8.48 16.40 -6.36
C GLU A 65 -6.97 16.49 -6.14
N SER A 66 -6.25 15.43 -6.47
CA SER A 66 -4.82 15.36 -6.18
C SER A 66 -3.94 14.86 -7.32
N GLN A 67 -2.63 15.10 -7.17
CA GLN A 67 -1.63 14.53 -8.07
C GLN A 67 -0.64 13.77 -7.20
N ILE A 68 -0.05 12.73 -7.77
CA ILE A 68 0.84 11.84 -7.05
C ILE A 68 2.21 11.83 -7.75
N VAL A 69 3.27 11.90 -6.95
CA VAL A 69 4.63 12.14 -7.42
C VAL A 69 5.61 11.14 -6.80
N TYR A 70 6.51 10.61 -7.60
CA TYR A 70 7.56 9.71 -7.13
C TYR A 70 8.82 10.06 -7.91
N ALA A 71 9.98 10.00 -7.26
CA ALA A 71 11.27 10.36 -7.90
C ALA A 71 11.19 11.75 -8.56
N GLU A 72 10.60 12.69 -7.83
CA GLU A 72 10.40 14.09 -8.26
C GLU A 72 9.55 14.29 -9.52
N ARG A 73 8.94 13.23 -10.04
CA ARG A 73 8.10 13.33 -11.24
C ARG A 73 6.69 12.81 -11.01
N PRO A 74 5.68 13.42 -11.65
CA PRO A 74 4.35 12.85 -11.39
C PRO A 74 4.17 11.50 -12.06
N LEU A 75 3.36 10.65 -11.45
CA LEU A 75 3.04 9.35 -12.04
C LEU A 75 1.78 9.60 -12.86
N THR A 76 1.82 9.32 -14.15
CA THR A 76 0.70 9.62 -15.05
C THR A 76 0.03 8.37 -15.59
N ASP A 77 0.81 7.38 -15.98
CA ASP A 77 0.26 6.17 -16.57
C ASP A 77 -0.18 5.26 -15.43
N ASN A 78 -1.47 5.24 -15.17
CA ASN A 78 -2.01 4.42 -14.10
C ASN A 78 -2.06 2.94 -14.50
N HIS A 79 -1.83 2.70 -15.79
CA HIS A 79 -1.82 1.36 -16.38
C HIS A 79 -0.43 0.72 -16.34
N ARG A 80 0.34 1.05 -15.32
CA ARG A 80 1.67 0.52 -15.14
C ARG A 80 1.79 0.10 -13.70
N SER A 81 2.46 -1.01 -13.46
CA SER A 81 2.65 -1.50 -12.10
C SER A 81 3.72 -0.70 -11.39
N LEU A 82 3.75 -0.82 -10.07
CA LEU A 82 4.73 -0.12 -9.24
C LEU A 82 6.17 -0.53 -9.63
N ALA A 83 6.36 -1.82 -9.91
CA ALA A 83 7.65 -2.34 -10.35
C ALA A 83 8.11 -1.68 -11.65
N SER A 84 7.18 -1.26 -12.50
CA SER A 84 7.53 -0.62 -13.76
C SER A 84 8.07 0.81 -13.55
N TYR A 85 7.80 1.38 -12.38
CA TYR A 85 8.32 2.71 -12.05
C TYR A 85 9.54 2.55 -11.16
N GLY A 86 9.81 1.32 -10.75
CA GLY A 86 10.95 1.04 -9.88
C GLY A 86 10.66 1.23 -8.41
N LEU A 87 9.38 1.21 -8.01
CA LEU A 87 9.05 1.37 -6.60
C LEU A 87 9.49 0.15 -5.80
N LYS A 88 10.71 0.20 -5.30
CA LYS A 88 11.24 -0.85 -4.43
C LYS A 88 10.76 -0.66 -3.00
N ASP A 89 10.86 -1.72 -2.21
CA ASP A 89 10.47 -1.67 -0.80
C ASP A 89 11.22 -0.54 -0.10
N GLY A 90 10.47 0.29 0.61
CA GLY A 90 11.05 1.41 1.32
C GLY A 90 10.99 2.74 0.58
N ASP A 91 10.62 2.72 -0.71
CA ASP A 91 10.51 3.96 -1.46
C ASP A 91 9.36 4.82 -0.94
N VAL A 92 9.48 6.13 -1.15
CA VAL A 92 8.51 7.11 -0.66
C VAL A 92 7.79 7.78 -1.82
N VAL A 93 6.46 7.82 -1.75
CA VAL A 93 5.62 8.44 -2.75
C VAL A 93 4.98 9.67 -2.11
N ILE A 94 4.91 10.78 -2.82
CA ILE A 94 4.38 12.03 -2.29
C ILE A 94 3.10 12.39 -3.05
N LEU A 95 2.03 12.71 -2.35
CA LEU A 95 0.76 13.09 -2.97
C LEU A 95 0.38 14.48 -2.50
N ARG A 96 -0.10 15.32 -3.41
CA ARG A 96 -0.51 16.70 -3.08
C ARG A 96 -1.95 16.92 -3.47
N GLN A 97 -2.76 17.34 -2.48
CA GLN A 97 -4.19 17.66 -2.67
C GLN A 97 -4.46 19.13 -2.36
N MET A 1 13.70 -37.22 32.83
CA MET A 1 12.66 -36.16 32.74
C MET A 1 11.29 -36.70 32.39
N GLY A 2 10.28 -36.30 33.19
CA GLY A 2 8.91 -36.71 32.95
C GLY A 2 8.08 -36.78 34.23
N HIS A 3 7.33 -35.73 34.49
CA HIS A 3 6.45 -35.67 35.66
C HIS A 3 5.24 -34.81 35.33
N HIS A 4 4.09 -35.15 35.90
CA HIS A 4 2.87 -34.38 35.67
C HIS A 4 2.98 -33.00 36.32
N HIS A 5 2.59 -31.98 35.59
CA HIS A 5 2.65 -30.58 36.08
C HIS A 5 1.39 -29.78 35.72
N HIS A 6 0.69 -30.18 34.66
CA HIS A 6 -0.53 -29.50 34.18
C HIS A 6 -0.33 -27.98 33.95
N HIS A 7 0.84 -27.60 33.44
CA HIS A 7 1.11 -26.20 33.14
C HIS A 7 0.16 -25.67 32.06
N HIS A 8 -0.05 -26.48 31.03
CA HIS A 8 -1.00 -26.20 29.94
C HIS A 8 -0.74 -24.84 29.26
N HIS A 9 -1.71 -24.38 28.47
CA HIS A 9 -1.60 -23.14 27.71
C HIS A 9 -3.01 -22.76 27.29
N HIS A 10 -3.16 -21.63 26.63
CA HIS A 10 -4.47 -21.20 26.09
C HIS A 10 -4.43 -21.08 24.57
N HIS A 11 -3.34 -20.53 24.04
CA HIS A 11 -3.11 -20.43 22.59
C HIS A 11 -4.26 -19.73 21.83
N HIS A 12 -4.83 -18.70 22.44
CA HIS A 12 -5.91 -17.94 21.82
C HIS A 12 -5.42 -17.11 20.65
N SER A 13 -6.37 -16.74 19.78
CA SER A 13 -6.18 -15.91 18.57
C SER A 13 -5.65 -16.72 17.40
N SER A 14 -5.82 -16.17 16.21
CA SER A 14 -5.44 -16.82 14.96
C SER A 14 -5.28 -15.72 13.94
N GLY A 15 -4.63 -16.02 12.82
CA GLY A 15 -4.41 -15.06 11.77
C GLY A 15 -3.88 -15.81 10.57
N HIS A 16 -3.78 -15.15 9.43
CA HIS A 16 -3.26 -15.77 8.22
C HIS A 16 -2.49 -14.69 7.49
N ILE A 17 -1.48 -15.07 6.73
CA ILE A 17 -0.68 -14.12 5.97
C ILE A 17 -0.61 -14.64 4.54
N GLU A 18 -0.32 -13.74 3.61
CA GLU A 18 -0.22 -14.09 2.20
C GLU A 18 1.25 -14.15 1.79
N GLY A 19 2.00 -13.13 2.17
CA GLY A 19 3.44 -13.11 1.92
C GLY A 19 3.80 -12.52 0.57
N ARG A 20 5.09 -12.65 0.21
CA ARG A 20 5.67 -12.18 -1.07
C ARG A 20 5.24 -10.77 -1.53
N HIS A 21 4.98 -9.86 -0.60
CA HIS A 21 4.57 -8.50 -0.97
C HIS A 21 5.59 -7.52 -0.40
N MET A 22 5.55 -6.29 -0.88
CA MET A 22 6.46 -5.24 -0.43
C MET A 22 5.69 -4.18 0.36
N LEU A 23 6.41 -3.16 0.81
CA LEU A 23 5.84 -2.08 1.62
C LEU A 23 6.35 -0.76 1.06
N LEU A 24 5.46 0.20 0.88
CA LEU A 24 5.83 1.52 0.36
C LEU A 24 5.33 2.59 1.31
N THR A 25 5.99 3.74 1.31
CA THR A 25 5.59 4.85 2.16
C THR A 25 4.86 5.88 1.30
N VAL A 26 3.81 6.46 1.85
CA VAL A 26 3.02 7.48 1.16
C VAL A 26 3.00 8.71 2.04
N TYR A 27 3.27 9.87 1.45
CA TYR A 27 3.27 11.12 2.20
C TYR A 27 2.25 12.08 1.59
N CYS A 28 1.15 12.33 2.28
CA CYS A 28 0.13 13.23 1.77
C CYS A 28 0.40 14.62 2.34
N VAL A 29 0.32 15.64 1.49
CA VAL A 29 0.64 17.01 1.90
C VAL A 29 -0.46 18.00 1.50
N ARG A 30 -0.87 18.82 2.45
CA ARG A 30 -1.77 19.94 2.21
C ARG A 30 -1.14 21.12 2.92
N ARG A 31 -1.26 22.31 2.35
CA ARG A 31 -0.67 23.52 2.96
C ARG A 31 -1.38 23.92 4.24
N ASP A 32 -2.53 23.31 4.49
CA ASP A 32 -3.35 23.60 5.66
C ASP A 32 -2.93 22.71 6.84
N LEU A 33 -1.67 22.29 6.81
CA LEU A 33 -1.05 21.39 7.82
C LEU A 33 -1.84 20.11 8.05
N SER A 34 -2.53 19.66 7.01
CA SER A 34 -3.31 18.42 7.07
C SER A 34 -2.47 17.28 6.49
N GLU A 35 -1.17 17.50 6.49
CA GLU A 35 -0.24 16.51 5.94
C GLU A 35 -0.10 15.34 6.91
N VAL A 36 0.12 14.15 6.36
CA VAL A 36 0.21 12.93 7.12
C VAL A 36 1.01 11.95 6.28
N THR A 37 1.69 11.00 6.89
CA THR A 37 2.41 9.98 6.15
C THR A 37 2.13 8.63 6.79
N PHE A 38 2.11 7.61 5.97
CA PHE A 38 1.75 6.25 6.40
C PHE A 38 2.39 5.30 5.41
N SER A 39 2.29 4.00 5.66
CA SER A 39 2.85 3.01 4.75
C SER A 39 1.79 2.00 4.38
N LEU A 40 1.87 1.49 3.16
CA LEU A 40 0.91 0.52 2.65
C LEU A 40 1.64 -0.72 2.15
N GLN A 41 1.00 -1.87 2.30
CA GLN A 41 1.56 -3.11 1.80
C GLN A 41 0.93 -3.40 0.45
N VAL A 42 1.77 -3.65 -0.54
CA VAL A 42 1.32 -3.87 -1.92
C VAL A 42 2.18 -4.93 -2.57
N ASP A 43 1.71 -5.52 -3.65
CA ASP A 43 2.51 -6.48 -4.41
C ASP A 43 3.44 -5.68 -5.31
N ALA A 44 4.43 -6.33 -5.92
CA ALA A 44 5.30 -5.67 -6.87
C ALA A 44 4.50 -5.37 -8.15
N ASP A 45 3.59 -6.28 -8.49
CA ASP A 45 2.79 -6.16 -9.70
C ASP A 45 1.51 -5.34 -9.48
N PHE A 46 1.43 -4.67 -8.35
CA PHE A 46 0.26 -3.84 -8.02
C PHE A 46 0.12 -2.74 -9.06
N GLU A 47 -1.08 -2.62 -9.61
CA GLU A 47 -1.36 -1.61 -10.63
C GLU A 47 -1.34 -0.23 -10.03
N LEU A 48 -0.93 0.78 -10.79
CA LEU A 48 -0.99 2.16 -10.31
C LEU A 48 -2.44 2.54 -10.07
N HIS A 49 -3.33 2.02 -10.92
CA HIS A 49 -4.76 2.25 -10.78
C HIS A 49 -5.25 1.77 -9.41
N ASN A 50 -4.74 0.64 -8.96
CA ASN A 50 -5.14 0.09 -7.67
C ASN A 50 -4.43 0.84 -6.53
N PHE A 51 -3.17 1.18 -6.73
CA PHE A 51 -2.39 1.87 -5.71
C PHE A 51 -2.96 3.24 -5.36
N ARG A 52 -3.34 4.01 -6.37
CA ARG A 52 -3.91 5.34 -6.12
C ARG A 52 -5.25 5.22 -5.38
N ALA A 53 -5.99 4.15 -5.63
CA ALA A 53 -7.26 3.92 -4.93
C ALA A 53 -7.00 3.46 -3.50
N LEU A 54 -5.96 2.67 -3.30
CA LEU A 54 -5.61 2.18 -1.97
C LEU A 54 -5.16 3.33 -1.06
N CYS A 55 -4.38 4.26 -1.60
CA CYS A 55 -3.92 5.39 -0.80
C CYS A 55 -5.04 6.41 -0.60
N GLU A 56 -5.99 6.44 -1.52
CA GLU A 56 -7.18 7.30 -1.41
C GLU A 56 -8.03 6.81 -0.23
N LEU A 57 -8.18 5.49 -0.14
CA LEU A 57 -8.96 4.87 0.93
C LEU A 57 -8.32 5.13 2.30
N GLU A 58 -7.02 4.96 2.39
CA GLU A 58 -6.30 5.13 3.66
C GLU A 58 -6.24 6.60 4.11
N SER A 59 -5.96 7.49 3.17
CA SER A 59 -5.82 8.91 3.50
C SER A 59 -7.18 9.62 3.65
N GLY A 60 -8.22 9.06 3.06
CA GLY A 60 -9.56 9.63 3.21
C GLY A 60 -9.80 10.87 2.37
N ILE A 61 -8.94 11.14 1.40
CA ILE A 61 -9.09 12.30 0.52
C ILE A 61 -9.09 11.85 -0.94
N PRO A 62 -9.98 12.42 -1.79
CA PRO A 62 -10.09 11.86 -3.14
C PRO A 62 -8.84 11.97 -4.00
N ALA A 63 -8.50 10.88 -4.66
CA ALA A 63 -7.39 10.85 -5.61
C ALA A 63 -7.70 11.68 -6.84
N ALA A 64 -8.99 11.87 -7.12
CA ALA A 64 -9.43 12.65 -8.27
C ALA A 64 -9.15 14.15 -8.05
N GLU A 65 -9.08 14.56 -6.79
CA GLU A 65 -8.86 15.96 -6.43
C GLU A 65 -7.39 16.15 -6.03
N SER A 66 -6.60 15.12 -6.30
CA SER A 66 -5.21 15.10 -5.88
C SER A 66 -4.29 14.68 -7.02
N GLN A 67 -2.99 14.85 -6.81
CA GLN A 67 -2.00 14.30 -7.71
C GLN A 67 -1.01 13.52 -6.87
N ILE A 68 -0.48 12.45 -7.43
CA ILE A 68 0.48 11.60 -6.72
C ILE A 68 1.77 11.59 -7.55
N VAL A 69 2.88 11.77 -6.86
CA VAL A 69 4.19 12.06 -7.45
C VAL A 69 5.24 11.09 -6.92
N TYR A 70 6.12 10.64 -7.81
CA TYR A 70 7.23 9.78 -7.46
C TYR A 70 8.45 10.26 -8.22
N ALA A 71 9.62 10.27 -7.57
CA ALA A 71 10.87 10.74 -8.18
C ALA A 71 10.67 12.12 -8.84
N GLU A 72 9.96 12.98 -8.12
CA GLU A 72 9.61 14.36 -8.56
C GLU A 72 8.81 14.44 -9.88
N ARG A 73 8.27 13.33 -10.36
CA ARG A 73 7.41 13.33 -11.55
C ARG A 73 6.02 12.79 -11.21
N PRO A 74 4.96 13.36 -11.82
CA PRO A 74 3.64 12.82 -11.48
C PRO A 74 3.42 11.43 -12.07
N LEU A 75 2.71 10.60 -11.35
CA LEU A 75 2.40 9.23 -11.78
C LEU A 75 1.10 9.25 -12.58
N THR A 76 1.21 9.36 -13.90
CA THR A 76 0.02 9.50 -14.76
C THR A 76 -0.32 8.28 -15.62
N ASP A 77 0.64 7.42 -15.91
CA ASP A 77 0.39 6.24 -16.74
C ASP A 77 -0.13 5.13 -15.85
N ASN A 78 -1.40 5.20 -15.49
CA ASN A 78 -2.02 4.29 -14.51
C ASN A 78 -2.11 2.83 -14.97
N HIS A 79 -1.69 2.56 -16.19
CA HIS A 79 -1.68 1.21 -16.77
C HIS A 79 -0.37 0.46 -16.47
N ARG A 80 0.45 1.01 -15.59
CA ARG A 80 1.74 0.40 -15.27
C ARG A 80 1.81 0.01 -13.81
N SER A 81 2.46 -1.10 -13.53
CA SER A 81 2.65 -1.58 -12.17
C SER A 81 3.72 -0.76 -11.47
N LEU A 82 3.72 -0.79 -10.15
CA LEU A 82 4.67 0.01 -9.35
C LEU A 82 6.12 -0.43 -9.56
N ALA A 83 6.32 -1.73 -9.77
CA ALA A 83 7.66 -2.27 -10.06
C ALA A 83 8.18 -1.69 -11.38
N SER A 84 7.28 -1.34 -12.28
CA SER A 84 7.66 -0.76 -13.58
C SER A 84 8.25 0.64 -13.43
N TYR A 85 8.03 1.27 -12.29
CA TYR A 85 8.62 2.58 -12.00
C TYR A 85 9.81 2.43 -11.08
N GLY A 86 10.03 1.22 -10.60
CA GLY A 86 11.09 0.98 -9.65
C GLY A 86 10.70 1.24 -8.21
N LEU A 87 9.40 1.24 -7.89
CA LEU A 87 8.98 1.44 -6.50
C LEU A 87 9.33 0.19 -5.68
N LYS A 88 10.54 0.15 -5.19
CA LYS A 88 10.99 -0.97 -4.36
C LYS A 88 10.54 -0.81 -2.93
N ASP A 89 10.67 -1.87 -2.15
CA ASP A 89 10.32 -1.85 -0.74
C ASP A 89 11.08 -0.75 -0.02
N GLY A 90 10.34 0.10 0.68
CA GLY A 90 10.92 1.21 1.42
C GLY A 90 10.89 2.54 0.68
N ASP A 91 10.55 2.53 -0.59
CA ASP A 91 10.49 3.77 -1.38
C ASP A 91 9.27 4.62 -0.99
N VAL A 92 9.27 5.89 -1.36
CA VAL A 92 8.26 6.86 -0.90
C VAL A 92 7.57 7.58 -2.07
N VAL A 93 6.25 7.78 -1.97
CA VAL A 93 5.53 8.62 -2.94
C VAL A 93 4.92 9.80 -2.20
N ILE A 94 4.65 10.88 -2.91
CA ILE A 94 4.10 12.10 -2.30
C ILE A 94 2.78 12.44 -3.00
N LEU A 95 1.74 12.65 -2.21
CA LEU A 95 0.42 12.98 -2.74
C LEU A 95 0.08 14.41 -2.31
N ARG A 96 -0.42 15.22 -3.23
CA ARG A 96 -0.80 16.60 -2.92
C ARG A 96 -2.26 16.83 -3.25
N GLN A 97 -3.00 17.37 -2.28
CA GLN A 97 -4.43 17.74 -2.45
C GLN A 97 -4.64 19.24 -2.19
N MET A 1 -0.21 -22.46 -9.88
CA MET A 1 -0.71 -23.74 -9.28
C MET A 1 -0.16 -24.01 -7.90
N GLY A 2 0.71 -23.09 -7.52
CA GLY A 2 1.39 -23.15 -6.23
C GLY A 2 2.12 -21.87 -5.89
N HIS A 3 2.69 -21.24 -6.91
CA HIS A 3 3.32 -19.91 -6.80
C HIS A 3 4.35 -19.78 -5.66
N HIS A 4 5.08 -20.86 -5.39
CA HIS A 4 6.07 -20.86 -4.34
C HIS A 4 7.47 -20.75 -4.91
N HIS A 5 8.25 -19.86 -4.32
CA HIS A 5 9.64 -19.66 -4.66
C HIS A 5 10.23 -18.96 -3.45
N HIS A 6 11.54 -18.79 -3.40
CA HIS A 6 12.19 -18.19 -2.25
C HIS A 6 13.30 -17.26 -2.75
N HIS A 7 13.46 -16.13 -2.07
CA HIS A 7 14.49 -15.17 -2.41
C HIS A 7 15.45 -15.15 -1.24
N HIS A 8 16.75 -15.19 -1.50
CA HIS A 8 17.74 -15.16 -0.42
C HIS A 8 17.75 -13.75 0.17
N HIS A 9 17.43 -13.64 1.46
CA HIS A 9 17.33 -12.33 2.11
C HIS A 9 17.63 -12.54 3.59
N HIS A 10 17.63 -11.46 4.34
CA HIS A 10 17.74 -11.54 5.79
C HIS A 10 16.62 -10.67 6.34
N HIS A 11 16.18 -10.96 7.56
CA HIS A 11 15.12 -10.21 8.20
C HIS A 11 15.26 -10.52 9.70
N HIS A 12 14.39 -9.97 10.53
CA HIS A 12 14.37 -10.33 11.93
C HIS A 12 13.96 -11.80 12.01
N SER A 13 14.65 -12.57 12.84
CA SER A 13 14.39 -14.01 12.97
C SER A 13 13.08 -14.31 13.71
N SER A 14 11.97 -14.11 13.04
CA SER A 14 10.64 -14.29 13.63
C SER A 14 10.24 -15.77 13.70
N GLY A 15 10.72 -16.56 12.74
CA GLY A 15 10.33 -17.95 12.65
C GLY A 15 8.96 -18.12 11.99
N HIS A 16 8.45 -17.02 11.45
CA HIS A 16 7.14 -17.03 10.80
C HIS A 16 7.34 -17.01 9.29
N ILE A 17 6.24 -17.15 8.54
CA ILE A 17 6.29 -17.11 7.08
C ILE A 17 6.59 -15.67 6.66
N GLU A 18 7.73 -15.48 6.00
CA GLU A 18 8.12 -14.15 5.55
C GLU A 18 7.41 -13.77 4.25
N GLY A 19 7.27 -12.47 4.03
CA GLY A 19 6.54 -11.97 2.88
C GLY A 19 7.32 -11.99 1.58
N ARG A 20 6.61 -11.74 0.48
CA ARG A 20 7.20 -11.71 -0.86
C ARG A 20 6.58 -10.55 -1.63
N HIS A 21 6.27 -9.50 -0.91
CA HIS A 21 5.60 -8.32 -1.45
C HIS A 21 6.34 -7.12 -0.87
N MET A 22 6.05 -5.93 -1.37
CA MET A 22 6.74 -4.71 -0.92
C MET A 22 5.91 -3.92 0.09
N LEU A 23 6.58 -2.94 0.70
CA LEU A 23 5.93 -1.98 1.59
C LEU A 23 6.44 -0.62 1.11
N LEU A 24 5.53 0.33 0.93
CA LEU A 24 5.89 1.67 0.43
C LEU A 24 5.40 2.69 1.44
N THR A 25 6.05 3.84 1.47
CA THR A 25 5.60 4.92 2.36
C THR A 25 4.89 5.96 1.51
N VAL A 26 3.81 6.53 2.04
CA VAL A 26 3.04 7.53 1.32
C VAL A 26 2.93 8.77 2.19
N TYR A 27 3.35 9.91 1.67
CA TYR A 27 3.23 11.18 2.38
C TYR A 27 2.18 12.04 1.69
N CYS A 28 1.06 12.28 2.34
CA CYS A 28 -0.03 13.06 1.77
C CYS A 28 -0.04 14.47 2.32
N VAL A 29 -0.01 15.46 1.44
CA VAL A 29 0.02 16.87 1.85
C VAL A 29 -1.33 17.53 1.59
N ARG A 30 -1.83 18.22 2.61
CA ARG A 30 -3.07 19.00 2.52
C ARG A 30 -2.75 20.42 2.94
N ARG A 31 -3.41 21.40 2.34
CA ARG A 31 -3.11 22.81 2.61
C ARG A 31 -3.41 23.25 4.03
N ASP A 32 -4.33 22.55 4.68
CA ASP A 32 -4.75 22.88 6.06
C ASP A 32 -3.80 22.31 7.11
N LEU A 33 -2.60 21.91 6.67
CA LEU A 33 -1.60 21.20 7.49
C LEU A 33 -2.21 19.91 8.06
N SER A 34 -3.16 19.39 7.29
CA SER A 34 -3.85 18.12 7.57
C SER A 34 -3.05 17.00 6.92
N GLU A 35 -1.77 17.26 6.75
CA GLU A 35 -0.86 16.34 6.09
C GLU A 35 -0.60 15.14 6.99
N VAL A 36 -0.33 13.99 6.38
CA VAL A 36 -0.18 12.74 7.11
C VAL A 36 0.76 11.84 6.33
N THR A 37 1.45 10.93 7.00
CA THR A 37 2.30 9.96 6.34
C THR A 37 1.94 8.60 6.90
N PHE A 38 1.95 7.58 6.06
CA PHE A 38 1.57 6.22 6.43
C PHE A 38 2.27 5.29 5.47
N SER A 39 2.12 3.99 5.65
CA SER A 39 2.74 3.01 4.76
C SER A 39 1.71 2.01 4.27
N LEU A 40 1.91 1.52 3.06
CA LEU A 40 1.00 0.57 2.44
C LEU A 40 1.75 -0.62 1.88
N GLN A 41 1.15 -1.79 1.99
CA GLN A 41 1.76 -3.01 1.47
C GLN A 41 1.16 -3.32 0.10
N VAL A 42 2.03 -3.55 -0.88
CA VAL A 42 1.61 -3.78 -2.26
C VAL A 42 2.46 -4.90 -2.84
N ASP A 43 2.02 -5.51 -3.91
CA ASP A 43 2.79 -6.56 -4.58
C ASP A 43 3.48 -5.98 -5.81
N ALA A 44 4.41 -6.71 -6.39
CA ALA A 44 5.11 -6.27 -7.59
C ALA A 44 4.13 -6.09 -8.76
N ASP A 45 3.09 -6.91 -8.76
CA ASP A 45 2.09 -6.92 -9.81
C ASP A 45 0.98 -5.88 -9.59
N PHE A 46 1.11 -5.09 -8.52
CA PHE A 46 0.07 -4.12 -8.17
C PHE A 46 0.08 -2.91 -9.11
N GLU A 47 -1.07 -2.64 -9.70
CA GLU A 47 -1.22 -1.53 -10.65
C GLU A 47 -1.15 -0.17 -9.99
N LEU A 48 -0.73 0.84 -10.73
CA LEU A 48 -0.81 2.23 -10.26
C LEU A 48 -2.29 2.58 -10.09
N HIS A 49 -3.14 2.06 -10.95
CA HIS A 49 -4.59 2.30 -10.85
C HIS A 49 -5.13 1.83 -9.51
N ASN A 50 -4.71 0.65 -9.08
CA ASN A 50 -5.16 0.11 -7.80
C ASN A 50 -4.47 0.84 -6.66
N PHE A 51 -3.23 1.24 -6.86
CA PHE A 51 -2.47 1.94 -5.83
C PHE A 51 -3.08 3.28 -5.44
N ARG A 52 -3.52 4.08 -6.42
CA ARG A 52 -4.13 5.36 -6.08
C ARG A 52 -5.44 5.16 -5.31
N ALA A 53 -6.15 4.07 -5.58
CA ALA A 53 -7.37 3.74 -4.83
C ALA A 53 -7.04 3.27 -3.42
N LEU A 54 -5.98 2.48 -3.29
CA LEU A 54 -5.53 1.99 -1.99
C LEU A 54 -5.08 3.17 -1.12
N CYS A 55 -4.45 4.14 -1.75
CA CYS A 55 -4.03 5.36 -1.08
C CYS A 55 -5.23 6.22 -0.66
N GLU A 56 -6.28 6.22 -1.48
CA GLU A 56 -7.49 6.99 -1.20
C GLU A 56 -8.12 6.51 0.10
N LEU A 57 -8.10 5.21 0.31
CA LEU A 57 -8.68 4.59 1.51
C LEU A 57 -8.03 5.10 2.80
N GLU A 58 -6.71 5.17 2.81
CA GLU A 58 -5.96 5.59 4.00
C GLU A 58 -5.96 7.12 4.19
N SER A 59 -6.00 7.86 3.09
CA SER A 59 -5.89 9.31 3.15
C SER A 59 -7.24 10.03 3.30
N GLY A 60 -8.32 9.36 2.94
CA GLY A 60 -9.65 9.92 3.12
C GLY A 60 -9.94 11.16 2.30
N ILE A 61 -9.28 11.31 1.16
CA ILE A 61 -9.50 12.46 0.28
C ILE A 61 -9.67 12.01 -1.17
N PRO A 62 -10.39 12.78 -2.00
CA PRO A 62 -10.53 12.31 -3.38
C PRO A 62 -9.22 12.29 -4.14
N ALA A 63 -8.88 11.12 -4.68
CA ALA A 63 -7.67 10.97 -5.47
C ALA A 63 -7.74 11.82 -6.75
N ALA A 64 -8.97 12.10 -7.20
CA ALA A 64 -9.20 12.89 -8.40
C ALA A 64 -8.77 14.36 -8.24
N GLU A 65 -8.84 14.88 -7.03
CA GLU A 65 -8.47 16.29 -6.77
C GLU A 65 -7.02 16.36 -6.27
N SER A 66 -6.23 15.37 -6.67
CA SER A 66 -4.88 15.24 -6.17
C SER A 66 -3.89 14.82 -7.22
N GLN A 67 -2.61 15.09 -6.97
CA GLN A 67 -1.53 14.62 -7.82
C GLN A 67 -0.66 13.71 -6.96
N ILE A 68 -0.08 12.69 -7.57
CA ILE A 68 0.81 11.77 -6.88
C ILE A 68 2.13 11.78 -7.65
N VAL A 69 3.23 11.87 -6.91
CA VAL A 69 4.56 11.92 -7.50
C VAL A 69 5.46 10.90 -6.82
N TYR A 70 6.45 10.42 -7.54
CA TYR A 70 7.46 9.50 -7.04
C TYR A 70 8.76 10.04 -7.59
N ALA A 71 9.78 10.17 -6.74
CA ALA A 71 11.03 10.86 -7.10
C ALA A 71 10.70 12.24 -7.70
N GLU A 72 9.74 12.90 -7.06
CA GLU A 72 9.20 14.23 -7.45
C GLU A 72 8.57 14.32 -8.86
N ARG A 73 8.45 13.20 -9.55
CA ARG A 73 7.88 13.18 -10.91
C ARG A 73 6.51 12.51 -10.88
N PRO A 74 5.52 13.05 -11.63
CA PRO A 74 4.18 12.47 -11.48
C PRO A 74 3.99 11.06 -12.03
N LEU A 75 3.16 10.30 -11.34
CA LEU A 75 2.79 8.95 -11.77
C LEU A 75 1.45 9.06 -12.50
N THR A 76 1.46 8.87 -13.82
CA THR A 76 0.28 9.12 -14.65
C THR A 76 -0.28 7.91 -15.40
N ASP A 77 0.58 7.01 -15.87
CA ASP A 77 0.12 5.85 -16.64
C ASP A 77 -0.38 4.75 -15.70
N ASN A 78 -1.68 4.74 -15.51
CA ASN A 78 -2.33 3.82 -14.58
C ASN A 78 -2.20 2.35 -14.97
N HIS A 79 -1.90 2.07 -16.23
CA HIS A 79 -1.82 0.71 -16.75
C HIS A 79 -0.58 -0.03 -16.24
N ARG A 80 0.41 0.72 -15.77
CA ARG A 80 1.67 0.11 -15.33
C ARG A 80 1.64 -0.27 -13.86
N SER A 81 2.36 -1.34 -13.54
CA SER A 81 2.50 -1.78 -12.16
C SER A 81 3.53 -0.91 -11.45
N LEU A 82 3.51 -0.90 -10.13
CA LEU A 82 4.45 -0.10 -9.35
C LEU A 82 5.88 -0.60 -9.53
N ALA A 83 6.04 -1.90 -9.67
CA ALA A 83 7.36 -2.48 -9.91
C ALA A 83 7.93 -1.99 -11.25
N SER A 84 7.04 -1.71 -12.20
CA SER A 84 7.47 -1.19 -13.51
C SER A 84 7.98 0.24 -13.38
N TYR A 85 7.61 0.93 -12.29
CA TYR A 85 8.09 2.28 -12.05
C TYR A 85 9.31 2.24 -11.14
N GLY A 86 9.65 1.05 -10.66
CA GLY A 86 10.80 0.88 -9.79
C GLY A 86 10.47 1.15 -8.33
N LEU A 87 9.21 1.08 -7.93
CA LEU A 87 8.85 1.28 -6.53
C LEU A 87 9.31 0.08 -5.71
N LYS A 88 10.55 0.14 -5.27
CA LYS A 88 11.13 -0.88 -4.40
C LYS A 88 10.56 -0.77 -3.00
N ASP A 89 10.69 -1.83 -2.24
CA ASP A 89 10.31 -1.83 -0.85
C ASP A 89 11.12 -0.76 -0.13
N GLY A 90 10.40 0.11 0.57
CA GLY A 90 11.03 1.23 1.26
C GLY A 90 10.92 2.56 0.54
N ASP A 91 10.56 2.55 -0.74
CA ASP A 91 10.40 3.80 -1.48
C ASP A 91 9.21 4.59 -0.96
N VAL A 92 9.25 5.89 -1.19
CA VAL A 92 8.21 6.80 -0.70
C VAL A 92 7.61 7.60 -1.84
N VAL A 93 6.29 7.77 -1.81
CA VAL A 93 5.60 8.60 -2.80
C VAL A 93 5.00 9.78 -2.07
N ILE A 94 4.76 10.85 -2.80
CA ILE A 94 4.25 12.08 -2.23
C ILE A 94 2.95 12.41 -2.96
N LEU A 95 1.90 12.66 -2.20
CA LEU A 95 0.60 13.00 -2.75
C LEU A 95 0.27 14.41 -2.31
N ARG A 96 -0.26 15.22 -3.23
CA ARG A 96 -0.61 16.61 -2.93
C ARG A 96 -2.04 16.88 -3.40
N GLN A 97 -2.95 17.03 -2.44
CA GLN A 97 -4.38 17.26 -2.70
C GLN A 97 -4.73 18.75 -2.72
N MET A 1 -9.44 -36.52 44.61
CA MET A 1 -9.09 -36.95 43.24
C MET A 1 -9.77 -36.13 42.15
N GLY A 2 -9.04 -35.87 41.06
CA GLY A 2 -9.54 -35.06 39.97
C GLY A 2 -8.56 -35.11 38.82
N HIS A 3 -8.83 -34.38 37.75
CA HIS A 3 -7.97 -34.36 36.59
C HIS A 3 -7.74 -32.90 36.19
N HIS A 4 -6.76 -32.67 35.35
CA HIS A 4 -6.42 -31.33 34.89
C HIS A 4 -6.67 -31.30 33.39
N HIS A 5 -6.76 -30.11 32.83
CA HIS A 5 -7.06 -29.96 31.40
C HIS A 5 -6.11 -28.97 30.78
N HIS A 6 -6.04 -28.95 29.46
CA HIS A 6 -5.15 -28.06 28.74
C HIS A 6 -5.98 -26.95 28.08
N HIS A 7 -5.38 -25.79 27.93
CA HIS A 7 -6.06 -24.63 27.36
C HIS A 7 -5.06 -23.97 26.42
N HIS A 8 -5.54 -23.07 25.56
CA HIS A 8 -4.70 -22.39 24.56
C HIS A 8 -3.88 -23.39 23.71
N HIS A 9 -4.57 -24.08 22.80
CA HIS A 9 -3.89 -25.00 21.89
C HIS A 9 -2.96 -24.17 20.99
N HIS A 10 -1.72 -24.58 20.88
CA HIS A 10 -0.74 -23.84 20.08
C HIS A 10 -1.08 -23.94 18.61
N HIS A 11 -1.06 -22.82 17.90
CA HIS A 11 -1.32 -22.83 16.46
C HIS A 11 -0.08 -23.39 15.76
N HIS A 12 -0.27 -24.21 14.73
CA HIS A 12 0.86 -24.83 14.04
C HIS A 12 0.74 -24.89 12.53
N SER A 13 -0.44 -25.22 12.02
CA SER A 13 -0.65 -25.41 10.58
C SER A 13 -0.35 -24.17 9.73
N SER A 14 -0.59 -23.00 10.31
CA SER A 14 -0.33 -21.70 9.67
C SER A 14 -0.97 -21.56 8.26
N GLY A 15 -0.42 -20.68 7.44
CA GLY A 15 -0.93 -20.44 6.10
C GLY A 15 -0.03 -19.50 5.33
N HIS A 16 1.28 -19.65 5.53
CA HIS A 16 2.25 -18.71 4.95
C HIS A 16 2.47 -18.95 3.45
N ILE A 17 2.27 -17.91 2.65
CA ILE A 17 2.50 -17.98 1.20
C ILE A 17 3.33 -16.75 0.82
N GLU A 18 4.54 -16.99 0.33
CA GLU A 18 5.42 -15.91 -0.11
C GLU A 18 5.06 -15.55 -1.56
N GLY A 19 5.21 -14.28 -1.93
CA GLY A 19 4.88 -13.86 -3.29
C GLY A 19 5.51 -12.54 -3.71
N ARG A 20 6.62 -12.15 -3.09
CA ARG A 20 7.32 -10.90 -3.42
C ARG A 20 6.42 -9.67 -3.31
N HIS A 21 5.90 -9.47 -2.12
CA HIS A 21 5.03 -8.34 -1.84
C HIS A 21 5.96 -7.27 -1.31
N MET A 22 5.53 -6.02 -1.32
CA MET A 22 6.39 -4.91 -0.91
C MET A 22 5.68 -4.01 0.09
N LEU A 23 6.43 -3.08 0.67
CA LEU A 23 5.86 -2.06 1.54
C LEU A 23 6.38 -0.71 1.02
N LEU A 24 5.51 0.27 0.88
CA LEU A 24 5.89 1.60 0.41
C LEU A 24 5.37 2.62 1.39
N THR A 25 6.03 3.76 1.49
CA THR A 25 5.59 4.84 2.36
C THR A 25 4.89 5.88 1.50
N VAL A 26 3.77 6.42 1.97
CA VAL A 26 3.04 7.45 1.23
C VAL A 26 2.85 8.66 2.14
N TYR A 27 3.32 9.81 1.67
CA TYR A 27 3.22 11.06 2.41
C TYR A 27 2.15 11.93 1.73
N CYS A 28 1.06 12.21 2.41
CA CYS A 28 -0.02 13.04 1.84
C CYS A 28 0.12 14.47 2.33
N VAL A 29 0.07 15.44 1.42
CA VAL A 29 0.30 16.85 1.74
C VAL A 29 -0.94 17.73 1.54
N ARG A 30 -1.24 18.54 2.54
CA ARG A 30 -2.24 19.61 2.45
C ARG A 30 -1.54 20.90 2.84
N ARG A 31 -1.95 22.00 2.22
CA ARG A 31 -1.30 23.30 2.46
C ARG A 31 -1.45 23.78 3.90
N ASP A 32 -2.54 23.39 4.53
CA ASP A 32 -2.85 23.81 5.90
C ASP A 32 -2.16 22.93 6.94
N LEU A 33 -1.07 22.28 6.52
CA LEU A 33 -0.25 21.38 7.37
C LEU A 33 -1.09 20.25 7.99
N SER A 34 -2.11 19.84 7.26
CA SER A 34 -2.96 18.70 7.62
C SER A 34 -2.34 17.44 7.03
N GLU A 35 -1.04 17.51 6.81
CA GLU A 35 -0.28 16.46 6.15
C GLU A 35 -0.12 15.26 7.08
N VAL A 36 0.02 14.09 6.48
CA VAL A 36 0.11 12.83 7.22
C VAL A 36 0.97 11.89 6.38
N THR A 37 1.62 10.94 7.02
CA THR A 37 2.40 9.94 6.29
C THR A 37 2.01 8.59 6.86
N PHE A 38 1.93 7.60 5.99
CA PHE A 38 1.50 6.25 6.35
C PHE A 38 2.21 5.29 5.41
N SER A 39 2.03 4.00 5.60
CA SER A 39 2.66 3.02 4.71
C SER A 39 1.62 2.05 4.22
N LEU A 40 1.85 1.49 3.04
CA LEU A 40 0.91 0.57 2.41
C LEU A 40 1.61 -0.70 2.01
N GLN A 41 0.92 -1.80 2.19
CA GLN A 41 1.39 -3.10 1.74
C GLN A 41 0.83 -3.28 0.32
N VAL A 42 1.71 -3.59 -0.61
CA VAL A 42 1.36 -3.68 -2.02
C VAL A 42 2.09 -4.88 -2.61
N ASP A 43 1.91 -5.14 -3.89
CA ASP A 43 2.66 -6.19 -4.58
C ASP A 43 3.66 -5.54 -5.52
N ALA A 44 4.62 -6.30 -6.04
CA ALA A 44 5.54 -5.77 -7.01
C ALA A 44 4.79 -5.41 -8.30
N ASP A 45 3.87 -6.26 -8.70
CA ASP A 45 3.13 -6.08 -9.96
C ASP A 45 1.82 -5.31 -9.76
N PHE A 46 1.70 -4.67 -8.60
CA PHE A 46 0.50 -3.92 -8.26
C PHE A 46 0.32 -2.74 -9.20
N GLU A 47 -0.85 -2.62 -9.81
CA GLU A 47 -1.11 -1.54 -10.77
C GLU A 47 -1.20 -0.20 -10.06
N LEU A 48 -0.80 0.87 -10.73
CA LEU A 48 -0.92 2.21 -10.17
C LEU A 48 -2.38 2.59 -9.96
N HIS A 49 -3.28 2.04 -10.76
CA HIS A 49 -4.70 2.29 -10.63
C HIS A 49 -5.17 1.78 -9.27
N ASN A 50 -4.72 0.58 -8.93
CA ASN A 50 -5.08 -0.04 -7.67
C ASN A 50 -4.38 0.69 -6.51
N PHE A 51 -3.12 1.04 -6.73
CA PHE A 51 -2.34 1.73 -5.71
C PHE A 51 -2.93 3.08 -5.32
N ARG A 52 -3.40 3.86 -6.29
CA ARG A 52 -3.97 5.15 -5.97
C ARG A 52 -5.29 5.01 -5.24
N ALA A 53 -6.03 3.94 -5.50
CA ALA A 53 -7.28 3.70 -4.78
C ALA A 53 -6.94 3.37 -3.32
N LEU A 54 -5.90 2.58 -3.13
CA LEU A 54 -5.46 2.21 -1.77
C LEU A 54 -5.01 3.43 -0.97
N CYS A 55 -4.25 4.33 -1.59
CA CYS A 55 -3.80 5.52 -0.85
C CYS A 55 -4.91 6.56 -0.71
N GLU A 56 -5.88 6.56 -1.61
CA GLU A 56 -7.05 7.45 -1.51
C GLU A 56 -7.83 7.06 -0.27
N LEU A 57 -7.98 5.77 -0.03
CA LEU A 57 -8.72 5.26 1.11
C LEU A 57 -8.07 5.65 2.44
N GLU A 58 -6.75 5.52 2.52
CA GLU A 58 -6.02 5.85 3.74
C GLU A 58 -6.02 7.36 3.99
N SER A 59 -5.96 8.14 2.91
CA SER A 59 -5.89 9.59 3.02
C SER A 59 -7.24 10.24 3.28
N GLY A 60 -8.32 9.58 2.84
CA GLY A 60 -9.66 10.09 3.07
C GLY A 60 -10.00 11.35 2.29
N ILE A 61 -9.39 11.51 1.11
CA ILE A 61 -9.61 12.71 0.27
C ILE A 61 -10.00 12.26 -1.14
N PRO A 62 -10.75 13.08 -1.88
CA PRO A 62 -11.06 12.61 -3.24
C PRO A 62 -9.84 12.58 -4.16
N ALA A 63 -9.66 11.51 -4.91
CA ALA A 63 -8.56 11.41 -5.87
C ALA A 63 -8.74 12.45 -6.98
N ALA A 64 -9.97 12.87 -7.23
CA ALA A 64 -10.27 13.88 -8.23
C ALA A 64 -9.65 15.24 -7.90
N GLU A 65 -9.36 15.47 -6.63
CA GLU A 65 -8.82 16.76 -6.16
C GLU A 65 -7.32 16.69 -5.88
N SER A 66 -6.69 15.58 -6.25
CA SER A 66 -5.30 15.37 -5.89
C SER A 66 -4.49 14.65 -6.95
N GLN A 67 -3.17 14.68 -6.79
CA GLN A 67 -2.27 14.00 -7.71
C GLN A 67 -1.22 13.25 -6.90
N ILE A 68 -0.57 12.28 -7.52
CA ILE A 68 0.43 11.45 -6.82
C ILE A 68 1.75 11.50 -7.60
N VAL A 69 2.83 11.68 -6.85
CA VAL A 69 4.17 12.00 -7.38
C VAL A 69 5.23 11.08 -6.78
N TYR A 70 6.16 10.62 -7.61
CA TYR A 70 7.29 9.80 -7.18
C TYR A 70 8.50 10.22 -8.01
N ALA A 71 9.68 10.23 -7.40
CA ALA A 71 10.92 10.65 -8.06
C ALA A 71 10.74 12.02 -8.75
N GLU A 72 10.12 12.93 -8.01
CA GLU A 72 9.82 14.32 -8.45
C GLU A 72 8.92 14.44 -9.70
N ARG A 73 8.32 13.33 -10.14
CA ARG A 73 7.48 13.35 -11.33
C ARG A 73 6.10 12.73 -11.07
N PRO A 74 5.05 13.26 -11.72
CA PRO A 74 3.75 12.65 -11.44
C PRO A 74 3.61 11.26 -12.05
N LEU A 75 2.91 10.40 -11.33
CA LEU A 75 2.67 9.03 -11.79
C LEU A 75 1.40 9.03 -12.64
N THR A 76 1.55 9.42 -13.90
CA THR A 76 0.39 9.63 -14.78
C THR A 76 -0.19 8.36 -15.40
N ASP A 77 0.66 7.42 -15.80
CA ASP A 77 0.19 6.21 -16.49
C ASP A 77 -0.24 5.17 -15.47
N ASN A 78 -1.52 5.24 -15.12
CA ASN A 78 -2.08 4.39 -14.08
C ASN A 78 -2.22 2.91 -14.47
N HIS A 79 -1.98 2.57 -15.73
CA HIS A 79 -2.10 1.19 -16.18
C HIS A 79 -0.83 0.38 -15.88
N ARG A 80 0.26 1.07 -15.59
CA ARG A 80 1.53 0.39 -15.31
C ARG A 80 1.63 -0.03 -13.86
N SER A 81 2.41 -1.07 -13.60
CA SER A 81 2.64 -1.55 -12.25
C SER A 81 3.73 -0.73 -11.57
N LEU A 82 3.77 -0.80 -10.25
CA LEU A 82 4.74 -0.02 -9.46
C LEU A 82 6.20 -0.43 -9.74
N ALA A 83 6.42 -1.71 -9.97
CA ALA A 83 7.76 -2.20 -10.30
C ALA A 83 8.23 -1.60 -11.63
N SER A 84 7.31 -1.28 -12.52
CA SER A 84 7.65 -0.68 -13.81
C SER A 84 8.22 0.74 -13.62
N TYR A 85 7.95 1.36 -12.48
CA TYR A 85 8.47 2.69 -12.19
C TYR A 85 9.67 2.58 -11.26
N GLY A 86 9.98 1.37 -10.83
CA GLY A 86 11.07 1.15 -9.91
C GLY A 86 10.71 1.48 -8.48
N LEU A 87 9.44 1.35 -8.10
CA LEU A 87 9.07 1.57 -6.70
C LEU A 87 9.57 0.42 -5.84
N LYS A 88 10.82 0.51 -5.44
CA LYS A 88 11.44 -0.49 -4.58
C LYS A 88 10.83 -0.42 -3.17
N ASP A 89 10.83 -1.55 -2.49
CA ASP A 89 10.29 -1.61 -1.15
C ASP A 89 11.07 -0.64 -0.27
N GLY A 90 10.34 0.14 0.50
CA GLY A 90 10.92 1.13 1.37
C GLY A 90 10.96 2.52 0.77
N ASP A 91 10.67 2.68 -0.51
CA ASP A 91 10.66 4.01 -1.11
C ASP A 91 9.43 4.83 -0.71
N VAL A 92 9.49 6.13 -0.94
CA VAL A 92 8.45 7.07 -0.50
C VAL A 92 7.75 7.73 -1.69
N VAL A 93 6.42 7.74 -1.64
CA VAL A 93 5.58 8.36 -2.66
C VAL A 93 4.92 9.57 -2.02
N ILE A 94 4.72 10.64 -2.78
CA ILE A 94 4.12 11.86 -2.24
C ILE A 94 2.77 12.11 -2.92
N LEU A 95 1.72 12.16 -2.12
CA LEU A 95 0.37 12.43 -2.58
C LEU A 95 0.14 13.92 -2.28
N ARG A 96 -0.34 14.68 -3.26
CA ARG A 96 -0.52 16.12 -3.08
C ARG A 96 -1.93 16.57 -3.37
N GLN A 97 -2.54 17.16 -2.34
CA GLN A 97 -3.82 17.88 -2.43
C GLN A 97 -3.58 19.38 -2.17
N MET A 1 -12.87 -2.97 50.54
CA MET A 1 -12.97 -2.80 49.06
C MET A 1 -12.86 -4.11 48.33
N GLY A 2 -12.88 -5.16 49.16
CA GLY A 2 -12.75 -6.54 48.73
C GLY A 2 -11.29 -6.89 48.51
N HIS A 3 -11.05 -8.05 47.92
CA HIS A 3 -9.68 -8.50 47.67
C HIS A 3 -9.02 -7.70 46.55
N HIS A 4 -9.80 -7.41 45.51
CA HIS A 4 -9.35 -6.64 44.35
C HIS A 4 -7.98 -7.07 43.79
N HIS A 5 -7.75 -8.37 43.70
CA HIS A 5 -6.46 -8.88 43.22
C HIS A 5 -6.26 -8.44 41.77
N HIS A 6 -5.07 -7.92 41.47
CA HIS A 6 -4.76 -7.42 40.14
C HIS A 6 -4.63 -8.58 39.16
N HIS A 7 -5.25 -8.44 38.00
CA HIS A 7 -5.30 -9.54 37.02
C HIS A 7 -5.29 -9.04 35.57
N HIS A 8 -4.46 -8.06 35.26
CA HIS A 8 -4.33 -7.60 33.87
C HIS A 8 -3.57 -8.66 33.08
N HIS A 9 -3.84 -8.72 31.78
CA HIS A 9 -3.18 -9.69 30.90
C HIS A 9 -2.75 -8.97 29.62
N HIS A 10 -1.94 -9.65 28.81
CA HIS A 10 -1.54 -9.16 27.50
C HIS A 10 -1.31 -10.39 26.64
N HIS A 11 -1.00 -10.20 25.38
CA HIS A 11 -0.69 -11.31 24.48
C HIS A 11 0.49 -10.86 23.62
N HIS A 12 0.89 -11.70 22.68
CA HIS A 12 1.99 -11.38 21.76
C HIS A 12 1.43 -11.42 20.34
N SER A 13 2.15 -10.82 19.40
CA SER A 13 1.73 -10.83 18.00
C SER A 13 2.29 -12.07 17.32
N SER A 14 1.55 -12.63 16.38
CA SER A 14 1.97 -13.83 15.65
C SER A 14 1.41 -13.82 14.23
N GLY A 15 1.72 -12.76 13.49
CA GLY A 15 1.16 -12.59 12.15
C GLY A 15 1.49 -13.70 11.16
N HIS A 16 2.69 -14.25 11.25
CA HIS A 16 3.13 -15.37 10.39
C HIS A 16 2.96 -15.10 8.87
N ILE A 17 3.17 -13.86 8.46
CA ILE A 17 3.03 -13.49 7.05
C ILE A 17 4.39 -13.65 6.37
N GLU A 18 4.44 -14.43 5.31
CA GLU A 18 5.66 -14.62 4.52
C GLU A 18 5.21 -14.66 3.06
N GLY A 19 5.97 -14.04 2.16
CA GLY A 19 5.57 -14.02 0.75
C GLY A 19 6.42 -13.02 -0.01
N ARG A 20 6.15 -12.86 -1.29
CA ARG A 20 6.89 -11.90 -2.14
C ARG A 20 6.08 -10.63 -2.33
N HIS A 21 6.02 -9.80 -1.30
CA HIS A 21 5.29 -8.55 -1.36
C HIS A 21 6.24 -7.47 -0.86
N MET A 22 5.91 -6.21 -1.09
CA MET A 22 6.78 -5.10 -0.73
C MET A 22 5.99 -4.04 0.01
N LEU A 23 6.70 -3.13 0.67
CA LEU A 23 6.07 -2.08 1.47
C LEU A 23 6.52 -0.73 0.94
N LEU A 24 5.59 0.19 0.76
CA LEU A 24 5.89 1.54 0.28
C LEU A 24 5.36 2.54 1.28
N THR A 25 5.95 3.72 1.33
CA THR A 25 5.49 4.76 2.24
C THR A 25 4.85 5.87 1.41
N VAL A 26 3.73 6.41 1.87
CA VAL A 26 3.02 7.46 1.14
C VAL A 26 2.87 8.65 2.07
N TYR A 27 3.21 9.84 1.58
CA TYR A 27 3.06 11.08 2.34
C TYR A 27 2.06 11.96 1.60
N CYS A 28 0.92 12.20 2.20
CA CYS A 28 -0.14 13.03 1.59
C CYS A 28 -0.09 14.44 2.13
N VAL A 29 -0.20 15.42 1.25
CA VAL A 29 -0.09 16.84 1.62
C VAL A 29 -1.36 17.62 1.29
N ARG A 30 -1.84 18.39 2.26
CA ARG A 30 -2.98 19.30 2.10
C ARG A 30 -2.49 20.68 2.48
N ARG A 31 -3.03 21.72 1.85
CA ARG A 31 -2.61 23.10 2.18
C ARG A 31 -3.00 23.50 3.60
N ASP A 32 -3.98 22.82 4.15
CA ASP A 32 -4.52 23.13 5.48
C ASP A 32 -3.71 22.44 6.58
N LEU A 33 -2.50 22.00 6.23
CA LEU A 33 -1.58 21.28 7.13
C LEU A 33 -2.23 20.01 7.69
N SER A 34 -3.14 19.45 6.89
CA SER A 34 -3.82 18.20 7.21
C SER A 34 -3.02 17.03 6.65
N GLU A 35 -1.73 17.26 6.50
CA GLU A 35 -0.83 16.29 5.89
C GLU A 35 -0.59 15.10 6.83
N VAL A 36 -0.39 13.93 6.25
CA VAL A 36 -0.28 12.68 6.99
C VAL A 36 0.59 11.72 6.19
N THR A 37 1.19 10.73 6.84
CA THR A 37 1.96 9.73 6.13
C THR A 37 1.61 8.36 6.70
N PHE A 38 1.68 7.34 5.86
CA PHE A 38 1.30 5.99 6.23
C PHE A 38 2.05 5.07 5.27
N SER A 39 1.99 3.78 5.50
CA SER A 39 2.65 2.81 4.63
C SER A 39 1.64 1.81 4.12
N LEU A 40 1.87 1.29 2.92
CA LEU A 40 0.97 0.35 2.28
C LEU A 40 1.76 -0.86 1.84
N GLN A 41 1.13 -2.02 1.94
CA GLN A 41 1.75 -3.27 1.50
C GLN A 41 1.12 -3.62 0.16
N VAL A 42 1.97 -3.83 -0.83
CA VAL A 42 1.51 -4.06 -2.20
C VAL A 42 2.37 -5.15 -2.82
N ASP A 43 1.93 -5.67 -3.95
CA ASP A 43 2.72 -6.63 -4.70
C ASP A 43 3.59 -5.85 -5.69
N ALA A 44 4.58 -6.51 -6.28
CA ALA A 44 5.40 -5.87 -7.30
C ALA A 44 4.54 -5.62 -8.56
N ASP A 45 3.60 -6.53 -8.79
CA ASP A 45 2.73 -6.46 -9.96
C ASP A 45 1.55 -5.51 -9.76
N PHE A 46 1.44 -4.97 -8.55
CA PHE A 46 0.30 -4.12 -8.18
C PHE A 46 0.27 -2.86 -9.04
N GLU A 47 -0.87 -2.61 -9.65
CA GLU A 47 -1.02 -1.50 -10.58
C GLU A 47 -1.18 -0.16 -9.91
N LEU A 48 -0.74 0.89 -10.59
CA LEU A 48 -0.84 2.25 -10.08
C LEU A 48 -2.32 2.62 -9.89
N HIS A 49 -3.19 2.06 -10.72
CA HIS A 49 -4.62 2.30 -10.59
C HIS A 49 -5.15 1.89 -9.22
N ASN A 50 -4.75 0.72 -8.76
CA ASN A 50 -5.21 0.21 -7.48
C ASN A 50 -4.41 0.85 -6.34
N PHE A 51 -3.16 1.20 -6.61
CA PHE A 51 -2.33 1.86 -5.61
C PHE A 51 -2.90 3.21 -5.18
N ARG A 52 -3.32 4.02 -6.14
CA ARG A 52 -3.92 5.32 -5.81
C ARG A 52 -5.23 5.14 -5.06
N ALA A 53 -5.94 4.04 -5.29
CA ALA A 53 -7.20 3.77 -4.57
C ALA A 53 -6.89 3.39 -3.12
N LEU A 54 -5.82 2.64 -2.89
CA LEU A 54 -5.39 2.31 -1.54
C LEU A 54 -4.95 3.59 -0.82
N CYS A 55 -4.29 4.49 -1.53
CA CYS A 55 -3.89 5.77 -0.96
C CYS A 55 -5.12 6.61 -0.59
N GLU A 56 -6.12 6.59 -1.45
CA GLU A 56 -7.37 7.34 -1.24
C GLU A 56 -8.09 6.85 0.01
N LEU A 57 -8.08 5.54 0.21
CA LEU A 57 -8.73 4.92 1.37
C LEU A 57 -8.14 5.42 2.69
N GLU A 58 -6.81 5.47 2.76
CA GLU A 58 -6.15 5.88 4.00
C GLU A 58 -6.12 7.40 4.19
N SER A 59 -6.02 8.13 3.09
CA SER A 59 -5.90 9.60 3.16
C SER A 59 -7.25 10.29 3.33
N GLY A 60 -8.32 9.65 2.90
CA GLY A 60 -9.65 10.23 3.06
C GLY A 60 -9.91 11.48 2.23
N ILE A 61 -9.13 11.70 1.19
CA ILE A 61 -9.31 12.85 0.30
C ILE A 61 -9.46 12.32 -1.13
N PRO A 62 -10.29 12.97 -1.98
CA PRO A 62 -10.45 12.38 -3.31
C PRO A 62 -9.16 12.33 -4.13
N ALA A 63 -8.85 11.15 -4.66
CA ALA A 63 -7.68 10.94 -5.50
C ALA A 63 -7.87 11.72 -6.81
N ALA A 64 -9.11 11.93 -7.22
CA ALA A 64 -9.42 12.66 -8.44
C ALA A 64 -9.02 14.15 -8.35
N GLU A 65 -8.94 14.68 -7.14
CA GLU A 65 -8.56 16.07 -6.90
C GLU A 65 -7.08 16.18 -6.59
N SER A 66 -6.39 15.05 -6.57
CA SER A 66 -5.02 15.00 -6.10
C SER A 66 -4.05 14.51 -7.16
N GLN A 67 -2.78 14.80 -6.97
CA GLN A 67 -1.73 14.33 -7.87
C GLN A 67 -0.75 13.50 -7.06
N ILE A 68 -0.19 12.49 -7.70
CA ILE A 68 0.70 11.55 -7.03
C ILE A 68 2.06 11.56 -7.75
N VAL A 69 3.12 11.69 -6.96
CA VAL A 69 4.47 11.92 -7.48
C VAL A 69 5.50 11.03 -6.77
N TYR A 70 6.37 10.41 -7.54
CA TYR A 70 7.48 9.60 -7.00
C TYR A 70 8.71 9.96 -7.81
N ALA A 71 9.86 10.08 -7.15
CA ALA A 71 11.12 10.47 -7.79
C ALA A 71 10.96 11.76 -8.62
N GLU A 72 10.22 12.71 -8.06
CA GLU A 72 9.90 14.00 -8.69
C GLU A 72 9.13 13.90 -10.02
N ARG A 73 8.59 12.73 -10.34
CA ARG A 73 7.80 12.54 -11.57
C ARG A 73 6.38 12.11 -11.23
N PRO A 74 5.37 12.68 -11.91
CA PRO A 74 4.02 12.22 -11.57
C PRO A 74 3.75 10.81 -12.10
N LEU A 75 2.92 10.07 -11.38
CA LEU A 75 2.57 8.70 -11.77
C LEU A 75 1.21 8.75 -12.47
N THR A 76 1.21 8.93 -13.78
CA THR A 76 -0.02 9.15 -14.55
C THR A 76 -0.56 7.92 -15.25
N ASP A 77 0.28 6.92 -15.49
CA ASP A 77 -0.16 5.74 -16.23
C ASP A 77 -0.69 4.71 -15.25
N ASN A 78 -2.00 4.66 -15.13
CA ASN A 78 -2.67 3.78 -14.19
C ASN A 78 -2.47 2.30 -14.53
N HIS A 79 -2.13 2.04 -15.78
CA HIS A 79 -1.96 0.67 -16.28
C HIS A 79 -0.58 0.06 -15.98
N ARG A 80 0.34 0.85 -15.43
CA ARG A 80 1.67 0.31 -15.10
C ARG A 80 1.68 -0.21 -13.69
N SER A 81 2.47 -1.24 -13.45
CA SER A 81 2.68 -1.74 -12.10
C SER A 81 3.67 -0.83 -11.42
N LEU A 82 3.69 -0.83 -10.10
CA LEU A 82 4.59 0.03 -9.34
C LEU A 82 6.04 -0.37 -9.57
N ALA A 83 6.28 -1.65 -9.77
CA ALA A 83 7.62 -2.14 -10.04
C ALA A 83 8.10 -1.62 -11.40
N SER A 84 7.17 -1.41 -12.32
CA SER A 84 7.52 -0.84 -13.64
C SER A 84 7.90 0.63 -13.50
N TYR A 85 7.54 1.25 -12.39
CA TYR A 85 7.91 2.64 -12.12
C TYR A 85 9.19 2.67 -11.26
N GLY A 86 9.64 1.51 -10.82
CA GLY A 86 10.83 1.43 -10.00
C GLY A 86 10.58 1.62 -8.51
N LEU A 87 9.34 1.45 -8.06
CA LEU A 87 9.03 1.58 -6.64
C LEU A 87 9.61 0.44 -5.83
N LYS A 88 10.85 0.63 -5.40
CA LYS A 88 11.52 -0.31 -4.48
C LYS A 88 10.82 -0.32 -3.13
N ASP A 89 10.97 -1.42 -2.41
CA ASP A 89 10.50 -1.49 -1.04
C ASP A 89 11.19 -0.39 -0.23
N GLY A 90 10.41 0.37 0.51
CA GLY A 90 10.94 1.47 1.30
C GLY A 90 10.86 2.82 0.62
N ASP A 91 10.56 2.85 -0.67
CA ASP A 91 10.46 4.14 -1.38
C ASP A 91 9.29 4.97 -0.85
N VAL A 92 9.46 6.28 -0.90
CA VAL A 92 8.45 7.22 -0.40
C VAL A 92 7.78 7.94 -1.57
N VAL A 93 6.46 7.91 -1.57
CA VAL A 93 5.65 8.55 -2.62
C VAL A 93 5.00 9.79 -2.02
N ILE A 94 5.03 10.89 -2.75
CA ILE A 94 4.44 12.14 -2.28
C ILE A 94 3.15 12.39 -3.04
N LEU A 95 2.05 12.49 -2.32
CA LEU A 95 0.73 12.71 -2.90
C LEU A 95 0.29 14.10 -2.44
N ARG A 96 -0.18 14.93 -3.37
CA ARG A 96 -0.47 16.33 -3.06
C ARG A 96 -1.85 16.76 -3.53
N GLN A 97 -2.58 17.43 -2.64
CA GLN A 97 -3.84 18.10 -2.96
C GLN A 97 -3.70 19.62 -2.71
N MET A 1 -21.30 -48.05 30.33
CA MET A 1 -19.95 -48.58 29.99
C MET A 1 -19.27 -47.79 28.87
N GLY A 2 -17.97 -48.05 28.68
CA GLY A 2 -17.19 -47.35 27.67
C GLY A 2 -15.81 -47.97 27.59
N HIS A 3 -15.00 -47.56 26.62
CA HIS A 3 -13.65 -48.09 26.44
C HIS A 3 -12.61 -46.99 26.64
N HIS A 4 -12.46 -46.59 27.90
CA HIS A 4 -11.48 -45.57 28.33
C HIS A 4 -11.66 -44.20 27.63
N HIS A 5 -10.68 -43.34 27.80
CA HIS A 5 -10.69 -41.99 27.23
C HIS A 5 -9.22 -41.54 27.20
N HIS A 6 -8.93 -40.43 26.53
CA HIS A 6 -7.54 -39.95 26.40
C HIS A 6 -7.39 -38.43 26.65
N HIS A 7 -8.15 -37.64 25.91
CA HIS A 7 -8.13 -36.15 25.97
C HIS A 7 -6.76 -35.56 25.60
N HIS A 8 -6.67 -34.23 25.68
CA HIS A 8 -5.44 -33.47 25.37
C HIS A 8 -4.89 -33.67 23.95
N HIS A 9 -5.77 -33.90 23.00
CA HIS A 9 -5.38 -34.00 21.59
C HIS A 9 -5.14 -32.60 21.02
N HIS A 10 -3.95 -32.05 21.24
CA HIS A 10 -3.60 -30.72 20.72
C HIS A 10 -3.61 -30.76 19.19
N HIS A 11 -3.06 -31.85 18.65
CA HIS A 11 -2.98 -32.13 17.21
C HIS A 11 -2.06 -31.20 16.42
N HIS A 12 -1.31 -31.78 15.49
CA HIS A 12 -0.43 -30.98 14.64
C HIS A 12 -1.27 -30.34 13.55
N SER A 13 -0.98 -29.08 13.26
CA SER A 13 -1.62 -28.33 12.18
C SER A 13 -0.56 -27.38 11.67
N SER A 14 -0.70 -26.91 10.44
CA SER A 14 0.24 -25.97 9.85
C SER A 14 -0.53 -25.15 8.83
N GLY A 15 0.03 -24.03 8.41
CA GLY A 15 -0.62 -23.17 7.44
C GLY A 15 0.37 -22.25 6.77
N HIS A 16 1.61 -22.71 6.62
CA HIS A 16 2.65 -21.90 6.00
C HIS A 16 2.42 -21.87 4.49
N ILE A 17 2.58 -20.70 3.91
CA ILE A 17 2.42 -20.50 2.47
C ILE A 17 3.46 -19.47 2.06
N GLU A 18 3.74 -19.40 0.76
CA GLU A 18 4.69 -18.42 0.24
C GLU A 18 3.94 -17.42 -0.64
N GLY A 19 4.44 -16.19 -0.69
CA GLY A 19 3.86 -15.15 -1.51
C GLY A 19 4.88 -14.05 -1.67
N ARG A 20 4.53 -12.94 -2.32
CA ARG A 20 5.46 -11.83 -2.48
C ARG A 20 4.71 -10.50 -2.47
N HIS A 21 5.13 -9.60 -1.61
CA HIS A 21 4.49 -8.31 -1.43
C HIS A 21 5.61 -7.38 -0.94
N MET A 22 5.35 -6.09 -0.92
CA MET A 22 6.34 -5.09 -0.53
C MET A 22 5.64 -3.95 0.20
N LEU A 23 6.40 -3.13 0.90
CA LEU A 23 5.86 -2.02 1.69
C LEU A 23 6.34 -0.71 1.09
N LEU A 24 5.44 0.22 0.83
CA LEU A 24 5.79 1.53 0.30
C LEU A 24 5.29 2.59 1.25
N THR A 25 5.93 3.75 1.24
CA THR A 25 5.52 4.85 2.10
C THR A 25 4.82 5.90 1.25
N VAL A 26 3.77 6.50 1.78
CA VAL A 26 3.02 7.53 1.08
C VAL A 26 2.96 8.76 1.95
N TYR A 27 3.40 9.90 1.42
CA TYR A 27 3.33 11.15 2.13
C TYR A 27 2.27 12.04 1.49
N CYS A 28 1.16 12.23 2.18
CA CYS A 28 0.08 13.06 1.67
C CYS A 28 0.27 14.47 2.21
N VAL A 29 0.11 15.46 1.34
CA VAL A 29 0.36 16.85 1.70
C VAL A 29 -0.83 17.75 1.34
N ARG A 30 -1.25 18.56 2.29
CA ARG A 30 -2.25 19.60 2.06
C ARG A 30 -1.68 20.91 2.55
N ARG A 31 -2.04 22.01 1.90
CA ARG A 31 -1.51 23.32 2.27
C ARG A 31 -1.99 23.76 3.66
N ASP A 32 -3.14 23.24 4.07
CA ASP A 32 -3.74 23.55 5.37
C ASP A 32 -3.11 22.72 6.51
N LEU A 33 -1.89 22.25 6.29
CA LEU A 33 -1.12 21.44 7.26
C LEU A 33 -1.87 20.16 7.67
N SER A 34 -2.69 19.67 6.76
CA SER A 34 -3.42 18.41 6.95
C SER A 34 -2.58 17.25 6.42
N GLU A 35 -1.28 17.50 6.32
CA GLU A 35 -0.34 16.54 5.77
C GLU A 35 -0.11 15.37 6.74
N VAL A 36 0.09 14.19 6.19
CA VAL A 36 0.21 12.96 6.98
C VAL A 36 1.03 11.97 6.17
N THR A 37 1.79 11.10 6.83
CA THR A 37 2.57 10.09 6.14
C THR A 37 2.21 8.74 6.74
N PHE A 38 2.14 7.72 5.90
CA PHE A 38 1.75 6.38 6.32
C PHE A 38 2.35 5.40 5.33
N SER A 39 2.22 4.10 5.57
CA SER A 39 2.78 3.10 4.68
C SER A 39 1.73 2.08 4.32
N LEU A 40 1.85 1.51 3.13
CA LEU A 40 0.89 0.55 2.61
C LEU A 40 1.59 -0.69 2.08
N GLN A 41 0.93 -1.83 2.21
CA GLN A 41 1.45 -3.09 1.70
C GLN A 41 0.80 -3.32 0.35
N VAL A 42 1.61 -3.57 -0.66
CA VAL A 42 1.13 -3.77 -2.03
C VAL A 42 1.92 -4.89 -2.68
N ASP A 43 1.41 -5.43 -3.77
CA ASP A 43 2.12 -6.45 -4.52
C ASP A 43 3.11 -5.77 -5.46
N ALA A 44 4.10 -6.50 -5.94
CA ALA A 44 5.04 -5.94 -6.90
C ALA A 44 4.30 -5.57 -8.20
N ASP A 45 3.28 -6.34 -8.51
CA ASP A 45 2.51 -6.17 -9.75
C ASP A 45 1.30 -5.25 -9.56
N PHE A 46 1.21 -4.60 -8.42
CA PHE A 46 0.07 -3.74 -8.13
C PHE A 46 0.03 -2.57 -9.10
N GLU A 47 -1.12 -2.40 -9.75
CA GLU A 47 -1.29 -1.36 -10.75
C GLU A 47 -1.31 0.01 -10.11
N LEU A 48 -0.85 1.01 -10.84
CA LEU A 48 -0.85 2.39 -10.32
C LEU A 48 -2.28 2.87 -10.04
N HIS A 49 -3.22 2.43 -10.86
CA HIS A 49 -4.61 2.82 -10.67
C HIS A 49 -5.12 2.32 -9.31
N ASN A 50 -4.81 1.07 -9.02
CA ASN A 50 -5.24 0.47 -7.76
C ASN A 50 -4.49 1.10 -6.60
N PHE A 51 -3.25 1.51 -6.83
CA PHE A 51 -2.45 2.18 -5.80
C PHE A 51 -3.08 3.51 -5.38
N ARG A 52 -3.59 4.28 -6.32
CA ARG A 52 -4.29 5.54 -6.00
C ARG A 52 -5.50 5.24 -5.14
N ALA A 53 -6.24 4.22 -5.54
CA ALA A 53 -7.46 3.83 -4.83
C ALA A 53 -7.15 3.38 -3.39
N LEU A 54 -6.09 2.58 -3.24
CA LEU A 54 -5.70 2.09 -1.91
C LEU A 54 -5.23 3.24 -1.03
N CYS A 55 -4.53 4.20 -1.64
CA CYS A 55 -4.09 5.39 -0.95
C CYS A 55 -5.27 6.22 -0.46
N GLU A 56 -6.30 6.32 -1.29
CA GLU A 56 -7.51 7.05 -0.94
C GLU A 56 -8.21 6.39 0.24
N LEU A 57 -8.24 5.06 0.24
CA LEU A 57 -8.89 4.29 1.29
C LEU A 57 -8.22 4.54 2.65
N GLU A 58 -6.90 4.45 2.69
CA GLU A 58 -6.14 4.63 3.93
C GLU A 58 -6.14 6.08 4.39
N SER A 59 -5.94 7.00 3.45
CA SER A 59 -5.81 8.42 3.79
C SER A 59 -7.16 9.10 4.02
N GLY A 60 -8.25 8.47 3.59
CA GLY A 60 -9.58 9.01 3.84
C GLY A 60 -9.92 10.23 3.02
N ILE A 61 -9.28 10.36 1.88
CA ILE A 61 -9.49 11.51 0.99
C ILE A 61 -9.66 11.03 -0.45
N PRO A 62 -10.50 11.71 -1.26
CA PRO A 62 -10.61 11.20 -2.63
C PRO A 62 -9.32 11.34 -3.42
N ALA A 63 -8.94 10.28 -4.12
CA ALA A 63 -7.76 10.29 -4.97
C ALA A 63 -7.98 11.26 -6.14
N ALA A 64 -9.23 11.47 -6.51
CA ALA A 64 -9.58 12.36 -7.62
C ALA A 64 -9.12 13.80 -7.34
N GLU A 65 -9.13 14.19 -6.07
CA GLU A 65 -8.76 15.54 -5.66
C GLU A 65 -7.23 15.68 -5.51
N SER A 66 -6.48 14.69 -5.96
CA SER A 66 -5.04 14.68 -5.73
C SER A 66 -4.17 14.26 -6.90
N GLN A 67 -2.90 14.64 -6.82
CA GLN A 67 -1.89 14.22 -7.78
C GLN A 67 -0.81 13.46 -7.04
N ILE A 68 -0.13 12.56 -7.75
CA ILE A 68 0.89 11.72 -7.16
C ILE A 68 2.22 11.97 -7.91
N VAL A 69 3.30 12.09 -7.15
CA VAL A 69 4.62 12.38 -7.71
C VAL A 69 5.64 11.49 -7.00
N TYR A 70 6.58 10.94 -7.76
CA TYR A 70 7.60 10.04 -7.24
C TYR A 70 8.93 10.40 -7.88
N ALA A 71 9.98 10.55 -7.07
CA ALA A 71 11.30 10.98 -7.55
C ALA A 71 11.17 12.26 -8.40
N GLU A 72 10.33 13.17 -7.93
CA GLU A 72 10.01 14.45 -8.59
C GLU A 72 9.37 14.32 -9.99
N ARG A 73 8.96 13.12 -10.36
CA ARG A 73 8.27 12.89 -11.64
C ARG A 73 6.82 12.53 -11.38
N PRO A 74 5.86 13.16 -12.09
CA PRO A 74 4.49 12.74 -11.79
C PRO A 74 4.20 11.34 -12.31
N LEU A 75 3.36 10.61 -11.60
CA LEU A 75 3.00 9.26 -11.99
C LEU A 75 1.60 9.30 -12.61
N THR A 76 1.56 9.32 -13.95
CA THR A 76 0.29 9.44 -14.67
C THR A 76 -0.07 8.22 -15.51
N ASP A 77 0.91 7.41 -15.88
CA ASP A 77 0.65 6.26 -16.73
C ASP A 77 0.21 5.07 -15.88
N ASN A 78 -1.09 4.99 -15.64
CA ASN A 78 -1.67 3.98 -14.75
C ASN A 78 -1.50 2.56 -15.28
N HIS A 79 -1.17 2.43 -16.55
CA HIS A 79 -1.01 1.14 -17.23
C HIS A 79 0.27 0.39 -16.81
N ARG A 80 1.03 0.91 -15.85
CA ARG A 80 2.24 0.25 -15.39
C ARG A 80 2.15 -0.04 -13.90
N SER A 81 2.67 -1.20 -13.52
CA SER A 81 2.73 -1.59 -12.13
C SER A 81 3.80 -0.77 -11.40
N LEU A 82 3.73 -0.74 -10.08
CA LEU A 82 4.65 0.06 -9.28
C LEU A 82 6.11 -0.40 -9.41
N ALA A 83 6.34 -1.70 -9.47
CA ALA A 83 7.70 -2.23 -9.63
C ALA A 83 8.30 -1.76 -10.98
N SER A 84 7.47 -1.55 -11.97
CA SER A 84 7.90 -1.07 -13.28
C SER A 84 8.40 0.37 -13.24
N TYR A 85 8.05 1.09 -12.18
CA TYR A 85 8.55 2.46 -11.97
C TYR A 85 9.72 2.43 -11.00
N GLY A 86 10.03 1.25 -10.49
CA GLY A 86 11.10 1.12 -9.53
C GLY A 86 10.68 1.34 -8.10
N LEU A 87 9.38 1.29 -7.80
CA LEU A 87 8.93 1.44 -6.42
C LEU A 87 9.25 0.14 -5.69
N LYS A 88 10.46 0.06 -5.16
CA LYS A 88 10.88 -1.09 -4.36
C LYS A 88 10.44 -0.87 -2.92
N ASP A 89 10.55 -1.91 -2.12
CA ASP A 89 10.23 -1.83 -0.70
C ASP A 89 11.04 -0.71 -0.04
N GLY A 90 10.32 0.19 0.62
CA GLY A 90 10.95 1.31 1.30
C GLY A 90 10.90 2.62 0.54
N ASP A 91 10.58 2.58 -0.75
CA ASP A 91 10.48 3.81 -1.53
C ASP A 91 9.23 4.58 -1.10
N VAL A 92 9.25 5.89 -1.30
CA VAL A 92 8.19 6.78 -0.84
C VAL A 92 7.64 7.64 -1.98
N VAL A 93 6.33 7.81 -2.02
CA VAL A 93 5.70 8.69 -3.01
C VAL A 93 5.11 9.87 -2.27
N ILE A 94 4.85 10.95 -2.97
CA ILE A 94 4.26 12.15 -2.39
C ILE A 94 2.95 12.39 -3.11
N LEU A 95 1.90 12.64 -2.34
CA LEU A 95 0.58 12.90 -2.87
C LEU A 95 0.20 14.32 -2.45
N ARG A 96 -0.34 15.12 -3.36
CA ARG A 96 -0.80 16.47 -3.03
C ARG A 96 -2.27 16.57 -3.32
N GLN A 97 -3.06 16.81 -2.28
CA GLN A 97 -4.53 16.92 -2.38
C GLN A 97 -4.97 18.39 -2.39
N MET A 1 -10.31 -40.05 38.33
CA MET A 1 -9.25 -39.57 39.25
C MET A 1 -7.96 -39.15 38.54
N GLY A 2 -7.34 -38.08 39.02
CA GLY A 2 -6.12 -37.54 38.43
C GLY A 2 -6.43 -36.50 37.38
N HIS A 3 -5.41 -35.80 36.93
CA HIS A 3 -5.58 -34.72 35.96
C HIS A 3 -5.14 -35.16 34.57
N HIS A 4 -6.03 -35.84 33.87
CA HIS A 4 -5.75 -36.41 32.54
C HIS A 4 -6.70 -35.84 31.48
N HIS A 5 -7.41 -34.78 31.82
CA HIS A 5 -8.39 -34.19 30.91
C HIS A 5 -7.72 -33.23 29.91
N HIS A 6 -7.29 -33.80 28.78
CA HIS A 6 -6.64 -33.06 27.69
C HIS A 6 -5.39 -32.30 28.15
N HIS A 7 -4.88 -31.44 27.29
CA HIS A 7 -3.68 -30.64 27.59
C HIS A 7 -3.82 -29.21 27.11
N HIS A 8 -4.13 -29.04 25.83
CA HIS A 8 -4.27 -27.71 25.24
C HIS A 8 -5.47 -27.61 24.29
N HIS A 9 -5.50 -28.50 23.30
CA HIS A 9 -6.56 -28.51 22.27
C HIS A 9 -6.60 -27.18 21.48
N HIS A 10 -5.46 -26.51 21.40
CA HIS A 10 -5.33 -25.26 20.65
C HIS A 10 -4.98 -25.60 19.20
N HIS A 11 -5.07 -24.60 18.33
CA HIS A 11 -4.55 -24.68 16.98
C HIS A 11 -3.38 -23.70 17.01
N HIS A 12 -2.33 -23.96 16.25
CA HIS A 12 -1.16 -23.10 16.26
C HIS A 12 -0.39 -23.29 14.95
N SER A 13 0.49 -22.34 14.63
CA SER A 13 1.30 -22.36 13.41
C SER A 13 0.45 -22.34 12.13
N SER A 14 -0.77 -21.83 12.26
CA SER A 14 -1.67 -21.69 11.13
C SER A 14 -1.23 -20.50 10.27
N GLY A 15 -1.64 -20.49 9.02
CA GLY A 15 -1.31 -19.37 8.14
C GLY A 15 -0.75 -19.84 6.82
N HIS A 16 0.49 -20.32 6.84
CA HIS A 16 1.18 -20.80 5.63
C HIS A 16 1.13 -19.76 4.49
N ILE A 17 1.50 -18.53 4.84
CA ILE A 17 1.48 -17.42 3.90
C ILE A 17 2.48 -17.63 2.75
N GLU A 18 2.09 -17.16 1.57
CA GLU A 18 2.89 -17.33 0.35
C GLU A 18 3.99 -16.27 0.26
N GLY A 19 3.81 -15.18 1.00
CA GLY A 19 4.81 -14.13 1.02
C GLY A 19 4.75 -13.25 -0.22
N ARG A 20 5.91 -12.80 -0.69
CA ARG A 20 6.04 -11.96 -1.89
C ARG A 20 5.16 -10.71 -1.87
N HIS A 21 5.48 -9.78 -0.98
CA HIS A 21 4.83 -8.47 -0.98
C HIS A 21 5.92 -7.47 -0.63
N MET A 22 5.63 -6.19 -0.82
CA MET A 22 6.56 -5.12 -0.50
C MET A 22 5.78 -4.04 0.27
N LEU A 23 6.48 -3.04 0.78
CA LEU A 23 5.86 -1.98 1.58
C LEU A 23 6.29 -0.63 1.02
N LEU A 24 5.33 0.25 0.74
CA LEU A 24 5.62 1.59 0.22
C LEU A 24 5.10 2.63 1.19
N THR A 25 5.78 3.77 1.23
CA THR A 25 5.38 4.86 2.10
C THR A 25 4.72 5.94 1.26
N VAL A 26 3.67 6.54 1.79
CA VAL A 26 2.94 7.60 1.11
C VAL A 26 2.93 8.82 2.03
N TYR A 27 3.36 9.95 1.52
CA TYR A 27 3.35 11.20 2.28
C TYR A 27 2.29 12.10 1.68
N CYS A 28 1.19 12.28 2.39
CA CYS A 28 0.06 13.07 1.89
C CYS A 28 0.14 14.49 2.42
N VAL A 29 0.31 15.45 1.54
CA VAL A 29 0.49 16.85 1.93
C VAL A 29 -0.82 17.65 1.79
N ARG A 30 -1.28 18.19 2.91
CA ARG A 30 -2.38 19.14 2.91
C ARG A 30 -1.74 20.51 2.98
N ARG A 31 -2.23 21.45 2.19
CA ARG A 31 -1.64 22.80 2.17
C ARG A 31 -1.89 23.55 3.48
N ASP A 32 -2.84 23.05 4.26
CA ASP A 32 -3.18 23.63 5.57
C ASP A 32 -2.39 22.95 6.70
N LEU A 33 -1.22 22.41 6.33
CA LEU A 33 -0.27 21.72 7.25
C LEU A 33 -0.88 20.53 8.00
N SER A 34 -1.97 20.02 7.48
CA SER A 34 -2.67 18.85 8.03
C SER A 34 -2.08 17.57 7.44
N GLU A 35 -0.84 17.66 7.03
CA GLU A 35 -0.16 16.60 6.29
C GLU A 35 0.18 15.40 7.19
N VAL A 36 0.26 14.23 6.57
CA VAL A 36 0.44 12.98 7.30
C VAL A 36 1.19 12.02 6.39
N THR A 37 1.84 11.01 6.95
CA THR A 37 2.48 9.98 6.15
C THR A 37 2.09 8.64 6.76
N PHE A 38 2.01 7.63 5.91
CA PHE A 38 1.59 6.30 6.32
C PHE A 38 2.20 5.33 5.32
N SER A 39 2.12 4.03 5.59
CA SER A 39 2.70 3.03 4.69
C SER A 39 1.67 1.97 4.36
N LEU A 40 1.77 1.42 3.16
CA LEU A 40 0.82 0.41 2.68
C LEU A 40 1.60 -0.75 2.09
N GLN A 41 1.04 -1.94 2.19
CA GLN A 41 1.68 -3.13 1.66
C GLN A 41 0.97 -3.57 0.39
N VAL A 42 1.76 -3.88 -0.63
CA VAL A 42 1.26 -4.17 -1.98
C VAL A 42 2.19 -5.18 -2.62
N ASP A 43 1.80 -5.75 -3.75
CA ASP A 43 2.71 -6.62 -4.52
C ASP A 43 3.53 -5.73 -5.47
N ALA A 44 4.57 -6.29 -6.06
CA ALA A 44 5.38 -5.58 -7.03
C ALA A 44 4.60 -5.34 -8.34
N ASP A 45 3.76 -6.29 -8.73
CA ASP A 45 3.03 -6.20 -10.00
C ASP A 45 1.68 -5.50 -9.84
N PHE A 46 1.43 -5.02 -8.63
CA PHE A 46 0.20 -4.28 -8.29
C PHE A 46 0.08 -3.05 -9.19
N GLU A 47 -1.11 -2.85 -9.76
CA GLU A 47 -1.33 -1.75 -10.69
C GLU A 47 -1.28 -0.41 -9.98
N LEU A 48 -0.80 0.62 -10.68
CA LEU A 48 -0.80 1.97 -10.12
C LEU A 48 -2.23 2.44 -9.87
N HIS A 49 -3.15 2.02 -10.72
CA HIS A 49 -4.56 2.39 -10.56
C HIS A 49 -5.09 1.85 -9.23
N ASN A 50 -4.65 0.64 -8.88
CA ASN A 50 -5.06 0.01 -7.64
C ASN A 50 -4.37 0.68 -6.46
N PHE A 51 -3.08 0.98 -6.62
CA PHE A 51 -2.30 1.64 -5.57
C PHE A 51 -2.87 3.03 -5.21
N ARG A 52 -3.23 3.81 -6.22
CA ARG A 52 -3.79 5.14 -5.94
C ARG A 52 -5.15 5.03 -5.25
N ALA A 53 -5.91 3.97 -5.53
CA ALA A 53 -7.20 3.78 -4.88
C ALA A 53 -6.97 3.42 -3.42
N LEU A 54 -5.97 2.58 -3.17
CA LEU A 54 -5.62 2.19 -1.80
C LEU A 54 -5.20 3.40 -0.98
N CYS A 55 -4.36 4.27 -1.55
CA CYS A 55 -3.91 5.44 -0.79
C CYS A 55 -5.01 6.48 -0.66
N GLU A 56 -5.97 6.49 -1.60
CA GLU A 56 -7.10 7.40 -1.51
C GLU A 56 -7.97 6.98 -0.32
N LEU A 57 -8.19 5.67 -0.22
CA LEU A 57 -9.01 5.11 0.86
C LEU A 57 -8.37 5.35 2.21
N GLU A 58 -7.08 5.12 2.31
CA GLU A 58 -6.36 5.29 3.58
C GLU A 58 -6.29 6.77 3.98
N SER A 59 -6.04 7.65 3.02
CA SER A 59 -5.92 9.07 3.31
C SER A 59 -7.28 9.75 3.50
N GLY A 60 -8.33 9.15 2.97
CA GLY A 60 -9.67 9.70 3.14
C GLY A 60 -9.91 11.02 2.44
N ILE A 61 -9.27 11.23 1.29
CA ILE A 61 -9.43 12.47 0.54
C ILE A 61 -9.86 12.17 -0.90
N PRO A 62 -10.60 13.10 -1.54
CA PRO A 62 -10.95 12.79 -2.94
C PRO A 62 -9.73 12.86 -3.86
N ALA A 63 -9.47 11.82 -4.63
CA ALA A 63 -8.36 11.80 -5.57
C ALA A 63 -8.53 12.87 -6.67
N ALA A 64 -9.78 13.25 -6.94
CA ALA A 64 -10.08 14.25 -7.95
C ALA A 64 -9.46 15.61 -7.60
N GLU A 65 -9.28 15.86 -6.30
CA GLU A 65 -8.76 17.14 -5.82
C GLU A 65 -7.26 17.06 -5.52
N SER A 66 -6.59 16.01 -5.99
CA SER A 66 -5.18 15.82 -5.68
C SER A 66 -4.40 15.14 -6.80
N GLN A 67 -3.08 15.10 -6.66
CA GLN A 67 -2.21 14.42 -7.63
C GLN A 67 -1.15 13.65 -6.86
N ILE A 68 -0.65 12.57 -7.42
CA ILE A 68 0.35 11.74 -6.75
C ILE A 68 1.66 11.74 -7.57
N VAL A 69 2.77 11.98 -6.87
CA VAL A 69 4.07 12.23 -7.49
C VAL A 69 5.13 11.30 -6.89
N TYR A 70 6.03 10.80 -7.72
CA TYR A 70 7.14 9.94 -7.28
C TYR A 70 8.36 10.34 -8.08
N ALA A 71 9.51 10.41 -7.42
CA ALA A 71 10.77 10.84 -8.06
C ALA A 71 10.59 12.17 -8.81
N GLU A 72 9.87 13.08 -8.16
CA GLU A 72 9.52 14.42 -8.68
C GLU A 72 8.71 14.42 -10.00
N ARG A 73 8.20 13.26 -10.40
CA ARG A 73 7.40 13.15 -11.63
C ARG A 73 5.99 12.68 -11.31
N PRO A 74 4.96 13.23 -11.98
CA PRO A 74 3.63 12.72 -11.65
C PRO A 74 3.42 11.30 -12.17
N LEU A 75 2.71 10.50 -11.39
CA LEU A 75 2.45 9.10 -11.73
C LEU A 75 1.22 9.00 -12.63
N THR A 76 1.34 9.54 -13.83
CA THR A 76 0.20 9.65 -14.75
C THR A 76 -0.26 8.34 -15.39
N ASP A 77 0.68 7.51 -15.82
CA ASP A 77 0.33 6.28 -16.53
C ASP A 77 -0.04 5.18 -15.55
N ASN A 78 -1.32 5.14 -15.21
CA ASN A 78 -1.84 4.27 -14.15
C ASN A 78 -1.89 2.79 -14.50
N HIS A 79 -1.71 2.47 -15.78
CA HIS A 79 -1.87 1.09 -16.25
C HIS A 79 -0.64 0.23 -15.97
N ARG A 80 0.41 0.84 -15.47
CA ARG A 80 1.66 0.13 -15.20
C ARG A 80 1.67 -0.39 -13.79
N SER A 81 2.50 -1.41 -13.56
CA SER A 81 2.72 -1.92 -12.22
C SER A 81 3.72 -1.02 -11.50
N LEU A 82 3.78 -1.12 -10.19
CA LEU A 82 4.70 -0.30 -9.39
C LEU A 82 6.16 -0.68 -9.68
N ALA A 83 6.36 -1.95 -10.01
CA ALA A 83 7.68 -2.46 -10.41
C ALA A 83 8.19 -1.75 -11.66
N SER A 84 7.28 -1.31 -12.51
CA SER A 84 7.66 -0.57 -13.73
C SER A 84 8.27 0.78 -13.39
N TYR A 85 7.93 1.33 -12.23
CA TYR A 85 8.50 2.61 -11.78
C TYR A 85 9.70 2.34 -10.89
N GLY A 86 9.94 1.08 -10.61
CA GLY A 86 11.03 0.69 -9.72
C GLY A 86 10.69 1.00 -8.28
N LEU A 87 9.40 1.07 -7.97
CA LEU A 87 8.96 1.41 -6.62
C LEU A 87 9.20 0.24 -5.67
N LYS A 88 10.43 0.15 -5.17
CA LYS A 88 10.82 -0.93 -4.26
C LYS A 88 10.35 -0.69 -2.84
N ASP A 89 10.48 -1.73 -2.02
CA ASP A 89 10.16 -1.64 -0.61
C ASP A 89 10.96 -0.53 0.05
N GLY A 90 10.25 0.31 0.78
CA GLY A 90 10.87 1.44 1.47
C GLY A 90 10.81 2.74 0.70
N ASP A 91 10.44 2.71 -0.57
CA ASP A 91 10.37 3.94 -1.35
C ASP A 91 9.16 4.79 -0.94
N VAL A 92 9.21 6.08 -1.24
CA VAL A 92 8.19 7.03 -0.79
C VAL A 92 7.54 7.77 -1.97
N VAL A 93 6.21 7.88 -1.95
CA VAL A 93 5.50 8.67 -2.95
C VAL A 93 4.87 9.85 -2.22
N ILE A 94 4.64 10.94 -2.93
CA ILE A 94 4.12 12.16 -2.32
C ILE A 94 2.77 12.49 -2.96
N LEU A 95 1.74 12.43 -2.15
CA LEU A 95 0.38 12.76 -2.58
C LEU A 95 0.21 14.25 -2.27
N ARG A 96 -0.14 15.03 -3.26
CA ARG A 96 -0.19 16.49 -3.12
C ARG A 96 -1.61 17.00 -3.25
N GLN A 97 -2.14 17.50 -2.13
CA GLN A 97 -3.46 18.13 -2.08
C GLN A 97 -3.38 19.58 -1.58
N MET A 1 20.83 -65.30 -15.65
CA MET A 1 21.83 -64.47 -14.94
C MET A 1 21.63 -62.98 -15.17
N GLY A 2 22.38 -62.19 -14.39
CA GLY A 2 22.35 -60.74 -14.47
C GLY A 2 21.69 -60.14 -13.24
N HIS A 3 22.19 -58.98 -12.83
CA HIS A 3 21.72 -58.34 -11.59
C HIS A 3 21.56 -56.83 -11.74
N HIS A 4 22.51 -56.21 -12.43
CA HIS A 4 22.53 -54.75 -12.66
C HIS A 4 22.59 -54.00 -11.31
N HIS A 5 22.25 -52.73 -11.32
CA HIS A 5 22.25 -51.89 -10.13
C HIS A 5 20.92 -51.15 -10.10
N HIS A 6 20.59 -50.59 -8.95
CA HIS A 6 19.35 -49.85 -8.79
C HIS A 6 19.61 -48.57 -8.00
N HIS A 7 18.96 -47.49 -8.39
CA HIS A 7 19.17 -46.18 -7.77
C HIS A 7 17.81 -45.50 -7.58
N HIS A 8 16.85 -46.26 -7.09
CA HIS A 8 15.49 -45.75 -6.89
C HIS A 8 15.46 -44.58 -5.90
N HIS A 9 14.77 -43.52 -6.26
CA HIS A 9 14.64 -42.35 -5.41
C HIS A 9 13.34 -41.66 -5.76
N HIS A 10 12.84 -40.82 -4.87
CA HIS A 10 11.63 -40.04 -5.09
C HIS A 10 11.71 -38.84 -4.17
N HIS A 11 11.23 -37.68 -4.61
CA HIS A 11 11.29 -36.47 -3.79
C HIS A 11 10.21 -35.47 -4.16
N HIS A 12 9.71 -34.73 -3.17
CA HIS A 12 8.77 -33.64 -3.40
C HIS A 12 9.41 -32.37 -2.83
N SER A 13 9.39 -31.30 -3.60
CA SER A 13 9.95 -30.03 -3.14
C SER A 13 8.94 -29.31 -2.27
N SER A 14 9.41 -28.61 -1.26
CA SER A 14 8.53 -27.80 -0.40
C SER A 14 8.45 -26.41 -1.02
N GLY A 15 7.32 -25.74 -0.84
CA GLY A 15 7.13 -24.41 -1.37
C GLY A 15 7.01 -23.35 -0.30
N HIS A 16 7.40 -23.70 0.92
CA HIS A 16 7.28 -22.77 2.05
C HIS A 16 8.33 -21.68 1.95
N ILE A 17 7.86 -20.44 1.86
CA ILE A 17 8.71 -19.25 1.79
C ILE A 17 8.13 -18.21 2.72
N GLU A 18 8.87 -17.15 2.99
CA GLU A 18 8.41 -16.06 3.86
C GLU A 18 7.38 -15.17 3.15
N GLY A 19 7.27 -15.38 1.85
CA GLY A 19 6.36 -14.60 1.00
C GLY A 19 7.13 -13.52 0.28
N ARG A 20 6.47 -12.85 -0.65
CA ARG A 20 7.11 -11.77 -1.41
C ARG A 20 6.09 -10.68 -1.67
N HIS A 21 6.27 -9.53 -1.06
CA HIS A 21 5.41 -8.37 -1.26
C HIS A 21 6.30 -7.19 -0.92
N MET A 22 5.84 -5.97 -1.15
CA MET A 22 6.63 -4.78 -0.89
C MET A 22 5.88 -3.87 0.06
N LEU A 23 6.58 -2.95 0.69
CA LEU A 23 5.96 -1.96 1.57
C LEU A 23 6.35 -0.59 1.03
N LEU A 24 5.36 0.25 0.73
CA LEU A 24 5.65 1.60 0.21
C LEU A 24 5.11 2.63 1.16
N THR A 25 5.77 3.77 1.22
CA THR A 25 5.36 4.86 2.09
C THR A 25 4.65 5.91 1.26
N VAL A 26 3.58 6.46 1.77
CA VAL A 26 2.81 7.49 1.08
C VAL A 26 2.75 8.70 1.98
N TYR A 27 3.17 9.84 1.46
CA TYR A 27 3.12 11.10 2.20
C TYR A 27 2.09 12.01 1.56
N CYS A 28 1.02 12.32 2.27
CA CYS A 28 -0.02 13.20 1.77
C CYS A 28 0.23 14.59 2.32
N VAL A 29 0.19 15.60 1.47
CA VAL A 29 0.47 16.98 1.89
C VAL A 29 -0.68 17.92 1.54
N ARG A 30 -1.05 18.77 2.50
CA ARG A 30 -2.04 19.82 2.30
C ARG A 30 -1.41 21.14 2.69
N ARG A 31 -1.78 22.22 2.00
CA ARG A 31 -1.29 23.55 2.34
C ARG A 31 -1.91 23.98 3.67
N ASP A 32 -2.97 23.29 4.05
CA ASP A 32 -3.69 23.54 5.30
C ASP A 32 -3.04 22.79 6.48
N LEU A 33 -1.79 22.33 6.25
CA LEU A 33 -0.97 21.62 7.24
C LEU A 33 -1.61 20.35 7.81
N SER A 34 -2.50 19.76 7.01
CA SER A 34 -3.20 18.53 7.36
C SER A 34 -2.43 17.30 6.86
N GLU A 35 -1.12 17.46 6.72
CA GLU A 35 -0.29 16.44 6.11
C GLU A 35 -0.09 15.22 7.03
N VAL A 36 0.04 14.06 6.41
CA VAL A 36 0.13 12.78 7.13
C VAL A 36 0.94 11.81 6.27
N THR A 37 1.61 10.87 6.89
CA THR A 37 2.37 9.86 6.16
C THR A 37 2.02 8.50 6.74
N PHE A 38 1.94 7.49 5.88
CA PHE A 38 1.55 6.14 6.27
C PHE A 38 2.22 5.18 5.29
N SER A 39 2.13 3.88 5.54
CA SER A 39 2.75 2.89 4.66
C SER A 39 1.74 1.81 4.34
N LEU A 40 1.87 1.23 3.16
CA LEU A 40 0.95 0.22 2.66
C LEU A 40 1.71 -0.97 2.10
N GLN A 41 1.17 -2.15 2.31
CA GLN A 41 1.73 -3.38 1.75
C GLN A 41 1.07 -3.62 0.39
N VAL A 42 1.90 -3.85 -0.61
CA VAL A 42 1.44 -4.02 -1.99
C VAL A 42 2.21 -5.13 -2.68
N ASP A 43 1.67 -5.62 -3.79
CA ASP A 43 2.33 -6.66 -4.57
C ASP A 43 3.24 -6.02 -5.62
N ALA A 44 4.11 -6.81 -6.23
CA ALA A 44 5.04 -6.27 -7.22
C ALA A 44 4.31 -5.76 -8.47
N ASP A 45 3.35 -6.53 -8.94
CA ASP A 45 2.63 -6.22 -10.17
C ASP A 45 1.34 -5.49 -9.87
N PHE A 46 1.24 -4.97 -8.66
CA PHE A 46 0.08 -4.19 -8.26
C PHE A 46 0.06 -2.92 -9.13
N GLU A 47 -1.10 -2.62 -9.70
CA GLU A 47 -1.21 -1.47 -10.61
C GLU A 47 -1.08 -0.17 -9.85
N LEU A 48 -0.55 0.86 -10.50
CA LEU A 48 -0.55 2.21 -9.91
C LEU A 48 -2.02 2.65 -9.79
N HIS A 49 -2.86 2.17 -10.70
CA HIS A 49 -4.30 2.43 -10.65
C HIS A 49 -4.92 1.93 -9.36
N ASN A 50 -4.51 0.74 -8.95
CA ASN A 50 -5.04 0.12 -7.72
C ASN A 50 -4.38 0.77 -6.49
N PHE A 51 -3.10 1.07 -6.60
CA PHE A 51 -2.36 1.70 -5.52
C PHE A 51 -2.90 3.07 -5.13
N ARG A 52 -3.22 3.89 -6.11
CA ARG A 52 -3.77 5.22 -5.81
C ARG A 52 -5.14 5.10 -5.14
N ALA A 53 -5.89 4.05 -5.45
CA ALA A 53 -7.19 3.83 -4.82
C ALA A 53 -6.98 3.34 -3.37
N LEU A 54 -5.96 2.51 -3.17
CA LEU A 54 -5.63 2.02 -1.84
C LEU A 54 -5.22 3.19 -0.93
N CYS A 55 -4.41 4.10 -1.45
CA CYS A 55 -3.98 5.25 -0.64
C CYS A 55 -5.11 6.27 -0.46
N GLU A 56 -6.06 6.28 -1.39
CA GLU A 56 -7.22 7.17 -1.29
C GLU A 56 -8.07 6.74 -0.09
N LEU A 57 -8.20 5.43 0.09
CA LEU A 57 -8.96 4.87 1.20
C LEU A 57 -8.31 5.23 2.54
N GLU A 58 -6.99 5.11 2.60
CA GLU A 58 -6.23 5.43 3.82
C GLU A 58 -6.28 6.93 4.14
N SER A 59 -6.18 7.76 3.10
CA SER A 59 -6.16 9.20 3.28
C SER A 59 -7.56 9.76 3.59
N GLY A 60 -8.59 9.05 3.13
CA GLY A 60 -9.97 9.46 3.39
C GLY A 60 -10.41 10.66 2.56
N ILE A 61 -9.62 11.01 1.54
CA ILE A 61 -9.89 12.19 0.71
C ILE A 61 -9.67 11.78 -0.75
N PRO A 62 -10.61 12.11 -1.66
CA PRO A 62 -10.44 11.65 -3.04
C PRO A 62 -9.13 12.03 -3.74
N ALA A 63 -8.52 11.03 -4.34
CA ALA A 63 -7.30 11.18 -5.13
C ALA A 63 -7.59 11.97 -6.40
N ALA A 64 -8.86 11.95 -6.81
CA ALA A 64 -9.30 12.68 -8.01
C ALA A 64 -9.05 14.18 -7.90
N GLU A 65 -8.99 14.69 -6.68
CA GLU A 65 -8.76 16.12 -6.43
C GLU A 65 -7.29 16.38 -6.10
N SER A 66 -6.41 15.48 -6.53
CA SER A 66 -5.01 15.56 -6.16
C SER A 66 -4.06 15.13 -7.27
N GLN A 67 -2.77 15.22 -6.97
CA GLN A 67 -1.70 14.76 -7.86
C GLN A 67 -0.79 13.89 -7.02
N ILE A 68 -0.24 12.83 -7.60
CA ILE A 68 0.66 11.93 -6.89
C ILE A 68 1.96 11.82 -7.70
N VAL A 69 3.08 11.96 -7.01
CA VAL A 69 4.41 11.97 -7.63
C VAL A 69 5.33 10.99 -6.92
N TYR A 70 6.31 10.47 -7.62
CA TYR A 70 7.31 9.56 -7.06
C TYR A 70 8.65 10.06 -7.57
N ALA A 71 9.62 10.21 -6.66
CA ALA A 71 10.94 10.73 -7.00
C ALA A 71 10.82 12.06 -7.77
N GLU A 72 9.90 12.92 -7.29
CA GLU A 72 9.61 14.24 -7.88
C GLU A 72 9.08 14.24 -9.33
N ARG A 73 8.63 13.08 -9.82
CA ARG A 73 8.05 12.99 -11.17
C ARG A 73 6.65 12.38 -11.07
N PRO A 74 5.69 12.85 -11.89
CA PRO A 74 4.34 12.36 -11.67
C PRO A 74 4.10 10.93 -12.12
N LEU A 75 3.22 10.24 -11.42
CA LEU A 75 2.85 8.86 -11.73
C LEU A 75 1.60 8.90 -12.63
N THR A 76 1.78 9.40 -13.85
CA THR A 76 0.67 9.59 -14.77
C THR A 76 0.11 8.28 -15.34
N ASP A 77 0.98 7.29 -15.52
CA ASP A 77 0.58 6.04 -16.15
C ASP A 77 0.00 5.10 -15.11
N ASN A 78 -1.31 5.19 -14.89
CA ASN A 78 -1.98 4.32 -13.94
C ASN A 78 -1.97 2.86 -14.43
N HIS A 79 -1.69 2.68 -15.71
CA HIS A 79 -1.61 1.37 -16.33
C HIS A 79 -0.34 0.61 -15.88
N ARG A 80 0.69 1.33 -15.46
CA ARG A 80 1.94 0.67 -15.05
C ARG A 80 1.78 0.04 -13.69
N SER A 81 2.51 -1.03 -13.45
CA SER A 81 2.60 -1.61 -12.13
C SER A 81 3.64 -0.81 -11.36
N LEU A 82 3.66 -0.96 -10.04
CA LEU A 82 4.62 -0.23 -9.21
C LEU A 82 6.06 -0.67 -9.53
N ALA A 83 6.22 -1.96 -9.85
CA ALA A 83 7.52 -2.48 -10.24
C ALA A 83 8.00 -1.85 -11.54
N SER A 84 7.07 -1.48 -12.40
CA SER A 84 7.41 -0.81 -13.66
C SER A 84 7.89 0.62 -13.44
N TYR A 85 7.64 1.16 -12.26
CA TYR A 85 8.16 2.48 -11.90
C TYR A 85 9.45 2.33 -11.11
N GLY A 86 9.77 1.10 -10.73
CA GLY A 86 10.94 0.84 -9.91
C GLY A 86 10.67 1.14 -8.45
N LEU A 87 9.39 1.13 -8.06
CA LEU A 87 9.02 1.44 -6.69
C LEU A 87 9.43 0.31 -5.73
N LYS A 88 10.67 0.40 -5.27
CA LYS A 88 11.22 -0.56 -4.31
C LYS A 88 10.58 -0.44 -2.95
N ASP A 89 10.64 -1.51 -2.19
CA ASP A 89 10.16 -1.50 -0.82
C ASP A 89 10.97 -0.44 -0.06
N GLY A 90 10.25 0.42 0.64
CA GLY A 90 10.86 1.53 1.36
C GLY A 90 10.76 2.85 0.63
N ASP A 91 10.43 2.84 -0.65
CA ASP A 91 10.29 4.09 -1.40
C ASP A 91 9.10 4.89 -0.90
N VAL A 92 9.18 6.21 -1.10
CA VAL A 92 8.14 7.12 -0.64
C VAL A 92 7.50 7.81 -1.84
N VAL A 93 6.17 7.88 -1.88
CA VAL A 93 5.48 8.65 -2.91
C VAL A 93 4.85 9.84 -2.22
N ILE A 94 4.62 10.91 -2.95
CA ILE A 94 4.13 12.15 -2.39
C ILE A 94 2.83 12.51 -3.10
N LEU A 95 1.77 12.67 -2.33
CA LEU A 95 0.46 13.03 -2.85
C LEU A 95 0.18 14.46 -2.41
N ARG A 96 -0.16 15.31 -3.37
CA ARG A 96 -0.43 16.72 -3.09
C ARG A 96 -1.91 16.99 -3.20
N GLN A 97 -2.53 17.16 -2.04
CA GLN A 97 -3.95 17.45 -1.89
C GLN A 97 -4.23 18.90 -1.45
N MET A 1 -22.34 -41.72 43.65
CA MET A 1 -21.23 -42.10 44.56
C MET A 1 -19.88 -41.55 44.10
N GLY A 2 -19.98 -40.58 43.19
CA GLY A 2 -18.84 -39.88 42.64
C GLY A 2 -19.29 -38.71 41.81
N HIS A 3 -18.38 -37.80 41.51
CA HIS A 3 -18.69 -36.60 40.73
C HIS A 3 -17.42 -36.15 40.01
N HIS A 4 -17.53 -35.79 38.75
CA HIS A 4 -16.39 -35.34 37.97
C HIS A 4 -16.77 -34.07 37.23
N HIS A 5 -15.90 -33.06 37.30
CA HIS A 5 -16.14 -31.77 36.67
C HIS A 5 -15.33 -31.61 35.39
N HIS A 6 -14.08 -32.07 35.44
CA HIS A 6 -13.10 -31.95 34.34
C HIS A 6 -12.84 -30.46 34.05
N HIS A 7 -12.23 -30.19 32.91
CA HIS A 7 -11.90 -28.82 32.51
C HIS A 7 -11.83 -28.84 30.99
N HIS A 8 -11.62 -27.69 30.39
CA HIS A 8 -11.47 -27.56 28.95
C HIS A 8 -10.47 -26.43 28.77
N HIS A 9 -10.00 -26.22 27.55
CA HIS A 9 -9.09 -25.12 27.25
C HIS A 9 -9.26 -24.79 25.78
N HIS A 10 -8.99 -23.56 25.39
CA HIS A 10 -9.13 -23.13 24.01
C HIS A 10 -7.78 -22.66 23.50
N HIS A 11 -7.55 -22.83 22.20
CA HIS A 11 -6.27 -22.50 21.59
C HIS A 11 -6.55 -21.86 20.24
N HIS A 12 -5.53 -21.28 19.64
CA HIS A 12 -5.61 -20.69 18.32
C HIS A 12 -4.21 -20.79 17.76
N SER A 13 -4.02 -20.47 16.48
CA SER A 13 -2.71 -20.48 15.85
C SER A 13 -2.71 -19.36 14.83
N SER A 14 -1.54 -18.86 14.49
CA SER A 14 -1.41 -17.78 13.51
C SER A 14 0.00 -17.84 12.95
N GLY A 15 0.23 -17.14 11.85
CA GLY A 15 1.55 -17.04 11.26
C GLY A 15 1.42 -15.99 10.17
N HIS A 16 2.48 -15.23 9.93
CA HIS A 16 2.46 -14.15 8.95
C HIS A 16 3.91 -13.73 8.74
N ILE A 17 4.15 -12.80 7.81
CA ILE A 17 5.49 -12.26 7.49
C ILE A 17 6.26 -13.36 6.72
N GLU A 18 7.42 -13.01 6.18
CA GLU A 18 8.26 -13.89 5.34
C GLU A 18 7.59 -14.23 3.99
N GLY A 19 6.47 -13.59 3.73
CA GLY A 19 5.81 -13.71 2.44
C GLY A 19 6.42 -12.73 1.46
N ARG A 20 5.93 -12.73 0.22
CA ARG A 20 6.45 -11.84 -0.81
C ARG A 20 5.47 -10.70 -1.08
N HIS A 21 5.84 -9.52 -0.64
CA HIS A 21 5.05 -8.31 -0.86
C HIS A 21 6.10 -7.20 -0.77
N MET A 22 5.69 -5.96 -0.96
CA MET A 22 6.55 -4.80 -0.76
C MET A 22 5.83 -3.81 0.13
N LEU A 23 6.57 -3.05 0.91
CA LEU A 23 6.01 -1.99 1.74
C LEU A 23 6.51 -0.67 1.16
N LEU A 24 5.60 0.27 0.94
CA LEU A 24 5.96 1.58 0.41
C LEU A 24 5.45 2.64 1.36
N THR A 25 6.19 3.72 1.50
CA THR A 25 5.76 4.81 2.37
C THR A 25 5.03 5.83 1.50
N VAL A 26 3.95 6.38 2.02
CA VAL A 26 3.18 7.38 1.28
C VAL A 26 3.05 8.62 2.14
N TYR A 27 3.35 9.78 1.56
CA TYR A 27 3.22 11.05 2.27
C TYR A 27 2.18 11.89 1.55
N CYS A 28 1.05 12.13 2.19
CA CYS A 28 -0.05 12.88 1.58
C CYS A 28 -0.07 14.31 2.12
N VAL A 29 0.15 15.27 1.25
CA VAL A 29 0.20 16.67 1.65
C VAL A 29 -1.02 17.44 1.17
N ARG A 30 -1.83 17.92 2.11
CA ARG A 30 -2.89 18.85 1.76
C ARG A 30 -2.25 20.23 1.76
N ARG A 31 -2.72 21.11 0.89
CA ARG A 31 -2.23 22.50 0.88
C ARG A 31 -2.67 23.24 2.15
N ASP A 32 -3.54 22.58 2.88
CA ASP A 32 -4.15 23.09 4.11
C ASP A 32 -3.38 22.64 5.38
N LEU A 33 -2.14 22.18 5.17
CA LEU A 33 -1.22 21.71 6.24
C LEU A 33 -1.75 20.53 7.08
N SER A 34 -2.77 19.88 6.58
CA SER A 34 -3.39 18.70 7.21
C SER A 34 -2.65 17.41 6.84
N GLU A 35 -1.37 17.56 6.52
CA GLU A 35 -0.61 16.49 5.88
C GLU A 35 -0.28 15.35 6.84
N VAL A 36 -0.16 14.15 6.27
CA VAL A 36 -0.02 12.92 7.04
C VAL A 36 0.83 11.95 6.23
N THR A 37 1.43 10.97 6.88
CA THR A 37 2.19 9.94 6.19
C THR A 37 1.85 8.60 6.82
N PHE A 38 1.90 7.55 6.02
CA PHE A 38 1.56 6.19 6.43
C PHE A 38 2.27 5.28 5.44
N SER A 39 2.16 3.98 5.62
CA SER A 39 2.77 3.03 4.69
C SER A 39 1.73 2.04 4.22
N LEU A 40 1.88 1.54 3.00
CA LEU A 40 0.94 0.58 2.42
C LEU A 40 1.68 -0.67 1.97
N GLN A 41 1.01 -1.79 2.06
CA GLN A 41 1.58 -3.07 1.61
C GLN A 41 0.94 -3.43 0.27
N VAL A 42 1.79 -3.79 -0.68
CA VAL A 42 1.39 -4.02 -2.07
C VAL A 42 2.19 -5.19 -2.62
N ASP A 43 1.95 -5.59 -3.85
CA ASP A 43 2.79 -6.58 -4.52
C ASP A 43 3.54 -5.86 -5.64
N ALA A 44 4.52 -6.52 -6.24
CA ALA A 44 5.35 -5.92 -7.28
C ALA A 44 4.56 -5.52 -8.54
N ASP A 45 3.60 -6.36 -8.92
CA ASP A 45 2.82 -6.15 -10.15
C ASP A 45 1.59 -5.28 -9.91
N PHE A 46 1.41 -4.85 -8.66
CA PHE A 46 0.25 -4.04 -8.29
C PHE A 46 0.22 -2.73 -9.08
N GLU A 47 -0.93 -2.45 -9.69
CA GLU A 47 -1.11 -1.29 -10.56
C GLU A 47 -1.08 0.01 -9.79
N LEU A 48 -0.64 1.08 -10.44
CA LEU A 48 -0.66 2.40 -9.83
C LEU A 48 -2.09 2.89 -9.64
N HIS A 49 -2.99 2.45 -10.51
CA HIS A 49 -4.39 2.81 -10.41
C HIS A 49 -4.95 2.29 -9.09
N ASN A 50 -4.68 1.02 -8.79
CA ASN A 50 -5.14 0.42 -7.56
C ASN A 50 -4.35 0.93 -6.37
N PHE A 51 -3.09 1.28 -6.59
CA PHE A 51 -2.26 1.83 -5.53
C PHE A 51 -2.80 3.17 -5.05
N ARG A 52 -3.11 4.05 -5.98
CA ARG A 52 -3.64 5.35 -5.60
C ARG A 52 -5.03 5.19 -5.01
N ALA A 53 -5.77 4.16 -5.42
CA ALA A 53 -7.08 3.90 -4.85
C ALA A 53 -6.94 3.51 -3.37
N LEU A 54 -5.95 2.67 -3.06
CA LEU A 54 -5.68 2.29 -1.67
C LEU A 54 -5.24 3.52 -0.88
N CYS A 55 -4.41 4.34 -1.50
CA CYS A 55 -3.94 5.57 -0.88
C CYS A 55 -5.09 6.52 -0.58
N GLU A 56 -6.00 6.67 -1.54
CA GLU A 56 -7.15 7.56 -1.36
C GLU A 56 -8.07 7.06 -0.26
N LEU A 57 -8.20 5.74 -0.16
CA LEU A 57 -9.04 5.14 0.87
C LEU A 57 -8.44 5.34 2.25
N GLU A 58 -7.13 5.14 2.37
CA GLU A 58 -6.43 5.29 3.64
C GLU A 58 -6.40 6.76 4.07
N SER A 59 -6.18 7.66 3.12
CA SER A 59 -6.11 9.09 3.41
C SER A 59 -7.49 9.73 3.58
N GLY A 60 -8.51 9.15 2.94
CA GLY A 60 -9.87 9.66 3.11
C GLY A 60 -10.15 10.91 2.30
N ILE A 61 -9.53 11.02 1.14
CA ILE A 61 -9.61 12.25 0.33
C ILE A 61 -10.21 12.00 -1.06
N PRO A 62 -10.82 13.03 -1.68
CA PRO A 62 -11.32 12.80 -3.04
C PRO A 62 -10.19 12.63 -4.06
N ALA A 63 -10.30 11.63 -4.92
CA ALA A 63 -9.28 11.37 -5.94
C ALA A 63 -9.18 12.51 -6.97
N ALA A 64 -10.28 13.23 -7.17
CA ALA A 64 -10.32 14.32 -8.14
C ALA A 64 -9.44 15.50 -7.71
N GLU A 65 -9.25 15.65 -6.41
CA GLU A 65 -8.53 16.80 -5.87
C GLU A 65 -7.07 16.49 -5.58
N SER A 66 -6.63 15.30 -5.98
CA SER A 66 -5.28 14.85 -5.66
C SER A 66 -4.46 14.38 -6.86
N GLN A 67 -3.16 14.54 -6.73
CA GLN A 67 -2.19 14.11 -7.75
C GLN A 67 -1.08 13.36 -7.04
N ILE A 68 -0.68 12.23 -7.60
CA ILE A 68 0.30 11.35 -6.98
C ILE A 68 1.62 11.40 -7.76
N VAL A 69 2.72 11.59 -7.04
CA VAL A 69 4.04 11.88 -7.64
C VAL A 69 5.13 10.99 -7.04
N TYR A 70 6.01 10.47 -7.89
CA TYR A 70 7.15 9.68 -7.46
C TYR A 70 8.40 10.21 -8.14
N ALA A 71 9.47 10.37 -7.38
CA ALA A 71 10.77 10.86 -7.89
C ALA A 71 10.60 12.14 -8.74
N GLU A 72 9.76 13.05 -8.27
CA GLU A 72 9.41 14.31 -8.95
C GLU A 72 8.77 14.17 -10.34
N ARG A 73 8.10 13.04 -10.61
CA ARG A 73 7.30 12.89 -11.83
C ARG A 73 5.92 12.37 -11.47
N PRO A 74 4.84 12.97 -12.03
CA PRO A 74 3.55 12.40 -11.69
C PRO A 74 3.37 11.03 -12.32
N LEU A 75 2.66 10.15 -11.62
CA LEU A 75 2.46 8.77 -12.08
C LEU A 75 1.22 8.70 -12.99
N THR A 76 1.29 9.38 -14.12
CA THR A 76 0.12 9.50 -15.01
C THR A 76 -0.22 8.20 -15.74
N ASP A 77 0.77 7.37 -16.01
CA ASP A 77 0.53 6.05 -16.61
C ASP A 77 0.14 5.12 -15.47
N ASN A 78 -1.06 5.31 -14.96
CA ASN A 78 -1.54 4.57 -13.79
C ASN A 78 -1.81 3.10 -14.11
N HIS A 79 -1.82 2.76 -15.39
CA HIS A 79 -2.01 1.37 -15.82
C HIS A 79 -0.72 0.55 -15.65
N ARG A 80 0.37 1.20 -15.27
CA ARG A 80 1.64 0.49 -15.03
C ARG A 80 1.66 -0.01 -13.61
N SER A 81 2.46 -1.04 -13.38
CA SER A 81 2.67 -1.55 -12.02
C SER A 81 3.69 -0.68 -11.30
N LEU A 82 3.75 -0.83 -9.99
CA LEU A 82 4.73 -0.10 -9.17
C LEU A 82 6.16 -0.48 -9.56
N ALA A 83 6.38 -1.76 -9.84
CA ALA A 83 7.69 -2.24 -10.28
C ALA A 83 8.10 -1.59 -11.60
N SER A 84 7.13 -1.23 -12.44
CA SER A 84 7.42 -0.58 -13.72
C SER A 84 7.94 0.85 -13.55
N TYR A 85 7.75 1.42 -12.36
CA TYR A 85 8.30 2.75 -12.06
C TYR A 85 9.55 2.60 -11.20
N GLY A 86 9.79 1.38 -10.74
CA GLY A 86 10.93 1.11 -9.86
C GLY A 86 10.63 1.31 -8.38
N LEU A 87 9.36 1.28 -7.98
CA LEU A 87 9.02 1.44 -6.58
C LEU A 87 9.40 0.19 -5.78
N LYS A 88 10.65 0.14 -5.37
CA LYS A 88 11.18 -0.95 -4.55
C LYS A 88 10.65 -0.87 -3.13
N ASP A 89 10.74 -1.98 -2.41
CA ASP A 89 10.42 -1.99 -0.99
C ASP A 89 11.24 -0.93 -0.26
N GLY A 90 10.55 -0.13 0.55
CA GLY A 90 11.20 0.93 1.31
C GLY A 90 11.17 2.28 0.62
N ASP A 91 10.75 2.33 -0.64
CA ASP A 91 10.68 3.59 -1.37
C ASP A 91 9.45 4.41 -0.93
N VAL A 92 9.40 5.67 -1.31
CA VAL A 92 8.36 6.59 -0.85
C VAL A 92 7.68 7.37 -1.99
N VAL A 93 6.37 7.54 -1.86
CA VAL A 93 5.55 8.24 -2.85
C VAL A 93 4.94 9.47 -2.19
N ILE A 94 4.90 10.59 -2.90
CA ILE A 94 4.35 11.83 -2.36
C ILE A 94 3.06 12.17 -3.12
N LEU A 95 1.98 12.39 -2.40
CA LEU A 95 0.71 12.76 -2.99
C LEU A 95 0.40 14.17 -2.53
N ARG A 96 -0.17 14.98 -3.41
CA ARG A 96 -0.61 16.34 -3.04
C ARG A 96 -2.08 16.51 -3.34
N GLN A 97 -2.82 17.00 -2.34
CA GLN A 97 -4.27 17.25 -2.44
C GLN A 97 -4.58 18.75 -2.31
N MET A 1 -11.12 -47.90 40.92
CA MET A 1 -12.42 -47.53 40.32
C MET A 1 -12.43 -46.14 39.71
N GLY A 2 -13.04 -46.02 38.51
CA GLY A 2 -13.07 -44.77 37.78
C GLY A 2 -11.85 -44.59 36.91
N HIS A 3 -11.67 -43.39 36.38
CA HIS A 3 -10.55 -43.06 35.51
C HIS A 3 -10.27 -41.58 35.65
N HIS A 4 -9.00 -41.18 35.67
CA HIS A 4 -8.63 -39.78 35.86
C HIS A 4 -7.26 -39.51 35.28
N HIS A 5 -6.95 -38.21 35.11
CA HIS A 5 -5.64 -37.72 34.64
C HIS A 5 -5.28 -38.17 33.21
N HIS A 6 -4.17 -37.64 32.69
CA HIS A 6 -3.64 -37.98 31.35
C HIS A 6 -4.68 -37.88 30.23
N HIS A 7 -5.52 -36.87 30.29
CA HIS A 7 -6.58 -36.70 29.30
C HIS A 7 -6.19 -35.69 28.21
N HIS A 8 -7.02 -35.61 27.17
CA HIS A 8 -6.80 -34.70 26.06
C HIS A 8 -7.06 -33.26 26.51
N HIS A 9 -6.54 -32.30 25.73
CA HIS A 9 -6.75 -30.88 26.03
C HIS A 9 -7.58 -30.22 24.93
N HIS A 10 -6.96 -29.93 23.79
CA HIS A 10 -7.63 -29.31 22.66
C HIS A 10 -6.79 -29.66 21.44
N HIS A 11 -7.25 -29.28 20.26
CA HIS A 11 -6.49 -29.50 19.03
C HIS A 11 -5.70 -28.23 18.76
N HIS A 12 -4.78 -28.28 17.81
CA HIS A 12 -3.98 -27.12 17.43
C HIS A 12 -3.88 -27.14 15.91
N SER A 13 -3.55 -26.02 15.31
CA SER A 13 -3.40 -25.91 13.86
C SER A 13 -2.03 -25.28 13.56
N SER A 14 -1.78 -25.01 12.30
CA SER A 14 -0.54 -24.38 11.86
C SER A 14 -0.92 -23.34 10.81
N GLY A 15 -0.02 -22.40 10.54
CA GLY A 15 -0.31 -21.32 9.61
C GLY A 15 0.94 -20.51 9.40
N HIS A 16 0.78 -19.19 9.30
CA HIS A 16 1.91 -18.25 9.16
C HIS A 16 2.74 -18.54 7.90
N ILE A 17 2.06 -18.80 6.81
CA ILE A 17 2.71 -18.98 5.51
C ILE A 17 3.17 -17.62 5.02
N GLU A 18 4.10 -17.61 4.08
CA GLU A 18 4.67 -16.37 3.54
C GLU A 18 4.12 -16.05 2.15
N GLY A 19 4.29 -14.81 1.71
CA GLY A 19 3.85 -14.41 0.39
C GLY A 19 4.64 -13.18 -0.06
N ARG A 20 4.74 -12.97 -1.36
CA ARG A 20 5.51 -11.83 -1.88
C ARG A 20 4.72 -10.54 -1.74
N HIS A 21 5.27 -9.61 -0.98
CA HIS A 21 4.65 -8.31 -0.80
C HIS A 21 5.77 -7.28 -0.71
N MET A 22 5.42 -6.01 -0.82
CA MET A 22 6.36 -4.90 -0.67
C MET A 22 5.68 -3.89 0.25
N LEU A 23 6.46 -2.94 0.74
CA LEU A 23 5.93 -1.86 1.57
C LEU A 23 6.37 -0.54 0.95
N LEU A 24 5.44 0.38 0.76
CA LEU A 24 5.75 1.71 0.21
C LEU A 24 5.29 2.76 1.21
N THR A 25 6.02 3.85 1.30
CA THR A 25 5.65 4.94 2.20
C THR A 25 4.97 6.02 1.38
N VAL A 26 3.91 6.60 1.90
CA VAL A 26 3.18 7.66 1.23
C VAL A 26 3.10 8.88 2.14
N TYR A 27 3.59 10.01 1.66
CA TYR A 27 3.44 11.26 2.39
C TYR A 27 2.27 12.00 1.75
N CYS A 28 1.19 12.16 2.49
CA CYS A 28 -0.01 12.80 1.96
C CYS A 28 -0.07 14.24 2.43
N VAL A 29 -0.01 15.18 1.51
CA VAL A 29 -0.05 16.60 1.82
C VAL A 29 -1.42 17.12 1.42
N ARG A 30 -2.11 17.75 2.37
CA ARG A 30 -3.44 18.31 2.11
C ARG A 30 -3.36 19.81 2.29
N ARG A 31 -4.20 20.52 1.54
CA ARG A 31 -4.11 21.97 1.47
C ARG A 31 -4.25 22.69 2.81
N ASP A 32 -5.05 22.14 3.69
CA ASP A 32 -5.35 22.75 4.98
C ASP A 32 -4.37 22.30 6.08
N LEU A 33 -3.15 21.97 5.66
CA LEU A 33 -2.05 21.52 6.54
C LEU A 33 -2.42 20.26 7.32
N SER A 34 -3.35 19.51 6.76
CA SER A 34 -3.85 18.25 7.34
C SER A 34 -2.96 17.07 6.94
N GLU A 35 -1.70 17.36 6.65
CA GLU A 35 -0.79 16.38 6.07
C GLU A 35 -0.36 15.31 7.08
N VAL A 36 -0.05 14.13 6.55
CA VAL A 36 0.25 12.95 7.35
C VAL A 36 1.12 12.04 6.49
N THR A 37 1.82 11.10 7.09
CA THR A 37 2.59 10.12 6.33
C THR A 37 2.22 8.75 6.89
N PHE A 38 2.18 7.75 6.02
CA PHE A 38 1.78 6.40 6.39
C PHE A 38 2.44 5.45 5.39
N SER A 39 2.27 4.15 5.57
CA SER A 39 2.84 3.17 4.66
C SER A 39 1.77 2.16 4.27
N LEU A 40 1.90 1.59 3.07
CA LEU A 40 0.93 0.65 2.54
C LEU A 40 1.62 -0.63 2.11
N GLN A 41 0.90 -1.74 2.24
CA GLN A 41 1.39 -3.04 1.81
C GLN A 41 0.81 -3.31 0.43
N VAL A 42 1.66 -3.65 -0.51
CA VAL A 42 1.28 -3.80 -1.91
C VAL A 42 2.02 -4.98 -2.52
N ASP A 43 1.66 -5.37 -3.73
CA ASP A 43 2.39 -6.41 -4.47
C ASP A 43 3.34 -5.69 -5.45
N ALA A 44 4.30 -6.40 -6.01
CA ALA A 44 5.16 -5.84 -7.05
C ALA A 44 4.36 -5.54 -8.33
N ASP A 45 3.40 -6.41 -8.63
CA ASP A 45 2.60 -6.29 -9.86
C ASP A 45 1.34 -5.45 -9.64
N PHE A 46 1.22 -4.88 -8.45
CA PHE A 46 0.08 -4.04 -8.09
C PHE A 46 0.05 -2.85 -9.05
N GLU A 47 -1.10 -2.56 -9.63
CA GLU A 47 -1.20 -1.46 -10.59
C GLU A 47 -1.10 -0.13 -9.87
N LEU A 48 -0.62 0.90 -10.57
CA LEU A 48 -0.63 2.25 -10.02
C LEU A 48 -2.10 2.68 -9.88
N HIS A 49 -2.95 2.15 -10.76
CA HIS A 49 -4.40 2.36 -10.66
C HIS A 49 -4.93 1.87 -9.32
N ASN A 50 -4.54 0.67 -8.93
CA ASN A 50 -5.03 0.09 -7.68
C ASN A 50 -4.32 0.75 -6.49
N PHE A 51 -3.06 1.13 -6.68
CA PHE A 51 -2.27 1.78 -5.63
C PHE A 51 -2.86 3.13 -5.25
N ARG A 52 -3.24 3.95 -6.22
CA ARG A 52 -3.83 5.25 -5.89
C ARG A 52 -5.21 5.08 -5.25
N ALA A 53 -5.91 4.00 -5.57
CA ALA A 53 -7.21 3.73 -4.94
C ALA A 53 -7.00 3.29 -3.49
N LEU A 54 -5.97 2.48 -3.26
CA LEU A 54 -5.61 2.03 -1.91
C LEU A 54 -5.21 3.25 -1.06
N CYS A 55 -4.45 4.15 -1.66
CA CYS A 55 -4.04 5.38 -1.01
C CYS A 55 -5.23 6.29 -0.71
N GLU A 56 -6.17 6.35 -1.64
CA GLU A 56 -7.38 7.17 -1.48
C GLU A 56 -8.18 6.70 -0.27
N LEU A 57 -8.31 5.38 -0.13
CA LEU A 57 -9.03 4.79 0.99
C LEU A 57 -8.36 5.14 2.31
N GLU A 58 -7.04 4.99 2.37
CA GLU A 58 -6.28 5.25 3.60
C GLU A 58 -6.25 6.74 3.96
N SER A 59 -6.16 7.59 2.94
CA SER A 59 -6.06 9.03 3.16
C SER A 59 -7.43 9.67 3.43
N GLY A 60 -8.49 9.00 2.98
CA GLY A 60 -9.84 9.50 3.21
C GLY A 60 -10.21 10.64 2.27
N ILE A 61 -9.46 10.78 1.19
CA ILE A 61 -9.70 11.84 0.21
C ILE A 61 -9.59 11.26 -1.21
N PRO A 62 -10.41 11.75 -2.15
CA PRO A 62 -10.30 11.16 -3.48
C PRO A 62 -8.94 11.41 -4.14
N ALA A 63 -8.32 10.35 -4.64
CA ALA A 63 -7.08 10.47 -5.39
C ALA A 63 -7.35 11.26 -6.66
N ALA A 64 -8.59 11.24 -7.11
CA ALA A 64 -9.02 11.97 -8.30
C ALA A 64 -8.85 13.49 -8.14
N GLU A 65 -8.85 13.97 -6.90
CA GLU A 65 -8.73 15.39 -6.61
C GLU A 65 -7.30 15.74 -6.20
N SER A 66 -6.36 14.84 -6.48
CA SER A 66 -4.99 15.02 -6.06
C SER A 66 -3.99 14.59 -7.12
N GLN A 67 -2.74 15.02 -6.95
CA GLN A 67 -1.66 14.61 -7.83
C GLN A 67 -0.67 13.82 -7.00
N ILE A 68 -0.30 12.64 -7.49
CA ILE A 68 0.63 11.77 -6.79
C ILE A 68 1.97 11.80 -7.55
N VAL A 69 3.05 11.97 -6.80
CA VAL A 69 4.38 12.25 -7.34
C VAL A 69 5.41 11.27 -6.78
N TYR A 70 6.30 10.80 -7.63
CA TYR A 70 7.39 9.91 -7.25
C TYR A 70 8.65 10.40 -7.94
N ALA A 71 9.76 10.48 -7.21
CA ALA A 71 11.04 10.99 -7.74
C ALA A 71 10.84 12.36 -8.44
N GLU A 72 10.07 13.22 -7.77
CA GLU A 72 9.71 14.57 -8.25
C GLU A 72 8.94 14.62 -9.58
N ARG A 73 8.50 13.46 -10.08
CA ARG A 73 7.74 13.39 -11.33
C ARG A 73 6.33 12.84 -11.05
N PRO A 74 5.28 13.46 -11.62
CA PRO A 74 3.97 12.87 -11.34
C PRO A 74 3.81 11.50 -11.99
N LEU A 75 3.04 10.64 -11.34
CA LEU A 75 2.78 9.29 -11.85
C LEU A 75 1.52 9.37 -12.70
N THR A 76 1.65 9.17 -14.00
CA THR A 76 0.53 9.35 -14.93
C THR A 76 0.02 8.06 -15.56
N ASP A 77 0.88 7.06 -15.68
CA ASP A 77 0.50 5.81 -16.33
C ASP A 77 -0.15 4.90 -15.28
N ASN A 78 -1.47 4.92 -15.20
CA ASN A 78 -2.17 4.13 -14.19
C ASN A 78 -2.05 2.63 -14.41
N HIS A 79 -1.90 2.22 -15.67
CA HIS A 79 -1.81 0.81 -16.02
C HIS A 79 -0.43 0.21 -15.72
N ARG A 80 0.55 1.06 -15.41
CA ARG A 80 1.87 0.54 -15.04
C ARG A 80 1.76 -0.08 -13.66
N SER A 81 2.47 -1.18 -13.45
CA SER A 81 2.58 -1.76 -12.11
C SER A 81 3.60 -0.94 -11.33
N LEU A 82 3.66 -1.12 -10.03
CA LEU A 82 4.64 -0.42 -9.20
C LEU A 82 6.05 -0.81 -9.61
N ALA A 83 6.24 -2.09 -9.91
CA ALA A 83 7.54 -2.58 -10.39
C ALA A 83 7.94 -1.89 -11.70
N SER A 84 6.97 -1.49 -12.51
CA SER A 84 7.26 -0.81 -13.77
C SER A 84 7.77 0.62 -13.54
N TYR A 85 7.55 1.18 -12.36
CA TYR A 85 8.09 2.49 -12.01
C TYR A 85 9.38 2.33 -11.22
N GLY A 86 9.68 1.12 -10.81
CA GLY A 86 10.83 0.88 -9.96
C GLY A 86 10.50 1.18 -8.51
N LEU A 87 9.20 1.19 -8.19
CA LEU A 87 8.74 1.49 -6.83
C LEU A 87 8.94 0.27 -5.92
N LYS A 88 10.19 0.09 -5.54
CA LYS A 88 10.63 -1.02 -4.70
C LYS A 88 10.16 -0.90 -3.26
N ASP A 89 10.29 -1.98 -2.53
CA ASP A 89 10.03 -1.96 -1.10
C ASP A 89 10.95 -0.95 -0.43
N GLY A 90 10.36 -0.11 0.40
CA GLY A 90 11.09 0.92 1.11
C GLY A 90 11.08 2.25 0.40
N ASP A 91 10.58 2.32 -0.82
CA ASP A 91 10.52 3.61 -1.52
C ASP A 91 9.33 4.45 -1.06
N VAL A 92 9.32 5.73 -1.42
CA VAL A 92 8.34 6.68 -0.91
C VAL A 92 7.74 7.56 -2.03
N VAL A 93 6.44 7.84 -1.93
CA VAL A 93 5.77 8.73 -2.88
C VAL A 93 5.12 9.87 -2.11
N ILE A 94 4.78 10.95 -2.80
CA ILE A 94 4.15 12.11 -2.17
C ILE A 94 2.85 12.41 -2.91
N LEU A 95 1.74 12.42 -2.19
CA LEU A 95 0.44 12.74 -2.77
C LEU A 95 0.08 14.14 -2.31
N ARG A 96 -0.38 14.99 -3.23
CA ARG A 96 -0.73 16.37 -2.89
C ARG A 96 -2.15 16.71 -3.34
N GLN A 97 -3.02 17.01 -2.38
CA GLN A 97 -4.40 17.43 -2.64
C GLN A 97 -4.50 18.96 -2.66
N MET A 1 -16.32 -37.15 -8.71
CA MET A 1 -17.04 -38.32 -9.28
C MET A 1 -16.71 -39.64 -8.59
N GLY A 2 -17.53 -40.67 -8.87
CA GLY A 2 -17.35 -41.98 -8.27
C GLY A 2 -17.94 -42.07 -6.87
N HIS A 3 -18.64 -41.02 -6.46
CA HIS A 3 -19.28 -40.97 -5.15
C HIS A 3 -20.60 -40.25 -5.33
N HIS A 4 -21.54 -40.51 -4.42
CA HIS A 4 -22.85 -39.88 -4.45
C HIS A 4 -23.21 -39.53 -3.03
N HIS A 5 -23.88 -38.40 -2.83
CA HIS A 5 -24.29 -37.94 -1.49
C HIS A 5 -23.14 -37.95 -0.47
N HIS A 6 -21.99 -37.45 -0.90
CA HIS A 6 -20.81 -37.42 -0.05
C HIS A 6 -21.09 -36.50 1.15
N HIS A 7 -20.64 -36.89 2.32
CA HIS A 7 -20.85 -36.10 3.53
C HIS A 7 -20.10 -34.77 3.42
N HIS A 8 -20.53 -33.80 4.23
CA HIS A 8 -19.93 -32.47 4.23
C HIS A 8 -19.70 -32.09 5.68
N HIS A 9 -18.94 -31.02 5.93
CA HIS A 9 -18.66 -30.56 7.28
C HIS A 9 -18.41 -29.06 7.18
N HIS A 10 -18.17 -28.40 8.30
CA HIS A 10 -17.80 -26.99 8.30
C HIS A 10 -16.78 -26.79 9.41
N HIS A 11 -15.97 -25.75 9.29
CA HIS A 11 -14.94 -25.45 10.28
C HIS A 11 -14.60 -23.98 10.11
N HIS A 12 -13.74 -23.44 10.96
CA HIS A 12 -13.28 -22.07 10.84
C HIS A 12 -11.76 -22.13 10.77
N SER A 13 -11.14 -21.19 10.06
CA SER A 13 -9.68 -21.18 9.88
C SER A 13 -9.24 -19.74 9.64
N SER A 14 -7.94 -19.56 9.44
CA SER A 14 -7.37 -18.26 9.13
C SER A 14 -6.20 -18.58 8.20
N GLY A 15 -5.63 -17.58 7.54
CA GLY A 15 -4.55 -17.83 6.59
C GLY A 15 -3.32 -16.98 6.84
N HIS A 16 -3.38 -15.71 6.45
CA HIS A 16 -2.26 -14.76 6.63
C HIS A 16 -0.98 -15.27 5.98
N ILE A 17 -1.12 -15.89 4.82
CA ILE A 17 0.03 -16.42 4.08
C ILE A 17 0.63 -15.28 3.29
N GLU A 18 1.89 -14.96 3.57
CA GLU A 18 2.55 -13.86 2.88
C GLU A 18 2.87 -14.20 1.43
N GLY A 19 2.65 -13.23 0.55
CA GLY A 19 2.91 -13.40 -0.87
C GLY A 19 4.22 -12.80 -1.30
N ARG A 20 5.04 -12.41 -0.33
CA ARG A 20 6.32 -11.70 -0.56
C ARG A 20 6.00 -10.39 -1.27
N HIS A 21 5.15 -9.61 -0.63
CA HIS A 21 4.75 -8.33 -1.14
C HIS A 21 5.75 -7.35 -0.57
N MET A 22 5.65 -6.08 -0.95
CA MET A 22 6.61 -5.09 -0.51
C MET A 22 5.89 -3.92 0.13
N LEU A 23 6.64 -3.06 0.81
CA LEU A 23 6.07 -1.92 1.51
C LEU A 23 6.51 -0.61 0.86
N LEU A 24 5.56 0.30 0.66
CA LEU A 24 5.85 1.63 0.15
C LEU A 24 5.31 2.64 1.15
N THR A 25 6.00 3.76 1.31
CA THR A 25 5.57 4.80 2.23
C THR A 25 4.85 5.88 1.42
N VAL A 26 3.77 6.41 1.96
CA VAL A 26 2.98 7.42 1.27
C VAL A 26 2.86 8.64 2.16
N TYR A 27 3.16 9.82 1.63
CA TYR A 27 3.00 11.06 2.38
C TYR A 27 1.92 11.89 1.70
N CYS A 28 0.80 12.12 2.36
CA CYS A 28 -0.30 12.88 1.79
C CYS A 28 -0.23 14.32 2.29
N VAL A 29 -0.32 15.27 1.36
CA VAL A 29 -0.22 16.69 1.70
C VAL A 29 -1.50 17.45 1.32
N ARG A 30 -1.99 18.24 2.25
CA ARG A 30 -3.11 19.16 2.01
C ARG A 30 -2.57 20.57 2.12
N ARG A 31 -3.20 21.51 1.42
CA ARG A 31 -2.83 22.93 1.53
C ARG A 31 -3.15 23.46 2.93
N ASP A 32 -4.03 22.75 3.61
CA ASP A 32 -4.50 23.12 4.95
C ASP A 32 -3.65 22.48 6.06
N LEU A 33 -2.46 22.01 5.68
CA LEU A 33 -1.49 21.37 6.60
C LEU A 33 -2.07 20.21 7.40
N SER A 34 -3.07 19.56 6.81
CA SER A 34 -3.72 18.38 7.38
C SER A 34 -2.98 17.12 6.95
N GLU A 35 -1.70 17.30 6.67
CA GLU A 35 -0.89 16.28 6.03
C GLU A 35 -0.55 15.14 7.00
N VAL A 36 -0.39 13.96 6.43
CA VAL A 36 -0.23 12.72 7.20
C VAL A 36 0.63 11.77 6.36
N THR A 37 1.27 10.81 6.99
CA THR A 37 2.03 9.81 6.27
C THR A 37 1.70 8.44 6.85
N PHE A 38 1.76 7.43 6.01
CA PHE A 38 1.40 6.06 6.37
C PHE A 38 2.14 5.18 5.38
N SER A 39 2.06 3.87 5.53
CA SER A 39 2.71 2.95 4.61
C SER A 39 1.70 1.90 4.16
N LEU A 40 1.89 1.37 2.97
CA LEU A 40 0.98 0.39 2.39
C LEU A 40 1.74 -0.82 1.91
N GLN A 41 1.10 -1.97 1.99
CA GLN A 41 1.68 -3.21 1.47
C GLN A 41 1.06 -3.46 0.12
N VAL A 42 1.90 -3.71 -0.87
CA VAL A 42 1.48 -3.86 -2.26
C VAL A 42 2.34 -4.91 -2.94
N ASP A 43 1.83 -5.52 -3.99
CA ASP A 43 2.61 -6.48 -4.75
C ASP A 43 3.49 -5.74 -5.75
N ALA A 44 4.50 -6.40 -6.29
CA ALA A 44 5.37 -5.78 -7.28
C ALA A 44 4.56 -5.45 -8.55
N ASP A 45 3.65 -6.34 -8.91
CA ASP A 45 2.86 -6.18 -10.13
C ASP A 45 1.53 -5.47 -9.87
N PHE A 46 1.40 -4.90 -8.68
CA PHE A 46 0.18 -4.18 -8.29
C PHE A 46 0.01 -2.96 -9.19
N GLU A 47 -1.21 -2.69 -9.63
CA GLU A 47 -1.47 -1.57 -10.54
C GLU A 47 -1.25 -0.23 -9.85
N LEU A 48 -0.75 0.74 -10.59
CA LEU A 48 -0.64 2.12 -10.08
C LEU A 48 -2.04 2.63 -9.77
N HIS A 49 -3.02 2.21 -10.58
CA HIS A 49 -4.41 2.59 -10.38
C HIS A 49 -4.89 2.19 -8.99
N ASN A 50 -4.63 0.95 -8.61
CA ASN A 50 -5.09 0.45 -7.31
C ASN A 50 -4.21 0.98 -6.19
N PHE A 51 -2.94 1.22 -6.46
CA PHE A 51 -2.05 1.78 -5.45
C PHE A 51 -2.52 3.16 -5.03
N ARG A 52 -2.79 4.03 -5.99
CA ARG A 52 -3.28 5.37 -5.63
C ARG A 52 -4.66 5.28 -4.99
N ALA A 53 -5.47 4.31 -5.40
CA ALA A 53 -6.79 4.15 -4.80
C ALA A 53 -6.66 3.81 -3.31
N LEU A 54 -5.69 2.96 -2.97
CA LEU A 54 -5.42 2.63 -1.57
C LEU A 54 -4.85 3.86 -0.84
N CYS A 55 -4.02 4.63 -1.52
CA CYS A 55 -3.49 5.86 -0.92
C CYS A 55 -4.63 6.83 -0.61
N GLU A 56 -5.55 6.95 -1.54
CA GLU A 56 -6.72 7.81 -1.37
C GLU A 56 -7.68 7.29 -0.31
N LEU A 57 -7.74 5.98 -0.15
CA LEU A 57 -8.60 5.37 0.87
C LEU A 57 -8.11 5.74 2.28
N GLU A 58 -6.82 5.61 2.50
CA GLU A 58 -6.24 5.89 3.82
C GLU A 58 -6.19 7.39 4.10
N SER A 59 -5.97 8.20 3.07
CA SER A 59 -5.88 9.64 3.24
C SER A 59 -7.25 10.32 3.28
N GLY A 60 -8.21 9.76 2.56
CA GLY A 60 -9.59 10.25 2.63
C GLY A 60 -9.84 11.48 1.80
N ILE A 61 -9.13 11.62 0.69
CA ILE A 61 -9.28 12.79 -0.17
C ILE A 61 -9.85 12.39 -1.53
N PRO A 62 -10.56 13.30 -2.22
CA PRO A 62 -11.10 12.89 -3.53
C PRO A 62 -10.01 12.58 -4.55
N ALA A 63 -10.13 11.43 -5.19
CA ALA A 63 -9.15 10.97 -6.18
C ALA A 63 -9.09 11.90 -7.40
N ALA A 64 -10.20 12.55 -7.70
CA ALA A 64 -10.29 13.43 -8.86
C ALA A 64 -9.64 14.80 -8.61
N GLU A 65 -9.26 15.06 -7.36
CA GLU A 65 -8.76 16.37 -6.96
C GLU A 65 -7.34 16.26 -6.39
N SER A 66 -6.63 15.20 -6.76
CA SER A 66 -5.29 14.96 -6.24
C SER A 66 -4.40 14.33 -7.30
N GLN A 67 -3.10 14.46 -7.11
CA GLN A 67 -2.12 13.78 -7.96
C GLN A 67 -1.09 13.13 -7.07
N ILE A 68 -0.48 12.06 -7.55
CA ILE A 68 0.50 11.32 -6.77
C ILE A 68 1.85 11.43 -7.48
N VAL A 69 2.89 11.73 -6.70
CA VAL A 69 4.21 12.08 -7.22
C VAL A 69 5.28 11.14 -6.67
N TYR A 70 6.17 10.68 -7.54
CA TYR A 70 7.28 9.80 -7.15
C TYR A 70 8.52 10.27 -7.91
N ALA A 71 9.66 10.31 -7.24
CA ALA A 71 10.91 10.82 -7.81
C ALA A 71 10.71 12.20 -8.45
N GLU A 72 9.94 13.03 -7.75
CA GLU A 72 9.55 14.39 -8.16
C GLU A 72 8.77 14.48 -9.50
N ARG A 73 8.30 13.35 -10.00
CA ARG A 73 7.52 13.31 -11.25
C ARG A 73 6.13 12.76 -10.97
N PRO A 74 5.08 13.31 -11.61
CA PRO A 74 3.78 12.69 -11.32
C PRO A 74 3.65 11.32 -11.97
N LEU A 75 2.92 10.44 -11.31
CA LEU A 75 2.66 9.10 -11.85
C LEU A 75 1.35 9.20 -12.62
N THR A 76 1.42 9.08 -13.94
CA THR A 76 0.25 9.29 -14.80
C THR A 76 -0.33 8.02 -15.38
N ASP A 77 0.52 7.06 -15.71
CA ASP A 77 0.05 5.85 -16.38
C ASP A 77 -0.50 4.89 -15.34
N ASN A 78 -1.81 4.89 -15.22
CA ASN A 78 -2.52 4.08 -14.23
C ASN A 78 -2.37 2.60 -14.53
N HIS A 79 -2.14 2.28 -15.80
CA HIS A 79 -2.07 0.90 -16.27
C HIS A 79 -0.71 0.22 -16.05
N ARG A 80 0.25 0.94 -15.47
CA ARG A 80 1.56 0.35 -15.19
C ARG A 80 1.55 -0.24 -13.81
N SER A 81 2.36 -1.26 -13.60
CA SER A 81 2.56 -1.82 -12.27
C SER A 81 3.60 -1.00 -11.55
N LEU A 82 3.73 -1.18 -10.25
CA LEU A 82 4.70 -0.42 -9.45
C LEU A 82 6.13 -0.83 -9.81
N ALA A 83 6.32 -2.10 -10.16
CA ALA A 83 7.61 -2.58 -10.64
C ALA A 83 8.00 -1.85 -11.93
N SER A 84 7.02 -1.46 -12.72
CA SER A 84 7.29 -0.72 -13.97
C SER A 84 7.79 0.69 -13.70
N TYR A 85 7.59 1.18 -12.48
CA TYR A 85 8.11 2.51 -12.10
C TYR A 85 9.39 2.35 -11.27
N GLY A 86 9.74 1.11 -10.94
CA GLY A 86 10.90 0.86 -10.10
C GLY A 86 10.62 1.16 -8.63
N LEU A 87 9.34 1.15 -8.27
CA LEU A 87 8.95 1.45 -6.89
C LEU A 87 9.29 0.30 -5.96
N LYS A 88 10.55 0.26 -5.55
CA LYS A 88 11.07 -0.82 -4.70
C LYS A 88 10.60 -0.70 -3.25
N ASP A 89 10.76 -1.79 -2.51
CA ASP A 89 10.48 -1.81 -1.07
C ASP A 89 11.25 -0.70 -0.37
N GLY A 90 10.53 0.12 0.37
CA GLY A 90 11.14 1.22 1.11
C GLY A 90 11.06 2.56 0.42
N ASP A 91 10.64 2.59 -0.84
CA ASP A 91 10.49 3.88 -1.53
C ASP A 91 9.29 4.64 -0.97
N VAL A 92 9.27 5.94 -1.20
CA VAL A 92 8.20 6.80 -0.68
C VAL A 92 7.60 7.64 -1.82
N VAL A 93 6.29 7.82 -1.79
CA VAL A 93 5.60 8.64 -2.79
C VAL A 93 4.88 9.76 -2.06
N ILE A 94 4.53 10.82 -2.76
CA ILE A 94 3.89 11.97 -2.16
C ILE A 94 2.57 12.26 -2.87
N LEU A 95 1.48 12.08 -2.15
CA LEU A 95 0.14 12.33 -2.65
C LEU A 95 -0.17 13.80 -2.36
N ARG A 96 -0.58 14.55 -3.36
CA ARG A 96 -0.77 16.00 -3.21
C ARG A 96 -2.13 16.45 -3.69
N GLN A 97 -2.98 16.86 -2.76
CA GLN A 97 -4.29 17.42 -3.09
C GLN A 97 -4.14 18.80 -3.77
N MET A 1 -17.96 8.32 19.78
CA MET A 1 -18.38 9.60 20.44
C MET A 1 -18.71 9.48 21.91
N GLY A 2 -19.30 8.34 22.28
CA GLY A 2 -19.59 8.05 23.67
C GLY A 2 -18.41 7.39 24.32
N HIS A 3 -18.16 7.69 25.60
CA HIS A 3 -17.05 7.10 26.32
C HIS A 3 -17.25 5.61 26.57
N HIS A 4 -18.46 5.27 27.01
CA HIS A 4 -18.82 3.90 27.38
C HIS A 4 -17.82 3.31 28.39
N HIS A 5 -16.97 2.39 27.98
CA HIS A 5 -15.92 1.85 28.84
C HIS A 5 -14.80 1.35 27.94
N HIS A 6 -13.70 0.93 28.54
CA HIS A 6 -12.58 0.35 27.79
C HIS A 6 -12.36 -1.08 28.29
N HIS A 7 -11.57 -1.86 27.58
CA HIS A 7 -11.32 -3.26 27.94
C HIS A 7 -9.85 -3.56 27.70
N HIS A 8 -9.35 -4.62 28.34
CA HIS A 8 -7.96 -5.03 28.19
C HIS A 8 -7.76 -5.75 26.86
N HIS A 9 -6.52 -6.15 26.59
CA HIS A 9 -6.14 -6.82 25.34
C HIS A 9 -7.02 -8.04 25.03
N HIS A 10 -7.71 -7.98 23.89
CA HIS A 10 -8.63 -9.03 23.45
C HIS A 10 -7.94 -10.26 22.86
N HIS A 11 -6.62 -10.17 22.68
CA HIS A 11 -5.85 -11.21 22.01
C HIS A 11 -6.40 -11.43 20.60
N HIS A 12 -6.14 -12.61 20.01
CA HIS A 12 -6.50 -12.92 18.62
C HIS A 12 -5.89 -11.89 17.65
N SER A 13 -4.70 -11.44 17.99
CA SER A 13 -3.97 -10.47 17.18
C SER A 13 -3.52 -11.10 15.87
N SER A 14 -3.29 -10.27 14.87
CA SER A 14 -2.78 -10.75 13.57
C SER A 14 -1.37 -11.32 13.75
N GLY A 15 -1.03 -12.30 12.91
CA GLY A 15 0.30 -12.88 12.93
C GLY A 15 1.21 -12.12 11.98
N HIS A 16 2.36 -12.70 11.66
CA HIS A 16 3.31 -12.08 10.74
C HIS A 16 2.72 -11.92 9.32
N ILE A 17 1.91 -12.90 8.92
CA ILE A 17 1.31 -12.95 7.57
C ILE A 17 2.44 -12.89 6.52
N GLU A 18 3.24 -13.94 6.50
CA GLU A 18 4.35 -14.04 5.56
C GLU A 18 3.79 -14.18 4.15
N GLY A 19 4.35 -13.41 3.21
CA GLY A 19 3.91 -13.48 1.84
C GLY A 19 4.80 -12.61 0.99
N ARG A 20 4.76 -12.76 -0.32
CA ARG A 20 5.59 -11.97 -1.21
C ARG A 20 4.89 -10.66 -1.51
N HIS A 21 5.36 -9.59 -0.90
CA HIS A 21 4.76 -8.27 -1.09
C HIS A 21 5.85 -7.28 -0.72
N MET A 22 5.59 -5.99 -0.88
CA MET A 22 6.54 -4.95 -0.55
C MET A 22 5.80 -3.84 0.20
N LEU A 23 6.54 -3.01 0.92
CA LEU A 23 5.96 -1.93 1.72
C LEU A 23 6.42 -0.59 1.16
N LEU A 24 5.47 0.26 0.80
CA LEU A 24 5.78 1.61 0.30
C LEU A 24 5.31 2.61 1.31
N THR A 25 5.94 3.77 1.36
CA THR A 25 5.52 4.85 2.26
C THR A 25 4.89 5.94 1.42
N VAL A 26 3.75 6.45 1.86
CA VAL A 26 3.03 7.48 1.12
C VAL A 26 2.83 8.69 2.03
N TYR A 27 3.25 9.86 1.55
CA TYR A 27 3.18 11.10 2.32
C TYR A 27 2.16 12.03 1.65
N CYS A 28 1.05 12.28 2.32
CA CYS A 28 -0.02 13.12 1.79
C CYS A 28 0.11 14.54 2.34
N VAL A 29 0.00 15.54 1.46
CA VAL A 29 0.20 16.94 1.84
C VAL A 29 -1.01 17.83 1.56
N ARG A 30 -1.40 18.63 2.55
CA ARG A 30 -2.43 19.67 2.41
C ARG A 30 -1.74 20.98 2.76
N ARG A 31 -2.20 22.08 2.20
CA ARG A 31 -1.55 23.38 2.45
C ARG A 31 -1.80 23.87 3.88
N ASP A 32 -2.86 23.38 4.48
CA ASP A 32 -3.24 23.75 5.85
C ASP A 32 -2.50 22.92 6.90
N LEU A 33 -1.40 22.30 6.47
CA LEU A 33 -0.52 21.47 7.32
C LEU A 33 -1.28 20.27 7.94
N SER A 34 -2.29 19.82 7.22
CA SER A 34 -3.08 18.63 7.58
C SER A 34 -2.42 17.39 6.98
N GLU A 35 -1.12 17.50 6.75
CA GLU A 35 -0.35 16.46 6.09
C GLU A 35 -0.15 15.26 7.00
N VAL A 36 -0.04 14.09 6.39
CA VAL A 36 0.03 12.82 7.11
C VAL A 36 0.86 11.85 6.29
N THR A 37 1.53 10.91 6.95
CA THR A 37 2.32 9.90 6.26
C THR A 37 1.89 8.55 6.79
N PHE A 38 1.91 7.55 5.92
CA PHE A 38 1.45 6.21 6.25
C PHE A 38 2.17 5.25 5.31
N SER A 39 2.00 3.96 5.50
CA SER A 39 2.65 2.96 4.64
C SER A 39 1.64 1.95 4.15
N LEU A 40 1.89 1.37 2.98
CA LEU A 40 0.96 0.43 2.35
C LEU A 40 1.66 -0.83 1.90
N GLN A 41 0.97 -1.95 2.06
CA GLN A 41 1.45 -3.26 1.64
C GLN A 41 0.84 -3.59 0.29
N VAL A 42 1.68 -3.70 -0.72
CA VAL A 42 1.24 -3.96 -2.10
C VAL A 42 2.15 -5.00 -2.73
N ASP A 43 1.73 -5.61 -3.82
CA ASP A 43 2.57 -6.57 -4.54
C ASP A 43 3.39 -5.79 -5.59
N ALA A 44 4.38 -6.43 -6.19
CA ALA A 44 5.25 -5.79 -7.16
C ALA A 44 4.49 -5.45 -8.46
N ASP A 45 3.58 -6.33 -8.85
CA ASP A 45 2.85 -6.17 -10.11
C ASP A 45 1.57 -5.36 -9.91
N PHE A 46 1.36 -4.87 -8.70
CA PHE A 46 0.16 -4.13 -8.35
C PHE A 46 -0.05 -2.93 -9.28
N GLU A 47 -1.27 -2.77 -9.75
CA GLU A 47 -1.58 -1.72 -10.73
C GLU A 47 -1.49 -0.33 -10.13
N LEU A 48 -1.04 0.63 -10.93
CA LEU A 48 -1.04 2.03 -10.48
C LEU A 48 -2.48 2.52 -10.28
N HIS A 49 -3.43 1.93 -11.00
CA HIS A 49 -4.83 2.31 -10.88
C HIS A 49 -5.35 1.93 -9.50
N ASN A 50 -5.03 0.72 -9.04
CA ASN A 50 -5.46 0.28 -7.73
C ASN A 50 -4.63 0.94 -6.62
N PHE A 51 -3.35 1.22 -6.91
CA PHE A 51 -2.48 1.84 -5.92
C PHE A 51 -2.96 3.21 -5.49
N ARG A 52 -3.34 4.06 -6.44
CA ARG A 52 -3.80 5.40 -6.11
C ARG A 52 -5.11 5.34 -5.33
N ALA A 53 -5.91 4.29 -5.55
CA ALA A 53 -7.15 4.11 -4.80
C ALA A 53 -6.85 3.67 -3.35
N LEU A 54 -5.85 2.82 -3.19
CA LEU A 54 -5.45 2.40 -1.85
C LEU A 54 -4.90 3.59 -1.06
N CYS A 55 -4.18 4.48 -1.75
CA CYS A 55 -3.65 5.68 -1.11
C CYS A 55 -4.80 6.62 -0.71
N GLU A 56 -5.84 6.68 -1.53
CA GLU A 56 -7.01 7.52 -1.24
C GLU A 56 -7.72 7.00 0.00
N LEU A 57 -7.88 5.68 0.08
CA LEU A 57 -8.57 5.05 1.20
C LEU A 57 -7.90 5.32 2.54
N GLU A 58 -6.58 5.20 2.59
CA GLU A 58 -5.82 5.41 3.83
C GLU A 58 -5.82 6.88 4.24
N SER A 59 -5.82 7.78 3.26
CA SER A 59 -5.71 9.21 3.54
C SER A 59 -7.07 9.90 3.69
N GLY A 60 -8.15 9.26 3.26
CA GLY A 60 -9.50 9.81 3.43
C GLY A 60 -9.76 11.06 2.59
N ILE A 61 -9.17 11.13 1.41
CA ILE A 61 -9.27 12.34 0.57
C ILE A 61 -10.10 12.13 -0.70
N PRO A 62 -10.66 13.22 -1.27
CA PRO A 62 -11.30 12.99 -2.58
C PRO A 62 -10.26 12.72 -3.66
N ALA A 63 -10.33 11.57 -4.31
CA ALA A 63 -9.34 11.21 -5.34
C ALA A 63 -9.31 12.23 -6.48
N ALA A 64 -10.48 12.75 -6.84
CA ALA A 64 -10.62 13.69 -7.95
C ALA A 64 -9.85 15.00 -7.72
N GLU A 65 -9.64 15.35 -6.46
CA GLU A 65 -9.01 16.61 -6.09
C GLU A 65 -7.53 16.40 -5.72
N SER A 66 -6.97 15.25 -6.08
CA SER A 66 -5.60 14.94 -5.67
C SER A 66 -4.72 14.40 -6.80
N GLN A 67 -3.41 14.53 -6.61
CA GLN A 67 -2.42 14.02 -7.57
C GLN A 67 -1.31 13.31 -6.81
N ILE A 68 -0.69 12.34 -7.45
CA ILE A 68 0.33 11.51 -6.81
C ILE A 68 1.61 11.49 -7.65
N VAL A 69 2.76 11.64 -6.98
CA VAL A 69 4.07 11.71 -7.64
C VAL A 69 5.09 10.84 -6.90
N TYR A 70 6.09 10.37 -7.61
CA TYR A 70 7.16 9.55 -7.05
C TYR A 70 8.44 10.01 -7.72
N ALA A 71 9.51 10.15 -6.96
CA ALA A 71 10.79 10.70 -7.44
C ALA A 71 10.55 12.06 -8.12
N GLU A 72 9.62 12.82 -7.53
CA GLU A 72 9.19 14.15 -8.01
C GLU A 72 8.63 14.16 -9.45
N ARG A 73 8.17 13.01 -9.91
CA ARG A 73 7.59 12.87 -11.27
C ARG A 73 6.19 12.28 -11.14
N PRO A 74 5.25 12.68 -12.01
CA PRO A 74 3.89 12.17 -11.81
C PRO A 74 3.71 10.69 -12.14
N LEU A 75 2.82 10.06 -11.40
CA LEU A 75 2.50 8.65 -11.58
C LEU A 75 1.15 8.55 -12.30
N THR A 76 1.19 8.38 -13.61
CA THR A 76 -0.04 8.40 -14.40
C THR A 76 -0.45 7.07 -15.04
N ASP A 77 0.51 6.36 -15.60
CA ASP A 77 0.22 5.20 -16.45
C ASP A 77 -0.45 4.03 -15.76
N ASN A 78 -1.69 3.75 -16.14
CA ASN A 78 -2.35 2.52 -15.69
C ASN A 78 -1.73 1.33 -16.46
N HIS A 79 -0.89 1.64 -17.44
CA HIS A 79 -0.18 0.63 -18.21
C HIS A 79 1.08 0.13 -17.48
N ARG A 80 1.29 0.61 -16.26
CA ARG A 80 2.48 0.23 -15.50
C ARG A 80 2.14 -0.25 -14.11
N SER A 81 2.91 -1.23 -13.66
CA SER A 81 2.86 -1.70 -12.28
C SER A 81 3.83 -0.85 -11.49
N LEU A 82 3.80 -0.95 -10.17
CA LEU A 82 4.70 -0.16 -9.33
C LEU A 82 6.16 -0.57 -9.54
N ALA A 83 6.39 -1.86 -9.77
CA ALA A 83 7.73 -2.37 -10.07
C ALA A 83 8.28 -1.75 -11.36
N SER A 84 7.39 -1.39 -12.29
CA SER A 84 7.83 -0.77 -13.55
C SER A 84 8.38 0.63 -13.35
N TYR A 85 8.07 1.25 -12.22
CA TYR A 85 8.63 2.56 -11.88
C TYR A 85 9.85 2.39 -11.00
N GLY A 86 10.09 1.16 -10.57
CA GLY A 86 11.16 0.89 -9.64
C GLY A 86 10.74 1.18 -8.22
N LEU A 87 9.43 1.21 -7.96
CA LEU A 87 8.94 1.49 -6.61
C LEU A 87 9.23 0.31 -5.71
N LYS A 88 10.42 0.28 -5.15
CA LYS A 88 10.88 -0.80 -4.28
C LYS A 88 10.40 -0.60 -2.84
N ASP A 89 10.50 -1.67 -2.06
CA ASP A 89 10.19 -1.60 -0.63
C ASP A 89 11.03 -0.51 0.01
N GLY A 90 10.36 0.40 0.69
CA GLY A 90 11.02 1.51 1.35
C GLY A 90 10.93 2.82 0.60
N ASP A 91 10.50 2.81 -0.65
CA ASP A 91 10.37 4.05 -1.41
C ASP A 91 9.27 4.94 -0.84
N VAL A 92 9.46 6.25 -1.01
CA VAL A 92 8.51 7.23 -0.52
C VAL A 92 7.79 7.89 -1.70
N VAL A 93 6.47 7.84 -1.65
CA VAL A 93 5.61 8.41 -2.67
C VAL A 93 4.98 9.66 -2.07
N ILE A 94 4.84 10.72 -2.84
CA ILE A 94 4.31 11.98 -2.36
C ILE A 94 2.95 12.21 -3.02
N LEU A 95 1.95 12.51 -2.22
CA LEU A 95 0.59 12.75 -2.70
C LEU A 95 0.20 14.16 -2.28
N ARG A 96 -0.39 14.91 -3.19
CA ARG A 96 -0.81 16.28 -2.90
C ARG A 96 -2.28 16.39 -3.20
N GLN A 97 -3.03 16.89 -2.22
CA GLN A 97 -4.46 17.14 -2.38
C GLN A 97 -4.71 18.65 -2.54
N MET A 1 -31.51 -19.38 2.21
CA MET A 1 -32.89 -19.91 2.18
C MET A 1 -33.00 -21.31 2.79
N GLY A 2 -33.98 -21.50 3.69
CA GLY A 2 -34.14 -22.77 4.39
C GLY A 2 -33.18 -22.86 5.57
N HIS A 3 -32.58 -21.72 5.90
CA HIS A 3 -31.63 -21.63 7.01
C HIS A 3 -32.31 -21.79 8.37
N HIS A 4 -31.68 -22.55 9.26
CA HIS A 4 -32.17 -22.77 10.61
C HIS A 4 -31.14 -22.19 11.58
N HIS A 5 -31.44 -21.02 12.14
CA HIS A 5 -30.44 -20.28 12.92
C HIS A 5 -30.26 -20.70 14.38
N HIS A 6 -31.27 -21.33 14.98
CA HIS A 6 -31.20 -21.82 16.38
C HIS A 6 -30.47 -20.90 17.38
N HIS A 7 -30.94 -19.65 17.52
CA HIS A 7 -30.33 -18.66 18.43
C HIS A 7 -28.84 -18.45 18.12
N HIS A 8 -28.57 -18.11 16.87
CA HIS A 8 -27.21 -17.86 16.40
C HIS A 8 -26.51 -16.78 17.23
N HIS A 9 -25.42 -17.17 17.88
CA HIS A 9 -24.60 -16.26 18.67
C HIS A 9 -23.21 -16.23 18.07
N HIS A 10 -22.46 -15.18 18.41
CA HIS A 10 -21.07 -15.00 17.96
C HIS A 10 -20.97 -14.98 16.42
N HIS A 11 -19.80 -15.35 15.92
CA HIS A 11 -19.49 -15.38 14.50
C HIS A 11 -18.41 -16.43 14.37
N HIS A 12 -18.03 -16.77 13.14
CA HIS A 12 -16.95 -17.75 12.91
C HIS A 12 -15.70 -17.07 12.34
N SER A 13 -15.89 -16.27 11.30
CA SER A 13 -14.81 -15.57 10.59
C SER A 13 -13.77 -16.50 9.94
N SER A 14 -12.89 -15.93 9.14
CA SER A 14 -11.85 -16.67 8.44
C SER A 14 -10.82 -15.63 8.01
N GLY A 15 -9.67 -16.07 7.51
CA GLY A 15 -8.67 -15.15 7.02
C GLY A 15 -7.51 -15.93 6.41
N HIS A 16 -6.75 -15.30 5.54
CA HIS A 16 -5.59 -15.92 4.89
C HIS A 16 -4.76 -14.78 4.32
N ILE A 17 -3.58 -15.07 3.82
CA ILE A 17 -2.72 -14.07 3.19
C ILE A 17 -2.44 -14.48 1.75
N GLU A 18 -1.99 -13.54 0.93
CA GLU A 18 -1.65 -13.83 -0.46
C GLU A 18 -0.12 -13.83 -0.64
N GLY A 19 0.55 -12.92 0.06
CA GLY A 19 2.01 -12.88 0.05
C GLY A 19 2.59 -12.14 -1.14
N ARG A 20 3.91 -12.21 -1.31
CA ARG A 20 4.64 -11.57 -2.43
C ARG A 20 4.42 -10.06 -2.56
N HIS A 21 4.11 -9.42 -1.44
CA HIS A 21 3.86 -8.01 -1.42
C HIS A 21 5.10 -7.35 -0.87
N MET A 22 5.18 -6.05 -1.04
CA MET A 22 6.28 -5.26 -0.56
C MET A 22 5.67 -4.08 0.21
N LEU A 23 6.51 -3.20 0.75
CA LEU A 23 6.03 -2.07 1.56
C LEU A 23 6.50 -0.74 0.96
N LEU A 24 5.58 0.20 0.80
CA LEU A 24 5.91 1.55 0.32
C LEU A 24 5.36 2.56 1.30
N THR A 25 5.94 3.75 1.34
CA THR A 25 5.46 4.82 2.21
C THR A 25 4.80 5.90 1.34
N VAL A 26 3.72 6.48 1.81
CA VAL A 26 3.00 7.50 1.08
C VAL A 26 2.88 8.75 1.96
N TYR A 27 3.32 9.89 1.45
CA TYR A 27 3.17 11.15 2.16
C TYR A 27 2.09 11.99 1.48
N CYS A 28 0.97 12.17 2.17
CA CYS A 28 -0.15 12.95 1.64
C CYS A 28 -0.07 14.36 2.20
N VAL A 29 -0.14 15.35 1.33
CA VAL A 29 -0.05 16.75 1.73
C VAL A 29 -1.29 17.51 1.30
N ARG A 30 -1.96 18.15 2.26
CA ARG A 30 -3.13 18.97 1.98
C ARG A 30 -2.76 20.39 2.37
N ARG A 31 -3.29 21.37 1.65
CA ARG A 31 -3.03 22.79 1.97
C ARG A 31 -3.62 23.17 3.33
N ASP A 32 -4.50 22.32 3.82
CA ASP A 32 -5.24 22.52 5.06
C ASP A 32 -4.43 22.08 6.30
N LEU A 33 -3.12 21.90 6.13
CA LEU A 33 -2.19 21.43 7.18
C LEU A 33 -2.63 20.08 7.77
N SER A 34 -3.36 19.33 6.96
CA SER A 34 -3.88 18.02 7.33
C SER A 34 -2.98 16.95 6.74
N GLU A 35 -1.73 17.30 6.53
CA GLU A 35 -0.79 16.40 5.87
C GLU A 35 -0.41 15.27 6.82
N VAL A 36 -0.20 14.09 6.25
CA VAL A 36 0.00 12.86 7.02
C VAL A 36 0.82 11.90 6.17
N THR A 37 1.60 11.03 6.81
CA THR A 37 2.37 10.02 6.11
C THR A 37 2.01 8.68 6.71
N PHE A 38 1.94 7.65 5.87
CA PHE A 38 1.53 6.32 6.27
C PHE A 38 2.21 5.35 5.32
N SER A 39 2.14 4.05 5.59
CA SER A 39 2.77 3.07 4.72
C SER A 39 1.76 2.02 4.31
N LEU A 40 1.94 1.47 3.12
CA LEU A 40 1.01 0.51 2.55
C LEU A 40 1.74 -0.72 2.08
N GLN A 41 1.09 -1.86 2.21
CA GLN A 41 1.60 -3.11 1.67
C GLN A 41 0.92 -3.29 0.34
N VAL A 42 1.71 -3.46 -0.71
CA VAL A 42 1.20 -3.53 -2.08
C VAL A 42 1.96 -4.62 -2.79
N ASP A 43 1.38 -5.21 -3.81
CA ASP A 43 2.08 -6.25 -4.55
C ASP A 43 3.08 -5.62 -5.52
N ALA A 44 4.00 -6.41 -6.05
CA ALA A 44 4.99 -5.90 -6.98
C ALA A 44 4.29 -5.45 -8.28
N ASP A 45 3.32 -6.22 -8.71
CA ASP A 45 2.62 -5.94 -9.97
C ASP A 45 1.31 -5.17 -9.75
N PHE A 46 1.15 -4.62 -8.55
CA PHE A 46 -0.03 -3.83 -8.20
C PHE A 46 -0.09 -2.64 -9.15
N GLU A 47 -1.23 -2.43 -9.79
CA GLU A 47 -1.32 -1.38 -10.80
C GLU A 47 -1.41 -0.04 -10.11
N LEU A 48 -0.97 1.02 -10.78
CA LEU A 48 -1.06 2.36 -10.22
C LEU A 48 -2.52 2.74 -10.01
N HIS A 49 -3.40 2.22 -10.85
CA HIS A 49 -4.83 2.45 -10.69
C HIS A 49 -5.27 2.01 -9.30
N ASN A 50 -4.87 0.80 -8.94
CA ASN A 50 -5.19 0.22 -7.64
C ASN A 50 -4.45 0.94 -6.51
N PHE A 51 -3.21 1.34 -6.76
CA PHE A 51 -2.41 2.02 -5.74
C PHE A 51 -3.03 3.36 -5.32
N ARG A 52 -3.52 4.13 -6.27
CA ARG A 52 -4.16 5.42 -5.94
C ARG A 52 -5.44 5.19 -5.19
N ALA A 53 -6.13 4.12 -5.57
CA ALA A 53 -7.37 3.75 -4.88
C ALA A 53 -7.07 3.31 -3.43
N LEU A 54 -6.03 2.53 -3.23
CA LEU A 54 -5.63 2.08 -1.90
C LEU A 54 -5.15 3.27 -1.06
N CYS A 55 -4.50 4.22 -1.71
CA CYS A 55 -4.06 5.46 -1.05
C CYS A 55 -5.27 6.28 -0.59
N GLU A 56 -6.34 6.28 -1.38
CA GLU A 56 -7.56 7.03 -1.03
C GLU A 56 -8.14 6.46 0.27
N LEU A 57 -8.15 5.14 0.37
CA LEU A 57 -8.71 4.46 1.53
C LEU A 57 -8.01 4.85 2.84
N GLU A 58 -6.69 4.85 2.82
CA GLU A 58 -5.91 5.17 4.02
C GLU A 58 -5.95 6.67 4.35
N SER A 59 -5.87 7.50 3.33
CA SER A 59 -5.75 8.94 3.55
C SER A 59 -7.09 9.65 3.73
N GLY A 60 -8.17 9.00 3.31
CA GLY A 60 -9.49 9.59 3.43
C GLY A 60 -9.70 10.81 2.55
N ILE A 61 -9.02 10.87 1.42
CA ILE A 61 -9.13 12.02 0.50
C ILE A 61 -9.39 11.55 -0.93
N PRO A 62 -10.22 12.29 -1.69
CA PRO A 62 -10.42 11.86 -3.08
C PRO A 62 -9.13 11.92 -3.89
N ALA A 63 -8.69 10.77 -4.40
CA ALA A 63 -7.46 10.70 -5.20
C ALA A 63 -7.60 11.50 -6.50
N ALA A 64 -8.84 11.66 -6.96
CA ALA A 64 -9.12 12.40 -8.20
C ALA A 64 -8.74 13.89 -8.07
N GLU A 65 -8.89 14.43 -6.87
CA GLU A 65 -8.62 15.85 -6.60
C GLU A 65 -7.15 16.07 -6.25
N SER A 66 -6.32 15.06 -6.50
CA SER A 66 -4.93 15.10 -6.08
C SER A 66 -3.97 14.60 -7.15
N GLN A 67 -2.71 14.98 -7.04
CA GLN A 67 -1.68 14.48 -7.93
C GLN A 67 -0.64 13.74 -7.10
N ILE A 68 -0.13 12.66 -7.64
CA ILE A 68 0.82 11.79 -6.96
C ILE A 68 2.13 11.83 -7.77
N VAL A 69 3.25 11.89 -7.08
CA VAL A 69 4.57 12.08 -7.68
C VAL A 69 5.62 11.22 -6.94
N TYR A 70 6.58 10.69 -7.68
CA TYR A 70 7.67 9.87 -7.12
C TYR A 70 8.89 10.12 -7.98
N ALA A 71 10.06 10.27 -7.35
CA ALA A 71 11.31 10.58 -8.05
C ALA A 71 11.11 11.78 -9.00
N GLU A 72 10.41 12.79 -8.50
CA GLU A 72 10.08 14.03 -9.23
C GLU A 72 9.26 13.85 -10.52
N ARG A 73 8.76 12.64 -10.76
CA ARG A 73 7.95 12.36 -11.95
C ARG A 73 6.54 11.94 -11.52
N PRO A 74 5.51 12.37 -12.26
CA PRO A 74 4.17 12.02 -11.78
C PRO A 74 3.84 10.54 -11.94
N LEU A 75 2.99 10.05 -11.07
CA LEU A 75 2.53 8.65 -11.11
C LEU A 75 1.06 8.66 -11.56
N THR A 76 0.81 9.37 -12.64
CA THR A 76 -0.55 9.54 -13.15
C THR A 76 -0.90 8.52 -14.23
N ASP A 77 0.10 7.80 -14.73
CA ASP A 77 -0.13 6.78 -15.74
C ASP A 77 -0.62 5.50 -15.06
N ASN A 78 -1.93 5.43 -14.85
CA ASN A 78 -2.55 4.36 -14.06
C ASN A 78 -2.38 2.95 -14.62
N HIS A 79 -1.94 2.85 -15.87
CA HIS A 79 -1.83 1.57 -16.58
C HIS A 79 -0.53 0.80 -16.33
N ARG A 80 0.30 1.25 -15.39
CA ARG A 80 1.57 0.59 -15.11
C ARG A 80 1.63 0.12 -13.67
N SER A 81 2.38 -0.94 -13.42
CA SER A 81 2.57 -1.45 -12.07
C SER A 81 3.70 -0.71 -11.37
N LEU A 82 3.75 -0.82 -10.05
CA LEU A 82 4.73 -0.08 -9.24
C LEU A 82 6.17 -0.57 -9.49
N ALA A 83 6.31 -1.86 -9.76
CA ALA A 83 7.61 -2.43 -10.13
C ALA A 83 8.14 -1.77 -11.42
N SER A 84 7.23 -1.34 -12.30
CA SER A 84 7.63 -0.70 -13.55
C SER A 84 8.25 0.69 -13.33
N TYR A 85 8.07 1.25 -12.14
CA TYR A 85 8.68 2.54 -11.80
C TYR A 85 9.91 2.31 -10.96
N GLY A 86 10.14 1.06 -10.61
CA GLY A 86 11.24 0.72 -9.73
C GLY A 86 10.89 1.06 -8.29
N LEU A 87 9.60 1.03 -7.96
CA LEU A 87 9.20 1.35 -6.59
C LEU A 87 9.57 0.20 -5.66
N LYS A 88 10.82 0.22 -5.20
CA LYS A 88 11.37 -0.79 -4.29
C LYS A 88 10.75 -0.68 -2.92
N ASP A 89 10.87 -1.76 -2.15
CA ASP A 89 10.43 -1.75 -0.77
C ASP A 89 11.20 -0.67 -0.02
N GLY A 90 10.46 0.19 0.67
CA GLY A 90 11.05 1.29 1.40
C GLY A 90 11.01 2.62 0.67
N ASP A 91 10.65 2.63 -0.61
CA ASP A 91 10.53 3.89 -1.35
C ASP A 91 9.31 4.65 -0.85
N VAL A 92 9.35 5.97 -0.97
CA VAL A 92 8.27 6.83 -0.52
C VAL A 92 7.76 7.69 -1.67
N VAL A 93 6.44 7.83 -1.77
CA VAL A 93 5.83 8.64 -2.82
C VAL A 93 5.15 9.82 -2.14
N ILE A 94 4.87 10.87 -2.90
CA ILE A 94 4.25 12.07 -2.35
C ILE A 94 2.98 12.35 -3.12
N LEU A 95 1.90 12.62 -2.40
CA LEU A 95 0.63 12.98 -3.01
C LEU A 95 0.29 14.36 -2.50
N ARG A 96 -0.14 15.25 -3.39
CA ARG A 96 -0.48 16.62 -3.01
C ARG A 96 -1.89 16.97 -3.47
N GLN A 97 -2.68 17.47 -2.52
CA GLN A 97 -4.06 17.92 -2.75
C GLN A 97 -4.16 19.44 -2.60
N MET A 1 4.18 -30.75 57.64
CA MET A 1 4.60 -32.00 56.98
C MET A 1 4.03 -32.19 55.59
N GLY A 2 4.54 -33.23 54.91
CA GLY A 2 4.11 -33.57 53.55
C GLY A 2 5.02 -32.93 52.51
N HIS A 3 4.89 -33.37 51.27
CA HIS A 3 5.68 -32.85 50.16
C HIS A 3 4.94 -33.19 48.88
N HIS A 4 5.33 -32.59 47.77
CA HIS A 4 4.73 -32.88 46.47
C HIS A 4 5.80 -32.57 45.42
N HIS A 5 5.76 -33.23 44.28
CA HIS A 5 6.72 -32.99 43.22
C HIS A 5 6.06 -33.18 41.86
N HIS A 6 6.01 -32.12 41.07
CA HIS A 6 5.45 -32.18 39.71
C HIS A 6 6.13 -31.09 38.90
N HIS A 7 6.34 -31.36 37.62
CA HIS A 7 6.93 -30.39 36.72
C HIS A 7 6.49 -30.73 35.30
N HIS A 8 6.18 -29.74 34.50
CA HIS A 8 5.75 -29.93 33.13
C HIS A 8 6.09 -28.70 32.29
N HIS A 9 6.54 -28.93 31.07
CA HIS A 9 6.77 -27.86 30.11
C HIS A 9 6.39 -28.43 28.75
N HIS A 10 6.23 -27.55 27.78
CA HIS A 10 5.97 -27.93 26.40
C HIS A 10 6.65 -26.83 25.61
N HIS A 11 6.93 -27.06 24.34
CA HIS A 11 7.72 -26.14 23.53
C HIS A 11 7.22 -26.18 22.09
N HIS A 12 7.41 -25.08 21.38
CA HIS A 12 7.01 -24.96 19.98
C HIS A 12 8.07 -24.07 19.33
N SER A 13 8.24 -24.20 18.02
CA SER A 13 9.21 -23.39 17.29
C SER A 13 8.59 -22.91 15.99
N SER A 14 9.03 -21.74 15.53
CA SER A 14 8.51 -21.14 14.29
C SER A 14 9.65 -20.29 13.77
N GLY A 15 9.55 -19.83 12.52
CA GLY A 15 10.59 -19.01 11.94
C GLY A 15 10.68 -19.13 10.43
N HIS A 16 9.54 -19.05 9.77
CA HIS A 16 9.48 -19.15 8.30
C HIS A 16 8.38 -18.21 7.84
N ILE A 17 8.33 -17.96 6.53
CA ILE A 17 7.35 -17.09 5.85
C ILE A 17 7.72 -15.61 6.03
N GLU A 18 8.40 -15.08 5.02
CA GLU A 18 8.82 -13.67 5.02
C GLU A 18 7.76 -12.81 4.34
N GLY A 19 6.76 -13.46 3.75
CA GLY A 19 5.70 -12.77 3.03
C GLY A 19 5.89 -12.94 1.53
N ARG A 20 5.20 -12.12 0.74
CA ARG A 20 5.33 -12.15 -0.73
C ARG A 20 4.77 -10.85 -1.33
N HIS A 21 5.02 -9.76 -0.64
CA HIS A 21 4.53 -8.45 -1.07
C HIS A 21 5.57 -7.47 -0.55
N MET A 22 5.43 -6.21 -0.89
CA MET A 22 6.37 -5.18 -0.46
C MET A 22 5.61 -4.08 0.28
N LEU A 23 6.34 -3.07 0.73
CA LEU A 23 5.77 -1.97 1.50
C LEU A 23 6.26 -0.66 0.91
N LEU A 24 5.36 0.27 0.65
CA LEU A 24 5.71 1.60 0.13
C LEU A 24 5.16 2.64 1.08
N THR A 25 5.87 3.76 1.20
CA THR A 25 5.44 4.84 2.08
C THR A 25 4.77 5.92 1.23
N VAL A 26 3.74 6.56 1.78
CA VAL A 26 3.01 7.61 1.10
C VAL A 26 3.03 8.83 2.01
N TYR A 27 3.42 9.98 1.48
CA TYR A 27 3.40 11.24 2.22
C TYR A 27 2.35 12.17 1.60
N CYS A 28 1.24 12.35 2.27
CA CYS A 28 0.14 13.16 1.75
C CYS A 28 0.26 14.56 2.32
N VAL A 29 0.24 15.57 1.44
CA VAL A 29 0.45 16.96 1.83
C VAL A 29 -0.76 17.82 1.52
N ARG A 30 -1.18 18.61 2.50
CA ARG A 30 -2.23 19.60 2.34
C ARG A 30 -1.65 20.95 2.72
N ARG A 31 -2.04 21.99 2.02
CA ARG A 31 -1.52 23.35 2.29
C ARG A 31 -1.97 23.88 3.66
N ASP A 32 -2.92 23.19 4.27
CA ASP A 32 -3.49 23.56 5.56
C ASP A 32 -2.78 22.81 6.69
N LEU A 33 -1.57 22.31 6.36
CA LEU A 33 -0.72 21.51 7.26
C LEU A 33 -1.45 20.30 7.84
N SER A 34 -2.40 19.80 7.07
CA SER A 34 -3.12 18.57 7.39
C SER A 34 -2.37 17.37 6.84
N GLU A 35 -1.07 17.55 6.67
CA GLU A 35 -0.24 16.54 6.04
C GLU A 35 -0.05 15.35 6.96
N VAL A 36 0.07 14.17 6.37
CA VAL A 36 0.15 12.90 7.10
C VAL A 36 0.95 11.94 6.23
N THR A 37 1.66 11.01 6.86
CA THR A 37 2.41 10.00 6.13
C THR A 37 2.11 8.65 6.74
N PHE A 38 2.03 7.63 5.89
CA PHE A 38 1.64 6.28 6.28
C PHE A 38 2.26 5.36 5.27
N SER A 39 2.13 4.05 5.45
CA SER A 39 2.67 3.08 4.49
C SER A 39 1.61 2.08 4.10
N LEU A 40 1.75 1.50 2.91
CA LEU A 40 0.80 0.51 2.40
C LEU A 40 1.52 -0.73 1.93
N GLN A 41 0.87 -1.87 2.15
CA GLN A 41 1.37 -3.15 1.69
C GLN A 41 0.78 -3.40 0.29
N VAL A 42 1.66 -3.68 -0.66
CA VAL A 42 1.26 -3.82 -2.08
C VAL A 42 2.10 -4.90 -2.72
N ASP A 43 1.66 -5.45 -3.85
CA ASP A 43 2.45 -6.44 -4.58
C ASP A 43 3.34 -5.74 -5.60
N ALA A 44 4.26 -6.46 -6.22
CA ALA A 44 5.17 -5.88 -7.19
C ALA A 44 4.43 -5.53 -8.49
N ASP A 45 3.54 -6.41 -8.89
CA ASP A 45 2.77 -6.27 -10.14
C ASP A 45 1.51 -5.45 -9.91
N PHE A 46 1.32 -4.98 -8.69
CA PHE A 46 0.16 -4.17 -8.34
C PHE A 46 0.10 -2.93 -9.22
N GLU A 47 -1.05 -2.67 -9.81
CA GLU A 47 -1.19 -1.54 -10.73
C GLU A 47 -1.17 -0.23 -9.97
N LEU A 48 -0.74 0.83 -10.64
CA LEU A 48 -0.84 2.17 -10.08
C LEU A 48 -2.29 2.55 -9.88
N HIS A 49 -3.15 2.03 -10.75
CA HIS A 49 -4.58 2.26 -10.68
C HIS A 49 -5.13 1.76 -9.35
N ASN A 50 -4.68 0.60 -8.92
CA ASN A 50 -5.11 0.01 -7.66
C ASN A 50 -4.39 0.69 -6.48
N PHE A 51 -3.13 1.05 -6.71
CA PHE A 51 -2.34 1.71 -5.68
C PHE A 51 -2.96 3.05 -5.25
N ARG A 52 -3.39 3.86 -6.21
CA ARG A 52 -4.01 5.13 -5.87
C ARG A 52 -5.37 4.95 -5.20
N ALA A 53 -6.04 3.82 -5.45
CA ALA A 53 -7.30 3.54 -4.78
C ALA A 53 -7.01 3.22 -3.31
N LEU A 54 -5.97 2.44 -3.05
CA LEU A 54 -5.59 2.15 -1.67
C LEU A 54 -5.19 3.41 -0.92
N CYS A 55 -4.40 4.28 -1.54
CA CYS A 55 -3.96 5.49 -0.82
C CYS A 55 -5.12 6.46 -0.62
N GLU A 56 -6.14 6.40 -1.48
CA GLU A 56 -7.34 7.23 -1.31
C GLU A 56 -8.06 6.75 -0.06
N LEU A 57 -8.26 5.44 0.02
CA LEU A 57 -8.97 4.81 1.13
C LEU A 57 -8.28 5.08 2.46
N GLU A 58 -6.97 4.89 2.50
CA GLU A 58 -6.20 5.05 3.73
C GLU A 58 -6.11 6.53 4.20
N SER A 59 -5.98 7.45 3.25
CA SER A 59 -5.81 8.87 3.59
C SER A 59 -7.13 9.63 3.72
N GLY A 60 -8.21 9.05 3.21
CA GLY A 60 -9.52 9.69 3.31
C GLY A 60 -9.65 10.96 2.48
N ILE A 61 -8.94 11.02 1.36
CA ILE A 61 -8.96 12.19 0.48
C ILE A 61 -9.36 11.79 -0.95
N PRO A 62 -10.26 12.55 -1.59
CA PRO A 62 -10.64 12.12 -2.95
C PRO A 62 -9.48 12.09 -3.95
N ALA A 63 -9.33 10.97 -4.65
CA ALA A 63 -8.29 10.80 -5.63
C ALA A 63 -8.46 11.76 -6.81
N ALA A 64 -9.69 12.16 -7.08
CA ALA A 64 -9.99 13.06 -8.20
C ALA A 64 -9.46 14.49 -7.95
N GLU A 65 -9.32 14.86 -6.69
CA GLU A 65 -8.94 16.23 -6.33
C GLU A 65 -7.45 16.33 -5.95
N SER A 66 -6.71 15.25 -6.19
CA SER A 66 -5.33 15.19 -5.74
C SER A 66 -4.37 14.61 -6.78
N GLN A 67 -3.11 15.03 -6.69
CA GLN A 67 -2.09 14.59 -7.63
C GLN A 67 -1.02 13.80 -6.89
N ILE A 68 -0.42 12.83 -7.59
CA ILE A 68 0.56 11.94 -6.99
C ILE A 68 1.88 11.94 -7.81
N VAL A 69 3.00 11.98 -7.09
CA VAL A 69 4.33 12.13 -7.71
C VAL A 69 5.36 11.25 -6.95
N TYR A 70 6.32 10.69 -7.67
CA TYR A 70 7.37 9.85 -7.07
C TYR A 70 8.68 10.14 -7.81
N ALA A 71 9.78 10.22 -7.06
CA ALA A 71 11.11 10.55 -7.63
C ALA A 71 11.05 11.79 -8.52
N GLU A 72 10.29 12.78 -8.06
CA GLU A 72 10.06 14.06 -8.75
C GLU A 72 9.47 13.89 -10.17
N ARG A 73 8.86 12.75 -10.42
CA ARG A 73 8.16 12.49 -11.70
C ARG A 73 6.72 12.08 -11.42
N PRO A 74 5.78 12.50 -12.28
CA PRO A 74 4.39 12.17 -11.95
C PRO A 74 4.08 10.69 -12.13
N LEU A 75 3.21 10.17 -11.28
CA LEU A 75 2.75 8.78 -11.36
C LEU A 75 1.43 8.78 -12.13
N THR A 76 1.50 9.18 -13.40
CA THR A 76 0.30 9.35 -14.22
C THR A 76 -0.06 8.17 -15.12
N ASP A 77 0.90 7.32 -15.45
CA ASP A 77 0.64 6.19 -16.36
C ASP A 77 0.09 5.05 -15.51
N ASN A 78 -1.18 5.17 -15.13
CA ASN A 78 -1.80 4.27 -14.15
C ASN A 78 -1.89 2.82 -14.60
N HIS A 79 -1.62 2.56 -15.86
CA HIS A 79 -1.66 1.21 -16.42
C HIS A 79 -0.41 0.41 -16.08
N ARG A 80 0.59 1.06 -15.49
CA ARG A 80 1.84 0.37 -15.16
C ARG A 80 1.82 -0.14 -13.74
N SER A 81 2.58 -1.19 -13.49
CA SER A 81 2.76 -1.73 -12.16
C SER A 81 3.79 -0.88 -11.41
N LEU A 82 3.79 -0.99 -10.10
CA LEU A 82 4.72 -0.22 -9.26
C LEU A 82 6.18 -0.63 -9.53
N ALA A 83 6.39 -1.91 -9.80
CA ALA A 83 7.71 -2.41 -10.17
C ALA A 83 8.23 -1.74 -11.46
N SER A 84 7.32 -1.33 -12.34
CA SER A 84 7.71 -0.67 -13.59
C SER A 84 8.27 0.73 -13.36
N TYR A 85 8.03 1.29 -12.18
CA TYR A 85 8.59 2.59 -11.81
C TYR A 85 9.83 2.41 -10.94
N GLY A 86 10.12 1.16 -10.62
CA GLY A 86 11.21 0.86 -9.72
C GLY A 86 10.81 1.17 -8.29
N LEU A 87 9.51 1.11 -8.00
CA LEU A 87 9.05 1.38 -6.64
C LEU A 87 9.35 0.17 -5.78
N LYS A 88 10.56 0.13 -5.26
CA LYS A 88 11.03 -0.95 -4.39
C LYS A 88 10.54 -0.73 -2.96
N ASP A 89 10.66 -1.77 -2.15
CA ASP A 89 10.28 -1.70 -0.76
C ASP A 89 11.02 -0.58 -0.05
N GLY A 90 10.26 0.27 0.62
CA GLY A 90 10.84 1.38 1.37
C GLY A 90 10.78 2.70 0.60
N ASP A 91 10.52 2.65 -0.69
CA ASP A 91 10.42 3.88 -1.47
C ASP A 91 9.18 4.66 -1.01
N VAL A 92 9.27 5.97 -1.10
CA VAL A 92 8.21 6.86 -0.62
C VAL A 92 7.67 7.73 -1.76
N VAL A 93 6.35 7.85 -1.84
CA VAL A 93 5.71 8.67 -2.87
C VAL A 93 5.09 9.87 -2.17
N ILE A 94 4.85 10.94 -2.93
CA ILE A 94 4.29 12.16 -2.38
C ILE A 94 2.95 12.42 -3.05
N LEU A 95 1.93 12.70 -2.24
CA LEU A 95 0.59 12.96 -2.70
C LEU A 95 0.26 14.39 -2.30
N ARG A 96 -0.27 15.19 -3.21
CA ARG A 96 -0.54 16.59 -2.94
C ARG A 96 -1.98 16.92 -3.26
N GLN A 97 -2.70 17.49 -2.29
CA GLN A 97 -4.10 17.91 -2.48
C GLN A 97 -4.21 19.43 -2.45
N MET A 1 16.47 -52.38 -17.25
CA MET A 1 15.74 -51.37 -18.07
C MET A 1 14.98 -50.33 -17.24
N GLY A 2 15.57 -49.99 -16.09
CA GLY A 2 14.98 -49.06 -15.14
C GLY A 2 14.64 -49.78 -13.86
N HIS A 3 13.87 -49.14 -12.99
CA HIS A 3 13.48 -49.76 -11.73
C HIS A 3 12.12 -50.42 -11.91
N HIS A 4 11.94 -51.59 -11.31
CA HIS A 4 10.72 -52.39 -11.49
C HIS A 4 9.49 -51.79 -10.79
N HIS A 5 9.69 -50.84 -9.89
CA HIS A 5 8.59 -50.26 -9.13
C HIS A 5 8.49 -48.75 -9.36
N HIS A 6 7.28 -48.24 -9.46
CA HIS A 6 7.04 -46.82 -9.64
C HIS A 6 6.89 -46.17 -8.27
N HIS A 7 7.00 -44.85 -8.19
CA HIS A 7 6.87 -44.14 -6.92
C HIS A 7 6.30 -42.74 -7.12
N HIS A 8 5.48 -42.31 -6.18
CA HIS A 8 4.98 -40.95 -6.12
C HIS A 8 4.77 -40.69 -4.63
N HIS A 9 5.10 -39.51 -4.16
CA HIS A 9 5.00 -39.17 -2.74
C HIS A 9 3.89 -38.16 -2.49
N HIS A 10 3.38 -38.11 -1.28
CA HIS A 10 2.34 -37.16 -0.89
C HIS A 10 2.94 -36.25 0.19
N HIS A 11 3.38 -35.07 -0.22
CA HIS A 11 3.97 -34.11 0.72
C HIS A 11 2.85 -33.28 1.33
N HIS A 12 3.08 -32.75 2.52
CA HIS A 12 2.10 -31.90 3.19
C HIS A 12 2.68 -30.50 3.33
N SER A 13 1.84 -29.51 3.56
CA SER A 13 2.31 -28.15 3.81
C SER A 13 2.65 -28.01 5.28
N SER A 14 3.71 -27.28 5.58
CA SER A 14 4.15 -27.10 6.97
C SER A 14 4.14 -25.62 7.39
N GLY A 15 3.66 -24.76 6.50
CA GLY A 15 3.65 -23.33 6.77
C GLY A 15 3.00 -22.61 5.61
N HIS A 16 2.94 -21.29 5.67
CA HIS A 16 2.36 -20.48 4.60
C HIS A 16 3.31 -20.42 3.41
N ILE A 17 2.76 -20.14 2.23
CA ILE A 17 3.56 -19.98 1.01
C ILE A 17 3.31 -18.58 0.44
N GLU A 18 2.48 -17.85 1.15
CA GLU A 18 2.10 -16.50 0.78
C GLU A 18 3.24 -15.55 1.15
N GLY A 19 3.29 -14.38 0.52
CA GLY A 19 4.37 -13.44 0.73
C GLY A 19 4.60 -12.67 -0.57
N ARG A 20 5.86 -12.31 -0.82
CA ARG A 20 6.29 -11.61 -2.06
C ARG A 20 5.65 -10.22 -2.23
N HIS A 21 5.28 -9.62 -1.12
CA HIS A 21 4.71 -8.28 -1.11
C HIS A 21 5.80 -7.36 -0.62
N MET A 22 5.64 -6.07 -0.85
CA MET A 22 6.61 -5.07 -0.44
C MET A 22 5.86 -3.97 0.31
N LEU A 23 6.61 -3.04 0.91
CA LEU A 23 6.02 -1.93 1.66
C LEU A 23 6.48 -0.62 1.05
N LEU A 24 5.57 0.31 0.85
CA LEU A 24 5.89 1.64 0.34
C LEU A 24 5.40 2.66 1.35
N THR A 25 6.04 3.81 1.42
CA THR A 25 5.60 4.88 2.30
C THR A 25 4.90 5.92 1.44
N VAL A 26 3.77 6.42 1.90
CA VAL A 26 3.02 7.41 1.15
C VAL A 26 2.83 8.63 2.05
N TYR A 27 3.29 9.77 1.57
CA TYR A 27 3.22 11.02 2.29
C TYR A 27 2.17 11.91 1.64
N CYS A 28 1.08 12.17 2.36
CA CYS A 28 -0.01 12.98 1.84
C CYS A 28 0.15 14.40 2.36
N VAL A 29 0.17 15.36 1.45
CA VAL A 29 0.37 16.76 1.78
C VAL A 29 -0.83 17.60 1.40
N ARG A 30 -1.32 18.37 2.36
CA ARG A 30 -2.38 19.34 2.10
C ARG A 30 -1.75 20.69 2.34
N ARG A 31 -2.19 21.69 1.59
CA ARG A 31 -1.59 23.03 1.67
C ARG A 31 -1.66 23.63 3.06
N ASP A 32 -2.68 23.25 3.80
CA ASP A 32 -2.95 23.80 5.13
C ASP A 32 -2.18 23.06 6.23
N LEU A 33 -1.10 22.39 5.84
CA LEU A 33 -0.22 21.63 6.74
C LEU A 33 -0.98 20.57 7.54
N SER A 34 -2.00 20.03 6.90
CA SER A 34 -2.82 18.96 7.44
C SER A 34 -2.25 17.61 6.99
N GLU A 35 -0.96 17.64 6.74
CA GLU A 35 -0.24 16.54 6.11
C GLU A 35 -0.06 15.33 7.05
N VAL A 36 0.03 14.15 6.45
CA VAL A 36 0.12 12.89 7.19
C VAL A 36 0.95 11.92 6.35
N THR A 37 1.65 11.00 6.99
CA THR A 37 2.42 9.99 6.27
C THR A 37 2.02 8.64 6.85
N PHE A 38 1.97 7.63 6.00
CA PHE A 38 1.54 6.28 6.37
C PHE A 38 2.23 5.35 5.40
N SER A 39 2.09 4.04 5.61
CA SER A 39 2.72 3.06 4.73
C SER A 39 1.70 2.04 4.26
N LEU A 40 1.92 1.49 3.09
CA LEU A 40 1.00 0.53 2.48
C LEU A 40 1.76 -0.70 2.02
N GLN A 41 1.12 -1.85 2.16
CA GLN A 41 1.70 -3.12 1.75
C GLN A 41 1.02 -3.52 0.44
N VAL A 42 1.82 -3.75 -0.58
CA VAL A 42 1.32 -3.99 -1.93
C VAL A 42 2.19 -5.03 -2.63
N ASP A 43 1.71 -5.58 -3.72
CA ASP A 43 2.50 -6.51 -4.53
C ASP A 43 3.44 -5.66 -5.41
N ALA A 44 4.52 -6.25 -5.88
CA ALA A 44 5.42 -5.54 -6.79
C ALA A 44 4.67 -5.22 -8.09
N ASP A 45 3.84 -6.15 -8.54
CA ASP A 45 3.12 -5.99 -9.81
C ASP A 45 1.73 -5.35 -9.63
N PHE A 46 1.52 -4.76 -8.46
CA PHE A 46 0.26 -4.09 -8.16
C PHE A 46 0.10 -2.90 -9.11
N GLU A 47 -1.09 -2.71 -9.66
CA GLU A 47 -1.33 -1.61 -10.61
C GLU A 47 -1.22 -0.26 -9.91
N LEU A 48 -0.65 0.73 -10.60
CA LEU A 48 -0.65 2.09 -10.08
C LEU A 48 -2.10 2.58 -10.01
N HIS A 49 -2.93 2.06 -10.91
CA HIS A 49 -4.35 2.35 -10.92
C HIS A 49 -5.01 1.98 -9.59
N ASN A 50 -4.73 0.78 -9.09
CA ASN A 50 -5.29 0.35 -7.82
C ASN A 50 -4.56 1.02 -6.67
N PHE A 51 -3.28 1.31 -6.85
CA PHE A 51 -2.48 1.93 -5.80
C PHE A 51 -2.97 3.33 -5.43
N ARG A 52 -3.34 4.14 -6.42
CA ARG A 52 -3.83 5.48 -6.10
C ARG A 52 -5.16 5.41 -5.35
N ALA A 53 -5.97 4.39 -5.63
CA ALA A 53 -7.23 4.20 -4.93
C ALA A 53 -6.97 3.71 -3.50
N LEU A 54 -5.97 2.87 -3.35
CA LEU A 54 -5.58 2.34 -2.04
C LEU A 54 -5.08 3.47 -1.14
N CYS A 55 -4.36 4.43 -1.74
CA CYS A 55 -3.90 5.60 -1.01
C CYS A 55 -5.07 6.51 -0.62
N GLU A 56 -6.06 6.57 -1.51
CA GLU A 56 -7.26 7.39 -1.28
C GLU A 56 -8.05 6.83 -0.10
N LEU A 57 -8.08 5.52 0.02
CA LEU A 57 -8.79 4.85 1.11
C LEU A 57 -8.16 5.22 2.46
N GLU A 58 -6.85 5.10 2.55
CA GLU A 58 -6.14 5.40 3.81
C GLU A 58 -6.17 6.89 4.15
N SER A 59 -6.03 7.73 3.14
CA SER A 59 -5.93 9.17 3.37
C SER A 59 -7.30 9.86 3.46
N GLY A 60 -8.35 9.19 3.02
CA GLY A 60 -9.70 9.74 3.15
C GLY A 60 -9.99 10.91 2.23
N ILE A 61 -9.36 10.92 1.07
CA ILE A 61 -9.52 12.01 0.09
C ILE A 61 -9.69 11.41 -1.30
N PRO A 62 -10.47 12.05 -2.18
CA PRO A 62 -10.65 11.43 -3.50
C PRO A 62 -9.37 11.35 -4.34
N ALA A 63 -9.15 10.20 -4.96
CA ALA A 63 -8.02 10.01 -5.86
C ALA A 63 -8.17 10.93 -7.08
N ALA A 64 -9.41 11.22 -7.43
CA ALA A 64 -9.72 12.07 -8.58
C ALA A 64 -9.31 13.53 -8.34
N GLU A 65 -9.30 13.95 -7.08
CA GLU A 65 -9.02 15.35 -6.73
C GLU A 65 -7.59 15.53 -6.22
N SER A 66 -6.76 14.50 -6.38
CA SER A 66 -5.40 14.55 -5.86
C SER A 66 -4.38 14.14 -6.91
N GLN A 67 -3.14 14.57 -6.71
CA GLN A 67 -2.05 14.27 -7.64
C GLN A 67 -1.02 13.45 -6.90
N ILE A 68 -0.62 12.36 -7.52
CA ILE A 68 0.33 11.43 -6.90
C ILE A 68 1.66 11.46 -7.68
N VAL A 69 2.76 11.63 -6.96
CA VAL A 69 4.09 11.90 -7.53
C VAL A 69 5.14 10.99 -6.88
N TYR A 70 6.06 10.47 -7.68
CA TYR A 70 7.16 9.64 -7.17
C TYR A 70 8.42 10.02 -7.94
N ALA A 71 9.54 10.09 -7.24
CA ALA A 71 10.85 10.45 -7.82
C ALA A 71 10.75 11.75 -8.65
N GLU A 72 10.02 12.73 -8.11
CA GLU A 72 9.78 14.03 -8.75
C GLU A 72 9.03 13.99 -10.10
N ARG A 73 8.34 12.90 -10.41
CA ARG A 73 7.52 12.83 -11.64
C ARG A 73 6.12 12.33 -11.28
N PRO A 74 5.06 12.89 -11.89
CA PRO A 74 3.75 12.35 -11.54
C PRO A 74 3.57 10.95 -12.12
N LEU A 75 2.87 10.11 -11.41
CA LEU A 75 2.62 8.73 -11.85
C LEU A 75 1.37 8.73 -12.74
N THR A 76 1.52 9.23 -13.95
CA THR A 76 0.38 9.40 -14.86
C THR A 76 -0.13 8.08 -15.42
N ASP A 77 0.78 7.15 -15.67
CA ASP A 77 0.41 5.90 -16.33
C ASP A 77 -0.15 4.92 -15.31
N ASN A 78 -1.47 4.84 -15.25
CA ASN A 78 -2.15 3.97 -14.30
C ASN A 78 -1.99 2.50 -14.66
N HIS A 79 -1.74 2.23 -15.92
CA HIS A 79 -1.61 0.87 -16.44
C HIS A 79 -0.30 0.21 -16.00
N ARG A 80 0.68 1.02 -15.60
CA ARG A 80 1.95 0.48 -15.15
C ARG A 80 1.80 -0.10 -13.77
N SER A 81 2.56 -1.15 -13.48
CA SER A 81 2.64 -1.66 -12.12
C SER A 81 3.67 -0.85 -11.37
N LEU A 82 3.73 -1.01 -10.06
CA LEU A 82 4.68 -0.24 -9.24
C LEU A 82 6.12 -0.64 -9.56
N ALA A 83 6.34 -1.92 -9.86
CA ALA A 83 7.64 -2.40 -10.28
C ALA A 83 8.09 -1.72 -11.58
N SER A 84 7.12 -1.37 -12.42
CA SER A 84 7.43 -0.68 -13.69
C SER A 84 7.91 0.76 -13.46
N TYR A 85 7.66 1.30 -12.27
CA TYR A 85 8.18 2.62 -11.92
C TYR A 85 9.48 2.48 -11.13
N GLY A 86 9.81 1.26 -10.73
CA GLY A 86 10.96 1.04 -9.88
C GLY A 86 10.65 1.37 -8.44
N LEU A 87 9.38 1.25 -8.05
CA LEU A 87 8.97 1.55 -6.68
C LEU A 87 9.38 0.42 -5.76
N LYS A 88 10.64 0.46 -5.35
CA LYS A 88 11.22 -0.54 -4.45
C LYS A 88 10.66 -0.46 -3.04
N ASP A 89 10.82 -1.54 -2.30
CA ASP A 89 10.45 -1.59 -0.90
C ASP A 89 11.19 -0.49 -0.13
N GLY A 90 10.41 0.28 0.63
CA GLY A 90 10.96 1.36 1.44
C GLY A 90 10.95 2.70 0.75
N ASP A 91 10.65 2.74 -0.54
CA ASP A 91 10.64 4.03 -1.24
C ASP A 91 9.40 4.86 -0.89
N VAL A 92 9.46 6.16 -1.17
CA VAL A 92 8.43 7.11 -0.72
C VAL A 92 7.67 7.76 -1.88
N VAL A 93 6.35 7.74 -1.79
CA VAL A 93 5.49 8.37 -2.78
C VAL A 93 4.89 9.62 -2.12
N ILE A 94 4.83 10.73 -2.86
CA ILE A 94 4.27 11.97 -2.33
C ILE A 94 2.94 12.22 -3.03
N LEU A 95 1.90 12.42 -2.25
CA LEU A 95 0.56 12.64 -2.77
C LEU A 95 0.13 14.04 -2.31
N ARG A 96 -0.41 14.84 -3.22
CA ARG A 96 -0.83 16.20 -2.91
C ARG A 96 -2.32 16.40 -3.13
N GLN A 97 -2.96 17.00 -2.13
CA GLN A 97 -4.37 17.41 -2.19
C GLN A 97 -4.51 18.81 -1.54
N MET A 1 -15.81 -57.15 8.35
CA MET A 1 -14.98 -58.08 9.15
C MET A 1 -14.25 -57.42 10.31
N GLY A 2 -14.47 -57.94 11.52
CA GLY A 2 -13.90 -57.38 12.75
C GLY A 2 -14.74 -56.22 13.27
N HIS A 3 -15.21 -55.39 12.35
CA HIS A 3 -16.15 -54.29 12.59
C HIS A 3 -15.66 -53.25 13.62
N HIS A 4 -14.36 -53.19 13.83
CA HIS A 4 -13.79 -52.20 14.74
C HIS A 4 -12.49 -51.64 14.17
N HIS A 5 -12.38 -50.33 14.15
CA HIS A 5 -11.17 -49.63 13.75
C HIS A 5 -11.19 -48.25 14.38
N HIS A 6 -10.75 -48.15 15.62
CA HIS A 6 -10.78 -46.86 16.31
C HIS A 6 -9.75 -45.92 15.73
N HIS A 7 -9.83 -44.65 16.09
CA HIS A 7 -8.89 -43.63 15.63
C HIS A 7 -8.55 -42.66 16.75
N HIS A 8 -9.59 -42.04 17.31
CA HIS A 8 -9.48 -41.14 18.48
C HIS A 8 -8.47 -39.97 18.34
N HIS A 9 -8.18 -39.53 17.12
CA HIS A 9 -7.28 -38.40 16.93
C HIS A 9 -8.00 -37.11 17.35
N HIS A 10 -7.25 -36.15 17.86
CA HIS A 10 -7.81 -34.87 18.28
C HIS A 10 -6.86 -33.75 17.84
N HIS A 11 -6.66 -33.65 16.53
CA HIS A 11 -5.74 -32.66 15.96
C HIS A 11 -6.40 -32.02 14.75
N HIS A 12 -5.84 -30.91 14.29
CA HIS A 12 -6.36 -30.21 13.12
C HIS A 12 -5.17 -29.70 12.32
N SER A 13 -5.36 -29.47 11.03
CA SER A 13 -4.30 -28.96 10.17
C SER A 13 -4.32 -27.43 10.22
N SER A 14 -3.31 -26.82 9.61
CA SER A 14 -3.24 -25.36 9.50
C SER A 14 -2.56 -24.98 8.19
N GLY A 15 -1.35 -25.50 7.98
CA GLY A 15 -0.63 -25.24 6.75
C GLY A 15 0.33 -24.08 6.91
N HIS A 16 0.79 -23.55 5.79
CA HIS A 16 1.74 -22.43 5.76
C HIS A 16 1.58 -21.83 4.38
N ILE A 17 1.98 -20.59 4.19
CA ILE A 17 1.93 -19.94 2.88
C ILE A 17 3.19 -19.08 2.76
N GLU A 18 3.65 -18.90 1.54
CA GLU A 18 4.84 -18.10 1.24
C GLU A 18 4.46 -17.22 0.06
N GLY A 19 5.15 -16.10 -0.11
CA GLY A 19 4.86 -15.19 -1.19
C GLY A 19 5.78 -14.00 -1.12
N ARG A 20 5.56 -13.02 -1.98
CA ARG A 20 6.37 -11.79 -1.99
C ARG A 20 5.40 -10.62 -2.06
N HIS A 21 5.60 -9.68 -1.15
CA HIS A 21 4.85 -8.44 -1.12
C HIS A 21 5.89 -7.45 -0.63
N MET A 22 5.58 -6.17 -0.69
CA MET A 22 6.52 -5.13 -0.31
C MET A 22 5.77 -4.00 0.38
N LEU A 23 6.50 -3.08 0.99
CA LEU A 23 5.92 -1.97 1.73
C LEU A 23 6.42 -0.66 1.13
N LEU A 24 5.50 0.25 0.85
CA LEU A 24 5.84 1.57 0.32
C LEU A 24 5.31 2.61 1.28
N THR A 25 5.99 3.74 1.36
CA THR A 25 5.55 4.82 2.23
C THR A 25 4.83 5.85 1.37
N VAL A 26 3.79 6.45 1.89
CA VAL A 26 3.01 7.45 1.18
C VAL A 26 2.98 8.70 2.04
N TYR A 27 3.32 9.84 1.46
CA TYR A 27 3.30 11.10 2.17
C TYR A 27 2.31 12.05 1.50
N CYS A 28 1.21 12.34 2.17
CA CYS A 28 0.19 13.21 1.60
C CYS A 28 0.38 14.62 2.15
N VAL A 29 0.52 15.59 1.26
CA VAL A 29 0.84 16.96 1.63
C VAL A 29 -0.30 17.92 1.30
N ARG A 30 -0.65 18.76 2.27
CA ARG A 30 -1.57 19.86 2.03
C ARG A 30 -0.78 21.13 2.27
N ARG A 31 -1.08 22.17 1.52
CA ARG A 31 -0.42 23.47 1.72
C ARG A 31 -0.89 24.12 3.02
N ASP A 32 -1.91 23.52 3.60
CA ASP A 32 -2.61 24.03 4.77
C ASP A 32 -2.13 23.34 6.06
N LEU A 33 -0.90 22.85 6.01
CA LEU A 33 -0.23 22.15 7.13
C LEU A 33 -1.06 21.00 7.72
N SER A 34 -1.73 20.28 6.82
CA SER A 34 -2.60 19.16 7.17
C SER A 34 -2.02 17.82 6.73
N GLU A 35 -0.70 17.76 6.57
CA GLU A 35 -0.05 16.60 5.96
C GLU A 35 -0.04 15.38 6.89
N VAL A 36 0.00 14.21 6.27
CA VAL A 36 -0.03 12.93 6.97
C VAL A 36 0.82 11.96 6.17
N THR A 37 1.40 10.97 6.81
CA THR A 37 2.18 9.96 6.11
C THR A 37 1.85 8.62 6.74
N PHE A 38 1.89 7.58 5.93
CA PHE A 38 1.54 6.23 6.34
C PHE A 38 2.21 5.29 5.35
N SER A 39 2.10 3.99 5.54
CA SER A 39 2.70 3.02 4.63
C SER A 39 1.66 2.01 4.20
N LEU A 40 1.82 1.47 3.01
CA LEU A 40 0.87 0.51 2.43
C LEU A 40 1.59 -0.76 2.04
N GLN A 41 0.89 -1.88 2.17
CA GLN A 41 1.43 -3.19 1.81
C GLN A 41 0.84 -3.55 0.46
N VAL A 42 1.71 -3.82 -0.50
CA VAL A 42 1.30 -4.01 -1.90
C VAL A 42 2.14 -5.09 -2.57
N ASP A 43 1.69 -5.56 -3.72
CA ASP A 43 2.47 -6.49 -4.53
C ASP A 43 3.41 -5.68 -5.42
N ALA A 44 4.41 -6.33 -6.00
CA ALA A 44 5.32 -5.68 -6.93
C ALA A 44 4.56 -5.31 -8.22
N ASP A 45 3.63 -6.17 -8.61
CA ASP A 45 2.88 -5.98 -9.86
C ASP A 45 1.55 -5.27 -9.63
N PHE A 46 1.39 -4.69 -8.45
CA PHE A 46 0.18 -3.95 -8.11
C PHE A 46 0.06 -2.75 -9.04
N GLU A 47 -1.10 -2.58 -9.66
CA GLU A 47 -1.33 -1.50 -10.62
C GLU A 47 -1.29 -0.15 -9.92
N LEU A 48 -0.84 0.87 -10.61
CA LEU A 48 -0.87 2.22 -10.06
C LEU A 48 -2.31 2.68 -9.86
N HIS A 49 -3.22 2.22 -10.70
CA HIS A 49 -4.63 2.57 -10.55
C HIS A 49 -5.12 2.09 -9.18
N ASN A 50 -4.82 0.86 -8.85
CA ASN A 50 -5.23 0.28 -7.58
C ASN A 50 -4.42 0.87 -6.42
N PHE A 51 -3.17 1.23 -6.66
CA PHE A 51 -2.34 1.85 -5.62
C PHE A 51 -2.90 3.21 -5.20
N ARG A 52 -3.31 4.02 -6.16
CA ARG A 52 -3.87 5.36 -5.86
C ARG A 52 -5.19 5.20 -5.17
N ALA A 53 -5.93 4.19 -5.58
CA ALA A 53 -7.21 3.86 -4.95
C ALA A 53 -6.99 3.42 -3.48
N LEU A 54 -5.97 2.61 -3.25
CA LEU A 54 -5.63 2.14 -1.90
C LEU A 54 -5.19 3.33 -1.05
N CYS A 55 -4.46 4.24 -1.66
CA CYS A 55 -4.03 5.47 -0.99
C CYS A 55 -5.24 6.32 -0.58
N GLU A 56 -6.23 6.43 -1.46
CA GLU A 56 -7.44 7.21 -1.17
C GLU A 56 -8.16 6.60 0.03
N LEU A 57 -8.25 5.28 0.06
CA LEU A 57 -8.92 4.56 1.15
C LEU A 57 -8.25 4.83 2.49
N GLU A 58 -6.93 4.71 2.55
CA GLU A 58 -6.20 4.87 3.80
C GLU A 58 -6.06 6.33 4.25
N SER A 59 -6.01 7.25 3.30
CA SER A 59 -5.81 8.67 3.63
C SER A 59 -7.12 9.40 3.91
N GLY A 60 -8.22 8.92 3.35
CA GLY A 60 -9.52 9.53 3.59
C GLY A 60 -9.74 10.86 2.87
N ILE A 61 -8.86 11.21 1.95
CA ILE A 61 -9.01 12.46 1.18
C ILE A 61 -9.23 12.12 -0.29
N PRO A 62 -10.12 12.88 -0.98
CA PRO A 62 -10.42 12.49 -2.37
C PRO A 62 -9.22 12.51 -3.32
N ALA A 63 -9.02 11.40 -4.01
CA ALA A 63 -8.00 11.31 -5.05
C ALA A 63 -8.37 12.24 -6.21
N ALA A 64 -9.66 12.52 -6.34
CA ALA A 64 -10.17 13.41 -7.38
C ALA A 64 -9.61 14.83 -7.23
N GLU A 65 -9.27 15.21 -6.01
CA GLU A 65 -8.72 16.54 -5.71
C GLU A 65 -7.20 16.47 -5.55
N SER A 66 -6.61 15.35 -5.94
CA SER A 66 -5.20 15.11 -5.67
C SER A 66 -4.38 14.66 -6.88
N GLN A 67 -3.07 14.83 -6.76
CA GLN A 67 -2.12 14.37 -7.77
C GLN A 67 -0.99 13.66 -7.02
N ILE A 68 -0.33 12.73 -7.69
CA ILE A 68 0.69 11.89 -7.05
C ILE A 68 2.00 11.93 -7.85
N VAL A 69 3.11 12.02 -7.14
CA VAL A 69 4.43 12.20 -7.74
C VAL A 69 5.48 11.33 -6.99
N TYR A 70 6.46 10.83 -7.70
CA TYR A 70 7.53 10.00 -7.13
C TYR A 70 8.79 10.27 -7.94
N ALA A 71 9.94 10.36 -7.26
CA ALA A 71 11.22 10.66 -7.91
C ALA A 71 11.10 11.90 -8.81
N GLU A 72 10.39 12.91 -8.29
CA GLU A 72 10.13 14.20 -8.97
C GLU A 72 9.37 14.09 -10.31
N ARG A 73 8.78 12.92 -10.59
CA ARG A 73 8.01 12.72 -11.81
C ARG A 73 6.61 12.19 -11.48
N PRO A 74 5.57 12.61 -12.22
CA PRO A 74 4.25 12.13 -11.81
C PRO A 74 4.02 10.66 -12.15
N LEU A 75 3.18 10.02 -11.36
CA LEU A 75 2.80 8.61 -11.61
C LEU A 75 1.52 8.64 -12.44
N THR A 76 1.61 9.22 -13.63
CA THR A 76 0.46 9.46 -14.49
C THR A 76 -0.11 8.20 -15.11
N ASP A 77 0.77 7.29 -15.52
CA ASP A 77 0.34 6.09 -16.21
C ASP A 77 -0.17 5.08 -15.19
N ASN A 78 -1.48 5.08 -15.01
CA ASN A 78 -2.14 4.27 -13.99
C ASN A 78 -2.10 2.77 -14.30
N HIS A 79 -1.89 2.43 -15.56
CA HIS A 79 -1.88 1.04 -16.00
C HIS A 79 -0.53 0.37 -15.78
N ARG A 80 0.45 1.12 -15.31
CA ARG A 80 1.76 0.55 -15.03
C ARG A 80 1.75 -0.01 -13.62
N SER A 81 2.51 -1.05 -13.40
CA SER A 81 2.69 -1.60 -12.06
C SER A 81 3.69 -0.76 -11.29
N LEU A 82 3.74 -0.93 -9.98
CA LEU A 82 4.71 -0.22 -9.14
C LEU A 82 6.15 -0.58 -9.54
N ALA A 83 6.37 -1.83 -9.86
CA ALA A 83 7.67 -2.31 -10.33
C ALA A 83 8.13 -1.57 -11.59
N SER A 84 7.18 -1.14 -12.42
CA SER A 84 7.52 -0.42 -13.66
C SER A 84 8.06 0.98 -13.40
N TYR A 85 7.85 1.50 -12.20
CA TYR A 85 8.40 2.80 -11.81
C TYR A 85 9.64 2.58 -10.95
N GLY A 86 9.91 1.33 -10.62
CA GLY A 86 11.03 0.99 -9.75
C GLY A 86 10.66 1.18 -8.29
N LEU A 87 9.37 1.25 -8.00
CA LEU A 87 8.91 1.47 -6.63
C LEU A 87 9.09 0.20 -5.81
N LYS A 88 10.29 0.02 -5.30
CA LYS A 88 10.64 -1.14 -4.47
C LYS A 88 10.38 -0.88 -3.00
N ASP A 89 10.47 -1.91 -2.18
CA ASP A 89 10.26 -1.79 -0.73
C ASP A 89 11.18 -0.74 -0.16
N GLY A 90 10.59 0.22 0.54
CA GLY A 90 11.33 1.31 1.14
C GLY A 90 11.16 2.64 0.42
N ASP A 91 10.69 2.61 -0.83
CA ASP A 91 10.44 3.85 -1.56
C ASP A 91 9.26 4.61 -0.95
N VAL A 92 9.24 5.91 -1.19
CA VAL A 92 8.19 6.78 -0.68
C VAL A 92 7.61 7.61 -1.82
N VAL A 93 6.29 7.71 -1.88
CA VAL A 93 5.63 8.52 -2.90
C VAL A 93 5.03 9.74 -2.21
N ILE A 94 4.78 10.79 -2.97
CA ILE A 94 4.24 12.02 -2.42
C ILE A 94 2.94 12.33 -3.15
N LEU A 95 1.90 12.59 -2.39
CA LEU A 95 0.61 12.96 -2.92
C LEU A 95 0.34 14.40 -2.50
N ARG A 96 -0.22 15.20 -3.39
CA ARG A 96 -0.59 16.58 -3.06
C ARG A 96 -2.06 16.76 -3.33
N GLN A 97 -2.78 17.26 -2.31
CA GLN A 97 -4.19 17.63 -2.45
C GLN A 97 -4.29 19.16 -2.68
N MET A 1 -10.17 -57.21 21.04
CA MET A 1 -10.69 -57.08 22.43
C MET A 1 -9.99 -56.03 23.27
N GLY A 2 -10.72 -54.93 23.51
CA GLY A 2 -10.25 -53.83 24.36
C GLY A 2 -9.05 -53.06 23.83
N HIS A 3 -8.74 -53.22 22.55
CA HIS A 3 -7.62 -52.50 21.95
C HIS A 3 -7.91 -50.99 21.95
N HIS A 4 -6.92 -50.20 22.34
CA HIS A 4 -7.06 -48.75 22.46
C HIS A 4 -6.97 -48.03 21.10
N HIS A 5 -7.81 -48.42 20.17
CA HIS A 5 -7.84 -47.82 18.85
C HIS A 5 -8.47 -46.42 18.95
N HIS A 6 -8.09 -45.53 18.04
CA HIS A 6 -8.70 -44.20 18.02
C HIS A 6 -10.17 -44.35 17.67
N HIS A 7 -11.02 -43.58 18.34
CA HIS A 7 -12.44 -43.60 18.05
C HIS A 7 -12.71 -43.05 16.65
N HIS A 8 -11.99 -41.99 16.30
CA HIS A 8 -12.12 -41.39 14.98
C HIS A 8 -10.83 -40.69 14.52
N HIS A 9 -10.31 -39.79 15.35
CA HIS A 9 -9.12 -39.01 15.02
C HIS A 9 -8.41 -38.60 16.30
N HIS A 10 -7.31 -37.87 16.16
CA HIS A 10 -6.61 -37.27 17.29
C HIS A 10 -6.58 -35.74 17.14
N HIS A 11 -6.07 -35.27 16.02
CA HIS A 11 -5.99 -33.84 15.72
C HIS A 11 -5.86 -33.71 14.21
N HIS A 12 -6.14 -32.54 13.66
CA HIS A 12 -6.02 -32.31 12.22
C HIS A 12 -5.74 -30.83 11.88
N SER A 13 -5.00 -30.15 12.75
CA SER A 13 -4.68 -28.74 12.52
C SER A 13 -3.51 -28.64 11.56
N SER A 14 -3.69 -27.94 10.45
CA SER A 14 -2.65 -27.76 9.44
C SER A 14 -3.06 -26.57 8.57
N GLY A 15 -2.14 -26.12 7.71
CA GLY A 15 -2.43 -25.01 6.80
C GLY A 15 -1.36 -23.95 6.85
N HIS A 16 -1.29 -23.12 5.82
CA HIS A 16 -0.31 -22.03 5.72
C HIS A 16 -0.84 -21.06 4.68
N ILE A 17 -0.16 -19.93 4.52
CA ILE A 17 -0.48 -18.95 3.49
C ILE A 17 0.88 -18.71 2.82
N GLU A 18 0.88 -18.42 1.53
CA GLU A 18 2.11 -18.15 0.79
C GLU A 18 1.87 -16.91 -0.07
N GLY A 19 2.94 -16.28 -0.53
CA GLY A 19 2.83 -15.06 -1.33
C GLY A 19 3.96 -14.11 -1.02
N ARG A 20 3.94 -12.94 -1.64
CA ARG A 20 4.96 -11.91 -1.43
C ARG A 20 4.29 -10.56 -1.40
N HIS A 21 5.00 -9.56 -0.88
CA HIS A 21 4.52 -8.19 -0.84
C HIS A 21 5.75 -7.33 -0.62
N MET A 22 5.58 -6.03 -0.77
CA MET A 22 6.63 -5.04 -0.54
C MET A 22 5.97 -3.88 0.19
N LEU A 23 6.76 -3.07 0.86
CA LEU A 23 6.24 -1.96 1.64
C LEU A 23 6.69 -0.62 1.04
N LEU A 24 5.75 0.29 0.82
CA LEU A 24 6.05 1.63 0.31
C LEU A 24 5.50 2.64 1.29
N THR A 25 6.10 3.82 1.35
CA THR A 25 5.61 4.87 2.22
C THR A 25 4.84 5.87 1.37
N VAL A 26 3.75 6.41 1.90
CA VAL A 26 2.99 7.43 1.18
C VAL A 26 2.88 8.64 2.09
N TYR A 27 3.24 9.80 1.58
CA TYR A 27 3.16 11.05 2.33
C TYR A 27 2.14 11.94 1.65
N CYS A 28 1.04 12.23 2.35
CA CYS A 28 -0.03 13.05 1.78
C CYS A 28 0.01 14.45 2.38
N VAL A 29 0.25 15.44 1.52
CA VAL A 29 0.28 16.83 1.93
C VAL A 29 -1.06 17.49 1.59
N ARG A 30 -1.66 18.14 2.58
CA ARG A 30 -2.84 18.97 2.34
C ARG A 30 -2.38 20.41 2.51
N ARG A 31 -3.02 21.34 1.80
CA ARG A 31 -2.65 22.77 1.88
C ARG A 31 -2.61 23.30 3.32
N ASP A 32 -3.57 22.91 4.13
CA ASP A 32 -3.72 23.46 5.49
C ASP A 32 -2.85 22.76 6.56
N LEU A 33 -1.77 22.12 6.12
CA LEU A 33 -0.84 21.38 7.01
C LEU A 33 -1.57 20.26 7.75
N SER A 34 -2.63 19.80 7.12
CA SER A 34 -3.44 18.66 7.58
C SER A 34 -2.80 17.36 7.06
N GLU A 35 -1.51 17.44 6.84
CA GLU A 35 -0.73 16.40 6.17
C GLU A 35 -0.55 15.17 7.07
N VAL A 36 -0.33 14.02 6.43
CA VAL A 36 -0.24 12.75 7.14
C VAL A 36 0.66 11.84 6.31
N THR A 37 1.25 10.84 6.93
CA THR A 37 2.04 9.85 6.20
C THR A 37 1.72 8.49 6.79
N PHE A 38 1.79 7.47 5.95
CA PHE A 38 1.44 6.11 6.33
C PHE A 38 2.21 5.22 5.37
N SER A 39 2.13 3.92 5.54
CA SER A 39 2.80 2.98 4.64
C SER A 39 1.79 1.98 4.12
N LEU A 40 2.04 1.48 2.92
CA LEU A 40 1.13 0.53 2.27
C LEU A 40 1.87 -0.75 1.93
N GLN A 41 1.19 -1.86 2.14
CA GLN A 41 1.72 -3.18 1.83
C GLN A 41 1.03 -3.63 0.55
N VAL A 42 1.81 -3.76 -0.51
CA VAL A 42 1.27 -4.04 -1.85
C VAL A 42 2.13 -5.08 -2.55
N ASP A 43 1.61 -5.63 -3.63
CA ASP A 43 2.40 -6.56 -4.44
C ASP A 43 3.31 -5.75 -5.36
N ALA A 44 4.36 -6.37 -5.87
CA ALA A 44 5.26 -5.70 -6.80
C ALA A 44 4.50 -5.37 -8.10
N ASP A 45 3.62 -6.28 -8.50
CA ASP A 45 2.89 -6.12 -9.76
C ASP A 45 1.53 -5.43 -9.56
N PHE A 46 1.35 -4.83 -8.38
CA PHE A 46 0.12 -4.09 -8.08
C PHE A 46 0.02 -2.90 -9.05
N GLU A 47 -1.14 -2.69 -9.63
CA GLU A 47 -1.32 -1.60 -10.60
C GLU A 47 -1.21 -0.25 -9.93
N LEU A 48 -0.69 0.73 -10.65
CA LEU A 48 -0.70 2.12 -10.18
C LEU A 48 -2.15 2.57 -10.01
N HIS A 49 -3.02 2.13 -10.90
CA HIS A 49 -4.44 2.46 -10.82
C HIS A 49 -5.03 2.03 -9.49
N ASN A 50 -4.68 0.84 -9.04
CA ASN A 50 -5.20 0.32 -7.79
C ASN A 50 -4.47 0.96 -6.62
N PHE A 51 -3.19 1.26 -6.79
CA PHE A 51 -2.39 1.88 -5.74
C PHE A 51 -2.87 3.28 -5.39
N ARG A 52 -3.18 4.10 -6.39
CA ARG A 52 -3.65 5.46 -6.12
C ARG A 52 -5.00 5.41 -5.42
N ALA A 53 -5.77 4.35 -5.66
CA ALA A 53 -7.04 4.16 -4.96
C ALA A 53 -6.77 3.74 -3.51
N LEU A 54 -5.79 2.87 -3.33
CA LEU A 54 -5.47 2.34 -2.00
C LEU A 54 -4.99 3.45 -1.07
N CYS A 55 -4.18 4.37 -1.59
CA CYS A 55 -3.73 5.48 -0.76
C CYS A 55 -4.85 6.50 -0.52
N GLU A 56 -5.82 6.56 -1.43
CA GLU A 56 -6.96 7.47 -1.28
C GLU A 56 -7.81 7.01 -0.10
N LEU A 57 -7.91 5.70 0.08
CA LEU A 57 -8.66 5.12 1.19
C LEU A 57 -8.02 5.47 2.53
N GLU A 58 -6.71 5.31 2.63
CA GLU A 58 -6.00 5.59 3.89
C GLU A 58 -5.98 7.08 4.21
N SER A 59 -5.84 7.91 3.19
CA SER A 59 -5.76 9.35 3.38
C SER A 59 -7.16 9.96 3.61
N GLY A 60 -8.18 9.28 3.12
CA GLY A 60 -9.55 9.72 3.33
C GLY A 60 -9.96 10.84 2.39
N ILE A 61 -9.29 10.92 1.25
CA ILE A 61 -9.59 11.94 0.24
C ILE A 61 -9.66 11.29 -1.13
N PRO A 62 -10.51 11.83 -2.04
CA PRO A 62 -10.45 11.24 -3.37
C PRO A 62 -9.13 11.53 -4.07
N ALA A 63 -8.55 10.52 -4.69
CA ALA A 63 -7.32 10.69 -5.46
C ALA A 63 -7.58 11.63 -6.64
N ALA A 64 -8.84 11.68 -7.06
CA ALA A 64 -9.26 12.54 -8.18
C ALA A 64 -9.13 14.03 -7.84
N GLU A 65 -9.11 14.36 -6.55
CA GLU A 65 -9.02 15.75 -6.10
C GLU A 65 -7.58 16.07 -5.68
N SER A 66 -6.66 15.18 -6.05
CA SER A 66 -5.28 15.28 -5.60
C SER A 66 -4.35 14.91 -6.75
N GLN A 67 -3.06 15.19 -6.58
CA GLN A 67 -2.06 14.80 -7.57
C GLN A 67 -1.05 13.92 -6.87
N ILE A 68 -0.66 12.83 -7.52
CA ILE A 68 0.26 11.87 -6.93
C ILE A 68 1.56 11.85 -7.75
N VAL A 69 2.68 11.90 -7.04
CA VAL A 69 4.00 11.97 -7.66
C VAL A 69 4.96 10.98 -6.97
N TYR A 70 5.95 10.52 -7.69
CA TYR A 70 6.98 9.62 -7.17
C TYR A 70 8.27 10.11 -7.78
N ALA A 71 9.32 10.20 -6.96
CA ALA A 71 10.60 10.80 -7.37
C ALA A 71 10.36 12.19 -7.98
N GLU A 72 9.45 12.94 -7.36
CA GLU A 72 9.03 14.29 -7.77
C GLU A 72 8.46 14.39 -9.20
N ARG A 73 8.13 13.25 -9.80
CA ARG A 73 7.58 13.21 -11.16
C ARG A 73 6.14 12.72 -11.09
N PRO A 74 5.25 13.27 -11.94
CA PRO A 74 3.88 12.76 -11.84
C PRO A 74 3.73 11.33 -12.30
N LEU A 75 2.83 10.63 -11.64
CA LEU A 75 2.52 9.24 -11.97
C LEU A 75 1.31 9.28 -12.89
N THR A 76 1.50 8.91 -14.16
CA THR A 76 0.45 9.05 -15.17
C THR A 76 0.05 7.76 -15.88
N ASP A 77 1.00 6.85 -16.06
CA ASP A 77 0.72 5.61 -16.79
C ASP A 77 0.13 4.59 -15.83
N ASN A 78 -1.15 4.77 -15.53
CA ASN A 78 -1.85 4.01 -14.49
C ASN A 78 -1.91 2.50 -14.70
N HIS A 79 -1.77 2.07 -15.95
CA HIS A 79 -1.82 0.65 -16.28
C HIS A 79 -0.52 -0.08 -15.98
N ARG A 80 0.51 0.65 -15.55
CA ARG A 80 1.78 0.03 -15.22
C ARG A 80 1.76 -0.39 -13.77
N SER A 81 2.51 -1.43 -13.44
CA SER A 81 2.64 -1.86 -12.07
C SER A 81 3.71 -1.03 -11.37
N LEU A 82 3.75 -1.11 -10.04
CA LEU A 82 4.71 -0.34 -9.25
C LEU A 82 6.15 -0.80 -9.52
N ALA A 83 6.31 -2.09 -9.81
CA ALA A 83 7.60 -2.65 -10.20
C ALA A 83 8.10 -1.99 -11.49
N SER A 84 7.19 -1.58 -12.35
CA SER A 84 7.55 -0.92 -13.61
C SER A 84 8.09 0.49 -13.37
N TYR A 85 7.85 1.03 -12.18
CA TYR A 85 8.39 2.34 -11.81
C TYR A 85 9.64 2.15 -10.95
N GLY A 86 9.97 0.90 -10.66
CA GLY A 86 11.09 0.59 -9.81
C GLY A 86 10.80 0.94 -8.37
N LEU A 87 9.52 0.89 -7.98
CA LEU A 87 9.14 1.24 -6.61
C LEU A 87 9.51 0.12 -5.65
N LYS A 88 10.77 0.10 -5.28
CA LYS A 88 11.34 -0.90 -4.37
C LYS A 88 10.90 -0.70 -2.93
N ASP A 89 11.06 -1.73 -2.12
CA ASP A 89 10.70 -1.65 -0.71
C ASP A 89 11.38 -0.45 -0.05
N GLY A 90 10.61 0.31 0.70
CA GLY A 90 11.14 1.45 1.42
C GLY A 90 11.10 2.73 0.61
N ASP A 91 10.66 2.68 -0.64
CA ASP A 91 10.55 3.92 -1.41
C ASP A 91 9.30 4.70 -0.99
N VAL A 92 9.21 5.94 -1.43
CA VAL A 92 8.15 6.83 -0.97
C VAL A 92 7.43 7.55 -2.12
N VAL A 93 6.11 7.60 -2.00
CA VAL A 93 5.24 8.24 -2.98
C VAL A 93 4.62 9.44 -2.27
N ILE A 94 4.44 10.54 -2.98
CA ILE A 94 3.94 11.77 -2.40
C ILE A 94 2.59 12.12 -3.05
N LEU A 95 1.60 12.39 -2.21
CA LEU A 95 0.25 12.73 -2.65
C LEU A 95 -0.01 14.17 -2.22
N ARG A 96 -0.59 14.99 -3.08
CA ARG A 96 -0.77 16.42 -2.80
C ARG A 96 -2.18 16.92 -3.10
N GLN A 97 -2.96 17.17 -2.04
CA GLN A 97 -4.29 17.79 -2.16
C GLN A 97 -4.19 19.31 -2.00
N MET A 1 -19.08 -28.18 45.87
CA MET A 1 -19.75 -29.03 44.85
C MET A 1 -20.32 -28.24 43.69
N GLY A 2 -20.51 -26.95 43.98
CA GLY A 2 -21.07 -25.99 43.03
C GLY A 2 -20.18 -25.79 41.80
N HIS A 3 -18.88 -25.86 41.99
CA HIS A 3 -17.93 -25.75 40.88
C HIS A 3 -17.81 -27.13 40.22
N HIS A 4 -18.72 -27.40 39.30
CA HIS A 4 -18.75 -28.69 38.62
C HIS A 4 -17.57 -28.86 37.66
N HIS A 5 -17.32 -27.84 36.84
CA HIS A 5 -16.23 -27.88 35.86
C HIS A 5 -15.70 -26.46 35.69
N HIS A 6 -14.55 -26.34 35.03
CA HIS A 6 -13.94 -25.05 34.71
C HIS A 6 -13.99 -24.94 33.19
N HIS A 7 -13.92 -23.72 32.65
CA HIS A 7 -14.02 -23.50 31.21
C HIS A 7 -12.91 -22.57 30.74
N HIS A 8 -12.80 -22.42 29.42
CA HIS A 8 -11.76 -21.60 28.78
C HIS A 8 -10.35 -22.17 29.06
N HIS A 9 -9.32 -21.42 28.69
CA HIS A 9 -7.92 -21.84 28.83
C HIS A 9 -7.65 -23.14 28.05
N HIS A 10 -8.24 -23.23 26.87
CA HIS A 10 -8.05 -24.39 26.00
C HIS A 10 -6.85 -24.17 25.09
N HIS A 11 -6.35 -25.23 24.49
CA HIS A 11 -5.27 -25.14 23.52
C HIS A 11 -5.85 -24.70 22.18
N HIS A 12 -5.10 -23.94 21.40
CA HIS A 12 -5.54 -23.48 20.09
C HIS A 12 -4.38 -23.58 19.12
N SER A 13 -4.68 -23.68 17.83
CA SER A 13 -3.66 -23.76 16.79
C SER A 13 -3.37 -22.35 16.26
N SER A 14 -2.24 -22.19 15.59
CA SER A 14 -1.87 -20.91 14.97
C SER A 14 -1.00 -21.24 13.77
N GLY A 15 -0.83 -20.27 12.87
CA GLY A 15 -0.01 -20.45 11.70
C GLY A 15 -0.12 -19.22 10.84
N HIS A 16 0.87 -18.97 10.00
CA HIS A 16 0.90 -17.80 9.12
C HIS A 16 1.34 -18.29 7.75
N ILE A 17 1.28 -17.43 6.74
CA ILE A 17 1.78 -17.73 5.41
C ILE A 17 2.26 -16.41 4.81
N GLU A 18 3.37 -16.46 4.09
CA GLU A 18 3.98 -15.28 3.51
C GLU A 18 4.25 -15.50 2.03
N GLY A 19 4.63 -14.44 1.34
CA GLY A 19 4.98 -14.51 -0.07
C GLY A 19 5.81 -13.28 -0.35
N ARG A 20 6.24 -13.09 -1.58
CA ARG A 20 7.02 -11.88 -1.90
C ARG A 20 6.04 -10.72 -1.89
N HIS A 21 6.42 -9.64 -1.23
CA HIS A 21 5.53 -8.49 -1.03
C HIS A 21 6.45 -7.30 -0.79
N MET A 22 5.95 -6.08 -0.88
CA MET A 22 6.77 -4.89 -0.63
C MET A 22 5.98 -3.79 0.05
N LEU A 23 6.65 -3.05 0.93
CA LEU A 23 6.03 -1.98 1.70
C LEU A 23 6.54 -0.65 1.17
N LEU A 24 5.62 0.28 0.93
CA LEU A 24 5.97 1.60 0.38
C LEU A 24 5.45 2.66 1.32
N THR A 25 6.07 3.83 1.32
CA THR A 25 5.61 4.92 2.18
C THR A 25 4.85 5.94 1.33
N VAL A 26 3.76 6.48 1.85
CA VAL A 26 3.01 7.52 1.15
C VAL A 26 2.89 8.71 2.09
N TYR A 27 3.36 9.86 1.63
CA TYR A 27 3.25 11.09 2.39
C TYR A 27 2.19 11.96 1.73
N CYS A 28 1.12 12.23 2.46
CA CYS A 28 0.02 13.03 1.93
C CYS A 28 0.19 14.46 2.42
N VAL A 29 0.23 15.39 1.48
CA VAL A 29 0.42 16.80 1.76
C VAL A 29 -0.84 17.56 1.41
N ARG A 30 -1.34 18.35 2.35
CA ARG A 30 -2.52 19.17 2.12
C ARG A 30 -2.16 20.62 2.42
N ARG A 31 -2.72 21.52 1.64
CA ARG A 31 -2.53 22.96 1.82
C ARG A 31 -3.14 23.46 3.13
N ASP A 32 -3.89 22.60 3.78
CA ASP A 32 -4.64 22.93 4.99
C ASP A 32 -3.88 22.54 6.26
N LEU A 33 -2.58 22.30 6.11
CA LEU A 33 -1.69 21.86 7.20
C LEU A 33 -2.21 20.57 7.85
N SER A 34 -2.79 19.74 6.99
CA SER A 34 -3.44 18.49 7.36
C SER A 34 -2.59 17.28 6.97
N GLU A 35 -1.28 17.46 6.88
CA GLU A 35 -0.42 16.44 6.29
C GLU A 35 -0.26 15.22 7.20
N VAL A 36 -0.10 14.05 6.59
CA VAL A 36 0.00 12.79 7.31
C VAL A 36 0.84 11.85 6.45
N THR A 37 1.55 10.92 7.06
CA THR A 37 2.35 9.95 6.32
C THR A 37 1.99 8.58 6.87
N PHE A 38 1.98 7.59 5.99
CA PHE A 38 1.59 6.23 6.34
C PHE A 38 2.28 5.29 5.37
N SER A 39 2.21 3.99 5.61
CA SER A 39 2.83 3.01 4.74
C SER A 39 1.76 2.09 4.18
N LEU A 40 1.95 1.63 2.96
CA LEU A 40 1.01 0.73 2.30
C LEU A 40 1.69 -0.56 1.91
N GLN A 41 0.95 -1.64 2.03
CA GLN A 41 1.45 -2.98 1.73
C GLN A 41 0.90 -3.40 0.37
N VAL A 42 1.79 -3.59 -0.59
CA VAL A 42 1.39 -3.93 -1.95
C VAL A 42 2.19 -5.11 -2.50
N ASP A 43 1.74 -5.65 -3.62
CA ASP A 43 2.49 -6.68 -4.34
C ASP A 43 3.38 -5.96 -5.34
N ALA A 44 4.39 -6.66 -5.86
CA ALA A 44 5.28 -6.09 -6.86
C ALA A 44 4.51 -5.66 -8.13
N ASP A 45 3.58 -6.49 -8.57
CA ASP A 45 2.87 -6.22 -9.82
C ASP A 45 1.55 -5.47 -9.59
N PHE A 46 1.39 -4.92 -8.41
CA PHE A 46 0.20 -4.13 -8.08
C PHE A 46 0.17 -2.90 -8.98
N GLU A 47 -0.97 -2.69 -9.62
CA GLU A 47 -1.10 -1.59 -10.58
C GLU A 47 -1.13 -0.24 -9.90
N LEU A 48 -0.62 0.77 -10.59
CA LEU A 48 -0.70 2.16 -10.12
C LEU A 48 -2.18 2.57 -10.05
N HIS A 49 -2.98 1.98 -10.93
CA HIS A 49 -4.43 2.22 -10.93
C HIS A 49 -5.05 1.82 -9.59
N ASN A 50 -4.61 0.68 -9.07
CA ASN A 50 -5.13 0.19 -7.80
C ASN A 50 -4.48 0.95 -6.66
N PHE A 51 -3.23 1.34 -6.84
CA PHE A 51 -2.48 2.06 -5.82
C PHE A 51 -3.08 3.41 -5.50
N ARG A 52 -3.54 4.14 -6.51
CA ARG A 52 -4.15 5.44 -6.25
C ARG A 52 -5.46 5.29 -5.46
N ALA A 53 -6.17 4.19 -5.66
CA ALA A 53 -7.38 3.92 -4.90
C ALA A 53 -7.01 3.50 -3.47
N LEU A 54 -5.94 2.74 -3.34
CA LEU A 54 -5.49 2.28 -2.03
C LEU A 54 -5.04 3.45 -1.15
N CYS A 55 -4.31 4.39 -1.71
CA CYS A 55 -3.87 5.55 -0.93
C CYS A 55 -5.03 6.52 -0.70
N GLU A 56 -6.02 6.52 -1.58
CA GLU A 56 -7.22 7.35 -1.40
C GLU A 56 -7.97 6.84 -0.17
N LEU A 57 -8.11 5.53 -0.07
CA LEU A 57 -8.80 4.90 1.06
C LEU A 57 -8.09 5.17 2.38
N GLU A 58 -6.77 5.00 2.40
CA GLU A 58 -6.00 5.17 3.64
C GLU A 58 -5.90 6.63 4.07
N SER A 59 -5.79 7.54 3.10
CA SER A 59 -5.64 8.96 3.39
C SER A 59 -6.98 9.64 3.66
N GLY A 60 -8.06 9.07 3.12
CA GLY A 60 -9.38 9.62 3.34
C GLY A 60 -9.69 10.80 2.43
N ILE A 61 -8.87 11.00 1.41
CA ILE A 61 -9.05 12.11 0.47
C ILE A 61 -9.03 11.59 -0.97
N PRO A 62 -9.91 12.13 -1.85
CA PRO A 62 -9.93 11.57 -3.21
C PRO A 62 -8.64 11.76 -4.01
N ALA A 63 -8.22 10.69 -4.68
CA ALA A 63 -7.10 10.73 -5.61
C ALA A 63 -7.43 11.65 -6.79
N ALA A 64 -8.72 11.77 -7.09
CA ALA A 64 -9.18 12.60 -8.19
C ALA A 64 -9.01 14.10 -7.92
N GLU A 65 -9.06 14.47 -6.64
CA GLU A 65 -8.97 15.88 -6.23
C GLU A 65 -7.53 16.22 -5.85
N SER A 66 -6.61 15.37 -6.24
CA SER A 66 -5.23 15.52 -5.84
C SER A 66 -4.30 15.01 -6.94
N GLN A 67 -3.00 15.08 -6.70
CA GLN A 67 -1.99 14.61 -7.64
C GLN A 67 -1.05 13.69 -6.89
N ILE A 68 -0.53 12.69 -7.57
CA ILE A 68 0.35 11.71 -6.94
C ILE A 68 1.68 11.66 -7.70
N VAL A 69 2.77 11.80 -6.96
CA VAL A 69 4.11 12.01 -7.51
C VAL A 69 5.13 11.07 -6.88
N TYR A 70 5.95 10.45 -7.70
CA TYR A 70 7.04 9.58 -7.22
C TYR A 70 8.31 10.01 -7.94
N ALA A 71 9.41 10.11 -7.19
CA ALA A 71 10.70 10.54 -7.74
C ALA A 71 10.55 11.84 -8.55
N GLU A 72 9.80 12.79 -7.99
CA GLU A 72 9.53 14.10 -8.60
C GLU A 72 8.74 14.08 -9.92
N ARG A 73 8.24 12.93 -10.34
CA ARG A 73 7.46 12.81 -11.58
C ARG A 73 6.04 12.32 -11.27
N PRO A 74 5.01 12.88 -11.93
CA PRO A 74 3.69 12.36 -11.62
C PRO A 74 3.49 10.96 -12.19
N LEU A 75 2.67 10.17 -11.51
CA LEU A 75 2.39 8.81 -11.95
C LEU A 75 1.10 8.80 -12.77
N THR A 76 1.26 8.81 -14.09
CA THR A 76 0.11 8.90 -15.00
C THR A 76 -0.25 7.59 -15.68
N ASP A 77 0.69 6.64 -15.72
CA ASP A 77 0.48 5.39 -16.42
C ASP A 77 -0.18 4.39 -15.48
N ASN A 78 -1.49 4.49 -15.37
CA ASN A 78 -2.25 3.66 -14.43
C ASN A 78 -2.01 2.16 -14.56
N HIS A 79 -1.85 1.66 -15.78
CA HIS A 79 -1.70 0.21 -15.98
C HIS A 79 -0.27 -0.29 -15.77
N ARG A 80 0.67 0.59 -15.44
CA ARG A 80 2.01 0.10 -15.08
C ARG A 80 1.89 -0.40 -13.66
N SER A 81 2.62 -1.45 -13.34
CA SER A 81 2.71 -1.89 -11.97
C SER A 81 3.70 -0.99 -11.26
N LEU A 82 3.68 -1.01 -9.95
CA LEU A 82 4.58 -0.16 -9.17
C LEU A 82 6.03 -0.60 -9.40
N ALA A 83 6.25 -1.89 -9.59
CA ALA A 83 7.59 -2.40 -9.91
C ALA A 83 8.07 -1.86 -11.26
N SER A 84 7.15 -1.59 -12.17
CA SER A 84 7.50 -1.02 -13.48
C SER A 84 7.93 0.45 -13.33
N TYR A 85 7.62 1.05 -12.19
CA TYR A 85 8.06 2.42 -11.91
C TYR A 85 9.32 2.38 -11.04
N GLY A 86 9.70 1.19 -10.62
CA GLY A 86 10.87 1.03 -9.78
C GLY A 86 10.59 1.23 -8.29
N LEU A 87 9.33 1.09 -7.88
CA LEU A 87 8.98 1.24 -6.47
C LEU A 87 9.48 0.04 -5.67
N LYS A 88 10.74 0.12 -5.28
CA LYS A 88 11.36 -0.87 -4.40
C LYS A 88 10.79 -0.69 -3.00
N ASP A 89 10.87 -1.73 -2.20
CA ASP A 89 10.44 -1.64 -0.80
C ASP A 89 11.21 -0.53 -0.12
N GLY A 90 10.50 0.32 0.60
CA GLY A 90 11.10 1.46 1.27
C GLY A 90 11.00 2.76 0.51
N ASP A 91 10.63 2.70 -0.77
CA ASP A 91 10.47 3.94 -1.55
C ASP A 91 9.27 4.72 -1.04
N VAL A 92 9.26 6.02 -1.31
CA VAL A 92 8.20 6.91 -0.83
C VAL A 92 7.56 7.70 -1.98
N VAL A 93 6.24 7.77 -1.93
CA VAL A 93 5.43 8.47 -2.91
C VAL A 93 4.82 9.69 -2.22
N ILE A 94 4.76 10.82 -2.91
CA ILE A 94 4.21 12.04 -2.33
C ILE A 94 2.86 12.32 -3.00
N LEU A 95 1.82 12.39 -2.18
CA LEU A 95 0.47 12.68 -2.64
C LEU A 95 0.21 14.13 -2.25
N ARG A 96 -0.30 14.96 -3.16
CA ARG A 96 -0.54 16.37 -2.86
C ARG A 96 -1.94 16.82 -3.24
N GLN A 97 -2.68 17.32 -2.24
CA GLN A 97 -4.03 17.87 -2.42
C GLN A 97 -4.06 19.38 -2.13
N MET A 1 -30.50 -33.52 43.67
CA MET A 1 -29.20 -33.57 42.95
C MET A 1 -29.18 -32.71 41.70
N GLY A 2 -28.04 -32.06 41.46
CA GLY A 2 -27.89 -31.15 40.34
C GLY A 2 -26.57 -30.42 40.44
N HIS A 3 -26.47 -29.29 39.75
CA HIS A 3 -25.27 -28.45 39.75
C HIS A 3 -24.05 -29.25 39.26
N HIS A 4 -22.86 -28.92 39.78
CA HIS A 4 -21.56 -29.54 39.41
C HIS A 4 -21.10 -29.29 37.95
N HIS A 5 -22.02 -28.87 37.10
CA HIS A 5 -21.70 -28.53 35.72
C HIS A 5 -20.86 -27.25 35.66
N HIS A 6 -19.86 -27.23 34.80
CA HIS A 6 -19.03 -26.05 34.59
C HIS A 6 -18.83 -25.94 33.08
N HIS A 7 -18.51 -24.75 32.60
CA HIS A 7 -18.36 -24.52 31.16
C HIS A 7 -17.41 -23.35 30.97
N HIS A 8 -16.88 -23.18 29.77
CA HIS A 8 -15.99 -22.08 29.44
C HIS A 8 -16.16 -21.82 27.95
N HIS A 9 -15.51 -20.79 27.42
CA HIS A 9 -15.54 -20.49 26.00
C HIS A 9 -14.12 -20.61 25.45
N HIS A 10 -14.00 -21.09 24.22
CA HIS A 10 -12.73 -21.20 23.54
C HIS A 10 -13.05 -21.02 22.06
N HIS A 11 -12.03 -20.87 21.24
CA HIS A 11 -12.19 -20.71 19.80
C HIS A 11 -10.92 -21.22 19.15
N HIS A 12 -10.87 -21.22 17.83
CA HIS A 12 -9.68 -21.60 17.09
C HIS A 12 -9.40 -20.43 16.16
N SER A 13 -8.14 -20.24 15.80
CA SER A 13 -7.75 -19.17 14.89
C SER A 13 -6.63 -19.70 14.00
N SER A 14 -6.51 -19.18 12.80
CA SER A 14 -5.53 -19.65 11.83
C SER A 14 -5.28 -18.52 10.84
N GLY A 15 -4.25 -18.66 10.02
CA GLY A 15 -3.94 -17.67 9.00
C GLY A 15 -2.99 -18.29 8.01
N HIS A 16 -2.44 -17.50 7.11
CA HIS A 16 -1.52 -17.99 6.08
C HIS A 16 -0.25 -17.17 6.15
N ILE A 17 0.81 -17.64 5.51
CA ILE A 17 2.06 -16.90 5.43
C ILE A 17 2.15 -16.41 4.00
N GLU A 18 2.04 -15.11 3.81
CA GLU A 18 2.03 -14.51 2.48
C GLU A 18 3.42 -13.95 2.15
N GLY A 19 3.66 -13.66 0.87
CA GLY A 19 4.95 -13.15 0.46
C GLY A 19 4.84 -12.42 -0.87
N ARG A 20 5.98 -12.07 -1.46
CA ARG A 20 6.06 -11.35 -2.76
C ARG A 20 5.43 -9.94 -2.71
N HIS A 21 5.12 -9.47 -1.51
CA HIS A 21 4.57 -8.15 -1.33
C HIS A 21 5.71 -7.30 -0.85
N MET A 22 5.53 -6.00 -0.94
CA MET A 22 6.53 -5.04 -0.51
C MET A 22 5.83 -3.90 0.21
N LEU A 23 6.57 -3.13 0.98
CA LEU A 23 6.03 -2.02 1.75
C LEU A 23 6.53 -0.70 1.18
N LEU A 24 5.63 0.25 0.98
CA LEU A 24 6.00 1.58 0.48
C LEU A 24 5.47 2.63 1.43
N THR A 25 6.14 3.75 1.53
CA THR A 25 5.68 4.85 2.37
C THR A 25 4.93 5.82 1.48
N VAL A 26 3.83 6.38 1.97
CA VAL A 26 3.06 7.34 1.22
C VAL A 26 2.91 8.60 2.07
N TYR A 27 3.32 9.72 1.51
CA TYR A 27 3.22 11.00 2.20
C TYR A 27 2.20 11.87 1.46
N CYS A 28 1.08 12.13 2.10
CA CYS A 28 0.00 12.92 1.50
C CYS A 28 0.09 14.36 1.98
N VAL A 29 0.05 15.30 1.05
CA VAL A 29 0.13 16.72 1.36
C VAL A 29 -1.13 17.41 0.91
N ARG A 30 -1.70 18.25 1.77
CA ARG A 30 -2.82 19.11 1.40
C ARG A 30 -2.33 20.53 1.57
N ARG A 31 -2.84 21.46 0.76
CA ARG A 31 -2.42 22.86 0.85
C ARG A 31 -2.72 23.45 2.22
N ASP A 32 -3.79 22.98 2.83
CA ASP A 32 -4.24 23.48 4.13
C ASP A 32 -3.51 22.83 5.32
N LEU A 33 -2.27 22.39 5.07
CA LEU A 33 -1.39 21.78 6.08
C LEU A 33 -2.00 20.55 6.77
N SER A 34 -2.90 19.90 6.07
CA SER A 34 -3.58 18.68 6.55
C SER A 34 -2.78 17.43 6.22
N GLU A 35 -1.48 17.60 6.09
CA GLU A 35 -0.60 16.54 5.57
C GLU A 35 -0.39 15.41 6.59
N VAL A 36 -0.17 14.21 6.07
CA VAL A 36 -0.08 12.99 6.88
C VAL A 36 0.82 12.01 6.12
N THR A 37 1.42 11.06 6.81
CA THR A 37 2.24 10.04 6.17
C THR A 37 1.93 8.69 6.80
N PHE A 38 2.01 7.64 6.01
CA PHE A 38 1.68 6.28 6.45
C PHE A 38 2.38 5.33 5.48
N SER A 39 2.21 4.02 5.65
CA SER A 39 2.81 3.04 4.75
C SER A 39 1.76 2.05 4.30
N LEU A 40 1.95 1.50 3.10
CA LEU A 40 1.01 0.54 2.52
C LEU A 40 1.75 -0.70 2.06
N GLN A 41 1.08 -1.84 2.14
CA GLN A 41 1.63 -3.10 1.66
C GLN A 41 0.97 -3.39 0.33
N VAL A 42 1.76 -3.65 -0.70
CA VAL A 42 1.27 -3.83 -2.06
C VAL A 42 2.01 -4.98 -2.74
N ASP A 43 1.49 -5.43 -3.87
CA ASP A 43 2.19 -6.41 -4.69
C ASP A 43 3.20 -5.66 -5.56
N ALA A 44 4.17 -6.38 -6.12
CA ALA A 44 5.14 -5.77 -7.01
C ALA A 44 4.45 -5.17 -8.24
N ASP A 45 3.51 -5.89 -8.82
CA ASP A 45 2.88 -5.45 -10.07
C ASP A 45 1.56 -4.72 -9.83
N PHE A 46 1.36 -4.24 -8.62
CA PHE A 46 0.18 -3.47 -8.25
C PHE A 46 0.11 -2.20 -9.13
N GLU A 47 -1.02 -1.98 -9.78
CA GLU A 47 -1.17 -0.84 -10.69
C GLU A 47 -1.16 0.47 -9.94
N LEU A 48 -0.72 1.53 -10.60
CA LEU A 48 -0.78 2.87 -10.01
C LEU A 48 -2.22 3.34 -9.85
N HIS A 49 -3.10 2.85 -10.71
CA HIS A 49 -4.53 3.14 -10.62
C HIS A 49 -5.09 2.54 -9.34
N ASN A 50 -4.72 1.31 -9.07
CA ASN A 50 -5.16 0.62 -7.87
C ASN A 50 -4.49 1.26 -6.63
N PHE A 51 -3.22 1.60 -6.77
CA PHE A 51 -2.45 2.18 -5.68
C PHE A 51 -3.02 3.51 -5.18
N ARG A 52 -3.41 4.39 -6.10
CA ARG A 52 -3.97 5.68 -5.67
C ARG A 52 -5.34 5.50 -5.03
N ALA A 53 -6.08 4.46 -5.40
CA ALA A 53 -7.35 4.17 -4.75
C ALA A 53 -7.11 3.60 -3.35
N LEU A 54 -6.09 2.76 -3.22
CA LEU A 54 -5.71 2.19 -1.92
C LEU A 54 -5.26 3.32 -0.99
N CYS A 55 -4.53 4.26 -1.54
CA CYS A 55 -4.08 5.44 -0.81
C CYS A 55 -5.26 6.31 -0.38
N GLU A 56 -6.23 6.49 -1.27
CA GLU A 56 -7.42 7.28 -0.99
C GLU A 56 -8.21 6.66 0.18
N LEU A 57 -8.31 5.34 0.20
CA LEU A 57 -9.00 4.64 1.28
C LEU A 57 -8.28 4.85 2.62
N GLU A 58 -6.97 4.68 2.62
CA GLU A 58 -6.19 4.79 3.86
C GLU A 58 -6.12 6.23 4.37
N SER A 59 -5.94 7.17 3.45
CA SER A 59 -5.77 8.58 3.81
C SER A 59 -7.10 9.30 4.04
N GLY A 60 -8.19 8.76 3.51
CA GLY A 60 -9.49 9.38 3.69
C GLY A 60 -9.67 10.64 2.87
N ILE A 61 -8.99 10.71 1.73
CA ILE A 61 -9.05 11.89 0.86
C ILE A 61 -9.44 11.49 -0.57
N PRO A 62 -10.28 12.29 -1.25
CA PRO A 62 -10.60 11.91 -2.62
C PRO A 62 -9.39 11.91 -3.57
N ALA A 63 -9.18 10.78 -4.24
CA ALA A 63 -8.11 10.67 -5.23
C ALA A 63 -8.37 11.60 -6.41
N ALA A 64 -9.64 11.89 -6.64
CA ALA A 64 -10.06 12.75 -7.75
C ALA A 64 -9.55 14.20 -7.59
N GLU A 65 -9.30 14.61 -6.37
CA GLU A 65 -8.85 15.96 -6.07
C GLU A 65 -7.33 15.98 -5.87
N SER A 66 -6.66 14.95 -6.37
CA SER A 66 -5.24 14.76 -6.09
C SER A 66 -4.37 14.37 -7.28
N GLN A 67 -3.07 14.57 -7.11
CA GLN A 67 -2.06 14.11 -8.05
C GLN A 67 -1.04 13.32 -7.26
N ILE A 68 -0.35 12.40 -7.93
CA ILE A 68 0.57 11.50 -7.24
C ILE A 68 1.95 11.53 -7.95
N VAL A 69 3.00 11.65 -7.15
CA VAL A 69 4.36 11.91 -7.64
C VAL A 69 5.38 10.98 -6.98
N TYR A 70 6.33 10.48 -7.77
CA TYR A 70 7.42 9.65 -7.25
C TYR A 70 8.71 10.13 -7.88
N ALA A 71 9.77 10.24 -7.07
CA ALA A 71 11.07 10.73 -7.54
C ALA A 71 10.94 12.04 -8.34
N GLU A 72 10.12 12.95 -7.81
CA GLU A 72 9.83 14.27 -8.41
C GLU A 72 9.17 14.23 -9.81
N ARG A 73 8.68 13.08 -10.24
CA ARG A 73 7.96 12.98 -11.51
C ARG A 73 6.54 12.47 -11.27
N PRO A 74 5.53 13.08 -11.89
CA PRO A 74 4.19 12.55 -11.64
C PRO A 74 3.99 11.19 -12.29
N LEU A 75 3.22 10.34 -11.62
CA LEU A 75 2.96 9.00 -12.13
C LEU A 75 1.70 9.06 -13.01
N THR A 76 1.86 9.63 -14.20
CA THR A 76 0.75 9.88 -15.10
C THR A 76 0.16 8.59 -15.66
N ASP A 77 1.01 7.61 -15.91
CA ASP A 77 0.56 6.38 -16.55
C ASP A 77 0.03 5.47 -15.45
N ASN A 78 -1.26 5.57 -15.20
CA ASN A 78 -1.92 4.84 -14.12
C ASN A 78 -1.94 3.33 -14.33
N HIS A 79 -1.85 2.91 -15.59
CA HIS A 79 -1.91 1.49 -15.93
C HIS A 79 -0.57 0.79 -15.74
N ARG A 80 0.47 1.55 -15.39
CA ARG A 80 1.77 0.95 -15.13
C ARG A 80 1.83 0.59 -13.66
N SER A 81 2.56 -0.48 -13.36
CA SER A 81 2.67 -0.94 -11.99
C SER A 81 3.78 -0.24 -11.22
N LEU A 82 3.80 -0.43 -9.91
CA LEU A 82 4.81 0.17 -9.05
C LEU A 82 6.21 -0.36 -9.39
N ALA A 83 6.33 -1.65 -9.66
CA ALA A 83 7.61 -2.24 -10.06
C ALA A 83 8.08 -1.66 -11.39
N SER A 84 7.14 -1.27 -12.24
CA SER A 84 7.49 -0.66 -13.53
C SER A 84 8.11 0.73 -13.35
N TYR A 85 7.91 1.33 -12.19
CA TYR A 85 8.53 2.63 -11.88
C TYR A 85 9.74 2.43 -10.97
N GLY A 86 9.98 1.19 -10.55
CA GLY A 86 11.09 0.90 -9.66
C GLY A 86 10.81 1.17 -8.20
N LEU A 87 9.55 1.15 -7.78
CA LEU A 87 9.24 1.38 -6.37
C LEU A 87 9.66 0.19 -5.51
N LYS A 88 10.92 0.19 -5.11
CA LYS A 88 11.48 -0.83 -4.22
C LYS A 88 10.88 -0.74 -2.82
N ASP A 89 10.92 -1.85 -2.10
CA ASP A 89 10.51 -1.87 -0.70
C ASP A 89 11.26 -0.80 0.08
N GLY A 90 10.52 0.01 0.83
CA GLY A 90 11.10 1.05 1.63
C GLY A 90 11.18 2.40 0.92
N ASP A 91 10.73 2.47 -0.33
CA ASP A 91 10.72 3.75 -1.03
C ASP A 91 9.46 4.55 -0.66
N VAL A 92 9.37 5.78 -1.15
CA VAL A 92 8.28 6.68 -0.75
C VAL A 92 7.63 7.40 -1.94
N VAL A 93 6.30 7.51 -1.88
CA VAL A 93 5.51 8.18 -2.90
C VAL A 93 4.89 9.42 -2.27
N ILE A 94 4.88 10.53 -2.99
CA ILE A 94 4.34 11.78 -2.47
C ILE A 94 3.04 12.09 -3.21
N LEU A 95 1.97 12.26 -2.47
CA LEU A 95 0.67 12.57 -3.03
C LEU A 95 0.32 14.02 -2.67
N ARG A 96 -0.22 14.78 -3.61
CA ARG A 96 -0.59 16.18 -3.37
C ARG A 96 -2.04 16.43 -3.75
N GLN A 97 -2.86 16.68 -2.73
CA GLN A 97 -4.30 16.88 -2.84
C GLN A 97 -4.66 18.38 -2.76
N MET A 1 -17.08 -68.00 -0.51
CA MET A 1 -17.96 -67.33 -1.50
C MET A 1 -18.04 -65.83 -1.28
N GLY A 2 -17.05 -65.35 -0.53
CA GLY A 2 -16.88 -63.93 -0.25
C GLY A 2 -15.41 -63.61 -0.13
N HIS A 3 -15.01 -62.42 -0.57
CA HIS A 3 -13.60 -62.04 -0.59
C HIS A 3 -13.08 -61.59 0.76
N HIS A 4 -13.97 -61.03 1.60
CA HIS A 4 -13.62 -60.55 2.94
C HIS A 4 -12.40 -59.61 2.95
N HIS A 5 -12.32 -58.77 1.92
CA HIS A 5 -11.18 -57.85 1.77
C HIS A 5 -11.57 -56.46 2.24
N HIS A 6 -10.64 -55.78 2.89
CA HIS A 6 -10.89 -54.44 3.44
C HIS A 6 -10.02 -53.42 2.72
N HIS A 7 -10.41 -52.16 2.80
CA HIS A 7 -9.70 -51.09 2.10
C HIS A 7 -9.63 -49.90 3.03
N HIS A 8 -8.79 -48.93 2.70
CA HIS A 8 -8.63 -47.72 3.52
C HIS A 8 -8.52 -46.53 2.58
N HIS A 9 -8.90 -45.35 3.06
CA HIS A 9 -8.88 -44.14 2.25
C HIS A 9 -8.02 -43.11 2.94
N HIS A 10 -7.51 -42.15 2.18
CA HIS A 10 -6.58 -41.16 2.71
C HIS A 10 -6.92 -39.80 2.13
N HIS A 11 -6.37 -38.75 2.71
CA HIS A 11 -6.62 -37.39 2.25
C HIS A 11 -5.47 -36.92 1.37
N HIS A 12 -5.73 -35.95 0.51
CA HIS A 12 -4.70 -35.40 -0.36
C HIS A 12 -3.75 -34.52 0.43
N SER A 13 -2.51 -34.40 -0.03
CA SER A 13 -1.52 -33.53 0.60
C SER A 13 -1.83 -32.08 0.23
N SER A 14 -1.34 -31.15 1.03
CA SER A 14 -1.53 -29.71 0.78
C SER A 14 -0.31 -29.00 1.31
N GLY A 15 -0.06 -27.79 0.85
CA GLY A 15 1.08 -27.01 1.30
C GLY A 15 0.91 -25.58 0.82
N HIS A 16 1.70 -24.66 1.35
CA HIS A 16 1.60 -23.24 1.00
C HIS A 16 3.02 -22.68 0.91
N ILE A 17 3.15 -21.48 0.37
CA ILE A 17 4.42 -20.77 0.31
C ILE A 17 4.19 -19.38 0.88
N GLU A 18 5.25 -18.70 1.27
CA GLU A 18 5.14 -17.37 1.87
C GLU A 18 4.81 -16.29 0.84
N GLY A 19 5.28 -16.48 -0.38
CA GLY A 19 5.05 -15.50 -1.42
C GLY A 19 5.97 -14.31 -1.23
N ARG A 20 5.55 -13.12 -1.65
CA ARG A 20 6.32 -11.90 -1.45
C ARG A 20 5.37 -10.72 -1.46
N HIS A 21 5.68 -9.70 -0.67
CA HIS A 21 4.98 -8.43 -0.70
C HIS A 21 6.06 -7.39 -0.46
N MET A 22 5.75 -6.12 -0.62
CA MET A 22 6.70 -5.05 -0.37
C MET A 22 5.97 -3.91 0.33
N LEU A 23 6.71 -2.95 0.84
CA LEU A 23 6.13 -1.83 1.59
C LEU A 23 6.58 -0.49 0.99
N LEU A 24 5.64 0.39 0.75
CA LEU A 24 5.92 1.73 0.23
C LEU A 24 5.38 2.75 1.21
N THR A 25 6.11 3.83 1.43
CA THR A 25 5.63 4.88 2.32
C THR A 25 4.91 5.92 1.46
N VAL A 26 3.77 6.41 1.92
CA VAL A 26 3.01 7.42 1.18
C VAL A 26 2.79 8.61 2.09
N TYR A 27 3.19 9.79 1.63
CA TYR A 27 3.00 11.02 2.39
C TYR A 27 1.96 11.88 1.67
N CYS A 28 0.84 12.13 2.34
CA CYS A 28 -0.21 12.95 1.77
C CYS A 28 -0.15 14.36 2.34
N VAL A 29 -0.10 15.32 1.45
CA VAL A 29 0.02 16.73 1.82
C VAL A 29 -1.24 17.49 1.48
N ARG A 30 -1.78 18.22 2.45
CA ARG A 30 -2.84 19.17 2.20
C ARG A 30 -2.29 20.52 2.60
N ARG A 31 -2.69 21.56 1.88
CA ARG A 31 -2.27 22.94 2.22
C ARG A 31 -2.90 23.37 3.54
N ASP A 32 -3.86 22.58 3.99
CA ASP A 32 -4.64 22.86 5.18
C ASP A 32 -4.00 22.23 6.45
N LEU A 33 -2.71 21.88 6.32
CA LEU A 33 -1.91 21.29 7.42
C LEU A 33 -2.53 20.01 7.99
N SER A 34 -3.24 19.30 7.14
CA SER A 34 -3.90 18.04 7.48
C SER A 34 -3.02 16.87 7.05
N GLU A 35 -1.73 17.14 6.98
CA GLU A 35 -0.81 16.24 6.31
C GLU A 35 -0.61 15.00 7.17
N VAL A 36 -0.44 13.88 6.47
CA VAL A 36 -0.38 12.56 7.12
C VAL A 36 0.52 11.64 6.31
N THR A 37 1.24 10.77 6.99
CA THR A 37 2.11 9.80 6.35
C THR A 37 1.69 8.42 6.84
N PHE A 38 1.74 7.44 5.96
CA PHE A 38 1.34 6.08 6.26
C PHE A 38 2.14 5.20 5.32
N SER A 39 2.06 3.89 5.46
CA SER A 39 2.77 2.99 4.56
C SER A 39 1.83 1.87 4.15
N LEU A 40 1.94 1.45 2.91
CA LEU A 40 1.05 0.43 2.35
C LEU A 40 1.83 -0.82 2.01
N GLN A 41 1.18 -1.95 2.22
CA GLN A 41 1.77 -3.25 1.88
C GLN A 41 1.09 -3.68 0.59
N VAL A 42 1.89 -3.89 -0.45
CA VAL A 42 1.38 -4.15 -1.79
C VAL A 42 2.26 -5.17 -2.50
N ASP A 43 1.79 -5.69 -3.61
CA ASP A 43 2.58 -6.60 -4.45
C ASP A 43 3.49 -5.73 -5.33
N ALA A 44 4.53 -6.33 -5.90
CA ALA A 44 5.40 -5.61 -6.82
C ALA A 44 4.62 -5.27 -8.10
N ASP A 45 3.77 -6.19 -8.52
CA ASP A 45 3.01 -6.02 -9.77
C ASP A 45 1.64 -5.38 -9.54
N PHE A 46 1.47 -4.77 -8.37
CA PHE A 46 0.23 -4.09 -8.04
C PHE A 46 0.07 -2.88 -8.96
N GLU A 47 -1.10 -2.73 -9.56
CA GLU A 47 -1.34 -1.66 -10.54
C GLU A 47 -1.25 -0.30 -9.89
N LEU A 48 -0.81 0.71 -10.63
CA LEU A 48 -0.81 2.07 -10.10
C LEU A 48 -2.23 2.58 -9.92
N HIS A 49 -3.16 2.07 -10.70
CA HIS A 49 -4.58 2.43 -10.56
C HIS A 49 -5.10 1.92 -9.23
N ASN A 50 -4.73 0.70 -8.88
CA ASN A 50 -5.15 0.09 -7.63
C ASN A 50 -4.44 0.77 -6.46
N PHE A 51 -3.15 1.04 -6.65
CA PHE A 51 -2.35 1.69 -5.62
C PHE A 51 -2.88 3.05 -5.23
N ARG A 52 -3.22 3.89 -6.20
CA ARG A 52 -3.73 5.23 -5.87
C ARG A 52 -5.10 5.15 -5.21
N ALA A 53 -5.87 4.12 -5.51
CA ALA A 53 -7.16 3.92 -4.84
C ALA A 53 -6.92 3.55 -3.36
N LEU A 54 -5.92 2.72 -3.11
CA LEU A 54 -5.57 2.36 -1.73
C LEU A 54 -5.06 3.59 -0.99
N CYS A 55 -4.30 4.44 -1.67
CA CYS A 55 -3.80 5.67 -1.07
C CYS A 55 -4.96 6.62 -0.74
N GLU A 56 -5.97 6.65 -1.60
CA GLU A 56 -7.12 7.52 -1.39
C GLU A 56 -7.88 7.09 -0.13
N LEU A 57 -8.03 5.79 0.03
CA LEU A 57 -8.72 5.23 1.20
C LEU A 57 -8.00 5.58 2.51
N GLU A 58 -6.70 5.45 2.51
CA GLU A 58 -5.89 5.73 3.71
C GLU A 58 -5.84 7.22 4.04
N SER A 59 -5.80 8.06 3.01
CA SER A 59 -5.64 9.50 3.21
C SER A 59 -6.95 10.24 3.42
N GLY A 60 -8.06 9.65 2.98
CA GLY A 60 -9.37 10.25 3.21
C GLY A 60 -9.60 11.56 2.48
N ILE A 61 -8.97 11.72 1.33
CA ILE A 61 -9.10 12.92 0.50
C ILE A 61 -9.55 12.54 -0.90
N PRO A 62 -10.37 13.37 -1.57
CA PRO A 62 -10.74 12.96 -2.93
C PRO A 62 -9.53 12.96 -3.87
N ALA A 63 -9.27 11.84 -4.52
CA ALA A 63 -8.14 11.73 -5.44
C ALA A 63 -8.33 12.67 -6.64
N ALA A 64 -9.58 12.96 -6.95
CA ALA A 64 -9.93 13.86 -8.05
C ALA A 64 -9.42 15.29 -7.84
N GLU A 65 -9.18 15.66 -6.60
CA GLU A 65 -8.70 17.00 -6.26
C GLU A 65 -7.20 17.01 -6.03
N SER A 66 -6.54 15.91 -6.37
CA SER A 66 -5.14 15.72 -6.00
C SER A 66 -4.23 15.28 -7.14
N GLN A 67 -2.94 15.28 -6.87
CA GLN A 67 -1.93 14.77 -7.80
C GLN A 67 -0.94 13.93 -7.00
N ILE A 68 -0.37 12.92 -7.64
CA ILE A 68 0.53 12.00 -6.96
C ILE A 68 1.86 11.89 -7.74
N VAL A 69 2.97 11.92 -7.01
CA VAL A 69 4.31 11.90 -7.60
C VAL A 69 5.22 10.90 -6.89
N TYR A 70 6.20 10.39 -7.61
CA TYR A 70 7.22 9.50 -7.06
C TYR A 70 8.51 9.96 -7.72
N ALA A 71 9.58 10.06 -6.95
CA ALA A 71 10.86 10.61 -7.40
C ALA A 71 10.64 12.02 -8.03
N GLU A 72 9.69 12.74 -7.44
CA GLU A 72 9.26 14.07 -7.90
C GLU A 72 8.72 14.12 -9.35
N ARG A 73 8.32 12.99 -9.90
CA ARG A 73 7.73 12.94 -11.25
C ARG A 73 6.32 12.38 -11.13
N PRO A 74 5.36 12.90 -11.92
CA PRO A 74 4.00 12.41 -11.70
C PRO A 74 3.76 10.98 -12.20
N LEU A 75 2.93 10.26 -11.46
CA LEU A 75 2.56 8.89 -11.82
C LEU A 75 1.34 8.95 -12.74
N THR A 76 1.52 9.47 -13.94
CA THR A 76 0.42 9.65 -14.89
C THR A 76 -0.08 8.32 -15.44
N ASP A 77 0.82 7.35 -15.50
CA ASP A 77 0.47 6.03 -16.04
C ASP A 77 -0.13 5.18 -14.94
N ASN A 78 -1.40 4.87 -15.08
CA ASN A 78 -2.12 4.09 -14.07
C ASN A 78 -2.14 2.59 -14.38
N HIS A 79 -1.85 2.24 -15.62
CA HIS A 79 -1.90 0.84 -16.06
C HIS A 79 -0.64 0.12 -15.62
N ARG A 80 0.47 0.85 -15.59
CA ARG A 80 1.74 0.31 -15.10
C ARG A 80 1.60 -0.22 -13.71
N SER A 81 2.38 -1.22 -13.38
CA SER A 81 2.48 -1.68 -12.01
C SER A 81 3.59 -0.89 -11.34
N LEU A 82 3.70 -1.01 -10.03
CA LEU A 82 4.73 -0.30 -9.27
C LEU A 82 6.12 -0.74 -9.71
N ALA A 83 6.25 -2.01 -10.08
CA ALA A 83 7.51 -2.56 -10.58
C ALA A 83 7.96 -1.84 -11.86
N SER A 84 7.02 -1.37 -12.66
CA SER A 84 7.35 -0.64 -13.89
C SER A 84 7.97 0.73 -13.62
N TYR A 85 7.83 1.23 -12.39
CA TYR A 85 8.47 2.47 -11.98
C TYR A 85 9.72 2.20 -11.16
N GLY A 86 9.94 0.93 -10.84
CA GLY A 86 11.03 0.57 -9.96
C GLY A 86 10.71 0.93 -8.52
N LEU A 87 9.43 1.00 -8.20
CA LEU A 87 8.99 1.37 -6.84
C LEU A 87 9.24 0.20 -5.90
N LYS A 88 10.47 0.08 -5.46
CA LYS A 88 10.91 -1.00 -4.58
C LYS A 88 10.46 -0.80 -3.14
N ASP A 89 10.56 -1.85 -2.36
CA ASP A 89 10.32 -1.76 -0.92
C ASP A 89 11.25 -0.70 -0.34
N GLY A 90 10.66 0.22 0.42
CA GLY A 90 11.41 1.29 1.04
C GLY A 90 11.30 2.62 0.32
N ASP A 91 10.76 2.62 -0.90
CA ASP A 91 10.57 3.87 -1.62
C ASP A 91 9.38 4.63 -1.04
N VAL A 92 9.36 5.94 -1.30
CA VAL A 92 8.33 6.81 -0.77
C VAL A 92 7.65 7.60 -1.90
N VAL A 93 6.33 7.68 -1.79
CA VAL A 93 5.47 8.33 -2.78
C VAL A 93 4.86 9.55 -2.11
N ILE A 94 4.67 10.64 -2.85
CA ILE A 94 4.14 11.88 -2.30
C ILE A 94 2.83 12.22 -3.02
N LEU A 95 1.79 12.48 -2.26
CA LEU A 95 0.46 12.80 -2.77
C LEU A 95 0.14 14.22 -2.30
N ARG A 96 -0.39 15.07 -3.16
CA ARG A 96 -0.71 16.46 -2.79
C ARG A 96 -2.12 16.86 -3.21
N GLN A 97 -2.88 17.39 -2.25
CA GLN A 97 -4.25 17.90 -2.46
C GLN A 97 -4.38 19.38 -2.08
N MET A 1 -13.39 -49.43 29.22
CA MET A 1 -11.95 -49.23 29.53
C MET A 1 -11.57 -47.77 29.69
N GLY A 2 -10.69 -47.49 30.65
CA GLY A 2 -10.28 -46.14 30.97
C GLY A 2 -11.21 -45.54 32.00
N HIS A 3 -11.10 -44.24 32.22
CA HIS A 3 -11.94 -43.55 33.20
C HIS A 3 -12.36 -42.20 32.64
N HIS A 4 -13.47 -41.68 33.17
CA HIS A 4 -14.02 -40.37 32.77
C HIS A 4 -14.32 -40.30 31.26
N HIS A 5 -14.37 -39.09 30.72
CA HIS A 5 -14.63 -38.90 29.31
C HIS A 5 -13.55 -37.97 28.75
N HIS A 6 -13.00 -38.36 27.60
CA HIS A 6 -11.94 -37.58 26.97
C HIS A 6 -12.55 -36.53 26.05
N HIS A 7 -13.02 -35.44 26.64
CA HIS A 7 -13.66 -34.36 25.89
C HIS A 7 -12.70 -33.75 24.87
N HIS A 8 -11.44 -33.60 25.29
CA HIS A 8 -10.37 -33.07 24.45
C HIS A 8 -10.67 -31.64 23.94
N HIS A 9 -9.78 -31.12 23.11
CA HIS A 9 -9.92 -29.77 22.55
C HIS A 9 -9.66 -29.83 21.05
N HIS A 10 -10.50 -30.59 20.35
CA HIS A 10 -10.33 -30.78 18.91
C HIS A 10 -10.50 -29.44 18.18
N HIS A 11 -9.58 -29.15 17.28
CA HIS A 11 -9.59 -27.91 16.51
C HIS A 11 -8.72 -28.15 15.27
N HIS A 12 -8.68 -27.18 14.38
CA HIS A 12 -7.81 -27.24 13.21
C HIS A 12 -6.98 -25.95 13.09
N SER A 13 -7.64 -24.81 13.33
CA SER A 13 -6.99 -23.50 13.27
C SER A 13 -6.29 -23.27 11.93
N SER A 14 -5.26 -22.44 11.91
CA SER A 14 -4.48 -22.18 10.70
C SER A 14 -3.07 -21.88 11.15
N GLY A 15 -2.09 -22.13 10.29
CA GLY A 15 -0.69 -21.90 10.65
C GLY A 15 0.13 -21.22 9.57
N HIS A 16 -0.34 -21.22 8.33
CA HIS A 16 0.38 -20.56 7.25
C HIS A 16 0.13 -19.06 7.36
N ILE A 17 1.20 -18.29 7.41
CA ILE A 17 1.12 -16.83 7.53
C ILE A 17 2.06 -16.22 6.50
N GLU A 18 2.04 -14.90 6.41
CA GLU A 18 2.90 -14.12 5.51
C GLU A 18 2.66 -14.42 4.01
N GLY A 19 3.42 -13.74 3.15
CA GLY A 19 3.28 -13.89 1.73
C GLY A 19 4.24 -12.93 1.06
N ARG A 20 4.42 -13.05 -0.26
CA ARG A 20 5.34 -12.19 -0.99
C ARG A 20 4.66 -10.87 -1.31
N HIS A 21 5.09 -9.80 -0.66
CA HIS A 21 4.52 -8.46 -0.85
C HIS A 21 5.63 -7.50 -0.46
N MET A 22 5.44 -6.22 -0.73
CA MET A 22 6.43 -5.20 -0.40
C MET A 22 5.70 -3.99 0.20
N LEU A 23 6.44 -3.09 0.82
CA LEU A 23 5.84 -1.95 1.54
C LEU A 23 6.29 -0.65 0.90
N LEU A 24 5.37 0.29 0.74
CA LEU A 24 5.68 1.63 0.26
C LEU A 24 5.21 2.63 1.29
N THR A 25 5.86 3.78 1.34
CA THR A 25 5.46 4.85 2.25
C THR A 25 4.84 5.96 1.41
N VAL A 26 3.81 6.59 1.95
CA VAL A 26 3.11 7.66 1.25
C VAL A 26 3.12 8.88 2.15
N TYR A 27 3.48 10.03 1.59
CA TYR A 27 3.44 11.28 2.34
C TYR A 27 2.42 12.20 1.68
N CYS A 28 1.36 12.55 2.40
CA CYS A 28 0.32 13.41 1.87
C CYS A 28 0.57 14.83 2.33
N VAL A 29 0.64 15.74 1.38
CA VAL A 29 0.95 17.14 1.66
C VAL A 29 -0.23 18.04 1.42
N ARG A 30 -0.51 18.88 2.41
CA ARG A 30 -1.52 19.94 2.30
C ARG A 30 -0.78 21.22 2.62
N ARG A 31 -1.10 22.30 1.92
CA ARG A 31 -0.42 23.59 2.12
C ARG A 31 -0.73 24.20 3.47
N ASP A 32 -1.76 23.67 4.13
CA ASP A 32 -2.22 24.18 5.42
C ASP A 32 -1.60 23.36 6.56
N LEU A 33 -0.47 22.74 6.27
CA LEU A 33 0.30 21.89 7.21
C LEU A 33 -0.54 20.77 7.82
N SER A 34 -1.52 20.31 7.07
CA SER A 34 -2.41 19.21 7.44
C SER A 34 -1.79 17.87 7.02
N GLU A 35 -0.47 17.88 6.94
CA GLU A 35 0.29 16.81 6.33
C GLU A 35 0.31 15.56 7.19
N VAL A 36 0.40 14.41 6.53
CA VAL A 36 0.37 13.12 7.21
C VAL A 36 1.19 12.14 6.36
N THR A 37 1.73 11.10 6.99
CA THR A 37 2.43 10.07 6.26
C THR A 37 2.00 8.73 6.84
N PHE A 38 1.97 7.71 5.99
CA PHE A 38 1.51 6.38 6.37
C PHE A 38 2.16 5.41 5.39
N SER A 39 2.03 4.11 5.62
CA SER A 39 2.63 3.13 4.73
C SER A 39 1.59 2.10 4.34
N LEU A 40 1.76 1.54 3.14
CA LEU A 40 0.83 0.57 2.60
C LEU A 40 1.58 -0.65 2.09
N GLN A 41 0.97 -1.81 2.21
CA GLN A 41 1.58 -3.03 1.72
C GLN A 41 0.90 -3.41 0.41
N VAL A 42 1.71 -3.59 -0.62
CA VAL A 42 1.23 -3.79 -1.98
C VAL A 42 2.08 -4.87 -2.62
N ASP A 43 1.69 -5.31 -3.80
CA ASP A 43 2.50 -6.28 -4.54
C ASP A 43 3.43 -5.49 -5.46
N ALA A 44 4.46 -6.14 -5.97
CA ALA A 44 5.35 -5.49 -6.92
C ALA A 44 4.57 -5.28 -8.23
N ASP A 45 3.71 -6.24 -8.53
CA ASP A 45 2.91 -6.21 -9.76
C ASP A 45 1.56 -5.54 -9.55
N PHE A 46 1.45 -4.74 -8.49
CA PHE A 46 0.21 -4.03 -8.19
C PHE A 46 0.06 -2.89 -9.19
N GLU A 47 -1.14 -2.69 -9.71
CA GLU A 47 -1.42 -1.62 -10.67
C GLU A 47 -1.24 -0.26 -10.00
N LEU A 48 -0.68 0.71 -10.72
CA LEU A 48 -0.58 2.08 -10.19
C LEU A 48 -2.00 2.61 -9.99
N HIS A 49 -2.92 2.20 -10.84
CA HIS A 49 -4.32 2.58 -10.71
C HIS A 49 -4.89 2.09 -9.37
N ASN A 50 -4.58 0.85 -9.01
CA ASN A 50 -5.09 0.31 -7.76
C ASN A 50 -4.38 0.97 -6.59
N PHE A 51 -3.10 1.29 -6.77
CA PHE A 51 -2.33 1.93 -5.71
C PHE A 51 -2.87 3.30 -5.35
N ARG A 52 -3.25 4.11 -6.34
CA ARG A 52 -3.79 5.45 -6.02
C ARG A 52 -5.15 5.32 -5.31
N ALA A 53 -5.91 4.27 -5.63
CA ALA A 53 -7.20 4.05 -4.98
C ALA A 53 -6.99 3.55 -3.54
N LEU A 54 -6.00 2.69 -3.36
CA LEU A 54 -5.66 2.16 -2.03
C LEU A 54 -5.18 3.31 -1.13
N CYS A 55 -4.43 4.23 -1.73
CA CYS A 55 -3.97 5.42 -1.02
C CYS A 55 -5.15 6.29 -0.62
N GLU A 56 -6.12 6.46 -1.51
CA GLU A 56 -7.31 7.26 -1.25
C GLU A 56 -8.12 6.65 -0.09
N LEU A 57 -8.23 5.34 -0.09
CA LEU A 57 -8.96 4.63 0.97
C LEU A 57 -8.28 4.82 2.33
N GLU A 58 -6.96 4.67 2.36
CA GLU A 58 -6.20 4.76 3.61
C GLU A 58 -6.18 6.19 4.15
N SER A 59 -6.05 7.16 3.26
CA SER A 59 -5.96 8.57 3.67
C SER A 59 -7.32 9.21 3.89
N GLY A 60 -8.38 8.63 3.35
CA GLY A 60 -9.73 9.13 3.59
C GLY A 60 -10.07 10.36 2.77
N ILE A 61 -9.30 10.62 1.72
CA ILE A 61 -9.52 11.77 0.85
C ILE A 61 -9.60 11.30 -0.59
N PRO A 62 -10.48 11.92 -1.41
CA PRO A 62 -10.63 11.35 -2.76
C PRO A 62 -9.39 11.47 -3.64
N ALA A 63 -9.17 10.44 -4.45
CA ALA A 63 -8.10 10.43 -5.44
C ALA A 63 -8.37 11.51 -6.48
N ALA A 64 -9.64 11.80 -6.70
CA ALA A 64 -10.07 12.81 -7.68
C ALA A 64 -9.59 14.22 -7.30
N GLU A 65 -9.45 14.45 -6.00
CA GLU A 65 -9.04 15.77 -5.49
C GLU A 65 -7.53 15.82 -5.31
N SER A 66 -6.84 14.78 -5.76
CA SER A 66 -5.42 14.62 -5.48
C SER A 66 -4.57 14.29 -6.70
N GLN A 67 -3.28 14.58 -6.58
CA GLN A 67 -2.30 14.18 -7.58
C GLN A 67 -1.20 13.44 -6.85
N ILE A 68 -0.55 12.51 -7.52
CA ILE A 68 0.47 11.67 -6.89
C ILE A 68 1.75 11.72 -7.73
N VAL A 69 2.88 11.84 -7.05
CA VAL A 69 4.17 12.06 -7.68
C VAL A 69 5.21 11.20 -6.93
N TYR A 70 6.15 10.65 -7.67
CA TYR A 70 7.19 9.78 -7.11
C TYR A 70 8.53 10.17 -7.71
N ALA A 71 9.54 10.32 -6.86
CA ALA A 71 10.88 10.74 -7.27
C ALA A 71 10.80 12.00 -8.17
N GLU A 72 9.98 12.94 -7.71
CA GLU A 72 9.73 14.23 -8.39
C GLU A 72 9.09 14.14 -9.79
N ARG A 73 8.65 12.95 -10.20
CA ARG A 73 7.99 12.77 -11.49
C ARG A 73 6.54 12.32 -11.27
N PRO A 74 5.58 12.95 -11.95
CA PRO A 74 4.20 12.50 -11.68
C PRO A 74 3.94 11.10 -12.21
N LEU A 75 3.11 10.37 -11.50
CA LEU A 75 2.76 9.00 -11.89
C LEU A 75 1.54 9.09 -12.81
N THR A 76 1.80 9.23 -14.10
CA THR A 76 0.75 9.47 -15.09
C THR A 76 0.23 8.20 -15.76
N ASP A 77 0.94 7.09 -15.58
CA ASP A 77 0.56 5.83 -16.22
C ASP A 77 -0.07 4.89 -15.22
N ASN A 78 -1.38 4.76 -15.30
CA ASN A 78 -2.14 3.91 -14.38
C ASN A 78 -1.90 2.42 -14.60
N HIS A 79 -1.54 2.06 -15.82
CA HIS A 79 -1.44 0.65 -16.22
C HIS A 79 -0.07 0.07 -15.90
N ARG A 80 0.86 0.93 -15.51
CA ARG A 80 2.18 0.45 -15.13
C ARG A 80 2.07 -0.15 -13.75
N SER A 81 2.71 -1.29 -13.55
CA SER A 81 2.79 -1.87 -12.23
C SER A 81 3.81 -1.03 -11.46
N LEU A 82 3.79 -1.12 -10.13
CA LEU A 82 4.72 -0.34 -9.31
C LEU A 82 6.16 -0.75 -9.62
N ALA A 83 6.35 -2.03 -9.92
CA ALA A 83 7.67 -2.54 -10.31
C ALA A 83 8.18 -1.86 -11.58
N SER A 84 7.26 -1.50 -12.47
CA SER A 84 7.61 -0.82 -13.71
C SER A 84 8.08 0.61 -13.47
N TYR A 85 7.80 1.15 -12.29
CA TYR A 85 8.28 2.47 -11.91
C TYR A 85 9.55 2.36 -11.07
N GLY A 86 9.88 1.14 -10.68
CA GLY A 86 11.03 0.92 -9.79
C GLY A 86 10.67 1.19 -8.35
N LEU A 87 9.37 1.15 -8.04
CA LEU A 87 8.91 1.42 -6.68
C LEU A 87 9.20 0.22 -5.78
N LYS A 88 10.43 0.17 -5.32
CA LYS A 88 10.93 -0.91 -4.47
C LYS A 88 10.37 -0.84 -3.05
N ASP A 89 10.61 -1.91 -2.30
CA ASP A 89 10.28 -1.95 -0.89
C ASP A 89 11.00 -0.81 -0.16
N GLY A 90 10.23 -0.06 0.59
CA GLY A 90 10.77 1.04 1.37
C GLY A 90 10.83 2.35 0.62
N ASP A 91 10.39 2.39 -0.63
CA ASP A 91 10.38 3.65 -1.37
C ASP A 91 9.20 4.54 -0.94
N VAL A 92 9.28 5.83 -1.26
CA VAL A 92 8.30 6.81 -0.77
C VAL A 92 7.65 7.58 -1.92
N VAL A 93 6.33 7.77 -1.86
CA VAL A 93 5.62 8.59 -2.86
C VAL A 93 4.99 9.78 -2.16
N ILE A 94 4.64 10.80 -2.91
CA ILE A 94 4.07 12.02 -2.35
C ILE A 94 2.71 12.26 -3.01
N LEU A 95 1.71 12.54 -2.19
CA LEU A 95 0.35 12.82 -2.65
C LEU A 95 0.04 14.26 -2.28
N ARG A 96 -0.65 15.00 -3.14
CA ARG A 96 -1.07 16.37 -2.82
C ARG A 96 -2.54 16.53 -3.14
N GLN A 97 -3.32 16.89 -2.13
CA GLN A 97 -4.78 17.07 -2.23
C GLN A 97 -5.15 18.55 -2.32
N MET A 1 -31.00 -51.35 25.74
CA MET A 1 -29.60 -51.82 25.60
C MET A 1 -28.75 -50.97 24.68
N GLY A 2 -27.45 -50.89 24.98
CA GLY A 2 -26.51 -50.09 24.19
C GLY A 2 -26.76 -48.60 24.27
N HIS A 3 -27.39 -48.17 25.35
CA HIS A 3 -27.70 -46.76 25.55
C HIS A 3 -26.44 -45.95 25.86
N HIS A 4 -26.43 -44.69 25.45
CA HIS A 4 -25.32 -43.76 25.69
C HIS A 4 -24.01 -44.34 25.11
N HIS A 5 -22.94 -44.39 25.91
CA HIS A 5 -21.64 -44.94 25.48
C HIS A 5 -21.12 -44.33 24.16
N HIS A 6 -21.20 -43.01 24.04
CA HIS A 6 -20.75 -42.31 22.83
C HIS A 6 -19.94 -41.06 23.19
N HIS A 7 -19.04 -40.67 22.30
CA HIS A 7 -18.22 -39.48 22.50
C HIS A 7 -18.11 -38.73 21.18
N HIS A 8 -18.12 -37.40 21.24
CA HIS A 8 -18.10 -36.56 20.04
C HIS A 8 -17.04 -35.46 20.15
N HIS A 9 -15.98 -35.77 20.89
CA HIS A 9 -14.91 -34.80 21.13
C HIS A 9 -14.12 -34.58 19.85
N HIS A 10 -13.82 -33.33 19.52
CA HIS A 10 -13.11 -32.99 18.30
C HIS A 10 -12.35 -31.68 18.51
N HIS A 11 -11.23 -31.51 17.82
CA HIS A 11 -10.44 -30.29 17.87
C HIS A 11 -9.99 -30.00 16.44
N HIS A 12 -9.91 -28.73 16.08
CA HIS A 12 -9.53 -28.34 14.73
C HIS A 12 -8.62 -27.12 14.80
N SER A 13 -7.72 -26.99 13.84
CA SER A 13 -6.84 -25.84 13.73
C SER A 13 -6.68 -25.57 12.25
N SER A 14 -6.45 -24.32 11.86
CA SER A 14 -6.34 -23.95 10.46
C SER A 14 -5.57 -22.63 10.40
N GLY A 15 -5.13 -22.25 9.21
CA GLY A 15 -4.39 -21.02 9.02
C GLY A 15 -2.90 -21.27 8.85
N HIS A 16 -2.21 -20.35 8.19
CA HIS A 16 -0.79 -20.46 7.93
C HIS A 16 -0.26 -19.05 7.73
N ILE A 17 1.04 -18.86 7.81
CA ILE A 17 1.66 -17.56 7.59
C ILE A 17 2.60 -17.75 6.41
N GLU A 18 2.26 -17.15 5.28
CA GLU A 18 3.01 -17.33 4.04
C GLU A 18 2.70 -16.15 3.12
N GLY A 19 3.33 -16.14 1.94
CA GLY A 19 3.11 -15.07 0.99
C GLY A 19 4.26 -14.08 1.01
N ARG A 20 4.16 -13.04 0.21
CA ARG A 20 5.19 -12.00 0.13
C ARG A 20 4.53 -10.76 -0.44
N HIS A 21 5.03 -9.60 -0.06
CA HIS A 21 4.54 -8.32 -0.56
C HIS A 21 5.71 -7.37 -0.36
N MET A 22 5.58 -6.15 -0.81
CA MET A 22 6.56 -5.10 -0.56
C MET A 22 5.83 -3.98 0.18
N LEU A 23 6.59 -3.04 0.71
CA LEU A 23 6.04 -1.95 1.51
C LEU A 23 6.41 -0.65 0.82
N LEU A 24 5.49 0.30 0.75
CA LEU A 24 5.78 1.63 0.22
C LEU A 24 5.32 2.63 1.26
N THR A 25 5.97 3.78 1.33
CA THR A 25 5.60 4.83 2.28
C THR A 25 5.01 5.98 1.50
N VAL A 26 3.89 6.51 1.95
CA VAL A 26 3.22 7.60 1.27
C VAL A 26 3.11 8.79 2.20
N TYR A 27 3.46 9.97 1.70
CA TYR A 27 3.27 11.21 2.45
C TYR A 27 2.23 12.05 1.72
N CYS A 28 1.10 12.30 2.37
CA CYS A 28 0.04 13.11 1.80
C CYS A 28 0.15 14.53 2.31
N VAL A 29 0.13 15.47 1.38
CA VAL A 29 0.19 16.89 1.69
C VAL A 29 -1.14 17.51 1.32
N ARG A 30 -1.72 18.22 2.27
CA ARG A 30 -3.00 18.87 2.10
C ARG A 30 -2.78 20.35 2.36
N ARG A 31 -3.43 21.20 1.59
CA ARG A 31 -3.31 22.65 1.79
C ARG A 31 -3.94 23.08 3.10
N ASP A 32 -4.79 22.24 3.65
CA ASP A 32 -5.54 22.52 4.86
C ASP A 32 -4.74 22.22 6.14
N LEU A 33 -3.43 22.04 6.00
CA LEU A 33 -2.51 21.66 7.11
C LEU A 33 -2.97 20.34 7.75
N SER A 34 -3.48 19.50 6.87
CA SER A 34 -4.08 18.21 7.20
C SER A 34 -3.14 17.05 6.82
N GLU A 35 -1.85 17.33 6.77
CA GLU A 35 -0.89 16.39 6.17
C GLU A 35 -0.69 15.16 7.07
N VAL A 36 -0.44 14.03 6.44
CA VAL A 36 -0.34 12.74 7.14
C VAL A 36 0.58 11.84 6.31
N THR A 37 1.20 10.87 6.95
CA THR A 37 2.01 9.89 6.23
C THR A 37 1.68 8.51 6.79
N PHE A 38 1.73 7.51 5.92
CA PHE A 38 1.35 6.15 6.26
C PHE A 38 2.10 5.23 5.32
N SER A 39 2.01 3.92 5.51
CA SER A 39 2.69 2.97 4.64
C SER A 39 1.69 1.90 4.20
N LEU A 40 1.87 1.41 2.97
CA LEU A 40 0.96 0.43 2.39
C LEU A 40 1.68 -0.84 2.02
N GLN A 41 0.97 -1.95 2.16
CA GLN A 41 1.50 -3.28 1.85
C GLN A 41 0.90 -3.69 0.51
N VAL A 42 1.73 -3.81 -0.51
CA VAL A 42 1.25 -4.08 -1.86
C VAL A 42 2.15 -5.08 -2.56
N ASP A 43 1.68 -5.68 -3.64
CA ASP A 43 2.50 -6.58 -4.43
C ASP A 43 3.38 -5.76 -5.37
N ALA A 44 4.42 -6.38 -5.90
CA ALA A 44 5.29 -5.73 -6.88
C ALA A 44 4.51 -5.36 -8.14
N ASP A 45 3.62 -6.24 -8.59
CA ASP A 45 2.90 -6.03 -9.84
C ASP A 45 1.54 -5.35 -9.63
N PHE A 46 1.34 -4.78 -8.45
CA PHE A 46 0.12 -4.03 -8.14
C PHE A 46 0.07 -2.80 -9.06
N GLU A 47 -1.07 -2.54 -9.68
CA GLU A 47 -1.18 -1.41 -10.63
C GLU A 47 -1.06 -0.07 -9.91
N LEU A 48 -0.58 0.94 -10.62
CA LEU A 48 -0.53 2.30 -10.08
C LEU A 48 -1.97 2.78 -9.87
N HIS A 49 -2.87 2.38 -10.76
CA HIS A 49 -4.29 2.69 -10.64
C HIS A 49 -4.83 2.15 -9.32
N ASN A 50 -4.51 0.90 -9.03
CA ASN A 50 -5.00 0.26 -7.81
C ASN A 50 -4.31 0.91 -6.60
N PHE A 51 -3.03 1.20 -6.74
CA PHE A 51 -2.26 1.80 -5.66
C PHE A 51 -2.78 3.18 -5.27
N ARG A 52 -3.09 4.03 -6.23
CA ARG A 52 -3.59 5.36 -5.89
C ARG A 52 -4.98 5.28 -5.26
N ALA A 53 -5.75 4.26 -5.61
CA ALA A 53 -7.05 4.05 -4.96
C ALA A 53 -6.85 3.58 -3.51
N LEU A 54 -5.88 2.70 -3.31
CA LEU A 54 -5.56 2.20 -1.96
C LEU A 54 -5.01 3.34 -1.11
N CYS A 55 -4.26 4.22 -1.74
CA CYS A 55 -3.72 5.42 -1.11
C CYS A 55 -4.86 6.36 -0.70
N GLU A 56 -5.89 6.46 -1.54
CA GLU A 56 -7.03 7.32 -1.27
C GLU A 56 -7.79 6.85 -0.03
N LEU A 57 -7.86 5.54 0.16
CA LEU A 57 -8.55 4.97 1.32
C LEU A 57 -7.90 5.42 2.62
N GLU A 58 -6.58 5.29 2.71
CA GLU A 58 -5.85 5.68 3.92
C GLU A 58 -5.78 7.19 4.09
N SER A 59 -5.74 7.92 2.98
CA SER A 59 -5.61 9.37 3.03
C SER A 59 -6.95 10.07 3.28
N GLY A 60 -8.04 9.38 3.00
CA GLY A 60 -9.36 9.94 3.25
C GLY A 60 -9.82 10.96 2.22
N ILE A 61 -9.13 11.03 1.09
CA ILE A 61 -9.47 11.98 0.02
C ILE A 61 -9.40 11.29 -1.33
N PRO A 62 -10.28 11.67 -2.29
CA PRO A 62 -10.21 10.97 -3.57
C PRO A 62 -8.89 11.18 -4.31
N ALA A 63 -8.35 10.10 -4.86
CA ALA A 63 -7.11 10.14 -5.63
C ALA A 63 -7.30 10.96 -6.90
N ALA A 64 -8.53 11.06 -7.38
CA ALA A 64 -8.85 11.80 -8.59
C ALA A 64 -8.72 13.31 -8.35
N GLU A 65 -9.04 13.74 -7.13
CA GLU A 65 -9.02 15.15 -6.76
C GLU A 65 -7.67 15.53 -6.17
N SER A 66 -6.67 14.72 -6.44
CA SER A 66 -5.33 14.91 -5.92
C SER A 66 -4.32 14.45 -6.97
N GLN A 67 -3.05 14.73 -6.75
CA GLN A 67 -2.00 14.31 -7.68
C GLN A 67 -0.95 13.51 -6.95
N ILE A 68 -0.65 12.33 -7.48
CA ILE A 68 0.33 11.43 -6.89
C ILE A 68 1.67 11.63 -7.60
N VAL A 69 2.72 11.77 -6.82
CA VAL A 69 4.05 12.16 -7.29
C VAL A 69 5.10 11.18 -6.79
N TYR A 70 6.00 10.78 -7.68
CA TYR A 70 7.12 9.90 -7.34
C TYR A 70 8.37 10.46 -8.00
N ALA A 71 9.50 10.44 -7.29
CA ALA A 71 10.76 11.01 -7.78
C ALA A 71 10.54 12.46 -8.27
N GLU A 72 9.74 13.19 -7.49
CA GLU A 72 9.34 14.58 -7.77
C GLU A 72 8.60 14.81 -9.11
N ARG A 73 8.19 13.73 -9.77
CA ARG A 73 7.41 13.83 -11.01
C ARG A 73 6.02 13.26 -10.81
N PRO A 74 4.98 13.90 -11.38
CA PRO A 74 3.66 13.27 -11.19
C PRO A 74 3.51 11.99 -12.02
N LEU A 75 2.71 11.07 -11.52
CA LEU A 75 2.44 9.82 -12.21
C LEU A 75 1.11 9.96 -12.96
N THR A 76 1.19 10.32 -14.23
CA THR A 76 0.00 10.49 -15.05
C THR A 76 -0.44 9.15 -15.62
N ASP A 77 0.49 8.22 -15.70
CA ASP A 77 0.23 6.90 -16.26
C ASP A 77 -0.21 5.95 -15.15
N ASN A 78 -1.44 5.48 -15.22
CA ASN A 78 -2.01 4.62 -14.18
C ASN A 78 -1.89 3.11 -14.44
N HIS A 79 -1.74 2.71 -15.70
CA HIS A 79 -1.93 1.30 -16.08
C HIS A 79 -0.76 0.34 -15.90
N ARG A 80 0.44 0.83 -15.58
CA ARG A 80 1.54 -0.09 -15.32
C ARG A 80 1.60 -0.38 -13.84
N SER A 81 2.32 -1.43 -13.47
CA SER A 81 2.49 -1.78 -12.08
C SER A 81 3.56 -0.92 -11.41
N LEU A 82 3.58 -0.98 -10.08
CA LEU A 82 4.52 -0.19 -9.29
C LEU A 82 5.98 -0.55 -9.59
N ALA A 83 6.26 -1.84 -9.73
CA ALA A 83 7.60 -2.31 -10.08
C ALA A 83 8.05 -1.75 -11.42
N SER A 84 7.09 -1.54 -12.32
CA SER A 84 7.40 -0.99 -13.65
C SER A 84 7.77 0.50 -13.58
N TYR A 85 7.45 1.15 -12.47
CA TYR A 85 7.85 2.55 -12.25
C TYR A 85 9.05 2.62 -11.32
N GLY A 86 9.49 1.48 -10.84
CA GLY A 86 10.64 1.43 -9.94
C GLY A 86 10.30 1.65 -8.47
N LEU A 87 9.03 1.55 -8.10
CA LEU A 87 8.64 1.74 -6.70
C LEU A 87 9.04 0.51 -5.89
N LYS A 88 10.30 0.48 -5.50
CA LYS A 88 10.86 -0.66 -4.74
C LYS A 88 10.52 -0.59 -3.25
N ASP A 89 10.81 -1.67 -2.54
CA ASP A 89 10.54 -1.78 -1.10
C ASP A 89 11.12 -0.62 -0.27
N GLY A 90 10.23 0.12 0.38
CA GLY A 90 10.64 1.21 1.23
C GLY A 90 10.72 2.55 0.53
N ASP A 91 10.41 2.59 -0.77
CA ASP A 91 10.47 3.86 -1.50
C ASP A 91 9.29 4.76 -1.09
N VAL A 92 9.43 6.06 -1.35
CA VAL A 92 8.49 7.06 -0.88
C VAL A 92 7.71 7.73 -2.01
N VAL A 93 6.40 7.77 -1.86
CA VAL A 93 5.50 8.41 -2.83
C VAL A 93 4.87 9.60 -2.11
N ILE A 94 4.51 10.64 -2.84
CA ILE A 94 3.93 11.84 -2.23
C ILE A 94 2.60 12.14 -2.91
N LEU A 95 1.54 12.27 -2.12
CA LEU A 95 0.23 12.62 -2.64
C LEU A 95 0.02 14.10 -2.33
N ARG A 96 -0.41 14.90 -3.29
CA ARG A 96 -0.58 16.35 -3.08
C ARG A 96 -1.96 16.83 -3.50
N GLN A 97 -2.74 17.27 -2.51
CA GLN A 97 -4.04 17.89 -2.73
C GLN A 97 -4.00 19.40 -2.40
N MET A 1 11.80 -43.45 33.78
CA MET A 1 10.85 -43.53 32.64
C MET A 1 9.43 -43.84 33.07
N GLY A 2 8.47 -43.18 32.43
CA GLY A 2 7.06 -43.37 32.70
C GLY A 2 6.24 -42.64 31.67
N HIS A 3 4.94 -42.91 31.61
CA HIS A 3 4.08 -42.26 30.63
C HIS A 3 3.76 -40.84 31.06
N HIS A 4 3.77 -39.91 30.12
CA HIS A 4 3.41 -38.52 30.38
C HIS A 4 2.88 -37.96 29.06
N HIS A 5 2.08 -36.92 29.13
CA HIS A 5 1.49 -36.33 27.94
C HIS A 5 1.71 -34.83 27.96
N HIS A 6 2.11 -34.28 26.81
CA HIS A 6 2.41 -32.85 26.70
C HIS A 6 1.51 -32.24 25.63
N HIS A 7 0.38 -32.92 25.41
CA HIS A 7 -0.54 -32.65 24.31
C HIS A 7 0.16 -32.94 22.97
N HIS A 8 -0.57 -32.86 21.87
CA HIS A 8 -0.02 -33.15 20.56
C HIS A 8 -0.49 -32.07 19.59
N HIS A 9 0.41 -31.61 18.74
CA HIS A 9 0.10 -30.60 17.74
C HIS A 9 0.79 -31.04 16.46
N HIS A 10 0.29 -30.58 15.33
CA HIS A 10 0.82 -30.97 14.02
C HIS A 10 0.86 -29.72 13.15
N HIS A 11 1.98 -29.50 12.48
CA HIS A 11 2.18 -28.25 11.74
C HIS A 11 2.56 -28.42 10.26
N HIS A 12 2.68 -29.65 9.79
CA HIS A 12 3.02 -29.84 8.38
C HIS A 12 1.84 -29.39 7.53
N SER A 13 2.14 -28.78 6.39
CA SER A 13 1.13 -28.24 5.46
C SER A 13 0.26 -27.13 6.07
N SER A 14 0.80 -26.39 7.03
CA SER A 14 0.10 -25.24 7.59
C SER A 14 0.33 -24.03 6.69
N GLY A 15 -0.45 -22.98 6.88
CA GLY A 15 -0.27 -21.77 6.11
C GLY A 15 0.89 -20.95 6.64
N HIS A 16 1.86 -20.64 5.80
CA HIS A 16 3.01 -19.84 6.19
C HIS A 16 2.74 -18.36 5.88
N ILE A 17 2.35 -17.62 6.91
CA ILE A 17 2.05 -16.19 6.76
C ILE A 17 3.36 -15.42 7.04
N GLU A 18 4.34 -15.66 6.19
CA GLU A 18 5.68 -15.09 6.35
C GLU A 18 5.85 -13.84 5.48
N GLY A 19 4.94 -13.67 4.53
CA GLY A 19 4.97 -12.51 3.65
C GLY A 19 5.82 -12.73 2.41
N ARG A 20 5.54 -11.94 1.37
CA ARG A 20 6.26 -12.00 0.08
C ARG A 20 5.82 -10.82 -0.78
N HIS A 21 5.62 -9.68 -0.15
CA HIS A 21 5.11 -8.49 -0.81
C HIS A 21 6.04 -7.35 -0.40
N MET A 22 5.86 -6.18 -0.98
CA MET A 22 6.70 -5.03 -0.61
C MET A 22 5.87 -4.01 0.16
N LEU A 23 6.56 -3.06 0.77
CA LEU A 23 5.93 -2.03 1.59
C LEU A 23 6.39 -0.70 1.04
N LEU A 24 5.47 0.22 0.82
CA LEU A 24 5.81 1.55 0.32
C LEU A 24 5.31 2.56 1.31
N THR A 25 5.94 3.72 1.35
CA THR A 25 5.51 4.79 2.24
C THR A 25 4.86 5.86 1.40
N VAL A 26 3.79 6.46 1.92
CA VAL A 26 3.08 7.50 1.23
C VAL A 26 3.06 8.72 2.13
N TYR A 27 3.47 9.86 1.59
CA TYR A 27 3.45 11.12 2.32
C TYR A 27 2.43 12.03 1.64
N CYS A 28 1.33 12.29 2.32
CA CYS A 28 0.23 13.07 1.76
C CYS A 28 0.33 14.52 2.21
N VAL A 29 0.40 15.42 1.25
CA VAL A 29 0.53 16.84 1.51
C VAL A 29 -0.78 17.57 1.26
N ARG A 30 -1.21 18.32 2.26
CA ARG A 30 -2.38 19.18 2.15
C ARG A 30 -1.88 20.58 2.40
N ARG A 31 -2.50 21.56 1.76
CA ARG A 31 -2.00 22.94 1.85
C ARG A 31 -2.00 23.50 3.26
N ASP A 32 -2.97 23.09 4.06
CA ASP A 32 -3.17 23.65 5.39
C ASP A 32 -2.30 22.98 6.48
N LEU A 33 -1.15 22.45 6.08
CA LEU A 33 -0.20 21.75 6.96
C LEU A 33 -0.87 20.59 7.71
N SER A 34 -1.89 20.06 7.07
CA SER A 34 -2.69 18.93 7.56
C SER A 34 -2.08 17.60 7.11
N GLU A 35 -0.79 17.64 6.89
CA GLU A 35 -0.07 16.59 6.17
C GLU A 35 0.04 15.34 7.04
N VAL A 36 0.12 14.19 6.38
CA VAL A 36 0.08 12.91 7.06
C VAL A 36 0.92 11.93 6.26
N THR A 37 1.44 10.90 6.90
CA THR A 37 2.18 9.86 6.21
C THR A 37 1.73 8.51 6.76
N PHE A 38 1.77 7.51 5.91
CA PHE A 38 1.34 6.16 6.26
C PHE A 38 2.05 5.22 5.30
N SER A 39 1.93 3.92 5.48
CA SER A 39 2.59 2.95 4.61
C SER A 39 1.57 1.94 4.12
N LEU A 40 1.82 1.39 2.93
CA LEU A 40 0.90 0.44 2.31
C LEU A 40 1.61 -0.83 1.91
N GLN A 41 0.90 -1.94 2.08
CA GLN A 41 1.41 -3.27 1.73
C GLN A 41 0.90 -3.60 0.33
N VAL A 42 1.80 -3.73 -0.63
CA VAL A 42 1.40 -3.96 -2.02
C VAL A 42 2.28 -5.00 -2.68
N ASP A 43 1.79 -5.57 -3.78
CA ASP A 43 2.57 -6.51 -4.56
C ASP A 43 3.50 -5.71 -5.48
N ALA A 44 4.54 -6.35 -5.99
CA ALA A 44 5.45 -5.69 -6.91
C ALA A 44 4.69 -5.27 -8.19
N ASP A 45 3.82 -6.14 -8.66
CA ASP A 45 3.11 -5.89 -9.92
C ASP A 45 1.74 -5.24 -9.70
N PHE A 46 1.55 -4.66 -8.53
CA PHE A 46 0.33 -3.94 -8.20
C PHE A 46 0.24 -2.70 -9.09
N GLU A 47 -0.92 -2.46 -9.70
CA GLU A 47 -1.09 -1.32 -10.61
C GLU A 47 -0.96 0.00 -9.88
N LEU A 48 -0.49 1.02 -10.60
CA LEU A 48 -0.54 2.39 -10.11
C LEU A 48 -2.01 2.79 -9.93
N HIS A 49 -2.85 2.28 -10.84
CA HIS A 49 -4.29 2.52 -10.78
C HIS A 49 -4.90 2.02 -9.47
N ASN A 50 -4.47 0.86 -9.03
CA ASN A 50 -4.98 0.26 -7.81
C ASN A 50 -4.33 0.94 -6.59
N PHE A 51 -3.06 1.28 -6.71
CA PHE A 51 -2.32 1.92 -5.63
C PHE A 51 -2.92 3.25 -5.23
N ARG A 52 -3.30 4.06 -6.20
CA ARG A 52 -3.90 5.36 -5.90
C ARG A 52 -5.29 5.20 -5.26
N ALA A 53 -5.99 4.12 -5.56
CA ALA A 53 -7.28 3.84 -4.94
C ALA A 53 -7.08 3.44 -3.47
N LEU A 54 -6.07 2.62 -3.20
CA LEU A 54 -5.75 2.24 -1.82
C LEU A 54 -5.29 3.49 -1.05
N CYS A 55 -4.58 4.36 -1.73
CA CYS A 55 -4.12 5.60 -1.13
C CYS A 55 -5.28 6.51 -0.71
N GLU A 56 -6.36 6.52 -1.50
CA GLU A 56 -7.55 7.31 -1.17
C GLU A 56 -8.14 6.83 0.15
N LEU A 57 -8.22 5.52 0.31
CA LEU A 57 -8.79 4.92 1.52
C LEU A 57 -8.01 5.30 2.78
N GLU A 58 -6.70 5.20 2.71
CA GLU A 58 -5.86 5.49 3.88
C GLU A 58 -5.71 6.98 4.16
N SER A 59 -5.73 7.80 3.12
CA SER A 59 -5.56 9.25 3.29
C SER A 59 -6.86 9.94 3.66
N GLY A 60 -7.99 9.34 3.31
CA GLY A 60 -9.29 9.91 3.67
C GLY A 60 -9.71 11.06 2.78
N ILE A 61 -8.99 11.28 1.69
CA ILE A 61 -9.31 12.35 0.75
C ILE A 61 -9.42 11.75 -0.65
N PRO A 62 -10.34 12.28 -1.49
CA PRO A 62 -10.47 11.63 -2.81
C PRO A 62 -9.22 11.73 -3.67
N ALA A 63 -8.90 10.64 -4.36
CA ALA A 63 -7.81 10.62 -5.33
C ALA A 63 -8.15 11.56 -6.49
N ALA A 64 -9.44 11.79 -6.69
CA ALA A 64 -9.92 12.69 -7.74
C ALA A 64 -9.50 14.14 -7.48
N GLU A 65 -9.29 14.49 -6.22
CA GLU A 65 -8.93 15.85 -5.82
C GLU A 65 -7.44 15.96 -5.56
N SER A 66 -6.69 14.93 -5.91
CA SER A 66 -5.29 14.85 -5.55
C SER A 66 -4.41 14.32 -6.67
N GLN A 67 -3.11 14.59 -6.59
CA GLN A 67 -2.15 14.10 -7.56
C GLN A 67 -1.09 13.27 -6.87
N ILE A 68 -0.52 12.33 -7.58
CA ILE A 68 0.51 11.45 -7.04
C ILE A 68 1.83 11.71 -7.78
N VAL A 69 2.89 11.80 -7.02
CA VAL A 69 4.23 12.17 -7.49
C VAL A 69 5.26 11.22 -6.91
N TYR A 70 6.21 10.79 -7.74
CA TYR A 70 7.32 9.95 -7.30
C TYR A 70 8.53 10.43 -8.07
N ALA A 71 9.69 10.46 -7.41
CA ALA A 71 10.93 10.94 -8.03
C ALA A 71 10.71 12.30 -8.72
N GLU A 72 10.03 13.20 -8.00
CA GLU A 72 9.71 14.57 -8.45
C GLU A 72 8.84 14.65 -9.73
N ARG A 73 8.31 13.54 -10.19
CA ARG A 73 7.51 13.51 -11.43
C ARG A 73 6.14 12.88 -11.16
N PRO A 74 5.08 13.42 -11.80
CA PRO A 74 3.78 12.81 -11.49
C PRO A 74 3.60 11.43 -12.11
N LEU A 75 2.87 10.58 -11.42
CA LEU A 75 2.57 9.24 -11.90
C LEU A 75 1.22 9.26 -12.61
N THR A 76 1.26 9.25 -13.94
CA THR A 76 0.05 9.41 -14.75
C THR A 76 -0.35 8.17 -15.54
N ASP A 77 0.60 7.28 -15.81
CA ASP A 77 0.30 6.05 -16.55
C ASP A 77 -0.21 5.01 -15.56
N ASN A 78 -1.53 4.88 -15.50
CA ASN A 78 -2.19 4.00 -14.55
C ASN A 78 -1.92 2.52 -14.82
N HIS A 79 -1.61 2.19 -16.07
CA HIS A 79 -1.47 0.81 -16.51
C HIS A 79 -0.16 0.18 -16.09
N ARG A 80 0.76 0.98 -15.56
CA ARG A 80 2.05 0.46 -15.12
C ARG A 80 1.93 -0.01 -13.69
N SER A 81 2.65 -1.06 -13.37
CA SER A 81 2.73 -1.51 -12.01
C SER A 81 3.76 -0.69 -11.27
N LEU A 82 3.78 -0.78 -9.96
CA LEU A 82 4.69 0.00 -9.15
C LEU A 82 6.15 -0.39 -9.40
N ALA A 83 6.40 -1.67 -9.61
CA ALA A 83 7.74 -2.15 -9.95
C ALA A 83 8.19 -1.56 -11.29
N SER A 84 7.24 -1.34 -12.19
CA SER A 84 7.53 -0.74 -13.50
C SER A 84 7.93 0.74 -13.37
N TYR A 85 7.63 1.34 -12.22
CA TYR A 85 8.04 2.73 -11.94
C TYR A 85 9.30 2.75 -11.08
N GLY A 86 9.72 1.59 -10.62
CA GLY A 86 10.89 1.50 -9.77
C GLY A 86 10.58 1.72 -8.29
N LEU A 87 9.32 1.58 -7.90
CA LEU A 87 8.95 1.74 -6.49
C LEU A 87 9.44 0.53 -5.68
N LYS A 88 10.70 0.59 -5.29
CA LYS A 88 11.31 -0.45 -4.45
C LYS A 88 10.68 -0.46 -3.07
N ASP A 89 10.87 -1.54 -2.34
CA ASP A 89 10.43 -1.63 -0.97
C ASP A 89 11.11 -0.51 -0.16
N GLY A 90 10.30 0.22 0.58
CA GLY A 90 10.79 1.29 1.42
C GLY A 90 10.83 2.63 0.72
N ASP A 91 10.49 2.70 -0.56
CA ASP A 91 10.49 3.99 -1.25
C ASP A 91 9.26 4.83 -0.87
N VAL A 92 9.33 6.11 -1.16
CA VAL A 92 8.28 7.06 -0.75
C VAL A 92 7.56 7.69 -1.94
N VAL A 93 6.24 7.65 -1.91
CA VAL A 93 5.42 8.32 -2.91
C VAL A 93 4.82 9.54 -2.22
N ILE A 94 4.65 10.63 -2.97
CA ILE A 94 4.13 11.87 -2.42
C ILE A 94 2.77 12.12 -3.04
N LEU A 95 1.76 12.30 -2.21
CA LEU A 95 0.41 12.59 -2.68
C LEU A 95 0.17 14.07 -2.37
N ARG A 96 -0.46 14.80 -3.27
CA ARG A 96 -0.67 16.25 -3.11
C ARG A 96 -2.09 16.67 -3.43
N GLN A 97 -2.84 17.10 -2.42
CA GLN A 97 -4.20 17.64 -2.61
C GLN A 97 -4.16 19.12 -2.99
N MET A 1 16.24 -59.04 16.16
CA MET A 1 14.93 -59.16 15.45
C MET A 1 13.72 -58.89 16.33
N GLY A 2 13.70 -57.69 16.91
CA GLY A 2 12.63 -57.27 17.80
C GLY A 2 12.78 -55.80 18.11
N HIS A 3 11.78 -55.23 18.76
CA HIS A 3 11.74 -53.79 19.12
C HIS A 3 11.93 -52.83 17.93
N HIS A 4 11.67 -53.33 16.73
CA HIS A 4 11.81 -52.51 15.52
C HIS A 4 10.69 -51.46 15.48
N HIS A 5 9.48 -51.91 15.74
CA HIS A 5 8.27 -51.06 15.71
C HIS A 5 8.17 -50.27 14.40
N HIS A 6 7.46 -49.15 14.43
CA HIS A 6 7.30 -48.30 13.25
C HIS A 6 7.11 -46.87 13.77
N HIS A 7 8.08 -46.01 13.50
CA HIS A 7 8.02 -44.64 13.97
C HIS A 7 7.55 -43.74 12.83
N HIS A 8 6.35 -43.19 12.97
CA HIS A 8 5.76 -42.36 11.92
C HIS A 8 4.82 -41.33 12.55
N HIS A 9 4.53 -40.30 11.77
CA HIS A 9 3.61 -39.23 12.19
C HIS A 9 3.22 -38.37 11.01
N HIS A 10 4.24 -37.97 10.25
CA HIS A 10 4.14 -37.02 9.11
C HIS A 10 3.94 -35.61 9.68
N HIS A 11 4.28 -34.59 8.90
CA HIS A 11 4.16 -33.21 9.33
C HIS A 11 3.15 -32.51 8.45
N HIS A 12 2.75 -31.31 8.86
CA HIS A 12 1.82 -30.49 8.09
C HIS A 12 2.35 -29.07 8.20
N SER A 13 2.08 -28.25 7.20
CA SER A 13 2.52 -26.86 7.20
C SER A 13 1.40 -26.01 6.64
N SER A 14 1.20 -24.82 7.20
CA SER A 14 0.13 -23.93 6.75
C SER A 14 0.71 -22.75 5.97
N GLY A 15 2.01 -22.78 5.73
CA GLY A 15 2.70 -21.66 5.10
C GLY A 15 2.98 -20.60 6.14
N HIS A 16 3.64 -19.52 5.74
CA HIS A 16 3.95 -18.42 6.67
C HIS A 16 3.82 -17.08 5.93
N ILE A 17 2.60 -16.81 5.45
CA ILE A 17 2.28 -15.57 4.69
C ILE A 17 3.31 -15.42 3.55
N GLU A 18 3.55 -16.51 2.87
CA GLU A 18 4.56 -16.55 1.82
C GLU A 18 3.97 -16.05 0.49
N GLY A 19 4.55 -14.99 -0.05
CA GLY A 19 4.08 -14.44 -1.31
C GLY A 19 4.87 -13.18 -1.62
N ARG A 20 4.76 -12.67 -2.84
CA ARG A 20 5.48 -11.45 -3.22
C ARG A 20 4.70 -10.26 -2.70
N HIS A 21 5.32 -9.47 -1.85
CA HIS A 21 4.72 -8.26 -1.36
C HIS A 21 5.87 -7.34 -0.98
N MET A 22 5.59 -6.05 -0.94
CA MET A 22 6.58 -5.03 -0.63
C MET A 22 5.86 -3.92 0.12
N LEU A 23 6.60 -3.21 0.96
CA LEU A 23 6.03 -2.13 1.77
C LEU A 23 6.48 -0.79 1.20
N LEU A 24 5.54 0.08 0.86
CA LEU A 24 5.84 1.39 0.29
C LEU A 24 5.31 2.46 1.23
N THR A 25 5.87 3.65 1.16
CA THR A 25 5.45 4.75 2.03
C THR A 25 4.77 5.84 1.20
N VAL A 26 3.69 6.39 1.72
CA VAL A 26 2.95 7.44 1.04
C VAL A 26 2.83 8.64 1.97
N TYR A 27 3.27 9.79 1.49
CA TYR A 27 3.12 11.03 2.24
C TYR A 27 1.99 11.82 1.59
N CYS A 28 0.93 12.09 2.33
CA CYS A 28 -0.20 12.85 1.83
C CYS A 28 -0.06 14.30 2.25
N VAL A 29 -0.10 15.19 1.27
CA VAL A 29 0.00 16.62 1.52
C VAL A 29 -1.30 17.28 1.08
N ARG A 30 -1.88 18.06 1.98
CA ARG A 30 -3.11 18.78 1.68
C ARG A 30 -2.86 20.26 1.82
N ARG A 31 -3.55 21.04 1.00
CA ARG A 31 -3.46 22.50 1.06
C ARG A 31 -3.96 23.00 2.41
N ASP A 32 -4.89 22.24 2.98
CA ASP A 32 -5.56 22.59 4.22
C ASP A 32 -4.82 22.18 5.49
N LEU A 33 -3.49 22.03 5.39
CA LEU A 33 -2.61 21.69 6.53
C LEU A 33 -3.04 20.40 7.25
N SER A 34 -3.47 19.45 6.45
CA SER A 34 -3.99 18.16 6.92
C SER A 34 -3.01 17.01 6.68
N GLU A 35 -1.72 17.30 6.59
CA GLU A 35 -0.77 16.33 6.04
C GLU A 35 -0.52 15.16 7.01
N VAL A 36 -0.28 13.99 6.42
CA VAL A 36 -0.11 12.75 7.18
C VAL A 36 0.73 11.81 6.32
N THR A 37 1.45 10.88 6.93
CA THR A 37 2.24 9.91 6.18
C THR A 37 1.89 8.53 6.73
N PHE A 38 1.88 7.54 5.87
CA PHE A 38 1.49 6.17 6.23
C PHE A 38 2.17 5.24 5.25
N SER A 39 2.06 3.94 5.48
CA SER A 39 2.68 2.95 4.60
C SER A 39 1.66 1.93 4.15
N LEU A 40 1.88 1.35 2.98
CA LEU A 40 0.96 0.40 2.39
C LEU A 40 1.71 -0.85 1.94
N GLN A 41 1.05 -1.98 2.02
CA GLN A 41 1.63 -3.24 1.56
C GLN A 41 0.96 -3.60 0.25
N VAL A 42 1.76 -3.84 -0.78
CA VAL A 42 1.27 -4.09 -2.13
C VAL A 42 2.10 -5.19 -2.79
N ASP A 43 1.62 -5.74 -3.89
CA ASP A 43 2.41 -6.68 -4.69
C ASP A 43 3.33 -5.82 -5.56
N ALA A 44 4.41 -6.39 -6.05
CA ALA A 44 5.28 -5.70 -6.98
C ALA A 44 4.50 -5.36 -8.26
N ASP A 45 3.60 -6.26 -8.63
CA ASP A 45 2.81 -6.12 -9.85
C ASP A 45 1.49 -5.38 -9.64
N PHE A 46 1.34 -4.73 -8.48
CA PHE A 46 0.13 -3.99 -8.17
C PHE A 46 0.05 -2.77 -9.10
N GLU A 47 -1.10 -2.52 -9.69
CA GLU A 47 -1.27 -1.40 -10.61
C GLU A 47 -1.18 -0.07 -9.87
N LEU A 48 -0.72 0.96 -10.54
CA LEU A 48 -0.77 2.31 -9.99
C LEU A 48 -2.22 2.72 -9.77
N HIS A 49 -3.10 2.28 -10.65
CA HIS A 49 -4.52 2.59 -10.56
C HIS A 49 -5.10 2.08 -9.23
N ASN A 50 -4.72 0.87 -8.85
CA ASN A 50 -5.19 0.30 -7.60
C ASN A 50 -4.43 0.89 -6.42
N PHE A 51 -3.16 1.22 -6.63
CA PHE A 51 -2.34 1.82 -5.58
C PHE A 51 -2.86 3.19 -5.15
N ARG A 52 -3.23 4.03 -6.11
CA ARG A 52 -3.74 5.36 -5.77
C ARG A 52 -5.11 5.26 -5.12
N ALA A 53 -5.88 4.22 -5.45
CA ALA A 53 -7.17 4.00 -4.78
C ALA A 53 -6.91 3.52 -3.34
N LEU A 54 -5.90 2.68 -3.18
CA LEU A 54 -5.55 2.14 -1.87
C LEU A 54 -5.06 3.26 -0.93
N CYS A 55 -4.31 4.21 -1.45
CA CYS A 55 -3.85 5.33 -0.63
C CYS A 55 -4.96 6.35 -0.39
N GLU A 56 -5.93 6.42 -1.29
CA GLU A 56 -7.09 7.29 -1.14
C GLU A 56 -7.91 6.82 0.08
N LEU A 57 -7.98 5.51 0.27
CA LEU A 57 -8.71 4.94 1.41
C LEU A 57 -8.11 5.41 2.74
N GLU A 58 -6.79 5.36 2.85
CA GLU A 58 -6.12 5.72 4.11
C GLU A 58 -6.04 7.23 4.31
N SER A 59 -5.96 7.99 3.23
CA SER A 59 -5.84 9.44 3.32
C SER A 59 -7.21 10.11 3.47
N GLY A 60 -8.27 9.40 3.08
CA GLY A 60 -9.61 9.92 3.25
C GLY A 60 -10.02 10.94 2.20
N ILE A 61 -9.23 11.06 1.14
CA ILE A 61 -9.50 12.02 0.08
C ILE A 61 -9.38 11.36 -1.30
N PRO A 62 -10.21 11.77 -2.27
CA PRO A 62 -10.11 11.09 -3.56
C PRO A 62 -8.78 11.27 -4.27
N ALA A 63 -8.23 10.18 -4.77
CA ALA A 63 -7.01 10.21 -5.56
C ALA A 63 -7.26 10.98 -6.86
N ALA A 64 -8.52 11.02 -7.28
CA ALA A 64 -8.92 11.72 -8.50
C ALA A 64 -8.78 13.24 -8.36
N GLU A 65 -8.85 13.74 -7.14
CA GLU A 65 -8.80 15.19 -6.87
C GLU A 65 -7.38 15.62 -6.51
N SER A 66 -6.43 14.71 -6.66
CA SER A 66 -5.06 14.97 -6.24
C SER A 66 -4.07 14.44 -7.28
N GLN A 67 -2.79 14.76 -7.09
CA GLN A 67 -1.74 14.34 -8.00
C GLN A 67 -0.68 13.60 -7.20
N ILE A 68 -0.17 12.51 -7.74
CA ILE A 68 0.83 11.69 -7.05
C ILE A 68 2.19 11.89 -7.72
N VAL A 69 3.19 12.12 -6.89
CA VAL A 69 4.55 12.46 -7.31
C VAL A 69 5.53 11.42 -6.75
N TYR A 70 6.47 11.00 -7.57
CA TYR A 70 7.50 10.04 -7.17
C TYR A 70 8.82 10.50 -7.78
N ALA A 71 9.89 10.48 -6.98
CA ALA A 71 11.21 10.97 -7.41
C ALA A 71 11.08 12.41 -7.97
N GLU A 72 10.27 13.21 -7.29
CA GLU A 72 9.95 14.60 -7.67
C GLU A 72 9.31 14.79 -9.05
N ARG A 73 8.88 13.70 -9.68
CA ARG A 73 8.20 13.77 -10.98
C ARG A 73 6.78 13.23 -10.84
N PRO A 74 5.80 13.85 -11.53
CA PRO A 74 4.46 13.25 -11.36
C PRO A 74 4.35 11.92 -12.08
N LEU A 75 3.51 11.04 -11.54
CA LEU A 75 3.23 9.76 -12.17
C LEU A 75 2.00 9.98 -13.05
N THR A 76 1.97 9.35 -14.22
CA THR A 76 0.88 9.60 -15.19
C THR A 76 0.19 8.34 -15.72
N ASP A 77 0.96 7.31 -16.06
CA ASP A 77 0.39 6.10 -16.64
C ASP A 77 -0.08 5.14 -15.54
N ASN A 78 -1.37 5.20 -15.24
CA ASN A 78 -1.95 4.46 -14.13
C ASN A 78 -1.97 2.94 -14.35
N HIS A 79 -1.89 2.50 -15.59
CA HIS A 79 -2.03 1.08 -15.90
C HIS A 79 -0.77 0.28 -15.55
N ARG A 80 0.34 0.98 -15.35
CA ARG A 80 1.61 0.30 -15.07
C ARG A 80 1.69 -0.18 -13.64
N SER A 81 2.39 -1.27 -13.46
CA SER A 81 2.69 -1.79 -12.13
C SER A 81 3.68 -0.89 -11.42
N LEU A 82 3.69 -0.93 -10.09
CA LEU A 82 4.62 -0.12 -9.31
C LEU A 82 6.07 -0.53 -9.55
N ALA A 83 6.30 -1.83 -9.76
CA ALA A 83 7.62 -2.33 -10.11
C ALA A 83 8.13 -1.73 -11.42
N SER A 84 7.22 -1.40 -12.32
CA SER A 84 7.58 -0.80 -13.61
C SER A 84 8.10 0.63 -13.46
N TYR A 85 7.84 1.24 -12.31
CA TYR A 85 8.39 2.56 -12.00
C TYR A 85 9.61 2.42 -11.11
N GLY A 86 9.90 1.21 -10.67
CA GLY A 86 11.01 0.97 -9.76
C GLY A 86 10.62 1.27 -8.32
N LEU A 87 9.32 1.26 -8.04
CA LEU A 87 8.84 1.57 -6.68
C LEU A 87 9.07 0.38 -5.75
N LYS A 88 10.30 0.31 -5.28
CA LYS A 88 10.82 -0.75 -4.40
C LYS A 88 10.34 -0.65 -2.96
N ASP A 89 10.64 -1.69 -2.18
CA ASP A 89 10.40 -1.68 -0.75
C ASP A 89 11.08 -0.48 -0.12
N GLY A 90 10.31 0.27 0.66
CA GLY A 90 10.86 1.39 1.40
C GLY A 90 10.85 2.68 0.61
N ASP A 91 10.42 2.65 -0.64
CA ASP A 91 10.38 3.87 -1.42
C ASP A 91 9.17 4.73 -1.03
N VAL A 92 9.25 6.01 -1.32
CA VAL A 92 8.25 6.98 -0.84
C VAL A 92 7.60 7.74 -2.01
N VAL A 93 6.28 7.88 -1.98
CA VAL A 93 5.59 8.73 -2.96
C VAL A 93 4.92 9.87 -2.20
N ILE A 94 4.64 10.96 -2.88
CA ILE A 94 4.02 12.13 -2.27
C ILE A 94 2.75 12.48 -3.03
N LEU A 95 1.61 12.36 -2.38
CA LEU A 95 0.33 12.69 -2.98
C LEU A 95 -0.01 14.11 -2.54
N ARG A 96 -0.41 14.96 -3.48
CA ARG A 96 -0.71 16.36 -3.18
C ARG A 96 -2.11 16.74 -3.63
N GLN A 97 -2.94 17.17 -2.67
CA GLN A 97 -4.29 17.70 -2.95
C GLN A 97 -4.32 19.21 -2.77
N MET A 1 -3.78 -34.21 43.63
CA MET A 1 -4.61 -33.11 44.19
C MET A 1 -5.18 -32.21 43.12
N GLY A 2 -4.40 -32.13 42.04
CA GLY A 2 -4.69 -31.33 40.87
C GLY A 2 -5.66 -32.00 39.91
N HIS A 3 -6.73 -32.56 40.45
CA HIS A 3 -7.69 -33.33 39.65
C HIS A 3 -8.44 -32.50 38.62
N HIS A 4 -8.37 -31.18 38.75
CA HIS A 4 -9.03 -30.26 37.82
C HIS A 4 -8.03 -29.27 37.25
N HIS A 5 -6.76 -29.62 37.27
CA HIS A 5 -5.71 -28.75 36.75
C HIS A 5 -5.68 -28.88 35.22
N HIS A 6 -5.62 -27.76 34.53
CA HIS A 6 -5.58 -27.74 33.07
C HIS A 6 -4.35 -26.91 32.68
N HIS A 7 -3.81 -27.16 31.50
CA HIS A 7 -2.58 -26.50 31.06
C HIS A 7 -2.52 -26.49 29.54
N HIS A 8 -1.53 -25.79 29.00
CA HIS A 8 -1.28 -25.68 27.54
C HIS A 8 -2.40 -24.92 26.81
N HIS A 9 -2.21 -24.70 25.51
CA HIS A 9 -3.16 -23.96 24.67
C HIS A 9 -3.36 -24.71 23.37
N HIS A 10 -4.37 -24.32 22.60
CA HIS A 10 -4.70 -25.00 21.35
C HIS A 10 -4.41 -24.10 20.16
N HIS A 11 -3.13 -23.84 19.93
CA HIS A 11 -2.70 -22.97 18.84
C HIS A 11 -2.68 -23.75 17.52
N HIS A 12 -3.22 -23.15 16.47
CA HIS A 12 -3.24 -23.74 15.15
C HIS A 12 -2.94 -22.60 14.17
N SER A 13 -2.45 -22.93 12.98
CA SER A 13 -2.13 -21.93 11.96
C SER A 13 -2.23 -22.59 10.60
N SER A 14 -2.38 -21.79 9.55
CA SER A 14 -2.45 -22.27 8.17
C SER A 14 -1.95 -21.15 7.30
N GLY A 15 -1.30 -21.49 6.19
CA GLY A 15 -0.69 -20.48 5.34
C GLY A 15 0.69 -20.15 5.87
N HIS A 16 1.50 -19.44 5.09
CA HIS A 16 2.86 -19.09 5.53
C HIS A 16 3.34 -17.83 4.82
N ILE A 17 4.63 -17.58 4.86
CA ILE A 17 5.22 -16.47 4.11
C ILE A 17 5.29 -16.94 2.66
N GLU A 18 4.46 -16.33 1.82
CA GLU A 18 4.35 -16.71 0.42
C GLU A 18 3.91 -15.44 -0.33
N GLY A 19 3.90 -15.48 -1.65
CA GLY A 19 3.58 -14.30 -2.45
C GLY A 19 4.82 -13.44 -2.65
N ARG A 20 4.65 -12.23 -3.17
CA ARG A 20 5.78 -11.32 -3.39
C ARG A 20 5.33 -9.87 -3.27
N HIS A 21 5.34 -9.37 -2.05
CA HIS A 21 4.83 -8.06 -1.73
C HIS A 21 5.99 -7.20 -1.25
N MET A 22 5.77 -5.90 -1.24
CA MET A 22 6.78 -4.96 -0.81
C MET A 22 6.06 -3.80 -0.11
N LEU A 23 6.80 -3.01 0.67
CA LEU A 23 6.23 -1.91 1.43
C LEU A 23 6.63 -0.57 0.84
N LEU A 24 5.66 0.33 0.72
CA LEU A 24 5.91 1.68 0.21
C LEU A 24 5.40 2.68 1.22
N THR A 25 6.06 3.81 1.33
CA THR A 25 5.62 4.88 2.24
C THR A 25 4.95 5.95 1.41
N VAL A 26 3.82 6.46 1.89
CA VAL A 26 3.09 7.50 1.19
C VAL A 26 2.95 8.70 2.12
N TYR A 27 3.30 9.88 1.63
CA TYR A 27 3.25 11.11 2.40
C TYR A 27 2.29 12.09 1.72
N CYS A 28 1.13 12.29 2.32
CA CYS A 28 0.08 13.14 1.75
C CYS A 28 0.13 14.54 2.36
N VAL A 29 0.33 15.54 1.52
CA VAL A 29 0.50 16.92 1.97
C VAL A 29 -0.71 17.79 1.61
N ARG A 30 -1.19 18.55 2.58
CA ARG A 30 -2.24 19.55 2.35
C ARG A 30 -1.65 20.93 2.57
N ARG A 31 -2.19 21.92 1.88
CA ARG A 31 -1.71 23.31 2.02
C ARG A 31 -1.93 23.82 3.45
N ASP A 32 -2.99 23.35 4.07
CA ASP A 32 -3.41 23.84 5.39
C ASP A 32 -2.72 23.10 6.56
N LEU A 33 -1.48 22.65 6.32
CA LEU A 33 -0.67 21.92 7.32
C LEU A 33 -1.40 20.73 7.92
N SER A 34 -2.12 20.03 7.05
CA SER A 34 -2.95 18.88 7.42
C SER A 34 -2.33 17.56 6.97
N GLU A 35 -1.02 17.54 6.82
CA GLU A 35 -0.35 16.40 6.21
C GLU A 35 -0.32 15.16 7.11
N VAL A 36 -0.27 14.01 6.46
CA VAL A 36 -0.30 12.71 7.13
C VAL A 36 0.59 11.79 6.31
N THR A 37 1.17 10.78 6.93
CA THR A 37 1.99 9.81 6.21
C THR A 37 1.69 8.44 6.79
N PHE A 38 1.79 7.43 5.95
CA PHE A 38 1.46 6.07 6.31
C PHE A 38 2.21 5.17 5.34
N SER A 39 2.16 3.86 5.55
CA SER A 39 2.82 2.94 4.63
C SER A 39 1.81 1.89 4.18
N LEU A 40 1.96 1.44 2.96
CA LEU A 40 1.06 0.48 2.35
C LEU A 40 1.87 -0.69 1.81
N GLN A 41 1.30 -1.87 1.85
CA GLN A 41 1.96 -3.06 1.32
C GLN A 41 1.24 -3.44 0.04
N VAL A 42 2.01 -3.62 -1.03
CA VAL A 42 1.45 -3.95 -2.35
C VAL A 42 2.30 -5.04 -2.99
N ASP A 43 1.74 -5.73 -3.98
CA ASP A 43 2.49 -6.72 -4.73
C ASP A 43 3.45 -6.02 -5.68
N ALA A 44 4.46 -6.74 -6.14
CA ALA A 44 5.39 -6.20 -7.13
C ALA A 44 4.62 -5.83 -8.42
N ASP A 45 3.65 -6.66 -8.76
CA ASP A 45 2.87 -6.48 -10.00
C ASP A 45 1.53 -5.78 -9.76
N PHE A 46 1.39 -5.16 -8.60
CA PHE A 46 0.16 -4.44 -8.24
C PHE A 46 -0.06 -3.30 -9.22
N GLU A 47 -1.31 -3.03 -9.57
CA GLU A 47 -1.62 -1.99 -10.55
C GLU A 47 -1.48 -0.60 -9.94
N LEU A 48 -0.93 0.32 -10.71
CA LEU A 48 -0.84 1.72 -10.28
C LEU A 48 -2.25 2.24 -10.05
N HIS A 49 -3.21 1.76 -10.84
CA HIS A 49 -4.61 2.11 -10.67
C HIS A 49 -5.09 1.82 -9.25
N ASN A 50 -4.80 0.63 -8.74
CA ASN A 50 -5.28 0.24 -7.43
C ASN A 50 -4.47 0.88 -6.32
N PHE A 51 -3.20 1.16 -6.57
CA PHE A 51 -2.37 1.85 -5.58
C PHE A 51 -2.91 3.25 -5.29
N ARG A 52 -3.40 3.93 -6.32
CA ARG A 52 -4.03 5.25 -6.14
C ARG A 52 -5.22 5.09 -5.26
N ALA A 53 -6.05 4.13 -5.60
CA ALA A 53 -7.29 3.86 -4.84
C ALA A 53 -6.98 3.52 -3.37
N LEU A 54 -5.92 2.77 -3.13
CA LEU A 54 -5.53 2.40 -1.76
C LEU A 54 -5.10 3.63 -0.97
N CYS A 55 -4.26 4.48 -1.54
CA CYS A 55 -3.80 5.66 -0.81
C CYS A 55 -4.91 6.70 -0.67
N GLU A 56 -5.87 6.68 -1.60
CA GLU A 56 -7.04 7.55 -1.56
C GLU A 56 -7.91 7.15 -0.37
N LEU A 57 -8.15 5.85 -0.24
CA LEU A 57 -8.97 5.31 0.84
C LEU A 57 -8.32 5.53 2.20
N GLU A 58 -7.02 5.27 2.28
CA GLU A 58 -6.29 5.42 3.55
C GLU A 58 -6.25 6.87 4.00
N SER A 59 -6.17 7.79 3.04
CA SER A 59 -6.15 9.21 3.35
C SER A 59 -7.56 9.76 3.59
N GLY A 60 -8.56 9.14 3.00
CA GLY A 60 -9.94 9.57 3.16
C GLY A 60 -10.26 10.81 2.35
N ILE A 61 -9.62 10.93 1.20
CA ILE A 61 -9.72 12.13 0.36
C ILE A 61 -10.30 11.81 -1.02
N PRO A 62 -10.92 12.80 -1.69
CA PRO A 62 -11.34 12.46 -3.06
C PRO A 62 -10.16 12.41 -4.03
N ALA A 63 -10.14 11.44 -4.94
CA ALA A 63 -9.09 11.38 -5.97
C ALA A 63 -9.08 12.64 -6.83
N ALA A 64 -10.25 13.23 -7.03
CA ALA A 64 -10.41 14.42 -7.85
C ALA A 64 -9.62 15.62 -7.29
N GLU A 65 -9.36 15.61 -5.99
CA GLU A 65 -8.67 16.71 -5.32
C GLU A 65 -7.22 16.33 -5.01
N SER A 66 -6.72 15.28 -5.64
CA SER A 66 -5.37 14.78 -5.34
C SER A 66 -4.49 14.61 -6.57
N GLN A 67 -3.18 14.69 -6.36
CA GLN A 67 -2.18 14.40 -7.39
C GLN A 67 -1.06 13.62 -6.72
N ILE A 68 -0.59 12.58 -7.39
CA ILE A 68 0.38 11.66 -6.82
C ILE A 68 1.71 11.74 -7.58
N VAL A 69 2.81 11.82 -6.84
CA VAL A 69 4.14 12.08 -7.39
C VAL A 69 5.18 11.13 -6.78
N TYR A 70 6.06 10.59 -7.61
CA TYR A 70 7.15 9.74 -7.15
C TYR A 70 8.42 10.22 -7.83
N ALA A 71 9.51 10.32 -7.07
CA ALA A 71 10.80 10.78 -7.58
C ALA A 71 10.63 12.10 -8.37
N GLU A 72 9.90 13.04 -7.78
CA GLU A 72 9.61 14.37 -8.38
C GLU A 72 8.79 14.36 -9.69
N ARG A 73 8.37 13.19 -10.15
CA ARG A 73 7.62 13.07 -11.41
C ARG A 73 6.22 12.52 -11.12
N PRO A 74 5.18 13.07 -11.77
CA PRO A 74 3.85 12.57 -11.40
C PRO A 74 3.57 11.16 -11.90
N LEU A 75 2.81 10.42 -11.12
CA LEU A 75 2.39 9.06 -11.50
C LEU A 75 1.03 9.17 -12.18
N THR A 76 0.99 9.94 -13.25
CA THR A 76 -0.25 10.20 -13.98
C THR A 76 -0.70 8.96 -14.74
N ASP A 77 0.25 8.21 -15.29
CA ASP A 77 -0.06 6.99 -16.01
C ASP A 77 -0.42 5.89 -15.02
N ASN A 78 -1.54 5.23 -15.26
CA ASN A 78 -1.94 4.08 -14.44
C ASN A 78 -1.60 2.75 -15.12
N HIS A 79 -0.92 2.84 -16.26
CA HIS A 79 -0.76 1.72 -17.19
C HIS A 79 0.28 0.64 -16.89
N ARG A 80 0.99 0.74 -15.78
CA ARG A 80 2.04 -0.24 -15.45
C ARG A 80 1.95 -0.62 -13.98
N SER A 81 2.64 -1.68 -13.61
CA SER A 81 2.73 -2.11 -12.23
C SER A 81 3.71 -1.24 -11.45
N LEU A 82 3.63 -1.28 -10.13
CA LEU A 82 4.49 -0.46 -9.27
C LEU A 82 5.98 -0.74 -9.47
N ALA A 83 6.36 -2.02 -9.52
CA ALA A 83 7.75 -2.39 -9.74
C ALA A 83 8.24 -1.89 -11.11
N SER A 84 7.34 -1.80 -12.07
CA SER A 84 7.68 -1.31 -13.41
C SER A 84 7.93 0.20 -13.43
N TYR A 85 7.50 0.91 -12.40
CA TYR A 85 7.82 2.34 -12.26
C TYR A 85 9.05 2.49 -11.37
N GLY A 86 9.56 1.36 -10.88
CA GLY A 86 10.72 1.37 -10.00
C GLY A 86 10.37 1.65 -8.57
N LEU A 87 9.11 1.44 -8.19
CA LEU A 87 8.67 1.73 -6.82
C LEU A 87 9.14 0.60 -5.91
N LYS A 88 10.40 0.67 -5.52
CA LYS A 88 11.04 -0.34 -4.68
C LYS A 88 10.53 -0.35 -3.24
N ASP A 89 10.77 -1.46 -2.58
CA ASP A 89 10.52 -1.56 -1.14
C ASP A 89 11.29 -0.46 -0.42
N GLY A 90 10.57 0.27 0.42
CA GLY A 90 11.17 1.32 1.21
C GLY A 90 11.16 2.68 0.55
N ASP A 91 10.66 2.79 -0.67
CA ASP A 91 10.61 4.10 -1.32
C ASP A 91 9.42 4.95 -0.83
N VAL A 92 9.48 6.24 -1.12
CA VAL A 92 8.49 7.21 -0.64
C VAL A 92 7.76 7.87 -1.79
N VAL A 93 6.44 7.90 -1.71
CA VAL A 93 5.59 8.53 -2.71
C VAL A 93 4.97 9.75 -2.04
N ILE A 94 4.93 10.87 -2.75
CA ILE A 94 4.39 12.11 -2.19
C ILE A 94 3.09 12.42 -2.91
N LEU A 95 2.04 12.68 -2.14
CA LEU A 95 0.74 13.03 -2.70
C LEU A 95 0.44 14.46 -2.25
N ARG A 96 -0.20 15.23 -3.12
CA ARG A 96 -0.65 16.57 -2.76
C ARG A 96 -2.15 16.62 -2.89
N GLN A 97 -2.80 17.17 -1.88
CA GLN A 97 -4.25 17.28 -1.81
C GLN A 97 -4.69 18.75 -1.83
N MET A 1 7.85 25.66 -11.88
CA MET A 1 6.91 24.59 -12.30
C MET A 1 7.23 24.02 -13.68
N GLY A 2 7.71 22.78 -13.70
CA GLY A 2 8.05 22.09 -14.94
C GLY A 2 9.45 22.40 -15.43
N HIS A 3 10.12 23.33 -14.76
CA HIS A 3 11.51 23.67 -15.07
C HIS A 3 12.42 22.64 -14.38
N HIS A 4 12.35 21.40 -14.85
CA HIS A 4 13.04 20.28 -14.22
C HIS A 4 14.00 19.67 -15.23
N HIS A 5 14.99 18.93 -14.73
CA HIS A 5 15.89 18.18 -15.59
C HIS A 5 15.40 16.74 -15.60
N HIS A 6 15.75 15.99 -16.63
CA HIS A 6 15.26 14.62 -16.78
C HIS A 6 16.43 13.65 -16.83
N HIS A 7 16.32 12.57 -16.07
CA HIS A 7 17.35 11.55 -15.99
C HIS A 7 16.68 10.20 -15.75
N HIS A 8 16.83 9.27 -16.68
CA HIS A 8 16.28 7.94 -16.55
C HIS A 8 17.04 6.98 -17.44
N HIS A 9 17.40 5.83 -16.89
CA HIS A 9 18.07 4.78 -17.63
C HIS A 9 17.44 3.47 -17.18
N HIS A 10 17.54 2.44 -18.00
CA HIS A 10 16.96 1.15 -17.66
C HIS A 10 18.02 0.25 -17.04
N HIS A 11 17.65 -0.40 -15.95
CA HIS A 11 18.51 -1.35 -15.27
C HIS A 11 17.62 -2.53 -14.90
N HIS A 12 18.23 -3.66 -14.57
CA HIS A 12 17.46 -4.84 -14.20
C HIS A 12 16.76 -4.59 -12.86
N SER A 13 15.62 -5.26 -12.67
CA SER A 13 14.84 -5.17 -11.45
C SER A 13 14.18 -6.52 -11.29
N SER A 14 13.45 -6.72 -10.19
CA SER A 14 12.80 -7.99 -9.88
C SER A 14 13.81 -9.14 -9.93
N GLY A 15 13.44 -10.27 -10.54
CA GLY A 15 14.33 -11.43 -10.57
C GLY A 15 14.16 -12.28 -9.32
N HIS A 16 13.31 -11.79 -8.43
CA HIS A 16 12.97 -12.48 -7.20
C HIS A 16 11.92 -13.53 -7.58
N ILE A 17 11.70 -14.53 -6.73
CA ILE A 17 10.64 -15.50 -6.96
C ILE A 17 9.30 -14.77 -6.88
N GLU A 18 8.31 -15.33 -7.56
CA GLU A 18 7.00 -14.68 -7.69
C GLU A 18 6.24 -14.65 -6.36
N GLY A 19 5.30 -13.71 -6.24
CA GLY A 19 4.50 -13.58 -5.02
C GLY A 19 5.18 -12.64 -4.04
N ARG A 20 6.03 -11.77 -4.55
CA ARG A 20 6.74 -10.82 -3.70
C ARG A 20 5.84 -9.63 -3.38
N HIS A 21 5.52 -9.47 -2.11
CA HIS A 21 4.77 -8.31 -1.66
C HIS A 21 5.83 -7.39 -1.09
N MET A 22 5.50 -6.13 -0.93
CA MET A 22 6.46 -5.15 -0.48
C MET A 22 5.74 -4.03 0.26
N LEU A 23 6.50 -3.14 0.88
CA LEU A 23 5.94 -2.02 1.63
C LEU A 23 6.42 -0.71 1.03
N LEU A 24 5.51 0.23 0.80
CA LEU A 24 5.87 1.55 0.30
C LEU A 24 5.39 2.58 1.29
N THR A 25 6.03 3.74 1.33
CA THR A 25 5.64 4.81 2.25
C THR A 25 4.97 5.90 1.43
N VAL A 26 3.88 6.45 1.93
CA VAL A 26 3.15 7.50 1.23
C VAL A 26 3.00 8.72 2.13
N TYR A 27 3.37 9.88 1.62
CA TYR A 27 3.20 11.13 2.34
C TYR A 27 2.09 11.92 1.65
N CYS A 28 1.05 12.25 2.39
CA CYS A 28 -0.11 12.95 1.82
C CYS A 28 -0.25 14.35 2.37
N VAL A 29 -0.15 15.31 1.46
CA VAL A 29 -0.19 16.72 1.80
C VAL A 29 -1.60 17.26 1.73
N ARG A 30 -2.14 17.63 2.88
CA ARG A 30 -3.44 18.27 2.97
C ARG A 30 -3.22 19.78 2.93
N ARG A 31 -4.15 20.49 2.32
CA ARG A 31 -4.08 21.95 2.20
C ARG A 31 -4.01 22.62 3.57
N ASP A 32 -4.68 22.02 4.53
CA ASP A 32 -4.85 22.58 5.86
C ASP A 32 -3.72 22.25 6.84
N LEU A 33 -2.57 21.86 6.29
CA LEU A 33 -1.37 21.44 7.06
C LEU A 33 -1.70 20.25 7.97
N SER A 34 -2.70 19.50 7.54
CA SER A 34 -3.18 18.27 8.18
C SER A 34 -2.39 17.06 7.68
N GLU A 35 -1.17 17.33 7.25
CA GLU A 35 -0.41 16.40 6.42
C GLU A 35 0.05 15.21 7.24
N VAL A 36 0.16 14.08 6.57
CA VAL A 36 0.31 12.80 7.22
C VAL A 36 1.16 11.86 6.38
N THR A 37 1.77 10.89 7.02
CA THR A 37 2.53 9.84 6.34
C THR A 37 2.00 8.51 6.85
N PHE A 38 2.00 7.50 5.98
CA PHE A 38 1.57 6.16 6.34
C PHE A 38 2.26 5.22 5.37
N SER A 39 2.12 3.93 5.56
CA SER A 39 2.75 2.96 4.67
C SER A 39 1.71 1.97 4.18
N LEU A 40 1.89 1.51 2.95
CA LEU A 40 0.96 0.57 2.32
C LEU A 40 1.66 -0.71 1.97
N GLN A 41 0.92 -1.81 2.09
CA GLN A 41 1.43 -3.12 1.70
C GLN A 41 0.82 -3.41 0.33
N VAL A 42 1.68 -3.69 -0.63
CA VAL A 42 1.25 -3.87 -2.02
C VAL A 42 2.05 -5.01 -2.63
N ASP A 43 1.60 -5.50 -3.76
CA ASP A 43 2.34 -6.53 -4.50
C ASP A 43 3.35 -5.83 -5.42
N ALA A 44 4.32 -6.56 -5.95
CA ALA A 44 5.26 -5.99 -6.90
C ALA A 44 4.52 -5.56 -8.18
N ASP A 45 3.60 -6.39 -8.65
CA ASP A 45 2.90 -6.13 -9.91
C ASP A 45 1.56 -5.40 -9.70
N PHE A 46 1.42 -4.79 -8.53
CA PHE A 46 0.20 -4.04 -8.20
C PHE A 46 0.06 -2.87 -9.17
N GLU A 47 -1.15 -2.67 -9.70
CA GLU A 47 -1.40 -1.56 -10.64
C GLU A 47 -1.21 -0.23 -9.94
N LEU A 48 -0.77 0.78 -10.67
CA LEU A 48 -0.80 2.15 -10.16
C LEU A 48 -2.26 2.56 -9.93
N HIS A 49 -3.13 2.09 -10.82
CA HIS A 49 -4.56 2.34 -10.71
C HIS A 49 -5.14 1.82 -9.39
N ASN A 50 -4.69 0.65 -8.96
CA ASN A 50 -5.12 0.07 -7.70
C ASN A 50 -4.39 0.76 -6.52
N PHE A 51 -3.13 1.10 -6.73
CA PHE A 51 -2.34 1.77 -5.70
C PHE A 51 -2.94 3.11 -5.30
N ARG A 52 -3.35 3.92 -6.27
CA ARG A 52 -3.96 5.20 -5.95
C ARG A 52 -5.28 4.99 -5.22
N ALA A 53 -5.96 3.87 -5.45
CA ALA A 53 -7.20 3.57 -4.74
C ALA A 53 -6.90 3.23 -3.28
N LEU A 54 -5.84 2.47 -3.04
CA LEU A 54 -5.45 2.14 -1.67
C LEU A 54 -5.01 3.40 -0.94
N CYS A 55 -4.28 4.25 -1.64
CA CYS A 55 -3.84 5.53 -1.08
C CYS A 55 -5.03 6.42 -0.74
N GLU A 56 -6.00 6.46 -1.64
CA GLU A 56 -7.23 7.25 -1.47
C GLU A 56 -7.99 6.80 -0.22
N LEU A 57 -8.07 5.49 -0.01
CA LEU A 57 -8.75 4.93 1.15
C LEU A 57 -8.10 5.36 2.46
N GLU A 58 -6.79 5.19 2.56
CA GLU A 58 -6.07 5.54 3.80
C GLU A 58 -6.02 7.04 4.03
N SER A 59 -5.94 7.81 2.96
CA SER A 59 -5.84 9.27 3.06
C SER A 59 -7.18 9.91 3.38
N GLY A 60 -8.26 9.27 2.96
CA GLY A 60 -9.59 9.81 3.23
C GLY A 60 -9.96 10.96 2.31
N ILE A 61 -9.16 11.17 1.28
CA ILE A 61 -9.39 12.23 0.31
C ILE A 61 -9.27 11.61 -1.08
N PRO A 62 -10.12 12.04 -2.04
CA PRO A 62 -10.00 11.40 -3.35
C PRO A 62 -8.67 11.68 -4.03
N ALA A 63 -8.07 10.64 -4.60
CA ALA A 63 -6.84 10.77 -5.36
C ALA A 63 -7.12 11.63 -6.60
N ALA A 64 -8.36 11.58 -7.06
CA ALA A 64 -8.80 12.35 -8.23
C ALA A 64 -8.82 13.86 -7.95
N GLU A 65 -8.98 14.21 -6.68
CA GLU A 65 -9.02 15.63 -6.25
C GLU A 65 -7.64 16.02 -5.74
N SER A 66 -6.64 15.24 -6.13
CA SER A 66 -5.26 15.43 -5.69
C SER A 66 -4.32 15.17 -6.88
N GLN A 67 -3.03 15.32 -6.64
CA GLN A 67 -2.02 14.96 -7.64
C GLN A 67 -1.01 14.05 -6.96
N ILE A 68 -0.39 13.14 -7.71
CA ILE A 68 0.53 12.17 -7.13
C ILE A 68 1.90 12.18 -7.86
N VAL A 69 2.97 12.18 -7.10
CA VAL A 69 4.33 12.33 -7.64
C VAL A 69 5.32 11.39 -6.92
N TYR A 70 6.29 10.87 -7.65
CA TYR A 70 7.33 10.00 -7.10
C TYR A 70 8.60 10.30 -7.89
N ALA A 71 9.73 10.42 -7.19
CA ALA A 71 11.02 10.76 -7.80
C ALA A 71 10.89 12.01 -8.70
N GLU A 72 10.18 13.01 -8.19
CA GLU A 72 9.89 14.29 -8.87
C GLU A 72 9.13 14.17 -10.20
N ARG A 73 8.68 12.97 -10.54
CA ARG A 73 7.92 12.76 -11.78
C ARG A 73 6.49 12.37 -11.43
N PRO A 74 5.49 12.91 -12.13
CA PRO A 74 4.15 12.51 -11.75
C PRO A 74 3.88 11.05 -12.12
N LEU A 75 3.06 10.39 -11.32
CA LEU A 75 2.72 8.99 -11.53
C LEU A 75 1.50 8.90 -12.44
N THR A 76 1.71 9.15 -13.74
CA THR A 76 0.61 9.28 -14.70
C THR A 76 0.18 8.00 -15.42
N ASP A 77 1.10 7.07 -15.62
CA ASP A 77 0.80 5.89 -16.44
C ASP A 77 0.10 4.86 -15.57
N ASN A 78 -1.22 4.98 -15.47
CA ASN A 78 -2.02 4.13 -14.58
C ASN A 78 -1.95 2.64 -14.93
N HIS A 79 -1.58 2.34 -16.16
CA HIS A 79 -1.48 0.96 -16.63
C HIS A 79 -0.16 0.30 -16.25
N ARG A 80 0.74 1.04 -15.61
CA ARG A 80 2.00 0.46 -15.15
C ARG A 80 1.81 -0.14 -13.78
N SER A 81 2.61 -1.14 -13.48
CA SER A 81 2.69 -1.71 -12.14
C SER A 81 3.69 -0.88 -11.35
N LEU A 82 3.71 -1.03 -10.04
CA LEU A 82 4.65 -0.27 -9.20
C LEU A 82 6.09 -0.71 -9.49
N ALA A 83 6.29 -2.00 -9.76
CA ALA A 83 7.59 -2.51 -10.17
C ALA A 83 8.07 -1.85 -11.47
N SER A 84 7.13 -1.46 -12.33
CA SER A 84 7.47 -0.79 -13.59
C SER A 84 8.01 0.63 -13.38
N TYR A 85 7.79 1.19 -12.19
CA TYR A 85 8.37 2.50 -11.85
C TYR A 85 9.63 2.30 -11.03
N GLY A 86 9.91 1.04 -10.69
CA GLY A 86 11.03 0.73 -9.82
C GLY A 86 10.70 1.05 -8.38
N LEU A 87 9.41 1.10 -8.05
CA LEU A 87 9.00 1.43 -6.69
C LEU A 87 9.26 0.24 -5.77
N LYS A 88 10.51 0.15 -5.33
CA LYS A 88 10.94 -0.96 -4.46
C LYS A 88 10.63 -0.67 -2.99
N ASP A 89 10.67 -1.72 -2.19
CA ASP A 89 10.35 -1.66 -0.76
C ASP A 89 11.08 -0.55 -0.02
N GLY A 90 10.30 0.36 0.55
CA GLY A 90 10.85 1.47 1.31
C GLY A 90 10.82 2.79 0.56
N ASP A 91 10.49 2.78 -0.72
CA ASP A 91 10.41 4.03 -1.50
C ASP A 91 9.25 4.89 -1.01
N VAL A 92 9.38 6.19 -1.21
CA VAL A 92 8.40 7.17 -0.74
C VAL A 92 7.66 7.81 -1.92
N VAL A 93 6.35 7.77 -1.86
CA VAL A 93 5.48 8.40 -2.85
C VAL A 93 4.82 9.60 -2.18
N ILE A 94 4.64 10.69 -2.90
CA ILE A 94 4.05 11.89 -2.32
C ILE A 94 2.76 12.22 -3.07
N LEU A 95 1.67 12.37 -2.32
CA LEU A 95 0.39 12.79 -2.87
C LEU A 95 0.14 14.20 -2.36
N ARG A 96 -0.26 15.10 -3.24
CA ARG A 96 -0.48 16.49 -2.85
C ARG A 96 -1.88 16.97 -3.19
N GLN A 97 -2.59 17.38 -2.14
CA GLN A 97 -3.88 18.05 -2.23
C GLN A 97 -3.78 19.49 -1.69
N MET A 1 -7.03 -43.69 49.80
CA MET A 1 -8.19 -42.87 50.24
C MET A 1 -8.37 -41.61 49.40
N GLY A 2 -7.61 -41.61 48.31
CA GLY A 2 -7.61 -40.51 47.35
C GLY A 2 -6.77 -40.90 46.15
N HIS A 3 -6.82 -40.11 45.09
CA HIS A 3 -6.05 -40.41 43.87
C HIS A 3 -4.99 -39.34 43.60
N HIS A 4 -5.41 -38.07 43.64
CA HIS A 4 -4.52 -36.91 43.41
C HIS A 4 -3.71 -37.02 42.10
N HIS A 5 -4.35 -37.55 41.06
CA HIS A 5 -3.69 -37.66 39.76
C HIS A 5 -3.57 -36.27 39.16
N HIS A 6 -2.39 -35.91 38.67
CA HIS A 6 -2.16 -34.57 38.14
C HIS A 6 -1.09 -34.56 37.05
N HIS A 7 -1.50 -34.20 35.83
CA HIS A 7 -0.58 -34.08 34.71
C HIS A 7 -1.09 -32.94 33.82
N HIS A 8 -0.20 -32.34 33.04
CA HIS A 8 -0.56 -31.26 32.13
C HIS A 8 0.42 -31.30 30.97
N HIS A 9 -0.06 -31.06 29.76
CA HIS A 9 0.77 -31.13 28.57
C HIS A 9 0.43 -29.94 27.67
N HIS A 10 1.43 -29.41 26.97
CA HIS A 10 1.24 -28.26 26.07
C HIS A 10 2.31 -28.31 24.99
N HIS A 11 1.89 -28.46 23.74
CA HIS A 11 2.82 -28.59 22.61
C HIS A 11 2.26 -27.82 21.41
N HIS A 12 3.11 -27.63 20.40
CA HIS A 12 2.72 -27.00 19.11
C HIS A 12 2.04 -25.63 19.27
N SER A 13 2.48 -24.84 20.23
CA SER A 13 1.86 -23.55 20.52
C SER A 13 2.45 -22.39 19.73
N SER A 14 3.47 -22.66 18.93
CA SER A 14 4.17 -21.60 18.18
C SER A 14 4.08 -21.79 16.68
N GLY A 15 3.96 -20.69 15.94
CA GLY A 15 3.92 -20.74 14.49
C GLY A 15 3.83 -19.32 13.96
N HIS A 16 4.03 -19.14 12.68
CA HIS A 16 3.94 -17.83 12.02
C HIS A 16 3.76 -18.13 10.54
N ILE A 17 3.47 -17.11 9.74
CA ILE A 17 3.36 -17.26 8.29
C ILE A 17 4.13 -16.12 7.65
N GLU A 18 4.41 -16.22 6.36
CA GLU A 18 5.09 -15.18 5.60
C GLU A 18 4.33 -15.00 4.30
N GLY A 19 4.55 -13.88 3.63
CA GLY A 19 3.94 -13.62 2.34
C GLY A 19 4.76 -12.61 1.59
N ARG A 20 5.04 -12.86 0.32
CA ARG A 20 5.86 -11.94 -0.47
C ARG A 20 5.02 -10.76 -0.89
N HIS A 21 5.52 -9.58 -0.57
CA HIS A 21 4.87 -8.31 -0.87
C HIS A 21 6.03 -7.34 -0.70
N MET A 22 5.77 -6.06 -0.89
CA MET A 22 6.76 -5.02 -0.61
C MET A 22 6.04 -3.87 0.10
N LEU A 23 6.77 -3.14 0.92
CA LEU A 23 6.22 -2.03 1.68
C LEU A 23 6.62 -0.72 1.01
N LEU A 24 5.66 0.17 0.82
CA LEU A 24 5.92 1.50 0.28
C LEU A 24 5.39 2.54 1.24
N THR A 25 5.99 3.72 1.24
CA THR A 25 5.55 4.79 2.13
C THR A 25 4.86 5.86 1.29
N VAL A 26 3.76 6.40 1.78
CA VAL A 26 3.03 7.46 1.07
C VAL A 26 2.88 8.66 2.00
N TYR A 27 3.37 9.80 1.56
CA TYR A 27 3.25 11.04 2.32
C TYR A 27 2.17 11.90 1.71
N CYS A 28 1.15 12.22 2.50
CA CYS A 28 0.06 13.05 2.05
C CYS A 28 0.30 14.47 2.51
N VAL A 29 0.31 15.39 1.55
CA VAL A 29 0.55 16.80 1.82
C VAL A 29 -0.71 17.60 1.51
N ARG A 30 -1.19 18.35 2.49
CA ARG A 30 -2.30 19.26 2.29
C ARG A 30 -1.86 20.64 2.69
N ARG A 31 -2.33 21.64 1.96
CA ARG A 31 -1.89 23.02 2.18
C ARG A 31 -2.18 23.55 3.59
N ASP A 32 -3.18 22.99 4.24
CA ASP A 32 -3.62 23.46 5.56
C ASP A 32 -2.91 22.71 6.70
N LEU A 33 -1.69 22.25 6.43
CA LEU A 33 -0.84 21.49 7.38
C LEU A 33 -1.56 20.27 7.96
N SER A 34 -2.40 19.69 7.12
CA SER A 34 -3.18 18.50 7.45
C SER A 34 -2.41 17.25 7.05
N GLU A 35 -1.10 17.41 7.01
CA GLU A 35 -0.20 16.42 6.44
C GLU A 35 -0.08 15.18 7.31
N VAL A 36 0.11 14.05 6.66
CA VAL A 36 0.21 12.75 7.34
C VAL A 36 1.02 11.81 6.46
N THR A 37 1.75 10.88 7.05
CA THR A 37 2.48 9.88 6.29
C THR A 37 2.04 8.53 6.81
N PHE A 38 1.96 7.57 5.91
CA PHE A 38 1.52 6.22 6.26
C PHE A 38 2.22 5.28 5.29
N SER A 39 2.13 3.98 5.51
CA SER A 39 2.77 3.01 4.64
C SER A 39 1.75 1.98 4.21
N LEU A 40 1.97 1.39 3.05
CA LEU A 40 1.04 0.45 2.45
C LEU A 40 1.80 -0.79 2.00
N GLN A 41 1.12 -1.92 2.06
CA GLN A 41 1.70 -3.19 1.60
C GLN A 41 1.11 -3.50 0.24
N VAL A 42 1.96 -3.72 -0.74
CA VAL A 42 1.51 -3.96 -2.12
C VAL A 42 2.33 -5.07 -2.73
N ASP A 43 1.85 -5.64 -3.82
CA ASP A 43 2.62 -6.62 -4.59
C ASP A 43 3.59 -5.85 -5.49
N ALA A 44 4.61 -6.51 -5.97
CA ALA A 44 5.54 -5.88 -6.92
C ALA A 44 4.76 -5.49 -8.18
N ASP A 45 3.84 -6.36 -8.59
CA ASP A 45 3.07 -6.15 -9.81
C ASP A 45 1.71 -5.49 -9.54
N PHE A 46 1.58 -4.87 -8.37
CA PHE A 46 0.33 -4.18 -8.02
C PHE A 46 0.12 -3.02 -8.99
N GLU A 47 -1.09 -2.88 -9.50
CA GLU A 47 -1.38 -1.84 -10.48
C GLU A 47 -1.36 -0.44 -9.87
N LEU A 48 -0.93 0.55 -10.64
CA LEU A 48 -1.08 1.95 -10.22
C LEU A 48 -2.56 2.29 -10.13
N HIS A 49 -3.37 1.58 -10.92
CA HIS A 49 -4.82 1.79 -10.93
C HIS A 49 -5.42 1.45 -9.57
N ASN A 50 -5.01 0.34 -8.98
CA ASN A 50 -5.49 -0.04 -7.66
C ASN A 50 -4.78 0.78 -6.59
N PHE A 51 -3.53 1.13 -6.82
CA PHE A 51 -2.74 1.88 -5.84
C PHE A 51 -3.31 3.25 -5.54
N ARG A 52 -3.78 3.96 -6.56
CA ARG A 52 -4.33 5.30 -6.34
C ARG A 52 -5.61 5.21 -5.51
N ALA A 53 -6.35 4.12 -5.66
CA ALA A 53 -7.54 3.89 -4.84
C ALA A 53 -7.13 3.51 -3.41
N LEU A 54 -6.06 2.74 -3.29
CA LEU A 54 -5.58 2.26 -1.99
C LEU A 54 -5.12 3.44 -1.13
N CYS A 55 -4.36 4.36 -1.71
CA CYS A 55 -3.89 5.53 -0.96
C CYS A 55 -5.02 6.54 -0.75
N GLU A 56 -6.01 6.54 -1.64
CA GLU A 56 -7.18 7.42 -1.50
C GLU A 56 -7.96 7.00 -0.25
N LEU A 57 -8.16 5.70 -0.11
CA LEU A 57 -8.88 5.15 1.04
C LEU A 57 -8.15 5.45 2.34
N GLU A 58 -6.85 5.25 2.35
CA GLU A 58 -6.06 5.45 3.57
C GLU A 58 -5.91 6.92 3.95
N SER A 59 -5.81 7.80 2.96
CA SER A 59 -5.65 9.23 3.25
C SER A 59 -6.99 9.92 3.48
N GLY A 60 -8.07 9.33 2.99
CA GLY A 60 -9.39 9.87 3.20
C GLY A 60 -9.75 11.00 2.26
N ILE A 61 -8.92 11.23 1.25
CA ILE A 61 -9.17 12.29 0.27
C ILE A 61 -9.04 11.72 -1.16
N PRO A 62 -9.87 12.22 -2.10
CA PRO A 62 -9.81 11.62 -3.43
C PRO A 62 -8.49 11.80 -4.17
N ALA A 63 -8.04 10.75 -4.83
CA ALA A 63 -6.88 10.79 -5.69
C ALA A 63 -7.20 11.72 -6.88
N ALA A 64 -8.48 11.79 -7.23
CA ALA A 64 -8.94 12.62 -8.33
C ALA A 64 -8.80 14.12 -8.04
N GLU A 65 -8.83 14.50 -6.77
CA GLU A 65 -8.74 15.91 -6.38
C GLU A 65 -7.33 16.28 -5.92
N SER A 66 -6.40 15.36 -6.11
CA SER A 66 -5.03 15.55 -5.66
C SER A 66 -4.07 15.15 -6.76
N GLN A 67 -2.78 15.32 -6.51
CA GLN A 67 -1.75 14.98 -7.49
C GLN A 67 -0.73 14.08 -6.86
N ILE A 68 -0.64 12.86 -7.39
CA ILE A 68 0.30 11.86 -6.91
C ILE A 68 1.60 12.03 -7.70
N VAL A 69 2.71 12.07 -7.00
CA VAL A 69 4.02 12.35 -7.59
C VAL A 69 5.09 11.46 -6.93
N TYR A 70 6.01 10.97 -7.74
CA TYR A 70 7.11 10.12 -7.29
C TYR A 70 8.35 10.51 -8.07
N ALA A 71 9.47 10.68 -7.38
CA ALA A 71 10.73 11.11 -8.01
C ALA A 71 10.49 12.38 -8.87
N GLU A 72 9.73 13.31 -8.30
CA GLU A 72 9.33 14.58 -8.94
C GLU A 72 8.52 14.45 -10.25
N ARG A 73 8.11 13.23 -10.58
CA ARG A 73 7.31 12.98 -11.80
C ARG A 73 5.90 12.54 -11.41
N PRO A 74 4.86 13.09 -12.07
CA PRO A 74 3.53 12.62 -11.67
C PRO A 74 3.27 11.18 -12.10
N LEU A 75 2.45 10.48 -11.33
CA LEU A 75 2.14 9.07 -11.62
C LEU A 75 0.75 8.94 -12.25
N THR A 76 0.65 9.25 -13.53
CA THR A 76 -0.64 9.25 -14.22
C THR A 76 -0.98 7.92 -14.91
N ASP A 77 -0.02 7.32 -15.59
CA ASP A 77 -0.30 6.14 -16.42
C ASP A 77 -0.49 4.88 -15.60
N ASN A 78 -1.67 4.30 -15.70
CA ASN A 78 -2.00 3.04 -15.03
C ASN A 78 -1.41 1.83 -15.77
N HIS A 79 -0.70 2.11 -16.86
CA HIS A 79 -0.15 1.08 -17.75
C HIS A 79 1.04 0.31 -17.15
N ARG A 80 1.39 0.60 -15.90
CA ARG A 80 2.54 -0.04 -15.25
C ARG A 80 2.27 -0.28 -13.78
N SER A 81 2.90 -1.32 -13.24
CA SER A 81 2.86 -1.61 -11.83
C SER A 81 3.90 -0.76 -11.12
N LEU A 82 3.85 -0.71 -9.78
CA LEU A 82 4.75 0.12 -9.01
C LEU A 82 6.22 -0.27 -9.21
N ALA A 83 6.50 -1.57 -9.23
CA ALA A 83 7.87 -2.04 -9.45
C ALA A 83 8.37 -1.62 -10.84
N SER A 84 7.46 -1.52 -11.80
CA SER A 84 7.82 -1.09 -13.15
C SER A 84 8.21 0.39 -13.21
N TYR A 85 7.87 1.15 -12.18
CA TYR A 85 8.29 2.55 -12.06
C TYR A 85 9.53 2.65 -11.17
N GLY A 86 9.95 1.53 -10.62
CA GLY A 86 11.11 1.49 -9.75
C GLY A 86 10.78 1.61 -8.27
N LEU A 87 9.50 1.55 -7.91
CA LEU A 87 9.12 1.65 -6.50
C LEU A 87 9.50 0.37 -5.77
N LYS A 88 10.74 0.30 -5.33
CA LYS A 88 11.22 -0.82 -4.53
C LYS A 88 10.71 -0.70 -3.10
N ASP A 89 10.83 -1.78 -2.35
CA ASP A 89 10.50 -1.77 -0.92
C ASP A 89 11.27 -0.65 -0.23
N GLY A 90 10.55 0.18 0.52
CA GLY A 90 11.14 1.29 1.25
C GLY A 90 11.08 2.62 0.52
N ASP A 91 10.67 2.62 -0.74
CA ASP A 91 10.58 3.87 -1.51
C ASP A 91 9.35 4.69 -1.10
N VAL A 92 9.38 5.98 -1.40
CA VAL A 92 8.36 6.94 -0.92
C VAL A 92 7.63 7.65 -2.07
N VAL A 93 6.30 7.66 -1.98
CA VAL A 93 5.44 8.36 -2.93
C VAL A 93 4.85 9.55 -2.19
N ILE A 94 4.61 10.66 -2.89
CA ILE A 94 4.02 11.84 -2.27
C ILE A 94 2.70 12.14 -2.98
N LEU A 95 1.66 12.41 -2.21
CA LEU A 95 0.34 12.76 -2.75
C LEU A 95 0.02 14.17 -2.26
N ARG A 96 -0.29 15.08 -3.16
CA ARG A 96 -0.46 16.49 -2.81
C ARG A 96 -1.85 17.03 -3.13
N GLN A 97 -2.57 17.48 -2.10
CA GLN A 97 -3.89 18.12 -2.26
C GLN A 97 -3.84 19.61 -1.89
#